data_5D9Q
#
_entry.id   5D9Q
#
_cell.length_a   153.760
_cell.length_b   254.350
_cell.length_c   283.550
_cell.angle_alpha   90.00
_cell.angle_beta   100.96
_cell.angle_gamma   90.00
#
_symmetry.space_group_name_H-M   'C 1 2 1'
#
loop_
_entity.id
_entity.type
_entity.pdbx_description
1 polymer 'Envelope glycoprotein gp120'
2 polymer 'Envelope glycoprotein gp41'
3 polymer 'PGT122 light chain,Ig lambda-3 chain C regions'
4 polymer 'PGT122 heavy chain,IgG H chain'
5 polymer 'NIH45-46 single chain Fv'
6 branched alpha-D-mannopyranose-(1-3)-[alpha-D-mannopyranose-(1-6)]beta-D-mannopyranose-(1-4)-2-acetamido-2-deoxy-beta-D-glucopyranose-(1-4)-2-acetamido-2-deoxy-beta-D-glucopyranose
7 branched alpha-D-mannopyranose-(1-3)-beta-D-mannopyranose-(1-4)-2-acetamido-2-deoxy-beta-D-glucopyranose-(1-4)-2-acetamido-2-deoxy-beta-D-glucopyranose
8 branched 2-acetamido-2-deoxy-beta-D-glucopyranose-(1-4)-2-acetamido-2-deoxy-beta-D-glucopyranose
9 branched alpha-D-mannopyranose-(1-3)-[alpha-D-mannopyranose-(1-6)]alpha-D-mannopyranose-(1-6)-[alpha-D-mannopyranose-(1-3)]beta-D-mannopyranose-(1-4)-2-acetamido-2-deoxy-beta-D-glucopyranose-(1-4)-2-acetamido-2-deoxy-beta-D-glucopyranose
10 branched alpha-D-mannopyranose-(1-2)-alpha-D-mannopyranose-(1-2)-alpha-D-mannopyranose-(1-3)-[alpha-D-mannopyranose-(1-2)-alpha-D-mannopyranose-(1-3)-[alpha-D-mannopyranose-(1-2)-alpha-D-mannopyranose-(1-6)]alpha-D-mannopyranose-(1-6)]beta-D-mannopyranose-(1-4)-2-acetamido-2-deoxy-beta-D-glucopyranose-(1-4)-2-acetamido-2-deoxy-beta-D-glucopyranose
11 branched alpha-D-mannopyranose-(1-2)-alpha-D-mannopyranose-(1-2)-alpha-D-mannopyranose-(1-3)-[alpha-D-mannopyranose-(1-2)-alpha-D-mannopyranose-(1-3)-[alpha-D-mannopyranose-(1-6)]alpha-D-mannopyranose-(1-6)]beta-D-mannopyranose-(1-4)-2-acetamido-2-deoxy-beta-D-glucopyranose-(1-4)-2-acetamido-2-deoxy-beta-D-glucopyranose
12 non-polymer 2-acetamido-2-deoxy-beta-D-glucopyranose
#
loop_
_entity_poly.entity_id
_entity_poly.type
_entity_poly.pdbx_seq_one_letter_code
_entity_poly.pdbx_strand_id
1 'polypeptide(L)'
;AENLWVTVYYGVPVWKDAETTLFCASDAKAYETEKHNVWATHACVPTDPNPQEIHLENVTEEFNMWKNNMVEQMHTDIIS
LWDQSLKPCVKLTPLCVTLQCTNVTNNITDDMRGELKNCSFNMTTELRDKKQKVYSLFYRLDVVQINENQGNRSNNSNKE
YRLINCNTSAITQACPKVSFEPIPIHYCAPAGFAILKCKDKKFNGTGPCPSVSTVQCTHGIKPVVSTQLLLNGSLAEEEV
MIRSENITNNAKNILVQFNTPVQINCTRPNNNTRKSIRIGPGQAFYATGDIIGDIRQAHCNVSKATWNETLGKVVKQLRK
HFGNNTIIRFANSSGGDLEVTTHSFNCGGEFFYCNTSGLFNSTWISNTSVQGSNSTGSNDSITLPCRIKQIINMWQRIGQ
AMYAPPIQGVIRCVSNITGLILTRDGGANNTSTETFRPGGGDMRDNWRSELYKYKVVKIEPLGVAPTRCKRR
;
G,A,J
2 'polypeptide(L)'
;AVGIGAVFLGFLGAAGSTMGAASMTLTVQARNLLSGIVQQQSNLLRAPEAQQHLLKLTVWGIKQLQARVLAVERYLRDQQ
LLGIWGCSGKLICCTNVPWNSSWSNRNLSEIWDNMTWLQWDKEISNYTQIIYGLLEESQNQQEKNEQDLLAL
;
B,C,K
3 'polypeptide(L)'
;TFVSVAPGQTARITCGEESLGSRSVIWYQQRPGQAPSLIIYNNNDRPSGIPDRFSGSPGSTFGTTATLTITSVEAGDEAD
YYCHIWDSRRPTNWVFGEGTTLIVLSQPKAAPSVTLFPPSSEELQANKATLVCLISDFYPGAVTVAWKADSSPVKAGVET
TTPSKQSNNKYAASSYLSLTPEQWKSHKSYSCQVTHEGSTVEKTVAPTECS
;
L,E,M
4 'polypeptide(L)'
;QVHLQESGPGLVKPSETLSLTCQVSGTLVRDNYWSWIRQPLGKQPEWIGYVHDSGDTNYNPSLKSRVHLSLDKSKNLVSL
RLTGVTAADSAIYYCATTKHGRRIYGVVAFKEWFTYFYMDVWGKGTSVTVSSASTKGPSVFPLAPSSKSTSGGTAALGCL
VKDYFPEPVTVSWNSGALTSGVHTFPAVLQSSGLYSLSSVVTVPSSSLGTQTYICNVNHKPSNTKVDKRVEPKSC
;
H,F,N
5 'polypeptide(L)'
;(PCA)VRLSQSGGQMKKPGESMRLSCRASGYEFLNCPINWIRLAPGRRPEWMGWLKPRGGAVNYARKFQGRVTMTRDVYS
DTAFLELRSLTSDDTAVYFCTRGKYCTARDYYNWDFEHWGRGAPVTVSSGGGGSGGGGSGGGGSEIVLTQSPATLSLSPG
ETAIISCRTSQSGSLAWYQQRPGQAPRLVIYSGSTRAAGIPDRFSGSRWGADYNLSISNLESGDFGVYYCQQYEFFGQGT
KVQVD
;
D,I,O
#
# COMPACT_ATOMS: atom_id res chain seq x y z
N GLU A 2 59.96 -47.36 28.86
CA GLU A 2 60.46 -47.09 27.52
C GLU A 2 59.33 -46.99 26.50
N ASN A 3 58.27 -47.77 26.71
CA ASN A 3 57.11 -47.73 25.83
C ASN A 3 56.22 -46.55 26.20
N LEU A 4 55.90 -45.73 25.21
CA LEU A 4 55.14 -44.49 25.44
C LEU A 4 53.64 -44.74 25.60
N TRP A 5 52.98 -43.80 26.27
CA TRP A 5 51.54 -43.87 26.53
C TRP A 5 50.87 -42.57 26.12
N VAL A 6 49.64 -42.67 25.61
CA VAL A 6 48.92 -41.50 25.16
C VAL A 6 48.41 -40.66 26.35
N THR A 7 48.43 -39.35 26.17
CA THR A 7 47.96 -38.43 27.21
C THR A 7 47.21 -37.25 26.60
N VAL A 8 46.02 -36.97 27.11
CA VAL A 8 45.17 -35.90 26.56
C VAL A 8 45.50 -34.52 27.15
N TYR A 9 45.72 -33.55 26.27
CA TYR A 9 45.98 -32.16 26.68
C TYR A 9 44.83 -31.23 26.26
N TYR A 10 44.38 -30.40 27.18
CA TYR A 10 43.27 -29.49 26.92
C TYR A 10 43.69 -28.02 27.04
N GLY A 11 43.65 -27.30 25.94
CA GLY A 11 44.01 -25.89 25.94
C GLY A 11 45.29 -25.63 25.18
N VAL A 12 45.54 -26.42 24.14
CA VAL A 12 46.78 -26.33 23.40
C VAL A 12 46.71 -25.30 22.28
N PRO A 13 47.82 -24.59 22.04
CA PRO A 13 47.89 -23.67 20.90
C PRO A 13 47.79 -24.41 19.56
N VAL A 14 46.58 -24.84 19.22
CA VAL A 14 46.28 -25.49 17.94
C VAL A 14 45.05 -24.86 17.30
N TRP A 15 45.23 -24.27 16.11
CA TRP A 15 44.11 -23.66 15.41
C TRP A 15 44.06 -24.11 13.96
N LYS A 16 42.88 -24.02 13.36
CA LYS A 16 42.73 -24.35 11.94
C LYS A 16 41.88 -23.28 11.25
N ASP A 17 42.20 -23.01 9.99
CA ASP A 17 41.47 -22.01 9.23
C ASP A 17 40.01 -22.43 9.08
N ALA A 18 39.10 -21.51 9.39
CA ALA A 18 37.68 -21.79 9.30
C ALA A 18 36.88 -20.53 9.12
N GLU A 19 35.58 -20.69 8.99
CA GLU A 19 34.68 -19.57 8.81
C GLU A 19 33.57 -19.62 9.85
N THR A 20 33.31 -18.48 10.48
CA THR A 20 32.29 -18.39 11.52
C THR A 20 31.52 -17.08 11.42
N THR A 21 30.57 -16.89 12.33
CA THR A 21 29.74 -15.70 12.35
C THR A 21 30.36 -14.62 13.23
N LEU A 22 30.88 -13.57 12.60
CA LEU A 22 31.54 -12.49 13.33
C LEU A 22 30.53 -11.45 13.78
N PHE A 23 30.73 -10.89 14.97
CA PHE A 23 29.85 -9.82 15.45
C PHE A 23 30.57 -8.49 15.47
N CYS A 24 29.85 -7.44 15.88
CA CYS A 24 30.37 -6.08 15.74
C CYS A 24 30.94 -5.53 17.02
N ALA A 25 31.53 -4.34 16.92
CA ALA A 25 32.03 -3.61 18.08
C ALA A 25 32.29 -2.16 17.72
N SER A 26 31.79 -1.27 18.57
CA SER A 26 32.00 0.16 18.38
C SER A 26 32.45 0.81 19.68
N ASP A 27 33.15 1.91 19.58
CA ASP A 27 33.57 2.65 20.77
C ASP A 27 32.38 3.24 21.49
N ALA A 28 32.57 3.52 22.79
CA ALA A 28 31.49 4.07 23.57
C ALA A 28 31.05 5.42 23.00
N LYS A 29 32.01 6.27 22.64
CA LYS A 29 31.67 7.63 22.17
C LYS A 29 30.76 7.57 20.94
N ALA A 30 30.77 6.46 20.22
CA ALA A 30 29.89 6.29 19.08
C ALA A 30 28.42 6.14 19.50
N TYR A 31 28.16 5.44 20.60
CA TYR A 31 26.80 5.42 21.15
C TYR A 31 26.48 6.76 21.81
N GLU A 32 27.47 7.35 22.48
CA GLU A 32 27.26 8.58 23.25
C GLU A 32 26.83 9.77 22.40
N THR A 33 27.43 9.93 21.22
CA THR A 33 26.97 10.93 20.27
C THR A 33 25.54 10.58 19.93
N GLU A 34 24.69 11.60 19.84
CA GLU A 34 23.26 11.37 19.68
C GLU A 34 22.96 10.52 18.46
N LYS A 35 23.58 10.86 17.33
CA LYS A 35 23.44 10.10 16.10
C LYS A 35 21.99 10.03 15.60
N HIS A 36 21.04 9.92 16.52
CA HIS A 36 19.72 9.38 16.23
C HIS A 36 19.95 8.03 15.61
N ASN A 37 19.73 7.92 14.31
CA ASN A 37 20.08 6.70 13.61
C ASN A 37 21.29 6.88 12.70
N VAL A 38 22.33 6.08 12.92
CA VAL A 38 23.44 6.03 11.98
C VAL A 38 23.83 4.57 11.82
N TRP A 39 23.13 3.90 10.90
CA TRP A 39 23.30 2.48 10.60
C TRP A 39 22.70 1.68 11.76
N ALA A 40 23.00 0.39 11.85
CA ALA A 40 22.34 -0.45 12.84
C ALA A 40 23.19 -0.54 14.10
N THR A 41 24.11 0.41 14.25
CA THR A 41 25.11 0.38 15.31
C THR A 41 24.54 0.29 16.73
N HIS A 42 23.22 0.44 16.89
CA HIS A 42 22.59 0.46 18.21
C HIS A 42 22.66 -0.89 18.94
N ALA A 43 22.43 -1.99 18.23
CA ALA A 43 22.49 -3.33 18.82
C ALA A 43 23.92 -3.79 19.10
N CYS A 44 24.90 -3.00 18.68
CA CYS A 44 26.30 -3.39 18.76
C CYS A 44 26.85 -3.41 20.19
N VAL A 45 27.74 -4.36 20.46
CA VAL A 45 28.44 -4.46 21.75
C VAL A 45 29.57 -3.41 21.86
N PRO A 46 29.64 -2.71 23.01
CA PRO A 46 30.70 -1.73 23.28
C PRO A 46 32.12 -2.32 23.21
N THR A 47 33.05 -1.58 22.61
CA THR A 47 34.44 -2.04 22.48
C THR A 47 35.16 -2.06 23.83
N ASP A 48 35.97 -3.10 24.04
CA ASP A 48 36.80 -3.23 25.24
C ASP A 48 37.70 -2.00 25.37
N PRO A 49 37.59 -1.27 26.48
CA PRO A 49 38.33 -0.02 26.70
C PRO A 49 39.84 -0.18 26.54
N ASN A 50 40.39 -1.29 27.02
CA ASN A 50 41.81 -1.58 26.84
C ASN A 50 42.05 -2.62 25.75
N PRO A 51 42.80 -2.24 24.71
CA PRO A 51 43.10 -3.15 23.59
C PRO A 51 43.91 -4.36 24.04
N GLN A 52 43.50 -5.54 23.58
CA GLN A 52 44.20 -6.76 23.93
C GLN A 52 44.81 -7.41 22.70
N GLU A 53 46.13 -7.53 22.69
CA GLU A 53 46.86 -8.15 21.60
C GLU A 53 48.03 -8.97 22.13
N ILE A 54 48.34 -10.07 21.43
CA ILE A 54 49.41 -10.97 21.84
C ILE A 54 50.28 -11.35 20.64
N HIS A 55 51.53 -10.91 20.65
CA HIS A 55 52.44 -11.18 19.56
C HIS A 55 52.92 -12.64 19.61
N LEU A 56 52.53 -13.41 18.60
CA LEU A 56 52.91 -14.82 18.54
C LEU A 56 54.34 -14.98 18.05
N GLU A 57 55.26 -15.17 18.99
CA GLU A 57 56.65 -15.36 18.62
C GLU A 57 56.82 -16.68 17.86
N ASN A 58 57.75 -16.68 16.90
CA ASN A 58 58.10 -17.88 16.13
C ASN A 58 56.99 -18.45 15.26
N VAL A 59 55.85 -17.76 15.19
CA VAL A 59 54.71 -18.29 14.45
C VAL A 59 54.64 -17.68 13.05
N THR A 60 54.53 -18.55 12.05
CA THR A 60 54.40 -18.11 10.66
C THR A 60 53.14 -18.68 10.04
N GLU A 61 52.15 -17.82 9.83
CA GLU A 61 50.86 -18.23 9.28
C GLU A 61 50.59 -17.59 7.92
N GLU A 62 49.98 -18.35 7.01
CA GLU A 62 49.69 -17.86 5.67
C GLU A 62 48.36 -17.13 5.57
N PHE A 63 48.40 -15.91 5.04
CA PHE A 63 47.19 -15.12 4.82
C PHE A 63 46.77 -15.10 3.36
N ASN A 64 45.52 -14.72 3.11
CA ASN A 64 45.01 -14.59 1.76
C ASN A 64 43.84 -13.61 1.73
N MET A 65 44.13 -12.36 1.37
CA MET A 65 43.13 -11.31 1.35
C MET A 65 42.09 -11.57 0.26
N TRP A 66 42.45 -12.39 -0.72
CA TRP A 66 41.58 -12.66 -1.86
C TRP A 66 40.70 -13.88 -1.62
N LYS A 67 40.97 -14.63 -0.56
CA LYS A 67 40.14 -15.78 -0.21
C LYS A 67 39.66 -15.59 1.23
N ASN A 68 39.41 -14.34 1.60
CA ASN A 68 39.04 -14.03 2.98
C ASN A 68 37.52 -13.93 3.11
N ASN A 69 36.96 -14.62 4.10
CA ASN A 69 35.51 -14.66 4.28
C ASN A 69 34.97 -13.46 5.04
N MET A 70 35.85 -12.76 5.75
CA MET A 70 35.46 -11.58 6.49
C MET A 70 34.93 -10.49 5.56
N VAL A 71 35.45 -10.47 4.34
CA VAL A 71 35.04 -9.50 3.34
C VAL A 71 33.60 -9.75 2.88
N GLU A 72 33.29 -11.02 2.57
CA GLU A 72 31.96 -11.41 2.11
C GLU A 72 30.90 -11.19 3.17
N GLN A 73 31.28 -11.43 4.42
CA GLN A 73 30.37 -11.24 5.55
C GLN A 73 30.06 -9.77 5.79
N MET A 74 31.10 -8.93 5.72
CA MET A 74 30.94 -7.48 5.89
C MET A 74 30.06 -6.87 4.80
N HIS A 75 30.21 -7.38 3.59
CA HIS A 75 29.45 -6.91 2.44
C HIS A 75 27.95 -7.15 2.66
N THR A 76 27.59 -8.40 2.94
CA THR A 76 26.19 -8.78 3.15
C THR A 76 25.62 -8.13 4.40
N ASP A 77 26.49 -7.85 5.38
CA ASP A 77 26.07 -7.20 6.61
C ASP A 77 25.60 -5.76 6.33
N ILE A 78 26.39 -5.02 5.57
CA ILE A 78 26.05 -3.64 5.24
C ILE A 78 24.87 -3.60 4.29
N ILE A 79 24.77 -4.58 3.39
CA ILE A 79 23.64 -4.68 2.47
C ILE A 79 22.34 -4.89 3.22
N SER A 80 22.30 -5.89 4.11
CA SER A 80 21.10 -6.16 4.91
C SER A 80 20.77 -4.96 5.81
N LEU A 81 21.82 -4.29 6.27
CA LEU A 81 21.70 -3.06 7.06
C LEU A 81 21.02 -1.92 6.29
N TRP A 82 21.37 -1.77 5.02
CA TRP A 82 20.77 -0.76 4.17
C TRP A 82 19.27 -0.97 4.02
N ASP A 83 18.87 -2.23 3.99
CA ASP A 83 17.45 -2.61 3.90
C ASP A 83 16.72 -2.32 5.21
N GLN A 84 17.34 -2.69 6.32
CA GLN A 84 16.73 -2.49 7.63
C GLN A 84 16.63 -1.01 7.98
N SER A 85 17.52 -0.20 7.39
CA SER A 85 17.53 1.23 7.60
C SER A 85 16.47 1.95 6.74
N LEU A 86 15.96 1.27 5.72
CA LEU A 86 14.98 1.85 4.81
C LEU A 86 13.61 1.20 4.89
N LYS A 87 13.51 0.10 5.65
CA LYS A 87 12.23 -0.58 5.81
C LYS A 87 11.18 0.30 6.51
N PRO A 88 11.54 0.93 7.65
CA PRO A 88 10.47 1.73 8.28
C PRO A 88 10.40 3.15 7.73
N CYS A 89 11.08 3.40 6.62
CA CYS A 89 11.14 4.74 6.07
C CYS A 89 9.99 5.02 5.10
N VAL A 90 9.88 6.27 4.69
CA VAL A 90 8.82 6.75 3.81
C VAL A 90 8.96 6.18 2.39
N LYS A 91 7.93 5.49 1.93
CA LYS A 91 7.92 4.95 0.56
C LYS A 91 7.24 5.90 -0.41
N LEU A 92 7.91 6.19 -1.53
CA LEU A 92 7.44 7.19 -2.49
C LEU A 92 6.69 6.65 -3.72
N THR A 93 5.72 5.77 -3.51
CA THR A 93 4.90 5.24 -4.61
C THR A 93 4.12 6.27 -5.45
N PRO A 94 3.48 7.27 -4.81
CA PRO A 94 2.74 8.17 -5.69
C PRO A 94 3.59 9.37 -6.13
N LEU A 95 4.84 9.11 -6.51
CA LEU A 95 5.72 10.17 -6.95
C LEU A 95 6.09 9.95 -8.42
N CYS A 96 5.50 8.95 -9.06
CA CYS A 96 5.76 8.72 -10.48
C CYS A 96 4.71 9.43 -11.37
N VAL A 97 4.19 10.56 -10.91
CA VAL A 97 3.26 11.38 -11.71
C VAL A 97 4.04 12.15 -12.80
N THR A 98 3.35 12.56 -13.86
CA THR A 98 3.96 13.40 -14.89
C THR A 98 4.56 14.68 -14.34
N LEU A 99 5.77 14.97 -14.78
CA LEU A 99 6.49 16.15 -14.32
C LEU A 99 6.60 17.18 -15.43
N GLN A 100 5.90 18.30 -15.28
CA GLN A 100 5.99 19.39 -16.25
C GLN A 100 7.14 20.31 -15.91
N CYS A 101 8.33 19.96 -16.41
CA CYS A 101 9.55 20.64 -15.99
C CYS A 101 10.04 21.72 -16.96
N THR A 102 10.85 22.62 -16.43
CA THR A 102 11.49 23.70 -17.18
C THR A 102 12.87 23.97 -16.59
N ASN A 103 13.65 24.81 -17.26
CA ASN A 103 14.95 25.18 -16.76
C ASN A 103 14.88 26.04 -15.51
N VAL A 104 15.93 26.00 -14.70
CA VAL A 104 16.01 26.80 -13.49
C VAL A 104 16.30 28.27 -13.79
N THR A 105 15.96 29.13 -12.85
CA THR A 105 16.13 30.57 -13.02
C THR A 105 17.59 30.98 -13.12
N ASN A 106 18.06 31.19 -14.34
CA ASN A 106 19.42 31.65 -14.56
C ASN A 106 19.55 32.37 -15.90
N ASN A 107 20.77 32.80 -16.20
CA ASN A 107 21.06 33.44 -17.45
C ASN A 107 22.17 32.68 -18.16
N ILE A 108 21.77 31.79 -19.05
CA ILE A 108 22.63 30.75 -19.58
C ILE A 108 22.82 30.86 -21.10
N THR A 109 24.06 30.71 -21.57
CA THR A 109 24.37 30.77 -22.99
C THR A 109 23.73 29.60 -23.76
N ASP A 110 23.76 28.41 -23.11
CA ASP A 110 23.20 27.10 -23.52
C ASP A 110 24.20 25.95 -23.32
N ASP A 111 25.44 26.27 -22.97
CA ASP A 111 26.43 25.23 -22.69
C ASP A 111 26.30 24.67 -21.27
N MET A 112 25.41 25.25 -20.47
CA MET A 112 25.20 24.79 -19.10
C MET A 112 24.28 23.55 -19.10
N ARG A 113 23.65 23.30 -20.24
CA ARG A 113 22.76 22.15 -20.43
C ARG A 113 21.76 21.90 -19.30
N GLY A 114 21.21 22.98 -18.75
CA GLY A 114 20.18 22.88 -17.71
C GLY A 114 20.64 22.24 -16.42
N GLU A 115 20.88 20.93 -16.46
CA GLU A 115 21.31 20.13 -15.30
C GLU A 115 20.25 20.10 -14.19
N LEU A 116 19.85 21.27 -13.72
CA LEU A 116 18.80 21.39 -12.71
C LEU A 116 17.45 21.70 -13.36
N LYS A 117 16.41 20.99 -12.96
CA LYS A 117 15.08 21.13 -13.55
C LYS A 117 14.02 21.56 -12.53
N ASN A 118 13.20 22.55 -12.90
CA ASN A 118 12.10 23.01 -12.04
C ASN A 118 10.77 22.35 -12.42
N CYS A 119 10.49 21.20 -11.79
CA CYS A 119 9.34 20.38 -12.14
C CYS A 119 8.08 20.67 -11.32
N SER A 120 6.95 20.71 -12.02
CA SER A 120 5.64 20.87 -11.40
C SER A 120 4.78 19.63 -11.65
N PHE A 121 3.96 19.25 -10.68
CA PHE A 121 3.20 18.01 -10.77
C PHE A 121 2.02 17.92 -9.78
N ASN A 122 1.12 16.98 -10.03
CA ASN A 122 0.02 16.68 -9.10
C ASN A 122 0.49 15.76 -7.97
N MET A 123 -0.18 15.84 -6.82
CA MET A 123 0.19 15.05 -5.63
C MET A 123 -1.00 14.75 -4.72
N THR A 124 -0.96 13.59 -4.07
CA THR A 124 -1.99 13.23 -3.11
C THR A 124 -1.75 13.90 -1.77
N THR A 125 -2.76 14.62 -1.27
CA THR A 125 -2.69 15.26 0.04
C THR A 125 -3.09 14.30 1.13
N GLU A 126 -3.28 14.82 2.34
CA GLU A 126 -3.68 14.02 3.48
C GLU A 126 -5.03 13.39 3.22
N LEU A 127 -5.92 14.17 2.62
CA LEU A 127 -7.25 13.72 2.25
C LEU A 127 -7.21 13.00 0.89
N ARG A 128 -8.12 12.06 0.68
CA ARG A 128 -8.21 11.32 -0.59
C ARG A 128 -8.69 12.17 -1.77
N ASP A 129 -9.64 13.05 -1.51
CA ASP A 129 -10.36 13.78 -2.54
C ASP A 129 -9.52 14.83 -3.30
N LYS A 130 -8.69 15.58 -2.58
CA LYS A 130 -8.04 16.74 -3.19
C LYS A 130 -6.63 16.47 -3.69
N LYS A 131 -6.39 16.88 -4.94
CA LYS A 131 -5.07 16.86 -5.54
C LYS A 131 -4.23 18.04 -5.03
N GLN A 132 -2.91 17.96 -5.23
CA GLN A 132 -2.00 19.00 -4.78
C GLN A 132 -1.04 19.43 -5.89
N LYS A 133 -1.16 20.67 -6.35
CA LYS A 133 -0.29 21.18 -7.41
C LYS A 133 0.96 21.83 -6.81
N VAL A 134 1.97 21.03 -6.50
CA VAL A 134 3.22 21.54 -5.91
C VAL A 134 4.41 21.36 -6.85
N TYR A 135 5.45 22.17 -6.63
CA TYR A 135 6.65 22.12 -7.46
C TYR A 135 7.89 21.76 -6.64
N SER A 136 8.86 21.12 -7.28
CA SER A 136 10.10 20.73 -6.64
C SER A 136 11.31 21.00 -7.51
N LEU A 137 12.47 20.54 -7.05
CA LEU A 137 13.70 20.69 -7.80
C LEU A 137 14.43 19.34 -7.89
N PHE A 138 14.82 18.96 -9.11
CA PHE A 138 15.49 17.68 -9.36
C PHE A 138 16.67 17.83 -10.29
N TYR A 139 17.65 16.95 -10.14
CA TYR A 139 18.78 16.92 -11.06
C TYR A 139 18.41 16.19 -12.34
N ARG A 140 19.09 16.52 -13.43
CA ARG A 140 18.80 15.94 -14.75
C ARG A 140 19.01 14.43 -14.76
N LEU A 141 19.96 13.99 -13.93
CA LEU A 141 20.30 12.59 -13.81
C LEU A 141 19.20 11.81 -13.06
N ASP A 142 18.27 12.54 -12.46
CA ASP A 142 17.16 11.96 -11.72
C ASP A 142 15.89 11.85 -12.56
N VAL A 143 15.83 12.62 -13.64
CA VAL A 143 14.65 12.63 -14.51
C VAL A 143 14.94 12.24 -15.96
N VAL A 144 13.87 11.83 -16.66
CA VAL A 144 13.94 11.44 -18.06
C VAL A 144 12.64 11.80 -18.75
N GLN A 145 12.74 12.51 -19.87
CA GLN A 145 11.55 12.91 -20.62
C GLN A 145 11.06 11.79 -21.52
N ILE A 146 9.76 11.75 -21.76
CA ILE A 146 9.17 10.76 -22.65
C ILE A 146 8.49 11.42 -23.84
N ASN A 147 8.75 10.88 -25.04
CA ASN A 147 8.16 11.39 -26.28
C ASN A 147 8.48 12.86 -26.47
N LYS A 159 7.50 20.55 -22.30
CA LYS A 159 8.35 19.42 -21.94
C LYS A 159 7.80 18.65 -20.75
N GLU A 160 7.56 17.36 -20.96
CA GLU A 160 7.09 16.47 -19.90
C GLU A 160 8.13 15.39 -19.58
N TYR A 161 8.42 15.21 -18.29
CA TYR A 161 9.43 14.27 -17.83
C TYR A 161 8.86 13.23 -16.88
N ARG A 162 9.74 12.42 -16.31
CA ARG A 162 9.37 11.41 -15.32
C ARG A 162 10.60 11.03 -14.50
N LEU A 163 10.37 10.32 -13.39
CA LEU A 163 11.47 9.83 -12.57
C LEU A 163 12.23 8.73 -13.30
N ILE A 164 13.55 8.74 -13.15
CA ILE A 164 14.41 7.85 -13.92
C ILE A 164 14.24 6.37 -13.54
N ASN A 165 13.68 6.13 -12.37
CA ASN A 165 13.58 4.77 -11.84
C ASN A 165 12.25 4.09 -12.09
N CYS A 166 11.44 4.66 -12.97
CA CYS A 166 10.10 4.14 -13.12
C CYS A 166 10.02 2.78 -13.84
N ASN A 167 10.87 2.51 -14.83
CA ASN A 167 10.81 1.16 -15.40
C ASN A 167 11.86 0.25 -14.77
N THR A 168 12.57 0.78 -13.77
CA THR A 168 13.53 -0.03 -13.01
C THR A 168 12.89 -0.73 -11.81
N SER A 169 12.58 0.05 -10.76
CA SER A 169 12.06 -0.52 -9.52
C SER A 169 11.17 0.45 -8.75
N ALA A 170 10.75 0.05 -7.56
CA ALA A 170 10.02 0.95 -6.67
C ALA A 170 11.02 1.86 -5.99
N ILE A 171 10.53 2.78 -5.18
CA ILE A 171 11.42 3.75 -4.56
C ILE A 171 10.99 4.03 -3.12
N THR A 172 11.97 4.15 -2.24
CA THR A 172 11.69 4.53 -0.86
C THR A 172 12.63 5.66 -0.41
N GLN A 173 12.07 6.65 0.29
CA GLN A 173 12.85 7.81 0.74
C GLN A 173 13.60 7.54 2.03
N ALA A 174 14.87 7.93 2.06
CA ALA A 174 15.67 7.80 3.27
C ALA A 174 15.15 8.77 4.32
N CYS A 175 14.98 8.27 5.54
CA CYS A 175 14.48 9.09 6.64
C CYS A 175 15.49 10.16 6.97
N PRO A 176 15.02 11.37 7.33
CA PRO A 176 15.90 12.50 7.65
C PRO A 176 16.57 12.32 9.00
N LYS A 177 16.05 11.37 9.78
CA LYS A 177 16.60 11.06 11.08
C LYS A 177 17.91 10.29 10.96
N VAL A 178 18.00 9.41 9.96
CA VAL A 178 19.17 8.57 9.79
C VAL A 178 20.32 9.34 9.13
N SER A 179 21.54 8.84 9.31
CA SER A 179 22.72 9.45 8.69
C SER A 179 23.58 8.35 8.08
N PHE A 180 24.22 8.66 6.96
CA PHE A 180 25.00 7.67 6.22
C PHE A 180 26.48 7.76 6.57
N GLU A 181 26.81 8.64 7.52
CA GLU A 181 28.20 8.85 7.90
C GLU A 181 28.85 7.57 8.42
N PRO A 182 30.03 7.25 7.87
CA PRO A 182 30.77 6.05 8.27
C PRO A 182 31.14 6.10 9.74
N ILE A 183 31.01 4.97 10.42
CA ILE A 183 31.37 4.86 11.83
C ILE A 183 32.45 3.80 11.97
N PRO A 184 33.46 4.04 12.82
CA PRO A 184 34.47 2.99 13.04
C PRO A 184 33.82 1.71 13.57
N ILE A 185 34.05 0.60 12.87
CA ILE A 185 33.43 -0.67 13.22
C ILE A 185 34.48 -1.74 13.48
N HIS A 186 34.39 -2.40 14.63
CA HIS A 186 35.33 -3.44 14.98
C HIS A 186 34.64 -4.80 14.86
N TYR A 187 35.22 -5.69 14.06
CA TYR A 187 34.66 -7.04 13.87
C TYR A 187 35.38 -8.04 14.77
N CYS A 188 34.60 -8.76 15.56
CA CYS A 188 35.14 -9.69 16.56
C CYS A 188 34.59 -11.11 16.42
N ALA A 189 35.31 -12.06 17.00
CA ALA A 189 34.93 -13.48 16.95
C ALA A 189 34.47 -14.03 18.32
N PRO A 190 33.50 -14.95 18.31
CA PRO A 190 33.00 -15.59 19.53
C PRO A 190 34.02 -16.53 20.18
N ALA A 191 33.63 -17.14 21.29
CA ALA A 191 34.49 -18.08 22.02
C ALA A 191 34.83 -19.30 21.17
N GLY A 192 36.08 -19.76 21.27
CA GLY A 192 36.54 -20.89 20.48
C GLY A 192 37.23 -20.48 19.20
N PHE A 193 37.13 -19.20 18.84
CA PHE A 193 37.75 -18.69 17.62
C PHE A 193 38.70 -17.53 17.91
N ALA A 194 39.48 -17.14 16.91
CA ALA A 194 40.41 -16.02 17.06
C ALA A 194 40.75 -15.39 15.71
N ILE A 195 41.17 -14.12 15.74
CA ILE A 195 41.52 -13.41 14.52
C ILE A 195 43.02 -13.13 14.48
N LEU A 196 43.67 -13.55 13.40
CA LEU A 196 45.09 -13.34 13.23
C LEU A 196 45.37 -12.02 12.52
N LYS A 197 46.43 -11.33 12.95
CA LYS A 197 46.80 -10.04 12.36
C LYS A 197 48.26 -10.01 11.93
N CYS A 198 48.48 -9.65 10.67
CA CYS A 198 49.84 -9.52 10.13
C CYS A 198 50.37 -8.14 10.48
N LYS A 199 51.53 -8.11 11.13
CA LYS A 199 52.11 -6.87 11.60
C LYS A 199 53.40 -6.56 10.84
N ASP A 200 53.53 -7.11 9.63
CA ASP A 200 54.72 -6.88 8.82
C ASP A 200 54.80 -5.49 8.22
N LYS A 201 56.02 -5.02 8.02
CA LYS A 201 56.28 -3.75 7.37
C LYS A 201 55.85 -3.80 5.90
N LYS A 202 56.17 -4.90 5.24
CA LYS A 202 55.88 -5.05 3.82
C LYS A 202 55.18 -6.38 3.53
N PHE A 203 53.92 -6.50 3.94
CA PHE A 203 53.12 -7.67 3.61
C PHE A 203 52.27 -7.39 2.37
N ASN A 204 52.66 -7.95 1.23
CA ASN A 204 51.94 -7.65 0.00
C ASN A 204 50.66 -8.50 -0.16
N GLY A 205 50.17 -9.03 0.95
CA GLY A 205 48.79 -9.47 1.06
C GLY A 205 48.44 -10.93 0.86
N THR A 206 49.44 -11.73 0.51
CA THR A 206 49.24 -13.16 0.38
C THR A 206 50.47 -13.90 0.84
N GLY A 207 50.28 -15.14 1.26
CA GLY A 207 51.38 -16.00 1.65
C GLY A 207 51.70 -15.97 3.12
N PRO A 208 52.83 -16.57 3.50
CA PRO A 208 53.28 -16.68 4.89
C PRO A 208 53.65 -15.34 5.50
N CYS A 209 53.34 -15.16 6.78
CA CYS A 209 53.66 -13.93 7.49
C CYS A 209 54.58 -14.23 8.69
N PRO A 210 55.79 -13.65 8.69
CA PRO A 210 56.78 -13.79 9.76
C PRO A 210 56.34 -13.30 11.15
N SER A 211 55.81 -12.09 11.24
CA SER A 211 55.38 -11.54 12.53
C SER A 211 53.86 -11.57 12.64
N VAL A 212 53.34 -12.60 13.29
CA VAL A 212 51.90 -12.78 13.43
C VAL A 212 51.48 -12.50 14.86
N SER A 213 50.37 -11.76 15.02
CA SER A 213 49.82 -11.49 16.34
C SER A 213 48.34 -11.84 16.36
N THR A 214 47.80 -12.06 17.56
CA THR A 214 46.40 -12.42 17.71
C THR A 214 45.58 -11.29 18.32
N VAL A 215 44.36 -11.15 17.85
CA VAL A 215 43.43 -10.18 18.40
C VAL A 215 42.04 -10.78 18.51
N GLN A 216 41.23 -10.20 19.39
CA GLN A 216 39.84 -10.61 19.55
C GLN A 216 38.97 -9.71 18.68
N CYS A 217 39.34 -8.42 18.63
CA CYS A 217 38.61 -7.45 17.83
C CYS A 217 39.56 -6.63 16.95
N THR A 218 39.19 -6.47 15.68
CA THR A 218 40.00 -5.70 14.73
C THR A 218 39.94 -4.20 15.05
N HIS A 219 40.82 -3.43 14.43
CA HIS A 219 40.84 -1.98 14.62
C HIS A 219 39.59 -1.35 13.99
N GLY A 220 39.39 -0.05 14.22
CA GLY A 220 38.22 0.65 13.69
C GLY A 220 38.16 0.82 12.18
N ILE A 221 37.34 0.00 11.53
CA ILE A 221 37.18 0.05 10.07
C ILE A 221 35.93 0.82 9.67
N LYS A 222 36.13 2.00 9.08
CA LYS A 222 35.03 2.80 8.58
C LYS A 222 34.55 2.28 7.23
N PRO A 223 33.30 1.81 7.17
CA PRO A 223 32.70 1.27 5.95
C PRO A 223 32.39 2.38 4.96
N VAL A 224 33.43 2.96 4.39
CA VAL A 224 33.27 4.05 3.45
C VAL A 224 32.98 3.51 2.06
N VAL A 225 31.79 3.81 1.57
CA VAL A 225 31.37 3.37 0.24
C VAL A 225 31.95 4.31 -0.80
N SER A 226 32.87 3.79 -1.62
CA SER A 226 33.49 4.60 -2.67
C SER A 226 34.04 3.73 -3.81
N THR A 227 34.26 4.36 -4.96
CA THR A 227 34.80 3.68 -6.13
C THR A 227 36.04 4.42 -6.63
N GLN A 228 36.85 3.75 -7.44
CA GLN A 228 38.06 4.34 -8.01
C GLN A 228 39.03 4.82 -6.91
N LEU A 229 38.62 5.84 -6.17
CA LEU A 229 39.44 6.39 -5.09
C LEU A 229 39.04 5.83 -3.72
N LEU A 230 40.02 5.38 -2.94
CA LEU A 230 39.74 4.96 -1.56
C LEU A 230 39.54 6.17 -0.67
N LEU A 231 38.40 6.84 -0.86
CA LEU A 231 38.04 7.99 -0.04
C LEU A 231 37.90 7.61 1.42
N ASN A 232 38.37 8.48 2.30
CA ASN A 232 38.49 8.16 3.72
C ASN A 232 39.11 6.79 3.96
N GLY A 233 40.14 6.45 3.19
CA GLY A 233 40.83 5.19 3.36
C GLY A 233 41.84 5.22 4.48
N SER A 234 42.80 4.31 4.42
CA SER A 234 43.86 4.17 5.43
C SER A 234 45.21 3.95 4.76
N LEU A 235 46.29 4.20 5.50
CA LEU A 235 47.64 4.30 4.94
C LEU A 235 48.41 2.99 4.94
N ALA A 236 49.56 3.00 4.27
CA ALA A 236 50.51 1.89 4.35
C ALA A 236 51.64 2.33 5.27
N GLU A 237 52.57 1.44 5.58
CA GLU A 237 53.60 1.76 6.57
C GLU A 237 54.89 2.35 6.03
N GLU A 238 55.45 1.75 4.99
CA GLU A 238 56.72 2.22 4.45
C GLU A 238 56.58 2.70 3.01
N GLU A 239 56.91 1.83 2.05
CA GLU A 239 56.66 2.12 0.66
C GLU A 239 55.17 1.89 0.39
N VAL A 240 54.62 2.61 -0.59
CA VAL A 240 53.21 2.41 -0.92
C VAL A 240 53.00 0.98 -1.41
N MET A 241 51.89 0.37 -1.00
CA MET A 241 51.69 -1.06 -1.22
C MET A 241 50.80 -1.35 -2.41
N ILE A 242 51.13 -2.44 -3.12
CA ILE A 242 50.36 -2.88 -4.27
C ILE A 242 49.95 -4.33 -4.09
N ARG A 243 48.65 -4.59 -4.11
CA ARG A 243 48.14 -5.95 -3.88
C ARG A 243 47.26 -6.42 -5.02
N SER A 244 47.48 -7.64 -5.48
CA SER A 244 46.71 -8.18 -6.59
C SER A 244 46.65 -9.70 -6.51
N GLU A 245 45.47 -10.25 -6.81
CA GLU A 245 45.29 -11.70 -6.79
C GLU A 245 46.12 -12.33 -7.90
N ASN A 246 46.20 -11.61 -9.02
CA ASN A 246 46.99 -12.04 -10.16
C ASN A 246 47.44 -10.82 -10.97
N ILE A 247 48.69 -10.41 -10.79
CA ILE A 247 49.20 -9.23 -11.48
C ILE A 247 49.26 -9.46 -12.99
N THR A 248 49.62 -10.68 -13.40
CA THR A 248 49.62 -11.04 -14.81
C THR A 248 48.21 -11.01 -15.41
N ASN A 249 47.19 -11.10 -14.55
CA ASN A 249 45.81 -10.98 -14.98
C ASN A 249 45.31 -9.53 -15.01
N ASN A 250 44.95 -9.04 -16.19
CA ASN A 250 44.45 -7.68 -16.32
C ASN A 250 42.95 -7.61 -16.07
N ALA A 251 42.35 -8.76 -15.81
CA ALA A 251 40.93 -8.86 -15.50
C ALA A 251 40.72 -8.72 -13.99
N LYS A 252 41.80 -8.87 -13.24
CA LYS A 252 41.71 -8.68 -11.79
C LYS A 252 42.15 -7.28 -11.38
N ASN A 253 41.34 -6.64 -10.54
CA ASN A 253 41.61 -5.28 -10.10
C ASN A 253 42.87 -5.20 -9.25
N ILE A 254 43.50 -4.02 -9.28
CA ILE A 254 44.73 -3.79 -8.55
C ILE A 254 44.52 -2.78 -7.44
N LEU A 255 44.46 -3.26 -6.20
CA LEU A 255 44.24 -2.40 -5.06
C LEU A 255 45.55 -1.76 -4.60
N VAL A 256 45.59 -0.44 -4.60
CA VAL A 256 46.78 0.29 -4.21
C VAL A 256 46.59 0.93 -2.84
N GLN A 257 47.60 0.85 -1.98
CA GLN A 257 47.54 1.50 -0.68
C GLN A 257 48.67 2.49 -0.50
N PHE A 258 48.31 3.72 -0.11
CA PHE A 258 49.29 4.80 0.00
C PHE A 258 49.95 4.82 1.36
N ASN A 259 51.08 5.51 1.44
CA ASN A 259 51.77 5.78 2.70
C ASN A 259 51.38 7.15 3.26
N THR A 260 51.43 8.15 2.40
CA THR A 260 51.04 9.51 2.75
C THR A 260 49.69 9.87 2.12
N PRO A 261 48.74 10.36 2.94
CA PRO A 261 47.38 10.69 2.49
C PRO A 261 47.31 11.92 1.59
N VAL A 262 46.44 11.89 0.60
CA VAL A 262 46.25 13.03 -0.30
C VAL A 262 45.06 13.87 0.15
N GLN A 263 45.33 15.09 0.60
CA GLN A 263 44.30 16.00 1.09
C GLN A 263 43.38 16.49 -0.02
N ILE A 264 42.10 16.17 0.07
CA ILE A 264 41.15 16.64 -0.92
C ILE A 264 39.92 17.30 -0.30
N ASN A 265 39.41 18.31 -0.98
CA ASN A 265 38.28 19.08 -0.50
C ASN A 265 37.11 19.09 -1.47
N CYS A 266 35.97 18.58 -1.01
CA CYS A 266 34.77 18.51 -1.84
C CYS A 266 33.66 19.40 -1.27
N THR A 267 33.04 20.22 -2.11
CA THR A 267 31.98 21.15 -1.67
C THR A 267 30.76 21.19 -2.59
N ARG A 268 29.64 21.58 -2.02
CA ARG A 268 28.40 21.76 -2.76
C ARG A 268 27.94 23.22 -2.64
N PRO A 269 28.32 24.06 -3.62
CA PRO A 269 28.13 25.51 -3.66
C PRO A 269 26.67 25.92 -3.53
N ASN A 270 25.78 25.08 -4.04
CA ASN A 270 24.36 25.39 -4.03
C ASN A 270 23.72 25.19 -2.66
N ASN A 271 23.74 26.26 -1.88
CA ASN A 271 22.98 26.34 -0.64
C ASN A 271 21.48 26.24 -0.87
N ASN A 272 20.88 25.18 -0.34
CA ASN A 272 19.54 24.76 -0.76
C ASN A 272 18.45 24.94 0.28
N THR A 273 17.21 24.81 -0.18
CA THR A 273 16.03 24.91 0.67
C THR A 273 15.23 23.61 0.66
N ARG A 274 14.91 23.10 1.84
CA ARG A 274 14.07 21.92 1.94
C ARG A 274 12.59 22.31 1.99
N LYS A 275 11.78 21.70 1.12
CA LYS A 275 10.34 21.90 1.11
C LYS A 275 9.63 20.63 1.57
N SER A 276 8.82 20.76 2.62
CA SER A 276 8.17 19.62 3.24
C SER A 276 6.71 19.43 2.83
N ILE A 277 6.49 18.92 1.62
CA ILE A 277 5.13 18.66 1.16
C ILE A 277 4.56 17.39 1.78
N ARG A 278 3.30 17.47 2.21
CA ARG A 278 2.69 16.37 2.96
C ARG A 278 1.85 15.48 2.06
N ILE A 279 2.37 14.30 1.74
CA ILE A 279 1.61 13.32 0.97
C ILE A 279 0.45 12.82 1.84
N GLY A 280 0.73 12.68 3.13
CA GLY A 280 -0.27 12.30 4.10
C GLY A 280 -0.54 10.81 4.14
N PRO A 281 -1.27 10.34 5.17
CA PRO A 281 -1.65 11.15 6.34
C PRO A 281 -0.49 11.49 7.28
N GLY A 282 0.36 10.52 7.59
CA GLY A 282 1.48 10.75 8.48
C GLY A 282 2.79 10.76 7.74
N GLN A 283 2.70 10.71 6.42
CA GLN A 283 3.87 10.58 5.57
C GLN A 283 4.18 11.90 4.84
N ALA A 284 5.41 12.37 5.00
CA ALA A 284 5.82 13.64 4.41
C ALA A 284 7.01 13.50 3.46
N PHE A 285 6.86 14.02 2.26
CA PHE A 285 7.96 14.07 1.29
C PHE A 285 8.76 15.37 1.36
N TYR A 286 10.08 15.26 1.30
CA TYR A 286 10.96 16.42 1.32
C TYR A 286 11.48 16.78 -0.07
N ALA A 287 11.11 17.96 -0.55
CA ALA A 287 11.50 18.41 -1.88
C ALA A 287 12.46 19.58 -1.82
N THR A 288 13.40 19.63 -2.75
CA THR A 288 14.32 20.75 -2.83
C THR A 288 13.58 22.02 -3.26
N GLY A 289 13.72 23.07 -2.47
CA GLY A 289 13.07 24.34 -2.76
C GLY A 289 13.95 25.15 -3.69
N ASP A 290 13.63 26.43 -3.84
CA ASP A 290 14.44 27.32 -4.68
C ASP A 290 15.81 27.59 -4.08
N ILE A 291 16.82 27.67 -4.94
CA ILE A 291 18.18 27.98 -4.54
C ILE A 291 18.34 29.44 -4.10
N ILE A 292 19.11 29.65 -3.03
CA ILE A 292 19.46 31.01 -2.65
C ILE A 292 20.95 31.24 -2.85
N GLY A 293 21.25 32.17 -3.75
CA GLY A 293 22.62 32.51 -4.10
C GLY A 293 22.83 32.26 -5.58
N ASP A 294 24.03 31.85 -5.95
CA ASP A 294 24.38 31.64 -7.35
C ASP A 294 24.27 30.18 -7.73
N ILE A 295 24.01 29.92 -9.01
CA ILE A 295 23.96 28.55 -9.49
C ILE A 295 25.35 28.07 -9.90
N ARG A 296 25.97 27.28 -9.03
CA ARG A 296 27.27 26.69 -9.28
C ARG A 296 27.19 25.17 -9.13
N GLN A 297 28.17 24.47 -9.69
CA GLN A 297 28.18 23.01 -9.65
C GLN A 297 29.17 22.51 -8.60
N ALA A 298 28.89 21.33 -8.06
CA ALA A 298 29.75 20.73 -7.04
C ALA A 298 31.12 20.40 -7.63
N HIS A 299 32.15 20.45 -6.79
CA HIS A 299 33.52 20.21 -7.24
C HIS A 299 34.41 19.70 -6.10
N CYS A 300 35.52 19.06 -6.47
CA CYS A 300 36.48 18.57 -5.48
C CYS A 300 37.91 18.99 -5.86
N ASN A 301 38.67 19.48 -4.86
CA ASN A 301 40.02 19.92 -5.10
C ASN A 301 41.09 18.95 -4.58
N VAL A 302 42.12 18.71 -5.38
CA VAL A 302 43.24 17.85 -5.02
C VAL A 302 44.56 18.62 -5.18
N SER A 303 45.35 18.70 -4.11
CA SER A 303 46.64 19.40 -4.15
C SER A 303 47.54 18.82 -5.24
N LYS A 304 47.87 19.66 -6.23
CA LYS A 304 48.65 19.24 -7.41
C LYS A 304 50.00 18.64 -7.02
N ALA A 305 50.68 19.27 -6.07
CA ALA A 305 51.98 18.81 -5.63
C ALA A 305 51.87 17.45 -4.95
N THR A 306 50.89 17.33 -4.06
CA THR A 306 50.67 16.09 -3.32
C THR A 306 50.35 14.94 -4.26
N TRP A 307 49.51 15.22 -5.26
CA TRP A 307 49.11 14.21 -6.23
C TRP A 307 50.26 13.83 -7.17
N ASN A 308 51.10 14.81 -7.52
CA ASN A 308 52.23 14.55 -8.40
C ASN A 308 53.28 13.65 -7.77
N GLU A 309 53.57 13.91 -6.50
CA GLU A 309 54.52 13.09 -5.74
C GLU A 309 53.95 11.70 -5.47
N THR A 310 52.68 11.64 -5.12
CA THR A 310 52.02 10.37 -4.80
C THR A 310 51.98 9.47 -6.03
N LEU A 311 51.61 10.04 -7.16
CA LEU A 311 51.63 9.28 -8.42
C LEU A 311 53.06 8.87 -8.74
N GLY A 312 54.00 9.78 -8.51
CA GLY A 312 55.40 9.51 -8.77
C GLY A 312 55.99 8.45 -7.87
N LYS A 313 55.40 8.25 -6.70
CA LYS A 313 55.86 7.22 -5.77
C LYS A 313 55.24 5.87 -6.10
N VAL A 314 54.04 5.89 -6.67
CA VAL A 314 53.34 4.66 -7.05
C VAL A 314 53.95 4.09 -8.32
N VAL A 315 54.23 4.96 -9.28
CA VAL A 315 54.82 4.55 -10.56
C VAL A 315 56.19 3.91 -10.34
N LYS A 316 56.88 4.33 -9.28
CA LYS A 316 58.16 3.72 -8.92
C LYS A 316 57.97 2.33 -8.34
N GLN A 317 56.78 2.08 -7.79
CA GLN A 317 56.45 0.78 -7.23
C GLN A 317 55.86 -0.15 -8.28
N LEU A 318 55.26 0.44 -9.31
CA LEU A 318 54.66 -0.34 -10.39
C LEU A 318 55.73 -0.99 -11.26
N ARG A 319 56.87 -0.31 -11.36
CA ARG A 319 57.99 -0.80 -12.16
C ARG A 319 58.55 -2.13 -11.64
N LYS A 320 58.46 -2.33 -10.33
CA LYS A 320 58.98 -3.54 -9.69
C LYS A 320 58.23 -4.82 -10.10
N HIS A 321 57.16 -4.67 -10.87
CA HIS A 321 56.36 -5.82 -11.29
C HIS A 321 56.16 -5.90 -12.80
N PHE A 322 56.40 -4.78 -13.50
CA PHE A 322 56.23 -4.74 -14.94
C PHE A 322 57.52 -4.37 -15.69
N GLY A 323 58.67 -4.67 -15.10
CA GLY A 323 59.95 -4.34 -15.73
C GLY A 323 60.52 -3.02 -15.25
N ASN A 324 61.84 -2.97 -15.08
CA ASN A 324 62.53 -1.79 -14.54
C ASN A 324 62.44 -0.60 -15.51
N ASN A 325 62.65 -0.87 -16.80
CA ASN A 325 62.61 0.18 -17.82
C ASN A 325 61.40 0.11 -18.74
N THR A 326 60.24 0.56 -18.25
CA THR A 326 59.02 0.55 -19.06
C THR A 326 58.24 1.86 -18.92
N ILE A 327 57.27 2.05 -19.82
CA ILE A 327 56.44 3.25 -19.82
C ILE A 327 55.06 3.00 -19.21
N ILE A 328 54.69 3.84 -18.24
CA ILE A 328 53.38 3.72 -17.59
C ILE A 328 52.49 4.93 -17.84
N ARG A 329 51.40 4.71 -18.57
CA ARG A 329 50.47 5.77 -18.91
C ARG A 329 49.18 5.67 -18.12
N PHE A 330 48.64 6.82 -17.75
CA PHE A 330 47.34 6.87 -17.08
C PHE A 330 46.28 7.49 -17.97
N ALA A 331 45.17 6.79 -18.13
CA ALA A 331 44.05 7.25 -18.96
C ALA A 331 42.76 7.11 -18.17
N ASN A 332 41.75 7.90 -18.50
CA ASN A 332 40.48 7.86 -17.76
C ASN A 332 39.75 6.54 -17.93
N SER A 333 38.59 6.42 -17.29
CA SER A 333 37.82 5.20 -17.36
C SER A 333 37.32 5.01 -18.78
N SER A 334 37.31 3.76 -19.22
CA SER A 334 36.90 3.40 -20.56
C SER A 334 35.39 3.59 -20.78
N GLY A 335 34.58 3.32 -19.76
CA GLY A 335 33.14 3.45 -19.88
C GLY A 335 32.35 2.60 -18.90
N GLY A 336 31.02 2.73 -18.93
CA GLY A 336 30.17 1.98 -18.03
C GLY A 336 29.15 2.84 -17.31
N ASP A 337 28.60 2.31 -16.22
CA ASP A 337 27.66 3.04 -15.39
C ASP A 337 28.29 4.28 -14.78
N LEU A 338 27.48 5.31 -14.62
CA LEU A 338 27.94 6.63 -14.19
C LEU A 338 28.67 6.55 -12.87
N GLU A 339 28.23 5.63 -12.02
CA GLU A 339 28.87 5.42 -10.73
C GLU A 339 30.28 4.87 -10.85
N VAL A 340 30.48 3.91 -11.75
CA VAL A 340 31.79 3.31 -11.93
C VAL A 340 32.77 4.23 -12.67
N THR A 341 32.29 4.88 -13.72
CA THR A 341 33.14 5.72 -14.53
C THR A 341 33.64 6.95 -13.76
N THR A 342 32.80 7.44 -12.86
CA THR A 342 33.15 8.60 -12.05
C THR A 342 33.52 8.17 -10.63
N HIS A 343 34.05 9.11 -9.85
CA HIS A 343 34.33 8.86 -8.45
C HIS A 343 33.09 8.94 -7.56
N SER A 344 32.56 7.80 -7.17
CA SER A 344 31.33 7.75 -6.38
C SER A 344 31.62 7.87 -4.88
N PHE A 345 30.87 8.74 -4.20
CA PHE A 345 30.96 8.81 -2.74
C PHE A 345 29.80 9.59 -2.11
N ASN A 346 29.80 9.63 -0.78
CA ASN A 346 28.82 10.38 0.01
C ASN A 346 29.50 11.43 0.87
N CYS A 347 28.89 12.61 0.98
CA CYS A 347 29.42 13.66 1.84
C CYS A 347 28.32 14.58 2.34
N GLY A 348 27.98 14.46 3.62
CA GLY A 348 26.95 15.28 4.22
C GLY A 348 25.55 14.80 3.87
N GLY A 349 25.48 13.61 3.28
CA GLY A 349 24.21 13.02 2.87
C GLY A 349 23.92 12.96 1.38
N GLU A 350 24.50 13.88 0.60
CA GLU A 350 24.29 13.90 -0.85
C GLU A 350 25.32 13.00 -1.56
N PHE A 351 24.92 12.44 -2.70
CA PHE A 351 25.76 11.48 -3.43
C PHE A 351 26.41 12.12 -4.66
N PHE A 352 27.71 12.38 -4.57
CA PHE A 352 28.45 13.03 -5.64
C PHE A 352 29.02 12.02 -6.64
N TYR A 353 29.26 12.48 -7.87
CA TYR A 353 29.86 11.66 -8.91
C TYR A 353 30.85 12.52 -9.70
N CYS A 354 32.13 12.42 -9.37
CA CYS A 354 33.12 13.36 -9.88
C CYS A 354 33.91 12.85 -11.08
N ASN A 355 34.23 13.77 -11.98
CA ASN A 355 34.98 13.47 -13.19
C ASN A 355 36.46 13.29 -12.86
N THR A 356 36.95 12.07 -13.04
CA THR A 356 38.34 11.76 -12.71
C THR A 356 39.20 11.67 -13.96
N SER A 357 39.04 12.64 -14.86
CA SER A 357 39.86 12.73 -16.06
C SER A 357 41.06 13.63 -15.80
N GLY A 358 41.05 14.31 -14.65
CA GLY A 358 42.12 15.20 -14.26
C GLY A 358 43.17 14.57 -13.35
N LEU A 359 42.90 13.34 -12.92
CA LEU A 359 43.83 12.62 -12.04
C LEU A 359 44.60 11.54 -12.78
N PHE A 360 43.95 10.94 -13.77
CA PHE A 360 44.55 9.87 -14.56
C PHE A 360 44.85 10.35 -15.96
N ASN A 361 45.42 11.55 -16.05
CA ASN A 361 45.85 12.12 -17.32
C ASN A 361 47.35 12.35 -17.27
N SER A 362 48.10 11.26 -17.31
CA SER A 362 49.54 11.35 -17.18
C SER A 362 50.23 10.28 -18.03
N THR A 363 51.54 10.43 -18.19
CA THR A 363 52.35 9.49 -18.95
C THR A 363 53.77 9.50 -18.37
N TRP A 364 54.12 8.44 -17.65
CA TRP A 364 55.44 8.36 -17.03
C TRP A 364 56.40 7.48 -17.82
N ILE A 365 57.44 8.11 -18.36
CA ILE A 365 58.43 7.40 -19.17
C ILE A 365 59.80 7.43 -18.48
N SER A 366 60.44 6.27 -18.41
CA SER A 366 61.76 6.10 -17.81
C SER A 366 61.81 6.68 -16.40
N ASN A 367 60.73 6.46 -15.65
CA ASN A 367 60.61 6.90 -14.27
C ASN A 367 60.64 8.42 -14.18
N ASN A 379 51.66 25.83 -8.51
CA ASN A 379 51.22 25.59 -7.14
C ASN A 379 49.76 25.93 -6.92
N ASP A 380 48.88 24.97 -7.16
CA ASP A 380 47.45 25.19 -6.98
C ASP A 380 46.76 23.83 -6.85
N SER A 381 45.42 23.82 -6.80
CA SER A 381 44.65 22.59 -6.63
C SER A 381 44.01 22.12 -7.93
N ILE A 382 43.84 20.80 -8.06
CA ILE A 382 43.18 20.21 -9.21
C ILE A 382 41.70 20.02 -8.95
N THR A 383 40.88 20.84 -9.60
CA THR A 383 39.43 20.79 -9.40
C THR A 383 38.77 19.77 -10.36
N LEU A 384 37.80 19.02 -9.84
CA LEU A 384 37.09 18.03 -10.65
C LEU A 384 35.57 18.28 -10.66
N PRO A 385 34.97 18.27 -11.85
CA PRO A 385 33.53 18.47 -12.04
C PRO A 385 32.69 17.39 -11.39
N CYS A 386 31.82 17.77 -10.46
CA CYS A 386 31.00 16.79 -9.75
C CYS A 386 29.50 17.00 -9.97
N ARG A 387 28.82 15.91 -10.32
CA ARG A 387 27.37 15.87 -10.49
C ARG A 387 26.71 15.33 -9.22
N ILE A 388 25.41 15.56 -9.07
CA ILE A 388 24.70 15.09 -7.89
C ILE A 388 23.44 14.32 -8.28
N LYS A 389 23.26 13.15 -7.71
CA LYS A 389 22.06 12.34 -7.93
C LYS A 389 21.38 12.10 -6.59
N GLN A 390 20.06 12.19 -6.58
CA GLN A 390 19.31 11.92 -5.37
C GLN A 390 18.72 10.51 -5.42
N ILE A 391 18.41 10.05 -6.63
CA ILE A 391 17.94 8.69 -6.82
C ILE A 391 19.10 7.74 -7.14
N ILE A 392 19.41 6.84 -6.20
CA ILE A 392 20.53 5.90 -6.34
C ILE A 392 20.11 4.43 -6.22
N ASN A 393 20.96 3.56 -6.75
CA ASN A 393 20.75 2.12 -6.68
C ASN A 393 22.08 1.37 -6.55
N MET A 394 22.78 1.61 -5.44
CA MET A 394 24.11 1.02 -5.22
C MET A 394 24.07 -0.48 -4.98
N TRP A 395 25.24 -1.11 -4.97
CA TRP A 395 25.36 -2.56 -4.82
C TRP A 395 24.62 -3.34 -5.90
N GLN A 396 24.26 -2.65 -6.97
CA GLN A 396 23.43 -3.21 -8.02
C GLN A 396 22.15 -3.79 -7.43
N ARG A 397 21.58 -3.06 -6.49
CA ARG A 397 20.37 -3.47 -5.80
C ARG A 397 19.20 -3.57 -6.80
N ILE A 398 18.35 -4.57 -6.60
CA ILE A 398 17.18 -4.73 -7.46
C ILE A 398 15.89 -4.67 -6.63
N GLY A 399 14.97 -3.81 -7.05
CA GLY A 399 13.70 -3.64 -6.37
C GLY A 399 13.76 -2.65 -5.23
N GLN A 400 14.92 -2.01 -5.05
CA GLN A 400 15.08 -1.02 -4.00
C GLN A 400 15.87 0.20 -4.46
N ALA A 401 15.15 1.29 -4.73
CA ALA A 401 15.78 2.57 -5.06
C ALA A 401 15.55 3.56 -3.93
N MET A 402 16.61 4.20 -3.46
CA MET A 402 16.51 5.14 -2.35
C MET A 402 16.64 6.60 -2.78
N TYR A 403 15.71 7.43 -2.36
CA TYR A 403 15.79 8.86 -2.63
C TYR A 403 16.44 9.62 -1.48
N ALA A 404 17.64 10.15 -1.74
CA ALA A 404 18.35 10.96 -0.76
C ALA A 404 17.73 12.35 -0.65
N PRO A 405 17.18 12.67 0.53
CA PRO A 405 16.55 13.97 0.77
C PRO A 405 17.55 15.12 0.70
N PRO A 406 17.07 16.29 0.27
CA PRO A 406 17.89 17.51 0.12
C PRO A 406 18.50 17.95 1.44
N ILE A 407 19.66 18.59 1.36
CA ILE A 407 20.37 19.04 2.54
C ILE A 407 20.53 20.56 2.55
N GLN A 408 20.04 21.18 3.63
CA GLN A 408 20.13 22.63 3.78
C GLN A 408 21.57 23.06 4.09
N GLY A 409 21.95 24.23 3.60
CA GLY A 409 23.28 24.77 3.85
C GLY A 409 24.32 24.22 2.89
N VAL A 410 25.40 24.97 2.71
CA VAL A 410 26.52 24.52 1.87
C VAL A 410 27.24 23.34 2.51
N ILE A 411 27.39 22.25 1.76
CA ILE A 411 28.07 21.07 2.29
C ILE A 411 29.57 21.09 1.96
N ARG A 412 30.40 20.95 3.00
CA ARG A 412 31.84 20.89 2.83
C ARG A 412 32.41 19.68 3.56
N CYS A 413 33.32 18.97 2.88
CA CYS A 413 33.98 17.82 3.49
C CYS A 413 35.44 17.73 3.07
N VAL A 414 36.30 17.48 4.04
CA VAL A 414 37.73 17.36 3.79
C VAL A 414 38.14 15.93 4.10
N SER A 415 38.74 15.22 3.13
CA SER A 415 39.01 13.79 3.33
C SER A 415 40.37 13.30 2.83
N ASN A 416 40.66 12.03 3.10
CA ASN A 416 41.92 11.40 2.74
C ASN A 416 41.83 10.42 1.59
N ILE A 417 42.49 10.71 0.48
CA ILE A 417 42.70 9.69 -0.55
C ILE A 417 43.92 8.87 -0.17
N THR A 418 43.69 7.62 0.18
CA THR A 418 44.77 6.78 0.64
C THR A 418 44.96 5.55 -0.24
N GLY A 419 44.18 5.44 -1.30
CA GLY A 419 44.31 4.29 -2.17
C GLY A 419 43.56 4.40 -3.47
N LEU A 420 43.85 3.45 -4.35
CA LEU A 420 43.29 3.43 -5.68
C LEU A 420 42.75 2.06 -6.01
N ILE A 421 41.86 2.00 -6.99
CA ILE A 421 41.49 0.73 -7.56
C ILE A 421 41.64 0.81 -9.07
N LEU A 422 42.74 0.27 -9.59
CA LEU A 422 43.05 0.41 -11.01
C LEU A 422 42.79 -0.86 -11.81
N THR A 423 42.68 -0.70 -13.13
CA THR A 423 42.50 -1.82 -14.03
C THR A 423 43.46 -1.66 -15.21
N ARG A 424 44.02 -2.78 -15.68
CA ARG A 424 45.03 -2.73 -16.72
C ARG A 424 44.48 -3.18 -18.07
N ASP A 425 44.90 -2.51 -19.15
CA ASP A 425 44.45 -2.86 -20.49
C ASP A 425 45.23 -4.06 -21.04
N GLY A 426 44.55 -4.87 -21.83
CA GLY A 426 45.11 -6.14 -22.28
C GLY A 426 45.44 -6.21 -23.77
N GLY A 427 45.75 -7.42 -24.22
CA GLY A 427 46.18 -7.67 -25.60
C GLY A 427 47.32 -6.76 -26.04
N ALA A 428 48.25 -6.51 -25.14
CA ALA A 428 49.39 -5.62 -25.39
C ALA A 428 50.41 -6.30 -26.30
N ASN A 429 51.13 -7.27 -25.73
CA ASN A 429 52.16 -8.03 -26.43
C ASN A 429 53.29 -7.15 -26.95
N ASN A 430 52.99 -6.38 -27.98
CA ASN A 430 53.99 -5.68 -28.78
C ASN A 430 54.70 -4.50 -28.13
N THR A 431 53.94 -3.56 -27.58
CA THR A 431 54.55 -2.32 -27.14
C THR A 431 55.37 -2.55 -25.87
N SER A 432 54.94 -3.51 -25.05
CA SER A 432 55.56 -3.77 -23.74
C SER A 432 55.41 -2.57 -22.83
N THR A 433 54.25 -1.91 -22.91
CA THR A 433 53.93 -0.78 -22.04
C THR A 433 52.60 -1.02 -21.37
N GLU A 434 52.36 -0.36 -20.25
CA GLU A 434 51.10 -0.55 -19.54
C GLU A 434 50.33 0.74 -19.23
N THR A 435 49.03 0.71 -19.52
CA THR A 435 48.13 1.82 -19.22
C THR A 435 47.14 1.42 -18.14
N PHE A 436 46.92 2.29 -17.17
CA PHE A 436 46.03 1.98 -16.06
C PHE A 436 44.86 2.93 -15.95
N ARG A 437 43.68 2.36 -15.72
CA ARG A 437 42.44 3.13 -15.66
C ARG A 437 41.72 2.80 -14.36
N PRO A 438 41.01 3.78 -13.79
CA PRO A 438 40.28 3.56 -12.54
C PRO A 438 39.08 2.63 -12.74
N GLY A 439 38.87 1.72 -11.80
CA GLY A 439 37.76 0.79 -11.90
C GLY A 439 37.08 0.60 -10.55
N GLY A 440 37.09 -0.63 -10.05
CA GLY A 440 36.51 -0.93 -8.75
C GLY A 440 35.00 -0.82 -8.72
N GLY A 441 34.33 -1.44 -9.69
CA GLY A 441 32.89 -1.47 -9.71
C GLY A 441 32.30 -2.22 -8.53
N ASP A 442 32.87 -3.38 -8.22
CA ASP A 442 32.43 -4.18 -7.08
C ASP A 442 32.87 -3.51 -5.78
N MET A 443 32.08 -3.67 -4.72
CA MET A 443 32.36 -2.95 -3.49
C MET A 443 33.09 -3.83 -2.51
N ARG A 444 33.22 -5.11 -2.86
CA ARG A 444 33.95 -6.05 -2.04
C ARG A 444 35.43 -5.71 -2.01
N ASP A 445 35.93 -5.08 -3.07
CA ASP A 445 37.32 -4.61 -3.11
C ASP A 445 37.61 -3.53 -2.08
N ASN A 446 36.60 -2.73 -1.76
CA ASN A 446 36.73 -1.68 -0.76
C ASN A 446 36.95 -2.22 0.65
N TRP A 447 36.43 -3.42 0.91
CA TRP A 447 36.60 -4.07 2.20
C TRP A 447 37.91 -4.86 2.26
N ARG A 448 38.37 -5.34 1.11
CA ARG A 448 39.62 -6.07 1.03
C ARG A 448 40.81 -5.14 1.29
N SER A 449 40.57 -3.84 1.20
CA SER A 449 41.61 -2.84 1.43
C SER A 449 41.85 -2.62 2.93
N GLU A 450 41.00 -3.22 3.76
CA GLU A 450 41.13 -3.10 5.22
C GLU A 450 41.20 -4.45 5.90
N LEU A 451 40.74 -5.48 5.20
CA LEU A 451 40.68 -6.83 5.76
C LEU A 451 41.80 -7.73 5.21
N TYR A 452 42.82 -7.12 4.64
CA TYR A 452 43.93 -7.87 4.04
C TYR A 452 44.81 -8.47 5.12
N LYS A 453 44.78 -7.84 6.29
CA LYS A 453 45.63 -8.23 7.40
C LYS A 453 44.95 -9.20 8.36
N TYR A 454 43.64 -9.33 8.26
CA TYR A 454 42.90 -10.21 9.18
C TYR A 454 42.39 -11.50 8.53
N LYS A 455 42.31 -12.56 9.34
CA LYS A 455 41.70 -13.82 8.91
C LYS A 455 41.22 -14.63 10.11
N VAL A 456 40.21 -15.46 9.89
CA VAL A 456 39.53 -16.19 10.95
C VAL A 456 40.07 -17.60 11.14
N VAL A 457 40.32 -17.96 12.40
CA VAL A 457 40.75 -19.32 12.74
C VAL A 457 39.94 -19.88 13.91
N LYS A 458 39.77 -21.21 13.92
CA LYS A 458 39.05 -21.87 15.01
C LYS A 458 40.03 -22.63 15.91
N ILE A 459 39.82 -22.57 17.22
CA ILE A 459 40.72 -23.22 18.17
C ILE A 459 40.25 -24.65 18.51
N GLU A 460 41.16 -25.60 18.34
CA GLU A 460 40.92 -26.98 18.73
C GLU A 460 41.88 -27.36 19.86
N PRO A 461 41.46 -27.10 21.10
CA PRO A 461 42.31 -27.25 22.29
C PRO A 461 42.62 -28.71 22.66
N LEU A 462 41.95 -29.66 22.01
CA LEU A 462 42.20 -31.07 22.28
C LEU A 462 43.31 -31.64 21.40
N GLY A 463 44.44 -31.95 22.02
CA GLY A 463 45.57 -32.53 21.33
C GLY A 463 46.19 -33.67 22.13
N VAL A 464 46.31 -34.84 21.51
CA VAL A 464 46.90 -36.00 22.18
C VAL A 464 48.40 -36.10 21.89
N ALA A 465 49.14 -36.60 22.87
CA ALA A 465 50.60 -36.73 22.76
C ALA A 465 51.14 -37.86 23.67
N PRO A 466 52.13 -38.61 23.17
CA PRO A 466 52.69 -39.75 23.89
C PRO A 466 53.72 -39.36 24.96
N THR A 467 53.73 -40.09 26.08
CA THR A 467 54.74 -39.92 27.13
C THR A 467 54.73 -41.13 28.06
N ARG A 468 55.78 -41.30 28.85
CA ARG A 468 55.89 -42.45 29.75
C ARG A 468 55.00 -42.29 30.97
N CYS A 469 53.70 -42.15 30.76
CA CYS A 469 52.77 -41.97 31.88
C CYS A 469 51.57 -42.92 31.79
N LYS A 470 51.50 -43.83 32.75
CA LYS A 470 50.37 -44.77 32.89
C LYS A 470 49.76 -44.58 34.30
N ARG A 471 48.59 -45.16 34.55
CA ARG A 471 47.99 -45.12 35.88
C ARG A 471 48.52 -46.17 36.86
N PHE B 8 54.23 -15.79 31.68
CA PHE B 8 53.11 -15.91 30.75
C PHE B 8 53.39 -15.15 29.45
N LEU B 9 52.82 -15.63 28.35
CA LEU B 9 52.98 -14.98 27.05
C LEU B 9 51.62 -14.68 26.43
N GLY B 10 50.58 -14.74 27.26
CA GLY B 10 49.23 -14.47 26.80
C GLY B 10 48.61 -15.63 26.03
N PHE B 11 47.47 -15.36 25.40
CA PHE B 11 46.70 -16.37 24.65
C PHE B 11 47.54 -16.88 23.48
N LEU B 12 47.59 -18.20 23.31
CA LEU B 12 48.38 -18.87 22.26
C LEU B 12 49.86 -18.48 22.29
N GLY B 13 50.36 -18.08 23.46
CA GLY B 13 51.71 -17.55 23.60
C GLY B 13 52.82 -18.42 23.04
N ALA B 14 52.90 -19.66 23.51
CA ALA B 14 53.91 -20.60 23.06
C ALA B 14 53.38 -21.47 21.91
N ALA B 15 52.84 -20.83 20.88
CA ALA B 15 52.34 -21.56 19.72
C ALA B 15 53.51 -22.02 18.85
N GLY B 16 54.53 -21.18 18.76
CA GLY B 16 55.71 -21.47 17.97
C GLY B 16 56.80 -22.15 18.77
N SER B 17 56.55 -22.34 20.07
CA SER B 17 57.48 -23.03 20.95
C SER B 17 57.28 -24.54 20.85
N THR B 18 58.22 -25.31 21.38
CA THR B 18 58.11 -26.76 21.38
C THR B 18 56.90 -27.19 22.21
N MET B 19 56.42 -28.41 21.95
CA MET B 19 55.24 -28.93 22.64
C MET B 19 55.47 -29.01 24.15
N GLY B 20 56.70 -29.33 24.56
CA GLY B 20 57.06 -29.33 25.97
C GLY B 20 57.03 -27.92 26.54
N ALA B 21 57.52 -26.95 25.77
CA ALA B 21 57.51 -25.56 26.19
C ALA B 21 56.12 -24.97 26.06
N ALA B 22 55.35 -25.51 25.12
CA ALA B 22 53.97 -25.09 24.92
C ALA B 22 53.09 -25.68 26.01
N SER B 23 53.61 -26.65 26.73
CA SER B 23 52.91 -27.23 27.86
C SER B 23 52.99 -26.30 29.07
N MET B 24 53.81 -25.26 28.96
CA MET B 24 53.97 -24.27 30.03
C MET B 24 52.88 -23.19 30.00
N THR B 25 52.08 -23.19 28.95
CA THR B 25 51.04 -22.18 28.76
C THR B 25 49.69 -22.83 28.36
N LEU B 26 49.33 -23.95 28.99
CA LEU B 26 48.07 -24.65 28.67
C LEU B 26 46.81 -23.97 29.22
N THR B 27 46.89 -23.38 30.41
CA THR B 27 45.73 -22.79 31.08
C THR B 27 45.28 -21.46 30.45
N VAL B 28 46.21 -20.76 29.79
CA VAL B 28 45.91 -19.45 29.21
C VAL B 28 44.98 -19.48 27.98
N GLN B 29 45.02 -20.55 27.20
CA GLN B 29 44.18 -20.62 26.00
C GLN B 29 42.80 -21.23 26.27
N ALA B 30 42.61 -21.85 27.42
CA ALA B 30 41.35 -22.50 27.77
C ALA B 30 40.51 -21.53 28.58
N ARG B 31 41.16 -20.46 29.05
CA ARG B 31 40.52 -19.50 29.92
C ARG B 31 39.54 -18.61 29.17
N ASN B 32 40.06 -17.91 28.16
CA ASN B 32 39.26 -16.99 27.36
C ASN B 32 38.18 -17.71 26.55
N LEU B 33 38.49 -18.93 26.09
CA LEU B 33 37.55 -19.72 25.32
C LEU B 33 36.31 -20.13 26.12
N THR B 58 15.14 -7.27 15.83
CA THR B 58 16.09 -6.48 15.07
C THR B 58 17.30 -7.31 14.65
N VAL B 59 17.69 -7.21 13.38
CA VAL B 59 18.82 -7.98 12.86
C VAL B 59 20.14 -7.37 13.35
N TRP B 60 21.25 -7.97 12.90
CA TRP B 60 22.61 -7.51 13.22
C TRP B 60 22.95 -7.71 14.71
N GLY B 61 21.92 -7.92 15.52
CA GLY B 61 22.10 -8.27 16.92
C GLY B 61 22.01 -9.77 17.07
N ILE B 62 21.44 -10.43 16.07
CA ILE B 62 21.36 -11.90 16.03
C ILE B 62 22.67 -12.49 15.53
N LYS B 63 23.48 -11.62 14.91
CA LYS B 63 24.77 -11.99 14.36
C LYS B 63 25.69 -12.54 15.46
N GLN B 64 25.59 -11.97 16.65
CA GLN B 64 26.37 -12.42 17.79
C GLN B 64 25.71 -13.57 18.54
N LEU B 65 24.38 -13.63 18.48
CA LEU B 65 23.64 -14.68 19.19
C LEU B 65 23.90 -16.05 18.58
N GLN B 66 23.71 -16.16 17.27
CA GLN B 66 23.91 -17.44 16.58
C GLN B 66 25.37 -17.91 16.69
N ALA B 67 26.27 -16.97 16.92
CA ALA B 67 27.70 -17.26 17.06
C ALA B 67 28.09 -17.71 18.47
N ARG B 68 27.55 -17.02 19.48
CA ARG B 68 27.88 -17.33 20.87
C ARG B 68 27.16 -18.58 21.34
N VAL B 69 26.20 -19.05 20.54
CA VAL B 69 25.58 -20.35 20.79
C VAL B 69 26.48 -21.48 20.28
N LEU B 70 27.04 -21.30 19.09
CA LEU B 70 27.97 -22.29 18.54
C LEU B 70 29.27 -22.34 19.36
N ALA B 71 29.58 -21.24 20.06
CA ALA B 71 30.77 -21.15 20.88
C ALA B 71 30.72 -22.13 22.04
N VAL B 72 29.59 -22.15 22.75
CA VAL B 72 29.43 -23.05 23.89
C VAL B 72 29.15 -24.48 23.42
N GLU B 73 28.65 -24.63 22.20
CA GLU B 73 28.47 -25.96 21.62
C GLU B 73 29.81 -26.57 21.23
N ARG B 74 30.71 -25.72 20.75
CA ARG B 74 32.07 -26.14 20.44
C ARG B 74 32.86 -26.43 21.71
N TYR B 75 32.51 -25.72 22.78
CA TYR B 75 33.10 -25.92 24.10
C TYR B 75 32.63 -27.24 24.71
N LEU B 76 31.32 -27.44 24.75
CA LEU B 76 30.73 -28.66 25.33
C LEU B 76 30.97 -29.89 24.48
N ARG B 77 31.23 -29.71 23.19
CA ARG B 77 31.59 -30.84 22.33
C ARG B 77 32.96 -31.34 22.80
N ASP B 78 33.84 -30.40 23.13
CA ASP B 78 35.17 -30.71 23.63
C ASP B 78 35.16 -31.27 25.07
N GLN B 79 34.26 -30.74 25.91
CA GLN B 79 34.14 -31.20 27.30
C GLN B 79 33.44 -32.56 27.42
N GLN B 80 32.55 -32.85 26.49
CA GLN B 80 31.89 -34.15 26.45
C GLN B 80 32.90 -35.23 26.09
N LEU B 81 33.71 -34.95 25.08
CA LEU B 81 34.80 -35.84 24.68
C LEU B 81 35.81 -35.99 25.81
N LEU B 82 36.03 -34.90 26.54
CA LEU B 82 36.97 -34.89 27.64
C LEU B 82 36.39 -35.67 28.83
N GLY B 83 35.07 -35.83 28.87
CA GLY B 83 34.41 -36.51 29.96
C GLY B 83 34.25 -38.01 29.75
N ILE B 84 33.93 -38.39 28.51
CA ILE B 84 33.73 -39.80 28.15
C ILE B 84 35.04 -40.57 28.19
N TRP B 85 36.15 -39.86 28.03
CA TRP B 85 37.46 -40.46 28.09
C TRP B 85 37.89 -40.62 29.54
N GLY B 86 39.09 -41.13 29.74
CA GLY B 86 39.63 -41.26 31.08
C GLY B 86 40.21 -39.92 31.52
N CYS B 87 39.38 -38.88 31.49
CA CYS B 87 39.84 -37.54 31.83
C CYS B 87 38.86 -36.77 32.73
N SER B 88 37.79 -36.24 32.13
CA SER B 88 36.83 -35.36 32.80
C SER B 88 37.51 -34.16 33.46
N GLY B 89 38.43 -34.44 34.39
CA GLY B 89 39.32 -33.42 34.92
C GLY B 89 40.17 -32.87 33.79
N LYS B 90 40.09 -31.57 33.59
CA LYS B 90 40.67 -30.94 32.40
C LYS B 90 42.19 -30.90 32.40
N LEU B 91 42.73 -30.06 31.52
CA LEU B 91 44.18 -29.87 31.33
C LEU B 91 44.91 -31.15 30.91
N ILE B 92 45.26 -32.00 31.87
CA ILE B 92 46.02 -33.22 31.54
C ILE B 92 45.44 -34.45 32.23
N CYS B 93 45.66 -35.62 31.62
CA CYS B 93 45.23 -36.89 32.19
C CYS B 93 45.93 -38.08 31.52
N CYS B 94 46.11 -39.17 32.25
CA CYS B 94 46.75 -40.36 31.70
C CYS B 94 45.73 -41.34 31.15
N THR B 95 46.19 -42.18 30.24
CA THR B 95 45.35 -43.21 29.65
C THR B 95 46.19 -44.45 29.43
N ASN B 96 45.53 -45.60 29.46
CA ASN B 96 46.23 -46.85 29.25
C ASN B 96 46.10 -47.31 27.79
N VAL B 97 46.57 -46.47 26.87
CA VAL B 97 46.59 -46.82 25.44
C VAL B 97 48.01 -46.72 24.87
N PRO B 98 48.53 -47.86 24.39
CA PRO B 98 49.88 -47.96 23.83
C PRO B 98 50.00 -47.21 22.51
N TRP B 99 51.07 -46.45 22.34
CA TRP B 99 51.28 -45.69 21.12
C TRP B 99 51.76 -46.59 19.98
N ASN B 100 50.93 -46.75 18.96
CA ASN B 100 51.28 -47.55 17.77
C ASN B 100 52.36 -46.87 16.95
N SER B 101 53.36 -47.63 16.51
CA SER B 101 54.52 -47.07 15.80
C SER B 101 54.15 -46.45 14.44
N SER B 102 53.04 -46.90 13.85
CA SER B 102 52.59 -46.40 12.55
C SER B 102 52.13 -44.94 12.62
N TRP B 103 51.87 -44.46 13.82
CA TRP B 103 51.42 -43.08 14.02
C TRP B 103 52.62 -42.14 14.12
N SER B 104 53.42 -42.09 13.05
CA SER B 104 54.63 -41.29 13.01
C SER B 104 55.55 -41.64 14.18
N ASN B 105 56.32 -42.71 14.01
CA ASN B 105 57.20 -43.20 15.06
C ASN B 105 58.34 -42.22 15.38
N ARG B 106 58.12 -41.38 16.38
CA ARG B 106 59.13 -40.44 16.83
C ARG B 106 59.59 -40.81 18.24
N ASN B 107 60.70 -40.23 18.68
CA ASN B 107 61.22 -40.51 20.02
C ASN B 107 60.71 -39.48 21.02
N LEU B 108 60.86 -39.78 22.31
CA LEU B 108 60.38 -38.91 23.38
C LEU B 108 61.03 -37.53 23.34
N SER B 109 62.34 -37.49 23.12
CA SER B 109 63.07 -36.23 23.11
C SER B 109 62.99 -35.54 21.75
N GLU B 110 62.47 -36.26 20.76
CA GLU B 110 62.36 -35.74 19.40
C GLU B 110 60.99 -35.09 19.19
N ILE B 111 60.13 -35.21 20.18
CA ILE B 111 58.79 -34.65 20.09
C ILE B 111 58.64 -33.38 20.92
N TRP B 112 58.95 -33.47 22.20
CA TRP B 112 58.73 -32.39 23.15
C TRP B 112 59.80 -31.32 23.10
N ASP B 113 60.88 -31.58 22.37
CA ASP B 113 61.99 -30.64 22.32
C ASP B 113 62.49 -30.38 20.89
N ASN B 114 61.64 -30.67 19.91
CA ASN B 114 62.01 -30.47 18.51
C ASN B 114 60.78 -30.38 17.61
N MET B 115 59.63 -30.02 18.18
CA MET B 115 58.40 -29.97 17.40
C MET B 115 57.31 -29.11 18.06
N THR B 116 56.57 -28.36 17.24
CA THR B 116 55.46 -27.54 17.74
C THR B 116 54.13 -28.29 17.63
N TRP B 117 53.13 -27.82 18.37
CA TRP B 117 51.82 -28.46 18.34
C TRP B 117 51.16 -28.34 16.99
N LEU B 118 51.37 -27.22 16.33
CA LEU B 118 50.84 -27.00 14.99
C LEU B 118 51.47 -27.99 14.02
N GLN B 119 52.78 -28.18 14.15
CA GLN B 119 53.50 -29.09 13.28
C GLN B 119 53.13 -30.54 13.62
N TRP B 120 52.83 -30.78 14.88
CA TRP B 120 52.51 -32.13 15.35
C TRP B 120 51.11 -32.57 14.91
N ASP B 121 50.12 -31.70 15.13
CA ASP B 121 48.74 -32.04 14.81
C ASP B 121 48.61 -32.31 13.31
N LYS B 122 49.51 -31.73 12.53
CA LYS B 122 49.50 -31.89 11.07
C LYS B 122 49.85 -33.31 10.65
N GLU B 123 50.69 -33.99 11.43
CA GLU B 123 51.09 -35.36 11.11
C GLU B 123 50.08 -36.38 11.64
N ILE B 124 49.60 -36.15 12.86
CA ILE B 124 48.71 -37.10 13.51
C ILE B 124 47.25 -36.85 13.10
N SER B 125 47.03 -35.85 12.26
CA SER B 125 45.68 -35.52 11.79
C SER B 125 45.01 -36.72 11.13
N ASN B 126 45.81 -37.55 10.47
CA ASN B 126 45.31 -38.72 9.78
C ASN B 126 44.79 -39.78 10.74
N TYR B 127 45.33 -39.81 11.94
CA TYR B 127 45.02 -40.88 12.89
C TYR B 127 44.21 -40.35 14.07
N THR B 128 43.87 -39.08 14.04
CA THR B 128 43.13 -38.47 15.15
C THR B 128 41.78 -39.16 15.37
N GLN B 129 41.01 -39.35 14.30
CA GLN B 129 39.68 -39.98 14.39
C GLN B 129 39.78 -41.42 14.90
N ILE B 130 40.90 -42.06 14.58
CA ILE B 130 41.12 -43.44 15.00
C ILE B 130 41.43 -43.52 16.50
N ILE B 131 42.35 -42.66 16.96
CA ILE B 131 42.76 -42.63 18.37
C ILE B 131 41.58 -42.32 19.26
N TYR B 132 40.75 -41.39 18.79
CA TYR B 132 39.57 -40.99 19.54
C TYR B 132 38.69 -42.20 19.86
N GLY B 133 38.52 -43.08 18.88
CA GLY B 133 37.72 -44.28 19.06
C GLY B 133 38.28 -45.25 20.08
N LEU B 134 39.60 -45.27 20.21
CA LEU B 134 40.27 -46.16 21.14
C LEU B 134 40.26 -45.65 22.57
N LEU B 135 40.03 -44.34 22.73
CA LEU B 135 40.03 -43.72 24.05
C LEU B 135 38.65 -43.79 24.67
N GLU B 136 37.65 -43.57 23.83
CA GLU B 136 36.28 -43.47 24.28
C GLU B 136 35.62 -44.83 24.45
N GLU B 137 35.96 -45.78 23.60
CA GLU B 137 35.32 -47.09 23.62
C GLU B 137 36.10 -48.11 24.44
N SER B 138 37.37 -48.29 24.09
CA SER B 138 38.17 -49.33 24.68
C SER B 138 38.45 -49.08 26.16
N GLN B 139 38.44 -47.81 26.57
CA GLN B 139 38.83 -47.46 27.93
C GLN B 139 37.65 -47.40 28.90
N ASN B 140 37.08 -46.21 29.08
CA ASN B 140 36.09 -45.98 30.13
C ASN B 140 34.83 -46.86 30.02
N GLN B 141 34.68 -47.57 28.91
CA GLN B 141 33.57 -48.53 28.77
C GLN B 141 33.98 -49.89 29.33
N GLN B 142 35.28 -50.17 29.32
CA GLN B 142 35.78 -51.43 29.84
C GLN B 142 36.42 -51.25 31.23
N GLU B 143 36.94 -50.04 31.47
CA GLU B 143 37.64 -49.74 32.71
C GLU B 143 36.70 -49.56 33.88
N LYS B 144 35.63 -48.79 33.68
CA LYS B 144 34.63 -48.60 34.72
C LYS B 144 33.75 -49.85 34.84
N ASN B 145 33.67 -50.63 33.77
CA ASN B 145 32.93 -51.90 33.79
C ASN B 145 33.63 -52.92 34.66
N GLU B 146 34.95 -52.75 34.80
CA GLU B 146 35.71 -53.52 35.77
C GLU B 146 35.10 -53.37 37.16
N GLN B 147 34.74 -52.14 37.51
CA GLN B 147 34.12 -51.83 38.80
C GLN B 147 32.70 -52.40 38.89
N ASP B 148 32.01 -52.51 37.76
CA ASP B 148 30.67 -53.10 37.70
C ASP B 148 30.67 -54.58 38.09
N LEU B 149 31.74 -55.28 37.72
CA LEU B 149 31.89 -56.69 38.07
C LEU B 149 32.30 -56.78 39.54
N LEU B 150 32.91 -55.71 40.03
CA LEU B 150 33.32 -55.61 41.44
C LEU B 150 32.16 -55.08 42.28
N ALA B 151 31.15 -54.54 41.61
CA ALA B 151 30.01 -53.94 42.29
C ALA B 151 28.87 -54.94 42.43
N LEU B 152 28.88 -55.97 41.59
CA LEU B 152 27.87 -57.02 41.65
C LEU B 152 28.29 -58.10 42.65
N THR C 1 8.98 57.88 -8.45
CA THR C 1 9.24 57.92 -7.02
C THR C 1 10.06 59.16 -6.66
N PHE C 2 9.89 59.64 -5.43
CA PHE C 2 10.55 60.87 -4.99
C PHE C 2 11.16 60.72 -3.61
N VAL C 3 12.31 61.35 -3.40
CA VAL C 3 12.98 61.32 -2.11
C VAL C 3 13.47 62.71 -1.70
N SER C 4 12.88 63.27 -0.64
CA SER C 4 13.25 64.59 -0.15
C SER C 4 14.13 64.53 1.10
N VAL C 5 15.34 65.09 1.03
CA VAL C 5 16.28 65.07 2.15
C VAL C 5 16.83 66.46 2.43
N ALA C 6 16.83 66.87 3.70
CA ALA C 6 17.38 68.15 4.09
C ALA C 6 18.86 68.20 3.73
N PRO C 7 19.34 69.38 3.31
CA PRO C 7 20.75 69.55 2.92
C PRO C 7 21.70 69.22 4.06
N GLY C 8 22.76 68.47 3.78
CA GLY C 8 23.74 68.10 4.77
C GLY C 8 23.47 66.77 5.46
N GLN C 9 22.27 66.22 5.24
CA GLN C 9 21.91 64.94 5.82
C GLN C 9 22.35 63.80 4.92
N THR C 10 21.64 62.68 5.00
CA THR C 10 22.01 61.49 4.23
C THR C 10 20.84 61.04 3.36
N ALA C 11 21.12 60.82 2.08
CA ALA C 11 20.09 60.38 1.14
C ALA C 11 20.28 58.92 0.74
N ARG C 12 19.16 58.22 0.56
CA ARG C 12 19.19 56.81 0.17
C ARG C 12 18.24 56.54 -1.00
N ILE C 13 18.72 55.82 -2.01
CA ILE C 13 17.94 55.59 -3.22
C ILE C 13 17.77 54.10 -3.53
N THR C 14 16.52 53.69 -3.73
CA THR C 14 16.21 52.30 -4.05
C THR C 14 15.72 52.16 -5.48
N CYS C 15 16.28 51.19 -6.19
CA CYS C 15 15.91 50.94 -7.58
C CYS C 15 15.98 49.45 -7.93
N GLY C 16 15.09 49.01 -8.82
CA GLY C 16 15.11 47.64 -9.28
C GLY C 16 14.55 46.64 -8.27
N GLU C 17 14.46 45.38 -8.71
CA GLU C 17 13.91 44.31 -7.86
C GLU C 17 14.88 43.85 -6.77
N GLU C 18 14.45 42.85 -6.01
CA GLU C 18 15.27 42.28 -4.95
C GLU C 18 16.35 41.37 -5.53
N SER C 19 17.51 41.35 -4.88
CA SER C 19 18.63 40.54 -5.36
C SER C 19 18.30 39.06 -5.26
N LEU C 20 18.60 38.33 -6.34
CA LEU C 20 18.38 36.89 -6.35
C LEU C 20 19.74 36.18 -6.34
N GLY C 21 20.75 36.84 -6.87
CA GLY C 21 22.10 36.30 -6.86
C GLY C 21 23.14 37.39 -6.63
N SER C 22 24.40 37.08 -6.89
CA SER C 22 25.47 38.06 -6.77
C SER C 22 25.33 39.11 -7.86
N ARG C 23 25.26 40.36 -7.47
CA ARG C 23 24.98 41.44 -8.41
C ARG C 23 26.19 42.31 -8.72
N SER C 24 26.06 43.12 -9.77
CA SER C 24 27.04 44.14 -10.11
C SER C 24 26.31 45.39 -10.59
N VAL C 25 25.63 46.07 -9.66
CA VAL C 25 24.75 47.19 -9.98
C VAL C 25 25.51 48.42 -10.48
N ILE C 26 25.04 48.98 -11.59
CA ILE C 26 25.63 50.20 -12.16
C ILE C 26 24.69 51.39 -11.97
N TRP C 27 25.16 52.43 -11.28
CA TRP C 27 24.32 53.62 -11.04
C TRP C 27 24.62 54.75 -12.03
N TYR C 28 23.58 55.52 -12.37
CA TYR C 28 23.73 56.66 -13.27
C TYR C 28 22.92 57.86 -12.77
N GLN C 29 23.45 59.06 -13.01
CA GLN C 29 22.79 60.30 -12.62
C GLN C 29 22.41 61.12 -13.85
N GLN C 30 21.15 61.55 -13.90
CA GLN C 30 20.70 62.35 -15.02
C GLN C 30 20.20 63.72 -14.58
N ARG C 31 21.00 64.74 -14.85
CA ARG C 31 20.60 66.11 -14.62
C ARG C 31 19.54 66.48 -15.65
N PRO C 32 18.44 67.12 -15.21
CA PRO C 32 17.38 67.53 -16.12
C PRO C 32 17.89 68.37 -17.29
N GLY C 33 17.59 67.94 -18.51
CA GLY C 33 18.02 68.65 -19.70
C GLY C 33 19.41 68.28 -20.14
N GLN C 34 19.99 67.26 -19.52
CA GLN C 34 21.32 66.83 -19.89
C GLN C 34 21.37 65.33 -20.18
N ALA C 35 22.56 64.81 -20.40
CA ALA C 35 22.75 63.40 -20.67
C ALA C 35 23.17 62.69 -19.38
N PRO C 36 22.72 61.43 -19.22
CA PRO C 36 23.07 60.60 -18.06
C PRO C 36 24.58 60.44 -17.86
N SER C 37 25.02 60.55 -16.61
CA SER C 37 26.44 60.41 -16.28
C SER C 37 26.66 59.26 -15.30
N LEU C 38 27.81 58.58 -15.41
CA LEU C 38 28.13 57.46 -14.54
C LEU C 38 28.52 57.90 -13.13
N ILE C 39 27.97 57.24 -12.12
CA ILE C 39 28.27 57.57 -10.72
C ILE C 39 29.01 56.43 -10.01
N ILE C 40 28.41 55.24 -10.00
CA ILE C 40 29.04 54.10 -9.33
C ILE C 40 28.90 52.82 -10.15
N TYR C 41 30.04 52.25 -10.54
CA TYR C 41 30.02 50.95 -11.22
C TYR C 41 30.55 49.87 -10.27
N ASN C 42 30.16 48.63 -10.53
CA ASN C 42 30.54 47.49 -9.71
C ASN C 42 30.17 47.70 -8.23
N ASN C 43 28.87 47.78 -7.96
CA ASN C 43 28.32 47.90 -6.60
C ASN C 43 28.74 49.15 -5.83
N ASN C 44 30.05 49.32 -5.61
CA ASN C 44 30.53 50.46 -4.83
C ASN C 44 31.92 50.94 -5.25
N ASP C 45 32.20 50.91 -6.55
CA ASP C 45 33.47 51.40 -7.07
C ASP C 45 33.25 52.67 -7.87
N ARG C 46 33.78 53.78 -7.38
CA ARG C 46 33.60 55.07 -8.03
C ARG C 46 34.80 55.43 -8.90
N PRO C 47 34.54 55.84 -10.15
CA PRO C 47 35.61 56.27 -11.07
C PRO C 47 36.13 57.68 -10.75
N SER C 48 37.02 58.20 -11.59
CA SER C 48 37.69 59.48 -11.32
C SER C 48 36.77 60.69 -11.42
N GLY C 49 36.83 61.54 -10.40
CA GLY C 49 36.08 62.78 -10.39
C GLY C 49 34.88 62.76 -9.46
N ILE C 50 34.51 61.57 -9.00
CA ILE C 50 33.32 61.43 -8.19
C ILE C 50 33.65 61.33 -6.70
N PRO C 51 33.06 62.21 -5.89
CA PRO C 51 33.36 62.22 -4.47
C PRO C 51 32.97 60.91 -3.80
N ASP C 52 33.55 60.68 -2.62
CA ASP C 52 33.29 59.48 -1.86
C ASP C 52 31.98 59.58 -1.09
N ARG C 53 31.29 60.69 -1.28
CA ARG C 53 29.99 60.91 -0.66
C ARG C 53 28.97 59.93 -1.24
N PHE C 54 29.25 59.45 -2.46
CA PHE C 54 28.39 58.50 -3.13
C PHE C 54 28.88 57.06 -2.88
N SER C 55 28.06 56.28 -2.20
CA SER C 55 28.38 54.88 -1.91
C SER C 55 27.21 53.97 -2.29
N GLY C 56 27.52 52.75 -2.68
CA GLY C 56 26.51 51.80 -3.07
C GLY C 56 26.58 50.53 -2.24
N SER C 57 25.43 49.89 -2.06
CA SER C 57 25.36 48.63 -1.33
C SER C 57 26.06 47.51 -2.09
N PRO C 58 26.80 46.65 -1.35
CA PRO C 58 27.54 45.55 -1.98
C PRO C 58 26.62 44.54 -2.66
N GLY C 59 27.04 44.02 -3.81
CA GLY C 59 26.25 43.06 -4.57
C GLY C 59 26.51 41.62 -4.18
N SER C 60 26.69 41.40 -2.87
CA SER C 60 26.90 40.06 -2.34
C SER C 60 25.77 39.70 -1.40
N THR C 61 24.87 40.66 -1.16
CA THR C 61 23.72 40.44 -0.30
C THR C 61 22.55 39.88 -1.09
N PHE C 62 22.05 38.72 -0.67
CA PHE C 62 20.97 38.05 -1.38
C PHE C 62 19.63 38.25 -0.69
N GLY C 63 18.68 38.86 -1.40
CA GLY C 63 17.34 39.10 -0.89
C GLY C 63 17.12 40.55 -0.51
N THR C 64 18.01 41.42 -0.99
CA THR C 64 17.92 42.85 -0.69
C THR C 64 17.96 43.63 -1.99
N THR C 65 17.36 44.81 -1.99
CA THR C 65 17.37 45.67 -3.16
C THR C 65 18.61 46.55 -3.19
N ALA C 66 19.01 46.99 -4.39
CA ALA C 66 20.17 47.84 -4.55
C ALA C 66 19.95 49.21 -3.90
N THR C 67 20.90 49.65 -3.08
CA THR C 67 20.75 50.89 -2.32
C THR C 67 21.90 51.87 -2.59
N LEU C 68 21.55 53.11 -2.95
CA LEU C 68 22.55 54.15 -3.20
C LEU C 68 22.53 55.21 -2.09
N THR C 69 23.61 55.27 -1.32
CA THR C 69 23.72 56.19 -0.19
C THR C 69 24.47 57.47 -0.59
N ILE C 70 23.86 58.61 -0.32
CA ILE C 70 24.50 59.90 -0.64
C ILE C 70 24.65 60.73 0.62
N THR C 71 25.87 60.76 1.14
CA THR C 71 26.19 61.54 2.34
C THR C 71 26.46 63.00 1.95
N SER C 72 26.25 63.90 2.89
CA SER C 72 26.40 65.33 2.68
C SER C 72 25.57 65.81 1.49
N VAL C 73 24.24 65.74 1.64
CA VAL C 73 23.32 66.14 0.59
C VAL C 73 23.40 67.64 0.35
N GLU C 74 23.70 68.01 -0.89
CA GLU C 74 23.78 69.40 -1.30
C GLU C 74 22.77 69.67 -2.40
N ALA C 75 22.55 70.94 -2.74
CA ALA C 75 21.56 71.29 -3.75
C ALA C 75 21.92 70.76 -5.15
N GLY C 76 23.21 70.55 -5.39
CA GLY C 76 23.68 70.09 -6.69
C GLY C 76 23.37 68.63 -7.00
N ASP C 77 23.05 67.85 -5.96
CA ASP C 77 22.76 66.42 -6.13
C ASP C 77 21.31 66.17 -6.55
N GLU C 78 20.52 67.23 -6.63
CA GLU C 78 19.12 67.14 -7.01
C GLU C 78 18.93 66.75 -8.47
N ALA C 79 18.65 65.47 -8.72
CA ALA C 79 18.48 64.97 -10.08
C ALA C 79 17.75 63.62 -10.14
N ASP C 80 17.79 62.99 -11.32
CA ASP C 80 17.21 61.67 -11.52
C ASP C 80 18.28 60.59 -11.51
N TYR C 81 18.07 59.55 -10.72
CA TYR C 81 19.04 58.46 -10.63
C TYR C 81 18.46 57.12 -11.09
N TYR C 82 19.12 56.51 -12.07
CA TYR C 82 18.70 55.22 -12.60
C TYR C 82 19.74 54.15 -12.27
N CYS C 83 19.33 52.88 -12.30
CA CYS C 83 20.25 51.77 -11.99
C CYS C 83 20.17 50.67 -13.02
N HIS C 84 21.30 50.01 -13.26
CA HIS C 84 21.37 48.90 -14.20
C HIS C 84 21.72 47.60 -13.50
N ILE C 85 20.72 46.72 -13.33
CA ILE C 85 20.93 45.47 -12.60
C ILE C 85 21.61 44.38 -13.45
N TRP C 86 22.70 43.84 -12.92
CA TRP C 86 23.38 42.70 -13.53
C TRP C 86 23.42 41.51 -12.57
N ASP C 87 22.37 40.70 -12.57
CA ASP C 87 22.30 39.54 -11.68
C ASP C 87 22.74 38.29 -12.44
N SER C 88 23.37 37.36 -11.72
CA SER C 88 23.83 36.13 -12.32
C SER C 88 22.68 35.17 -12.54
N ARG C 89 21.53 35.50 -11.96
CA ARG C 89 20.37 34.63 -12.03
C ARG C 89 19.34 35.17 -13.02
N ARG C 90 19.49 36.45 -13.37
CA ARG C 90 18.58 37.11 -14.29
C ARG C 90 19.30 37.41 -15.59
N PRO C 91 18.56 37.39 -16.71
CA PRO C 91 19.08 37.76 -18.02
C PRO C 91 19.59 39.20 -18.08
N THR C 92 20.32 39.53 -19.13
CA THR C 92 20.85 40.88 -19.30
C THR C 92 19.72 41.89 -19.45
N ASN C 93 19.67 42.85 -18.53
CA ASN C 93 18.63 43.88 -18.57
C ASN C 93 18.94 44.97 -19.59
N TRP C 94 18.12 45.03 -20.65
CA TRP C 94 18.30 46.02 -21.69
C TRP C 94 17.49 47.29 -21.41
N VAL C 95 16.91 47.36 -20.22
CA VAL C 95 16.16 48.54 -19.81
C VAL C 95 16.52 48.93 -18.38
N PHE C 96 16.96 50.17 -18.19
CA PHE C 96 17.29 50.65 -16.85
C PHE C 96 16.07 50.61 -15.95
N GLY C 97 16.32 50.43 -14.66
CA GLY C 97 15.26 50.41 -13.67
C GLY C 97 14.61 51.77 -13.55
N GLU C 98 13.43 51.80 -12.93
CA GLU C 98 12.70 53.03 -12.73
C GLU C 98 13.49 54.00 -11.85
N GLY C 99 13.79 55.17 -12.39
CA GLY C 99 14.61 56.16 -11.73
C GLY C 99 13.99 56.77 -10.49
N THR C 100 14.81 57.45 -9.70
CA THR C 100 14.32 58.10 -8.48
C THR C 100 14.80 59.54 -8.40
N THR C 101 13.86 60.45 -8.16
CA THR C 101 14.18 61.87 -8.10
C THR C 101 14.58 62.31 -6.69
N LEU C 102 15.73 62.98 -6.60
CA LEU C 102 16.22 63.50 -5.33
C LEU C 102 15.82 64.96 -5.12
N ILE C 103 15.14 65.23 -4.00
CA ILE C 103 14.67 66.57 -3.66
C ILE C 103 15.44 67.19 -2.49
N VAL C 104 16.09 68.33 -2.72
CA VAL C 104 16.80 69.06 -1.68
C VAL C 104 15.83 70.03 -1.00
N LEU C 105 15.63 69.85 0.30
CA LEU C 105 14.49 70.44 1.02
C LEU C 105 14.52 71.97 1.17
N SER C 106 15.63 72.61 0.83
CA SER C 106 15.75 74.06 1.06
C SER C 106 14.82 74.85 0.12
N GLN C 107 14.61 76.14 0.41
CA GLN C 107 13.64 77.00 -0.30
C GLN C 107 12.18 76.50 -0.26
N PRO C 108 11.76 75.95 0.89
CA PRO C 108 10.64 74.99 0.93
C PRO C 108 9.30 75.49 0.38
N LYS C 109 8.87 76.68 0.79
CA LYS C 109 7.49 77.09 0.57
C LYS C 109 7.30 78.08 -0.58
N ALA C 110 6.38 77.73 -1.48
CA ALA C 110 5.85 78.67 -2.47
C ALA C 110 4.40 78.32 -2.81
N ALA C 111 3.48 79.23 -2.49
CA ALA C 111 2.06 78.98 -2.73
C ALA C 111 1.70 79.02 -4.21
N PRO C 112 1.06 77.96 -4.70
CA PRO C 112 0.73 77.85 -6.12
C PRO C 112 -0.30 78.87 -6.58
N SER C 113 0.01 79.60 -7.65
CA SER C 113 -0.92 80.57 -8.21
C SER C 113 -1.69 79.94 -9.36
N VAL C 114 -2.93 79.55 -9.08
CA VAL C 114 -3.76 78.91 -10.08
C VAL C 114 -4.73 79.90 -10.72
N THR C 115 -5.09 79.63 -11.97
CA THR C 115 -6.01 80.48 -12.72
C THR C 115 -6.81 79.64 -13.72
N LEU C 116 -8.13 79.74 -13.65
CA LEU C 116 -9.00 78.92 -14.50
C LEU C 116 -9.70 79.75 -15.57
N PHE C 117 -9.41 79.46 -16.84
CA PHE C 117 -10.06 80.16 -17.95
C PHE C 117 -11.08 79.24 -18.64
N PRO C 118 -12.29 79.76 -18.85
CA PRO C 118 -13.35 79.04 -19.56
C PRO C 118 -13.06 78.98 -21.07
N PRO C 119 -13.75 78.10 -21.80
CA PRO C 119 -13.50 78.02 -23.24
C PRO C 119 -13.90 79.33 -23.93
N SER C 120 -13.10 79.77 -24.90
CA SER C 120 -13.37 81.03 -25.61
C SER C 120 -14.60 80.89 -26.51
N SER C 121 -15.23 82.02 -26.83
CA SER C 121 -16.44 82.02 -27.64
C SER C 121 -16.15 81.64 -29.08
N GLU C 122 -14.95 81.93 -29.55
CA GLU C 122 -14.58 81.64 -30.93
C GLU C 122 -14.34 80.13 -31.11
N GLU C 123 -13.90 79.47 -30.03
CA GLU C 123 -13.65 78.04 -30.06
C GLU C 123 -14.96 77.25 -30.07
N LEU C 124 -15.96 77.77 -29.36
CA LEU C 124 -17.25 77.12 -29.28
C LEU C 124 -17.96 77.10 -30.63
N GLN C 125 -17.66 78.10 -31.47
CA GLN C 125 -18.22 78.17 -32.82
C GLN C 125 -17.56 77.14 -33.75
N ALA C 126 -16.42 76.60 -33.33
CA ALA C 126 -15.74 75.56 -34.10
C ALA C 126 -16.06 74.17 -33.54
N ASN C 127 -17.15 74.09 -32.79
CA ASN C 127 -17.62 72.84 -32.17
C ASN C 127 -16.58 72.21 -31.25
N LYS C 128 -15.86 73.05 -30.52
CA LYS C 128 -14.83 72.58 -29.60
C LYS C 128 -14.88 73.40 -28.30
N ALA C 129 -14.46 72.78 -27.21
CA ALA C 129 -14.37 73.48 -25.93
C ALA C 129 -13.13 73.00 -25.18
N THR C 130 -12.51 73.89 -24.42
CA THR C 130 -11.32 73.55 -23.67
C THR C 130 -11.14 74.42 -22.43
N LEU C 131 -11.12 73.79 -21.27
CA LEU C 131 -10.87 74.48 -20.01
C LEU C 131 -9.37 74.54 -19.76
N VAL C 132 -8.88 75.71 -19.38
CA VAL C 132 -7.44 75.91 -19.20
C VAL C 132 -7.13 76.23 -17.74
N CYS C 133 -6.16 75.51 -17.17
CA CYS C 133 -5.78 75.71 -15.77
C CYS C 133 -4.28 75.99 -15.64
N LEU C 134 -3.91 77.26 -15.49
CA LEU C 134 -2.52 77.66 -15.39
C LEU C 134 -2.04 77.69 -13.94
N ILE C 135 -0.90 77.03 -13.68
CA ILE C 135 -0.35 76.96 -12.33
C ILE C 135 1.10 77.45 -12.31
N SER C 136 1.38 78.48 -11.53
CA SER C 136 2.73 79.03 -11.44
C SER C 136 3.09 79.44 -10.02
N ASP C 137 4.33 79.90 -9.84
CA ASP C 137 4.83 80.39 -8.56
C ASP C 137 4.72 79.37 -7.43
N PHE C 138 5.08 78.13 -7.72
CA PHE C 138 5.04 77.08 -6.71
C PHE C 138 6.34 76.29 -6.63
N TYR C 139 6.71 75.93 -5.41
CA TYR C 139 7.91 75.15 -5.15
C TYR C 139 7.64 74.16 -4.00
N PRO C 140 8.11 72.91 -4.14
CA PRO C 140 8.87 72.37 -5.28
C PRO C 140 7.97 71.96 -6.44
N GLY C 141 8.58 71.56 -7.56
CA GLY C 141 7.83 71.17 -8.73
C GLY C 141 7.22 69.79 -8.57
N ALA C 142 6.08 69.72 -7.89
CA ALA C 142 5.36 68.45 -7.70
C ALA C 142 3.90 68.68 -7.36
N VAL C 143 3.06 68.81 -8.39
CA VAL C 143 1.63 69.02 -8.20
C VAL C 143 0.79 67.99 -8.96
N THR C 144 -0.44 67.78 -8.50
CA THR C 144 -1.38 66.89 -9.19
C THR C 144 -2.74 67.57 -9.36
N VAL C 145 -3.26 67.58 -10.60
CA VAL C 145 -4.50 68.28 -10.90
C VAL C 145 -5.69 67.33 -11.05
N ALA C 146 -6.79 67.66 -10.38
CA ALA C 146 -8.01 66.88 -10.48
C ALA C 146 -9.19 67.78 -10.84
N TRP C 147 -9.84 67.49 -11.96
CA TRP C 147 -10.97 68.27 -12.43
C TRP C 147 -12.28 67.79 -11.81
N LYS C 148 -13.27 68.67 -11.77
CA LYS C 148 -14.56 68.33 -11.16
C LYS C 148 -15.74 68.83 -12.00
N ALA C 149 -16.65 67.93 -12.32
CA ALA C 149 -17.92 68.30 -12.92
C ALA C 149 -18.96 68.35 -11.81
N ASP C 150 -19.32 69.57 -11.39
CA ASP C 150 -20.14 69.81 -10.21
C ASP C 150 -19.46 69.23 -8.96
N SER C 151 -19.88 68.03 -8.56
CA SER C 151 -19.25 67.33 -7.45
C SER C 151 -18.66 66.00 -7.92
N SER C 152 -18.83 65.71 -9.20
CA SER C 152 -18.34 64.47 -9.80
C SER C 152 -17.01 64.70 -10.53
N PRO C 153 -16.03 63.83 -10.28
CA PRO C 153 -14.70 63.91 -10.89
C PRO C 153 -14.68 63.55 -12.38
N VAL C 154 -13.73 64.11 -13.11
CA VAL C 154 -13.59 63.85 -14.54
C VAL C 154 -12.47 62.83 -14.78
N LYS C 155 -12.80 61.76 -15.50
CA LYS C 155 -11.86 60.67 -15.71
C LYS C 155 -10.94 60.90 -16.90
N ALA C 156 -11.54 61.07 -18.08
CA ALA C 156 -10.76 61.20 -19.31
C ALA C 156 -10.83 62.62 -19.85
N GLY C 157 -9.95 62.93 -20.80
CA GLY C 157 -9.89 64.24 -21.41
C GLY C 157 -8.95 65.19 -20.70
N VAL C 158 -8.26 64.68 -19.69
CA VAL C 158 -7.33 65.49 -18.90
C VAL C 158 -5.92 65.41 -19.50
N GLU C 159 -5.35 66.58 -19.80
CA GLU C 159 -4.02 66.66 -20.38
C GLU C 159 -3.16 67.64 -19.59
N THR C 160 -2.19 67.10 -18.86
CA THR C 160 -1.39 67.91 -17.94
C THR C 160 0.11 67.86 -18.29
N THR C 161 0.75 69.02 -18.24
CA THR C 161 2.18 69.13 -18.52
C THR C 161 3.04 68.81 -17.30
N THR C 162 4.34 68.61 -17.53
CA THR C 162 5.29 68.35 -16.46
C THR C 162 5.92 69.66 -15.99
N PRO C 163 6.03 69.86 -14.66
CA PRO C 163 6.62 71.07 -14.06
C PRO C 163 7.97 71.45 -14.65
N SER C 164 8.22 72.76 -14.72
CA SER C 164 9.46 73.28 -15.29
C SER C 164 9.75 74.68 -14.78
N LYS C 165 10.78 74.82 -13.95
CA LYS C 165 11.12 76.09 -13.34
C LYS C 165 11.75 77.05 -14.34
N GLN C 166 11.56 78.34 -14.12
CA GLN C 166 12.19 79.37 -14.93
C GLN C 166 13.32 80.02 -14.14
N SER C 167 13.53 81.31 -14.38
CA SER C 167 14.59 82.05 -13.69
C SER C 167 14.31 82.07 -12.20
N ASN C 168 13.05 82.31 -11.84
CA ASN C 168 12.64 82.27 -10.44
C ASN C 168 12.51 80.83 -9.96
N ASN C 169 12.35 80.67 -8.64
CA ASN C 169 12.09 79.36 -8.06
C ASN C 169 10.77 78.79 -8.56
N LYS C 170 9.94 79.68 -9.09
CA LYS C 170 8.61 79.33 -9.56
C LYS C 170 8.66 78.24 -10.62
N TYR C 171 7.69 77.33 -10.57
CA TYR C 171 7.62 76.26 -11.54
C TYR C 171 6.42 76.48 -12.45
N ALA C 172 6.40 75.79 -13.59
CA ALA C 172 5.34 75.95 -14.58
C ALA C 172 4.55 74.66 -14.81
N ALA C 173 3.23 74.78 -14.85
CA ALA C 173 2.35 73.62 -15.08
C ALA C 173 1.00 74.06 -15.61
N SER C 174 0.58 73.48 -16.73
CA SER C 174 -0.72 73.80 -17.31
C SER C 174 -1.59 72.55 -17.46
N SER C 175 -2.86 72.68 -17.09
CA SER C 175 -3.80 71.56 -17.17
C SER C 175 -4.96 71.89 -18.12
N TYR C 176 -5.17 71.03 -19.11
CA TYR C 176 -6.23 71.24 -20.10
C TYR C 176 -7.33 70.19 -19.99
N LEU C 177 -8.56 70.59 -20.30
CA LEU C 177 -9.71 69.69 -20.29
C LEU C 177 -10.54 69.85 -21.55
N SER C 178 -10.39 68.91 -22.50
CA SER C 178 -11.13 68.97 -23.76
C SER C 178 -12.56 68.49 -23.59
N LEU C 179 -13.51 69.39 -23.82
CA LEU C 179 -14.93 69.08 -23.73
C LEU C 179 -15.65 69.50 -25.01
N THR C 180 -16.92 69.13 -25.11
CA THR C 180 -17.75 69.53 -26.24
C THR C 180 -18.68 70.66 -25.81
N PRO C 181 -19.14 71.49 -26.76
CA PRO C 181 -20.06 72.58 -26.46
C PRO C 181 -21.32 72.14 -25.68
N GLU C 182 -21.70 70.87 -25.84
CA GLU C 182 -22.87 70.34 -25.13
C GLU C 182 -22.55 69.97 -23.67
N GLN C 183 -21.35 69.47 -23.44
CA GLN C 183 -20.90 69.09 -22.09
C GLN C 183 -20.70 70.31 -21.19
N TRP C 184 -20.27 71.42 -21.79
CA TRP C 184 -20.02 72.64 -21.05
C TRP C 184 -21.32 73.24 -20.52
N LYS C 185 -22.35 73.24 -21.36
CA LYS C 185 -23.66 73.78 -20.96
C LYS C 185 -24.47 72.77 -20.15
N SER C 186 -23.95 71.56 -20.03
CA SER C 186 -24.63 70.50 -19.30
C SER C 186 -24.57 70.75 -17.80
N HIS C 187 -23.39 70.51 -17.22
CA HIS C 187 -23.21 70.66 -15.78
C HIS C 187 -23.34 72.12 -15.38
N LYS C 188 -23.60 72.34 -14.08
CA LYS C 188 -23.79 73.68 -13.55
C LYS C 188 -22.47 74.44 -13.56
N SER C 189 -21.41 73.77 -13.08
CA SER C 189 -20.09 74.39 -13.01
C SER C 189 -18.98 73.34 -12.98
N TYR C 190 -17.80 73.75 -13.42
CA TYR C 190 -16.63 72.89 -13.39
C TYR C 190 -15.59 73.44 -12.42
N SER C 191 -14.81 72.56 -11.81
CA SER C 191 -13.83 72.97 -10.82
C SER C 191 -12.44 72.48 -11.16
N CYS C 192 -11.42 73.23 -10.73
CA CYS C 192 -10.03 72.87 -11.00
C CYS C 192 -9.26 72.74 -9.68
N GLN C 193 -9.26 71.54 -9.11
CA GLN C 193 -8.61 71.32 -7.82
C GLN C 193 -7.13 70.98 -7.98
N VAL C 194 -6.28 71.87 -7.50
CA VAL C 194 -4.84 71.69 -7.59
C VAL C 194 -4.24 71.36 -6.22
N THR C 195 -3.66 70.17 -6.12
CA THR C 195 -3.05 69.72 -4.88
C THR C 195 -1.54 69.89 -4.90
N HIS C 196 -1.04 70.76 -4.03
CA HIS C 196 0.40 71.02 -3.94
C HIS C 196 0.90 70.74 -2.53
N GLU C 197 1.91 69.88 -2.43
CA GLU C 197 2.51 69.48 -1.15
C GLU C 197 1.47 68.89 -0.19
N GLY C 198 0.86 69.75 0.62
CA GLY C 198 -0.13 69.31 1.60
C GLY C 198 -1.45 70.03 1.47
N SER C 199 -1.46 71.13 0.72
CA SER C 199 -2.66 71.94 0.54
C SER C 199 -3.31 71.68 -0.82
N THR C 200 -4.57 72.08 -0.96
CA THR C 200 -5.29 71.93 -2.22
C THR C 200 -6.12 73.18 -2.53
N VAL C 201 -5.78 73.83 -3.64
CA VAL C 201 -6.46 75.05 -4.07
C VAL C 201 -7.52 74.72 -5.13
N GLU C 202 -8.72 75.24 -4.94
CA GLU C 202 -9.83 74.96 -5.86
C GLU C 202 -10.45 76.22 -6.43
N LYS C 203 -10.47 76.32 -7.76
CA LYS C 203 -11.14 77.41 -8.46
C LYS C 203 -12.19 76.85 -9.41
N THR C 204 -13.35 77.51 -9.47
CA THR C 204 -14.46 77.03 -10.28
C THR C 204 -14.74 77.92 -11.48
N VAL C 205 -15.70 77.50 -12.31
CA VAL C 205 -16.09 78.26 -13.49
C VAL C 205 -17.52 77.89 -13.90
N ALA C 206 -18.34 78.90 -14.21
CA ALA C 206 -19.74 78.67 -14.56
C ALA C 206 -20.09 79.34 -15.89
N PRO C 207 -20.90 78.66 -16.72
CA PRO C 207 -21.34 79.19 -18.02
C PRO C 207 -22.21 80.43 -17.86
N THR C 208 -22.47 81.12 -18.97
CA THR C 208 -23.31 82.33 -18.94
C THR C 208 -24.55 82.15 -19.81
CA GLN D 1 39.84 65.05 -24.60
C GLN D 1 39.01 64.23 -25.58
N VAL D 2 37.85 63.77 -25.12
CA VAL D 2 36.94 62.98 -25.95
C VAL D 2 35.62 63.70 -26.18
N HIS D 3 35.36 64.06 -27.43
CA HIS D 3 34.11 64.73 -27.79
C HIS D 3 33.25 63.90 -28.75
N LEU D 4 31.99 63.73 -28.39
CA LEU D 4 31.07 62.99 -29.23
C LEU D 4 29.93 63.87 -29.71
N GLN D 5 29.62 63.77 -30.99
CA GLN D 5 28.54 64.54 -31.57
C GLN D 5 27.62 63.67 -32.41
N GLU D 6 26.36 63.64 -32.03
CA GLU D 6 25.37 62.84 -32.74
C GLU D 6 24.69 63.72 -33.79
N SER D 7 24.23 63.09 -34.86
CA SER D 7 23.54 63.81 -35.93
C SER D 7 22.54 62.91 -36.64
N GLY D 8 21.33 63.41 -36.84
CA GLY D 8 20.31 62.66 -37.53
C GLY D 8 19.31 63.55 -38.23
N PRO D 9 18.28 62.95 -38.84
CA PRO D 9 17.25 63.67 -39.60
C PRO D 9 16.32 64.50 -38.72
N GLY D 10 15.87 63.92 -37.61
CA GLY D 10 14.96 64.62 -36.71
C GLY D 10 13.50 64.27 -36.93
N LEU D 11 13.14 63.99 -38.19
CA LEU D 11 11.78 63.59 -38.51
C LEU D 11 11.74 62.40 -39.45
N VAL D 12 11.00 61.36 -39.06
CA VAL D 12 10.92 60.14 -39.87
C VAL D 12 9.48 59.68 -40.06
N LYS D 13 9.15 59.36 -41.31
CA LYS D 13 7.85 58.80 -41.68
C LYS D 13 7.75 57.37 -41.15
N PRO D 14 6.54 56.82 -41.02
CA PRO D 14 6.45 55.45 -40.49
C PRO D 14 6.88 54.40 -41.51
N SER D 15 7.18 53.20 -41.01
CA SER D 15 7.61 52.07 -41.83
C SER D 15 8.79 52.42 -42.73
N GLU D 16 9.65 53.30 -42.24
CA GLU D 16 10.80 53.76 -43.01
C GLU D 16 12.10 53.35 -42.31
N THR D 17 13.23 53.80 -42.85
CA THR D 17 14.51 53.42 -42.29
C THR D 17 15.20 54.61 -41.67
N LEU D 18 15.19 54.69 -40.34
CA LEU D 18 15.85 55.76 -39.62
C LEU D 18 17.36 55.55 -39.67
N SER D 19 18.09 56.60 -40.00
CA SER D 19 19.54 56.54 -40.08
C SER D 19 20.20 57.61 -39.23
N LEU D 20 21.07 57.19 -38.31
CA LEU D 20 21.78 58.11 -37.43
C LEU D 20 23.29 57.95 -37.54
N THR D 21 24.04 59.01 -37.24
CA THR D 21 25.49 58.98 -37.33
C THR D 21 26.14 59.62 -36.10
N CYS D 22 27.10 58.91 -35.50
CA CYS D 22 27.79 59.42 -34.32
C CYS D 22 29.23 59.78 -34.63
N GLN D 23 29.49 61.07 -34.80
CA GLN D 23 30.84 61.56 -35.06
C GLN D 23 31.73 61.51 -33.83
N VAL D 24 32.84 60.79 -33.94
CA VAL D 24 33.73 60.57 -32.81
C VAL D 24 34.98 61.44 -32.88
N SER D 25 35.29 62.11 -31.78
CA SER D 25 36.46 63.00 -31.70
C SER D 25 37.24 62.76 -30.41
N GLY D 26 38.55 62.59 -30.55
CA GLY D 26 39.46 62.39 -29.43
C GLY D 26 40.05 60.99 -29.34
N THR D 27 39.40 60.02 -30.00
CA THR D 27 39.82 58.62 -29.99
C THR D 27 39.46 57.92 -31.30
N LEU D 28 40.00 56.72 -31.47
CA LEU D 28 39.68 55.88 -32.62
C LEU D 28 38.47 55.01 -32.33
N VAL D 29 37.77 54.63 -33.38
CA VAL D 29 36.56 53.84 -33.26
C VAL D 29 36.89 52.35 -33.15
N ARG D 30 38.15 52.02 -33.43
CA ARG D 30 38.57 50.61 -33.47
C ARG D 30 39.00 50.10 -32.10
N ASP D 31 39.50 51.02 -31.27
CA ASP D 31 40.07 50.65 -29.98
C ASP D 31 39.09 50.76 -28.82
N ASN D 32 37.81 50.88 -29.15
CA ASN D 32 36.78 51.05 -28.10
C ASN D 32 35.46 50.37 -28.44
N TYR D 33 34.62 50.18 -27.42
CA TYR D 33 33.26 49.68 -27.62
C TYR D 33 32.27 50.84 -27.73
N TRP D 34 31.19 50.65 -28.48
CA TRP D 34 30.23 51.72 -28.73
C TRP D 34 28.78 51.26 -28.53
N SER D 35 28.02 52.02 -27.74
CA SER D 35 26.63 51.68 -27.47
C SER D 35 25.67 52.84 -27.80
N TRP D 36 24.44 52.48 -28.19
CA TRP D 36 23.40 53.47 -28.45
C TRP D 36 22.28 53.37 -27.42
N ILE D 37 21.89 54.50 -26.86
CA ILE D 37 20.83 54.51 -25.86
C ILE D 37 19.77 55.57 -26.19
N ARG D 38 18.52 55.12 -26.35
CA ARG D 38 17.43 56.04 -26.61
C ARG D 38 16.59 56.24 -25.35
N GLN D 39 15.91 57.38 -25.27
CA GLN D 39 15.10 57.70 -24.09
C GLN D 39 13.86 58.51 -24.48
N PRO D 40 12.67 57.91 -24.31
CA PRO D 40 11.40 58.62 -24.56
C PRO D 40 11.19 59.75 -23.57
N LEU D 41 10.27 60.65 -23.88
CA LEU D 41 9.97 61.77 -22.99
C LEU D 41 9.27 61.28 -21.73
N GLY D 42 9.95 61.37 -20.59
CA GLY D 42 9.37 61.01 -19.32
C GLY D 42 9.46 59.53 -19.04
N LYS D 43 10.40 58.87 -19.68
CA LYS D 43 10.59 57.43 -19.48
C LYS D 43 12.04 57.10 -19.15
N GLN D 44 12.28 55.87 -18.72
CA GLN D 44 13.64 55.44 -18.41
C GLN D 44 14.36 55.03 -19.68
N PRO D 45 15.67 55.35 -19.74
CA PRO D 45 16.51 55.04 -20.92
C PRO D 45 16.50 53.56 -21.27
N GLU D 46 16.38 53.27 -22.56
CA GLU D 46 16.38 51.89 -23.04
C GLU D 46 17.60 51.59 -23.90
N TRP D 47 18.35 50.57 -23.50
CA TRP D 47 19.55 50.16 -24.23
C TRP D 47 19.18 49.51 -25.56
N ILE D 48 19.77 50.03 -26.64
CA ILE D 48 19.50 49.55 -27.98
C ILE D 48 20.43 48.38 -28.37
N GLY D 49 21.71 48.54 -28.07
CA GLY D 49 22.69 47.52 -28.39
C GLY D 49 24.09 48.09 -28.43
N TYR D 50 25.09 47.21 -28.47
CA TYR D 50 26.48 47.64 -28.52
C TYR D 50 27.20 47.06 -29.73
N VAL D 51 28.15 47.82 -30.27
CA VAL D 51 28.90 47.36 -31.43
C VAL D 51 30.42 47.54 -31.25
N HIS D 52 31.18 46.57 -31.74
CA HIS D 52 32.64 46.63 -31.69
C HIS D 52 33.26 46.51 -33.09
N ASP D 53 34.46 47.05 -33.25
CA ASP D 53 35.11 47.15 -34.56
C ASP D 53 35.45 45.80 -35.18
N SER D 54 35.90 44.87 -34.36
CA SER D 54 36.33 43.56 -34.83
C SER D 54 35.20 42.82 -35.54
N GLY D 55 33.98 42.98 -35.04
CA GLY D 55 32.82 42.33 -35.62
C GLY D 55 31.89 41.82 -34.55
N ASP D 56 32.35 41.92 -33.30
CA ASP D 56 31.52 41.62 -32.15
C ASP D 56 30.40 42.66 -32.05
N THR D 57 29.16 42.21 -31.91
CA THR D 57 28.01 43.11 -31.95
C THR D 57 26.74 42.40 -31.49
N ASN D 58 26.05 42.99 -30.51
CA ASN D 58 24.81 42.44 -30.00
C ASN D 58 23.71 43.51 -29.90
N TYR D 59 22.47 43.09 -30.07
CA TYR D 59 21.34 44.02 -30.12
C TYR D 59 20.36 43.81 -28.97
N ASN D 60 19.37 44.70 -28.90
CA ASN D 60 18.28 44.56 -27.95
C ASN D 60 17.31 43.54 -28.50
N PRO D 61 17.11 42.42 -27.77
CA PRO D 61 16.20 41.34 -28.18
C PRO D 61 14.80 41.84 -28.53
N SER D 62 14.38 42.94 -27.91
CA SER D 62 13.08 43.52 -28.17
C SER D 62 13.08 44.25 -29.51
N LEU D 63 14.24 44.76 -29.89
CA LEU D 63 14.40 45.47 -31.15
C LEU D 63 15.40 44.75 -32.05
N LYS D 64 15.53 43.45 -31.82
CA LYS D 64 16.54 42.62 -32.48
C LYS D 64 16.41 42.60 -34.01
N SER D 65 15.19 42.33 -34.49
CA SER D 65 14.97 42.12 -35.91
C SER D 65 14.65 43.40 -36.65
N ARG D 66 15.00 44.55 -36.07
CA ARG D 66 14.72 45.83 -36.70
C ARG D 66 15.94 46.74 -36.69
N VAL D 67 16.88 46.46 -35.79
CA VAL D 67 18.04 47.34 -35.62
C VAL D 67 19.25 46.79 -36.38
N HIS D 68 20.11 47.70 -36.81
CA HIS D 68 21.36 47.35 -37.48
C HIS D 68 22.42 48.38 -37.13
N LEU D 69 23.56 47.91 -36.63
CA LEU D 69 24.65 48.81 -36.26
C LEU D 69 25.89 48.53 -37.10
N SER D 70 26.74 49.54 -37.25
CA SER D 70 27.98 49.39 -38.00
C SER D 70 28.97 50.47 -37.63
N LEU D 71 30.25 50.19 -37.87
CA LEU D 71 31.33 51.13 -37.56
C LEU D 71 32.18 51.44 -38.77
N ASP D 72 32.32 52.73 -39.07
CA ASP D 72 33.17 53.17 -40.17
C ASP D 72 34.57 53.51 -39.65
N LYS D 73 35.53 52.63 -39.91
CA LYS D 73 36.91 52.86 -39.45
C LYS D 73 37.64 53.85 -40.34
N SER D 74 37.14 54.03 -41.56
CA SER D 74 37.75 54.94 -42.51
C SER D 74 37.37 56.40 -42.22
N LYS D 75 36.14 56.63 -41.80
CA LYS D 75 35.64 57.97 -41.47
C LYS D 75 35.61 58.27 -39.97
N ASN D 76 35.92 57.26 -39.15
CA ASN D 76 35.93 57.37 -37.69
C ASN D 76 34.59 57.86 -37.11
N LEU D 77 33.54 57.06 -37.29
CA LEU D 77 32.22 57.38 -36.75
C LEU D 77 31.37 56.13 -36.56
N VAL D 78 30.24 56.30 -35.88
CA VAL D 78 29.31 55.21 -35.62
C VAL D 78 27.99 55.42 -36.37
N SER D 79 27.43 54.34 -36.92
CA SER D 79 26.23 54.44 -37.73
C SER D 79 25.14 53.49 -37.24
N LEU D 80 23.96 54.06 -37.00
CA LEU D 80 22.79 53.28 -36.57
C LEU D 80 21.73 53.20 -37.68
N ARG D 81 21.01 52.08 -37.73
CA ARG D 81 19.94 51.88 -38.71
C ARG D 81 18.72 51.24 -38.05
N LEU D 82 17.55 51.79 -38.30
CA LEU D 82 16.32 51.25 -37.74
C LEU D 82 15.22 51.16 -38.80
N THR D 83 14.96 49.93 -39.24
CA THR D 83 13.93 49.68 -40.24
C THR D 83 12.59 49.43 -39.58
N GLY D 84 11.52 49.87 -40.21
CA GLY D 84 10.18 49.70 -39.67
C GLY D 84 9.94 50.49 -38.40
N VAL D 85 10.04 51.82 -38.51
CA VAL D 85 9.88 52.70 -37.36
C VAL D 85 8.40 52.99 -37.08
N THR D 86 8.09 53.24 -35.81
CA THR D 86 6.73 53.62 -35.41
C THR D 86 6.77 54.82 -34.47
N ALA D 87 5.62 55.10 -33.85
CA ALA D 87 5.50 56.23 -32.94
C ALA D 87 6.19 55.94 -31.62
N ALA D 88 6.50 54.66 -31.37
CA ALA D 88 7.14 54.27 -30.13
C ALA D 88 8.63 54.57 -30.14
N ASP D 89 9.17 54.74 -31.35
CA ASP D 89 10.61 54.96 -31.50
C ASP D 89 10.96 56.44 -31.36
N SER D 90 9.94 57.29 -31.20
CA SER D 90 10.16 58.72 -31.01
C SER D 90 10.80 58.97 -29.66
N ALA D 91 12.09 59.26 -29.68
CA ALA D 91 12.86 59.46 -28.46
C ALA D 91 14.13 60.27 -28.73
N ILE D 92 14.99 60.35 -27.72
CA ILE D 92 16.27 61.01 -27.87
C ILE D 92 17.40 59.98 -27.88
N TYR D 93 18.09 59.88 -29.00
CA TYR D 93 19.13 58.87 -29.18
C TYR D 93 20.52 59.40 -28.82
N TYR D 94 21.20 58.71 -27.91
CA TYR D 94 22.54 59.08 -27.51
C TYR D 94 23.59 58.07 -27.99
N CYS D 95 24.77 58.56 -28.29
CA CYS D 95 25.92 57.72 -28.61
C CYS D 95 26.92 57.81 -27.45
N ALA D 96 27.53 56.68 -27.09
CA ALA D 96 28.38 56.66 -25.90
C ALA D 96 29.44 55.55 -25.94
N THR D 97 30.63 55.87 -25.46
CA THR D 97 31.71 54.91 -25.33
C THR D 97 31.32 53.84 -24.33
N THR D 98 31.91 52.66 -24.44
CA THR D 98 31.57 51.56 -23.54
C THR D 98 32.82 50.82 -23.03
N LYS D 99 32.93 50.72 -21.71
CA LYS D 99 34.00 49.95 -21.08
C LYS D 99 33.46 48.66 -20.47
N HIS D 100 34.18 47.57 -20.68
CA HIS D 100 33.77 46.26 -20.20
C HIS D 100 34.42 45.88 -18.87
N GLY D 101 33.74 45.02 -18.11
CA GLY D 101 34.23 44.52 -16.85
C GLY D 101 33.78 43.08 -16.65
N ARG D 102 34.47 42.36 -15.77
CA ARG D 102 34.15 40.95 -15.52
C ARG D 102 33.87 40.69 -14.04
N ARG D 103 32.64 40.31 -13.72
CA ARG D 103 32.25 40.00 -12.35
C ARG D 103 32.42 38.52 -12.06
N ILE D 104 33.34 38.20 -11.17
CA ILE D 104 33.58 36.82 -10.76
C ILE D 104 32.98 36.55 -9.39
N TYR D 105 32.13 35.54 -9.30
CA TYR D 105 31.51 35.22 -8.02
C TYR D 105 31.85 33.80 -7.57
N GLY D 106 32.00 32.89 -8.53
CA GLY D 106 32.31 31.51 -8.20
C GLY D 106 33.71 31.10 -8.58
N VAL D 107 33.80 29.96 -9.28
CA VAL D 107 35.09 29.47 -9.73
C VAL D 107 35.25 29.72 -11.20
N VAL D 108 36.20 30.59 -11.53
CA VAL D 108 36.36 31.10 -12.89
C VAL D 108 36.44 29.97 -13.95
N ALA D 109 37.02 28.83 -13.58
CA ALA D 109 37.14 27.69 -14.49
C ALA D 109 35.79 27.21 -15.01
N PHE D 110 34.77 27.23 -14.16
CA PHE D 110 33.43 26.73 -14.50
C PHE D 110 32.52 27.77 -15.17
N LYS D 111 33.11 28.80 -15.75
CA LYS D 111 32.39 30.02 -16.14
C LYS D 111 31.87 30.65 -14.85
N GLU D 112 30.57 30.85 -14.75
CA GLU D 112 29.98 31.51 -13.58
C GLU D 112 30.63 32.87 -13.33
N TRP D 113 30.96 33.56 -14.41
CA TRP D 113 31.42 34.94 -14.36
C TRP D 113 30.78 35.66 -15.53
N PHE D 114 30.12 36.78 -15.26
CA PHE D 114 29.39 37.46 -16.31
C PHE D 114 30.01 38.82 -16.55
N THR D 115 30.10 39.19 -17.83
CA THR D 115 30.71 40.45 -18.21
C THR D 115 29.67 41.57 -18.23
N TYR D 116 29.99 42.66 -17.54
CA TYR D 116 29.09 43.80 -17.47
C TYR D 116 29.67 45.00 -18.22
N PHE D 117 28.80 45.74 -18.89
CA PHE D 117 29.21 46.93 -19.63
C PHE D 117 28.70 48.19 -18.95
N TYR D 118 29.44 49.29 -19.12
CA TYR D 118 29.03 50.57 -18.57
C TYR D 118 29.54 51.74 -19.41
N MET D 119 28.67 52.71 -19.66
CA MET D 119 29.04 53.89 -20.44
C MET D 119 29.58 54.99 -19.51
N ASP D 120 30.71 55.56 -19.89
CA ASP D 120 31.35 56.61 -19.10
C ASP D 120 31.30 57.96 -19.80
N VAL D 121 31.53 57.96 -21.12
CA VAL D 121 31.54 59.19 -21.89
C VAL D 121 30.35 59.27 -22.84
N TRP D 122 29.42 60.17 -22.53
CA TRP D 122 28.22 60.34 -23.34
C TRP D 122 28.41 61.49 -24.33
N GLY D 123 27.47 61.61 -25.25
CA GLY D 123 27.47 62.70 -26.21
C GLY D 123 26.33 63.64 -25.92
N LYS D 124 26.22 64.68 -26.72
CA LYS D 124 25.14 65.64 -26.56
C LYS D 124 23.78 64.99 -26.86
N GLY D 125 23.76 64.15 -27.89
CA GLY D 125 22.55 63.44 -28.28
C GLY D 125 21.77 64.12 -29.39
N THR D 126 20.99 63.34 -30.14
CA THR D 126 20.11 63.88 -31.19
C THR D 126 18.65 63.55 -30.88
N SER D 127 17.75 64.48 -31.18
CA SER D 127 16.33 64.24 -30.96
C SER D 127 15.71 63.74 -32.26
N VAL D 128 14.99 62.63 -32.17
CA VAL D 128 14.34 62.04 -33.34
C VAL D 128 12.84 61.90 -33.11
N THR D 129 12.06 62.60 -33.91
CA THR D 129 10.60 62.50 -33.85
C THR D 129 10.06 61.65 -35.00
N VAL D 130 9.46 60.52 -34.65
CA VAL D 130 8.94 59.60 -35.65
C VAL D 130 7.44 59.69 -35.65
N SER D 131 6.93 60.83 -36.09
CA SER D 131 5.50 61.03 -36.14
C SER D 131 5.00 61.14 -37.59
N SER D 132 3.99 60.35 -37.89
CA SER D 132 3.45 60.28 -39.25
C SER D 132 2.76 61.55 -39.69
N ALA D 133 2.17 62.26 -38.74
CA ALA D 133 1.15 63.26 -39.04
C ALA D 133 1.70 64.43 -39.86
N SER D 134 0.94 64.80 -40.89
CA SER D 134 1.24 66.00 -41.67
C SER D 134 1.21 67.25 -40.81
N THR D 135 1.78 68.33 -41.32
CA THR D 135 1.85 69.57 -40.55
C THR D 135 0.48 70.24 -40.46
N LYS D 136 0.06 70.55 -39.24
CA LYS D 136 -1.23 71.19 -39.02
C LYS D 136 -1.07 72.58 -38.43
N GLY D 137 -1.78 73.55 -39.00
CA GLY D 137 -1.74 74.93 -38.54
C GLY D 137 -2.45 75.10 -37.20
N PRO D 138 -1.86 75.93 -36.32
CA PRO D 138 -2.42 76.18 -34.99
C PRO D 138 -3.68 77.02 -35.04
N SER D 139 -4.52 76.88 -34.01
CA SER D 139 -5.73 77.68 -33.89
C SER D 139 -5.63 78.58 -32.67
N VAL D 140 -5.55 79.89 -32.89
CA VAL D 140 -5.33 80.83 -31.79
C VAL D 140 -6.63 81.39 -31.22
N PHE D 141 -6.80 81.27 -29.90
CA PHE D 141 -7.97 81.79 -29.21
C PHE D 141 -7.58 82.66 -28.01
N PRO D 142 -8.23 83.83 -27.85
CA PRO D 142 -7.91 84.78 -26.80
C PRO D 142 -8.45 84.39 -25.43
N LEU D 143 -7.66 84.61 -24.38
CA LEU D 143 -8.14 84.40 -23.02
C LEU D 143 -8.45 85.75 -22.38
N ALA D 144 -9.74 86.07 -22.32
CA ALA D 144 -10.18 87.33 -21.74
C ALA D 144 -10.16 87.22 -20.23
N PRO D 145 -9.86 88.34 -19.54
CA PRO D 145 -9.82 88.36 -18.08
C PRO D 145 -11.16 88.02 -17.45
N SER D 146 -11.14 87.17 -16.43
CA SER D 146 -12.36 86.74 -15.76
C SER D 146 -12.36 87.19 -14.30
N SER D 147 -13.45 87.83 -13.89
CA SER D 147 -13.62 88.29 -12.51
C SER D 147 -13.37 87.19 -11.48
N GLY D 153 -6.04 95.02 -8.41
CA GLY D 153 -5.25 96.00 -9.14
C GLY D 153 -4.28 95.30 -10.04
N THR D 154 -4.30 93.98 -9.97
CA THR D 154 -3.50 93.16 -10.84
C THR D 154 -4.49 92.32 -11.66
N ALA D 155 -4.03 91.82 -12.80
CA ALA D 155 -4.90 91.04 -13.67
C ALA D 155 -4.11 90.08 -14.55
N ALA D 156 -4.74 88.98 -14.92
CA ALA D 156 -4.12 88.01 -15.82
C ALA D 156 -4.72 88.12 -17.22
N LEU D 157 -3.87 88.04 -18.24
CA LEU D 157 -4.29 88.17 -19.63
C LEU D 157 -3.37 87.31 -20.48
N GLY D 158 -3.95 86.51 -21.36
CA GLY D 158 -3.16 85.59 -22.15
C GLY D 158 -3.85 85.09 -23.40
N CYS D 159 -3.18 84.17 -24.08
CA CYS D 159 -3.68 83.59 -25.32
C CYS D 159 -3.76 82.08 -25.21
N LEU D 160 -4.17 81.42 -26.29
CA LEU D 160 -4.24 79.96 -26.31
C LEU D 160 -3.93 79.42 -27.71
N VAL D 161 -2.91 78.56 -27.81
CA VAL D 161 -2.59 77.92 -29.08
C VAL D 161 -3.00 76.45 -29.05
N LYS D 162 -4.09 76.13 -29.74
CA LYS D 162 -4.67 74.79 -29.68
C LYS D 162 -4.49 74.02 -30.99
N ASP D 163 -4.21 72.72 -30.87
CA ASP D 163 -4.14 71.79 -31.99
C ASP D 163 -3.18 72.23 -33.09
N TYR D 164 -1.89 71.90 -32.92
CA TYR D 164 -0.88 72.17 -33.93
C TYR D 164 0.16 71.06 -33.94
N PHE D 165 0.96 71.02 -35.00
CA PHE D 165 2.02 70.02 -35.12
C PHE D 165 3.01 70.41 -36.22
N PRO D 166 4.32 70.25 -35.95
CA PRO D 166 4.89 69.84 -34.67
C PRO D 166 5.44 71.00 -33.85
N GLU D 167 6.21 70.65 -32.83
CA GLU D 167 6.91 71.62 -32.00
C GLU D 167 7.96 72.34 -32.85
N PRO D 168 8.31 73.59 -32.48
CA PRO D 168 7.72 74.38 -31.39
C PRO D 168 6.84 75.51 -31.90
N VAL D 169 6.48 76.42 -31.01
CA VAL D 169 5.73 77.63 -31.38
C VAL D 169 6.27 78.84 -30.62
N THR D 170 6.76 79.84 -31.36
CA THR D 170 7.32 81.04 -30.75
C THR D 170 6.25 82.10 -30.53
N VAL D 171 6.03 82.47 -29.27
CA VAL D 171 4.97 83.42 -28.91
C VAL D 171 5.52 84.69 -28.27
N SER D 172 5.23 85.83 -28.89
CA SER D 172 5.66 87.12 -28.36
C SER D 172 4.46 88.03 -28.08
N TRP D 173 4.71 89.16 -27.43
CA TRP D 173 3.66 90.12 -27.12
C TRP D 173 3.99 91.52 -27.61
N ASN D 174 3.06 92.10 -28.38
CA ASN D 174 3.23 93.43 -28.97
C ASN D 174 4.53 93.53 -29.77
N SER D 175 4.85 92.47 -30.50
CA SER D 175 6.09 92.37 -31.29
C SER D 175 7.34 92.56 -30.43
N GLY D 176 7.26 92.16 -29.17
CA GLY D 176 8.37 92.29 -28.24
C GLY D 176 8.45 93.60 -27.49
N ALA D 177 7.40 94.43 -27.59
CA ALA D 177 7.36 95.71 -26.91
C ALA D 177 7.30 95.54 -25.39
N LEU D 178 6.56 94.53 -24.95
CA LEU D 178 6.45 94.23 -23.53
C LEU D 178 7.10 92.88 -23.24
N THR D 179 8.11 92.89 -22.37
CA THR D 179 8.89 91.68 -22.07
C THR D 179 8.85 91.31 -20.59
N SER D 180 7.98 91.95 -19.82
CA SER D 180 7.93 91.73 -18.38
C SER D 180 6.61 91.10 -17.94
N GLY D 181 6.70 90.10 -17.05
CA GLY D 181 5.53 89.41 -16.54
C GLY D 181 5.03 88.35 -17.49
N VAL D 182 5.85 88.03 -18.50
CA VAL D 182 5.46 87.05 -19.50
C VAL D 182 5.87 85.64 -19.11
N HIS D 183 4.91 84.72 -19.13
CA HIS D 183 5.15 83.35 -18.74
C HIS D 183 4.54 82.37 -19.73
N THR D 184 5.37 81.73 -20.54
CA THR D 184 4.90 80.74 -21.50
C THR D 184 5.07 79.31 -20.97
N PHE D 185 3.97 78.56 -20.94
CA PHE D 185 3.96 77.21 -20.44
C PHE D 185 4.35 76.22 -21.54
N PRO D 186 4.99 75.11 -21.16
CA PRO D 186 5.35 74.05 -22.11
C PRO D 186 4.11 73.36 -22.69
N ALA D 187 4.17 72.96 -23.96
CA ALA D 187 3.03 72.34 -24.61
C ALA D 187 2.74 70.94 -24.10
N VAL D 188 1.55 70.43 -24.40
CA VAL D 188 1.15 69.08 -24.01
C VAL D 188 0.62 68.31 -25.22
N LEU D 189 1.08 67.08 -25.39
CA LEU D 189 0.66 66.26 -26.51
C LEU D 189 -0.67 65.57 -26.19
N GLN D 190 -1.71 65.93 -26.92
CA GLN D 190 -3.02 65.32 -26.74
C GLN D 190 -3.03 63.91 -27.31
N SER D 191 -4.13 63.20 -27.10
CA SER D 191 -4.27 61.84 -27.61
C SER D 191 -4.42 61.87 -29.13
N SER D 192 -4.80 63.03 -29.65
CA SER D 192 -4.99 63.21 -31.09
C SER D 192 -3.66 63.28 -31.84
N GLY D 193 -2.58 63.52 -31.09
CA GLY D 193 -1.25 63.64 -31.69
C GLY D 193 -0.94 65.08 -32.00
N LEU D 194 -1.66 65.98 -31.34
CA LEU D 194 -1.50 67.41 -31.54
C LEU D 194 -1.17 68.09 -30.21
N TYR D 195 -0.26 69.05 -30.26
CA TYR D 195 0.16 69.80 -29.08
C TYR D 195 -0.72 71.02 -28.82
N SER D 196 -0.67 71.55 -27.60
CA SER D 196 -1.44 72.73 -27.22
C SER D 196 -0.81 73.46 -26.04
N LEU D 197 -0.42 74.72 -26.26
CA LEU D 197 0.25 75.49 -25.22
C LEU D 197 -0.52 76.75 -24.84
N SER D 198 0.00 77.48 -23.86
CA SER D 198 -0.62 78.72 -23.40
C SER D 198 0.44 79.73 -22.92
N SER D 199 0.12 81.01 -23.00
CA SER D 199 1.01 82.05 -22.52
C SER D 199 0.22 83.16 -21.83
N VAL D 200 0.53 83.41 -20.55
CA VAL D 200 -0.20 84.41 -19.77
C VAL D 200 0.75 85.53 -19.32
N VAL D 201 0.23 86.75 -19.25
CA VAL D 201 1.03 87.90 -18.82
C VAL D 201 0.34 88.65 -17.69
N THR D 202 1.10 88.96 -16.63
CA THR D 202 0.57 89.74 -15.52
C THR D 202 0.53 91.21 -15.93
N VAL D 203 -0.67 91.73 -16.09
CA VAL D 203 -0.88 93.05 -16.66
C VAL D 203 -1.66 93.93 -15.66
N PRO D 204 -1.34 95.24 -15.62
CA PRO D 204 -2.10 96.15 -14.75
C PRO D 204 -3.61 96.14 -15.05
N SER D 205 -4.43 96.19 -13.99
CA SER D 205 -5.87 96.24 -14.15
C SER D 205 -6.24 97.55 -14.82
N SER D 206 -5.40 98.56 -14.58
CA SER D 206 -5.56 99.86 -15.22
C SER D 206 -5.09 99.83 -16.67
N SER D 207 -5.94 99.29 -17.54
CA SER D 207 -5.67 99.27 -18.97
C SER D 207 -6.93 99.70 -19.72
N LEU D 208 -7.62 100.70 -19.16
CA LEU D 208 -8.83 101.27 -19.75
C LEU D 208 -8.50 101.98 -21.06
N GLY D 209 -7.30 102.55 -21.12
CA GLY D 209 -6.82 103.22 -22.31
C GLY D 209 -6.79 102.25 -23.49
N THR D 210 -6.53 100.98 -23.17
CA THR D 210 -6.51 99.90 -24.14
C THR D 210 -5.50 100.14 -25.27
N GLN D 211 -4.30 100.57 -24.92
CA GLN D 211 -3.20 100.61 -25.88
C GLN D 211 -3.03 99.18 -26.39
N THR D 212 -2.84 99.04 -27.70
CA THR D 212 -3.07 97.78 -28.38
C THR D 212 -2.30 96.62 -27.75
N TYR D 213 -3.04 95.60 -27.35
CA TYR D 213 -2.46 94.38 -26.81
C TYR D 213 -2.68 93.23 -27.77
N ILE D 214 -1.58 92.67 -28.28
CA ILE D 214 -1.63 91.66 -29.32
C ILE D 214 -0.48 90.67 -29.18
N CYS D 215 -0.81 89.41 -28.95
CA CYS D 215 0.22 88.37 -28.89
C CYS D 215 0.52 87.85 -30.29
N ASN D 216 1.81 87.68 -30.58
CA ASN D 216 2.24 87.20 -31.88
C ASN D 216 2.64 85.72 -31.85
N VAL D 217 1.89 84.89 -32.55
CA VAL D 217 2.16 83.45 -32.60
C VAL D 217 2.81 83.06 -33.93
N ASN D 218 3.92 82.35 -33.86
CA ASN D 218 4.62 81.89 -35.05
C ASN D 218 4.86 80.39 -35.05
N HIS D 219 4.48 79.75 -36.15
CA HIS D 219 4.69 78.32 -36.31
C HIS D 219 5.37 78.10 -37.65
N LYS D 220 6.69 77.98 -37.60
CA LYS D 220 7.51 77.86 -38.80
C LYS D 220 7.21 76.61 -39.67
N PRO D 221 6.94 75.44 -39.04
CA PRO D 221 6.65 74.28 -39.90
C PRO D 221 5.45 74.42 -40.84
N SER D 222 4.54 75.36 -40.55
CA SER D 222 3.41 75.61 -41.44
C SER D 222 3.45 77.04 -41.98
N ASN D 223 4.54 77.76 -41.68
CA ASN D 223 4.71 79.16 -42.06
C ASN D 223 3.54 80.03 -41.61
N THR D 224 3.00 79.71 -40.44
CA THR D 224 1.81 80.38 -39.92
C THR D 224 2.17 81.40 -38.84
N LYS D 225 1.86 82.67 -39.10
CA LYS D 225 2.07 83.73 -38.11
C LYS D 225 0.75 84.43 -37.82
N VAL D 226 0.18 84.17 -36.65
CA VAL D 226 -1.12 84.72 -36.27
C VAL D 226 -1.03 85.73 -35.13
N ASP D 227 -1.49 86.96 -35.39
CA ASP D 227 -1.50 88.01 -34.36
C ASP D 227 -2.90 88.22 -33.80
N LYS D 228 -3.09 87.89 -32.53
CA LYS D 228 -4.41 88.00 -31.93
C LYS D 228 -4.50 89.12 -30.90
N ARG D 229 -5.58 89.88 -30.96
CA ARG D 229 -5.81 90.96 -30.02
C ARG D 229 -6.71 90.49 -28.89
N VAL D 230 -6.23 90.61 -27.65
CA VAL D 230 -7.01 90.16 -26.50
C VAL D 230 -7.78 91.29 -25.87
N GLU D 231 -9.10 91.14 -25.83
CA GLU D 231 -9.98 92.15 -25.28
C GLU D 231 -10.94 91.52 -24.27
N PRO D 232 -11.17 92.22 -23.15
CA PRO D 232 -12.06 91.78 -22.07
C PRO D 232 -13.49 91.51 -22.54
N VAL E 2 24.97 -23.52 -18.52
CA VAL E 2 25.47 -22.24 -19.02
C VAL E 2 25.42 -22.18 -20.54
N ARG E 3 24.70 -21.19 -21.07
CA ARG E 3 24.53 -21.04 -22.52
C ARG E 3 24.65 -19.59 -22.96
N LEU E 4 25.51 -19.34 -23.95
CA LEU E 4 25.66 -18.00 -24.51
C LEU E 4 25.01 -17.97 -25.89
N SER E 5 23.94 -17.19 -26.00
CA SER E 5 23.19 -17.10 -27.24
C SER E 5 23.54 -15.81 -27.98
N GLN E 6 24.21 -15.96 -29.12
CA GLN E 6 24.67 -14.82 -29.91
C GLN E 6 23.73 -14.52 -31.08
N SER E 7 23.73 -13.26 -31.51
CA SER E 7 23.02 -12.86 -32.73
C SER E 7 23.79 -13.29 -33.98
N GLY E 8 23.08 -13.45 -35.10
CA GLY E 8 23.68 -13.95 -36.34
C GLY E 8 24.76 -13.07 -36.96
N GLY E 9 25.40 -13.58 -38.00
CA GLY E 9 26.44 -12.83 -38.69
C GLY E 9 25.89 -11.83 -39.68
N GLN E 10 26.78 -11.00 -40.23
CA GLN E 10 26.35 -9.95 -41.16
C GLN E 10 27.48 -9.50 -42.08
N MET E 11 27.11 -8.88 -43.19
CA MET E 11 28.06 -8.32 -44.14
C MET E 11 28.01 -6.79 -44.11
N LYS E 12 29.14 -6.17 -43.80
CA LYS E 12 29.20 -4.72 -43.72
C LYS E 12 30.15 -4.15 -44.78
N LYS E 13 30.03 -2.84 -45.02
CA LYS E 13 30.91 -2.13 -45.92
C LYS E 13 31.96 -1.36 -45.12
N PRO E 14 33.12 -1.04 -45.75
CA PRO E 14 34.14 -0.25 -45.08
C PRO E 14 33.66 1.14 -44.65
N GLY E 15 33.98 1.54 -43.43
CA GLY E 15 33.57 2.83 -42.90
C GLY E 15 32.35 2.74 -41.99
N GLU E 16 31.56 1.69 -42.15
CA GLU E 16 30.34 1.52 -41.36
C GLU E 16 30.61 1.14 -39.91
N SER E 17 29.53 0.89 -39.17
CA SER E 17 29.63 0.41 -37.79
C SER E 17 28.81 -0.87 -37.64
N MET E 18 29.21 -1.72 -36.69
CA MET E 18 28.55 -2.99 -36.47
C MET E 18 28.16 -3.18 -35.01
N ARG E 19 27.12 -3.97 -34.76
CA ARG E 19 26.68 -4.24 -33.40
C ARG E 19 26.29 -5.71 -33.19
N LEU E 20 26.76 -6.27 -32.08
CA LEU E 20 26.43 -7.66 -31.73
C LEU E 20 25.88 -7.77 -30.31
N SER E 21 25.02 -8.76 -30.12
CA SER E 21 24.45 -9.02 -28.80
C SER E 21 24.74 -10.44 -28.36
N CYS E 22 24.67 -10.69 -27.06
CA CYS E 22 24.94 -12.01 -26.53
C CYS E 22 24.16 -12.23 -25.23
N ARG E 23 23.12 -13.05 -25.29
CA ARG E 23 22.28 -13.30 -24.14
C ARG E 23 22.77 -14.50 -23.33
N ALA E 24 23.15 -14.24 -22.09
CA ALA E 24 23.61 -15.29 -21.20
C ALA E 24 22.46 -15.89 -20.41
N SER E 25 22.54 -17.19 -20.15
CA SER E 25 21.52 -17.88 -19.37
C SER E 25 22.13 -19.07 -18.65
N GLY E 26 21.51 -19.48 -17.55
CA GLY E 26 22.01 -20.63 -16.81
C GLY E 26 22.91 -20.27 -15.65
N TYR E 27 23.03 -18.96 -15.36
CA TYR E 27 23.79 -18.52 -14.20
C TYR E 27 23.46 -17.08 -13.79
N GLU E 28 23.95 -16.67 -12.63
CA GLU E 28 23.79 -15.31 -12.15
C GLU E 28 24.67 -14.36 -12.93
N PHE E 29 24.04 -13.44 -13.66
CA PHE E 29 24.75 -12.55 -14.57
C PHE E 29 25.87 -11.75 -13.88
N LEU E 30 25.63 -11.28 -12.67
CA LEU E 30 26.52 -10.33 -12.00
C LEU E 30 27.82 -10.92 -11.45
N ASN E 31 27.95 -12.24 -11.52
CA ASN E 31 29.07 -12.93 -10.90
C ASN E 31 30.45 -12.74 -11.57
N CYS E 32 30.48 -12.77 -12.90
CA CYS E 32 31.75 -12.80 -13.63
C CYS E 32 31.70 -12.07 -14.96
N PRO E 33 32.85 -11.56 -15.42
CA PRO E 33 32.92 -10.75 -16.64
C PRO E 33 32.71 -11.55 -17.94
N ILE E 34 32.19 -10.87 -18.96
CA ILE E 34 32.04 -11.43 -20.30
C ILE E 34 33.12 -10.85 -21.21
N ASN E 35 33.71 -11.70 -22.05
CA ASN E 35 34.76 -11.26 -22.96
C ASN E 35 34.35 -11.31 -24.41
N TRP E 36 35.01 -10.52 -25.23
CA TRP E 36 34.78 -10.53 -26.66
C TRP E 36 36.10 -10.78 -27.41
N ILE E 37 36.15 -11.86 -28.18
CA ILE E 37 37.36 -12.24 -28.92
C ILE E 37 37.08 -12.52 -30.40
N ARG E 38 37.93 -12.01 -31.27
CA ARG E 38 37.79 -12.21 -32.71
C ARG E 38 38.74 -13.29 -33.22
N LEU E 39 38.24 -14.14 -34.11
CA LEU E 39 39.06 -15.17 -34.75
C LEU E 39 39.10 -14.99 -36.25
N ALA E 40 40.27 -14.63 -36.78
CA ALA E 40 40.48 -14.55 -38.21
C ALA E 40 41.24 -15.78 -38.71
N PRO E 41 40.83 -16.34 -39.85
CA PRO E 41 41.47 -17.54 -40.40
C PRO E 41 42.97 -17.38 -40.62
N GLY E 42 43.75 -18.31 -40.08
CA GLY E 42 45.20 -18.28 -40.20
C GLY E 42 45.86 -17.07 -39.56
N ARG E 43 45.31 -16.62 -38.44
CA ARG E 43 45.83 -15.46 -37.73
C ARG E 43 45.75 -15.67 -36.22
N ARG E 44 46.67 -15.07 -35.49
CA ARG E 44 46.65 -15.10 -34.04
C ARG E 44 45.36 -14.49 -33.49
N PRO E 45 44.63 -15.26 -32.65
CA PRO E 45 43.40 -14.80 -31.99
C PRO E 45 43.58 -13.50 -31.20
N GLU E 46 42.62 -12.59 -31.31
CA GLU E 46 42.72 -11.28 -30.66
C GLU E 46 41.64 -11.06 -29.61
N TRP E 47 42.06 -10.83 -28.37
CA TRP E 47 41.14 -10.43 -27.31
C TRP E 47 40.86 -8.93 -27.36
N MET E 48 39.58 -8.56 -27.49
CA MET E 48 39.21 -7.17 -27.65
C MET E 48 38.97 -6.45 -26.32
N GLY E 49 38.21 -7.08 -25.42
CA GLY E 49 37.94 -6.50 -24.12
C GLY E 49 36.97 -7.30 -23.27
N TRP E 50 36.83 -6.94 -22.00
CA TRP E 50 35.82 -7.57 -21.15
C TRP E 50 34.90 -6.56 -20.48
N LEU E 51 33.72 -7.03 -20.08
CA LEU E 51 32.73 -6.20 -19.43
C LEU E 51 32.20 -6.88 -18.18
N LYS E 52 32.27 -6.18 -17.05
CA LYS E 52 31.64 -6.69 -15.83
C LYS E 52 30.19 -6.26 -15.78
N PRO E 53 29.27 -7.24 -15.67
CA PRO E 53 27.83 -7.00 -15.52
C PRO E 53 27.52 -6.22 -14.26
N ARG E 54 28.43 -6.27 -13.28
CA ARG E 54 28.31 -5.50 -12.04
C ARG E 54 27.97 -4.03 -12.35
N GLY E 55 28.99 -3.18 -12.41
CA GLY E 55 28.79 -1.76 -12.59
C GLY E 55 28.97 -1.34 -14.03
N GLY E 56 28.89 -2.32 -14.93
CA GLY E 56 29.09 -2.07 -16.35
C GLY E 56 30.52 -1.72 -16.65
N ALA E 57 31.41 -2.09 -15.73
CA ALA E 57 32.84 -1.79 -15.87
C ALA E 57 33.39 -2.53 -17.07
N VAL E 58 34.32 -1.88 -17.76
CA VAL E 58 34.88 -2.46 -18.97
C VAL E 58 36.39 -2.22 -19.06
N ASN E 59 37.08 -3.06 -19.82
CA ASN E 59 38.51 -2.90 -20.08
C ASN E 59 38.86 -3.39 -21.48
N TYR E 60 39.25 -2.45 -22.33
CA TYR E 60 39.51 -2.75 -23.73
C TYR E 60 40.99 -2.99 -24.01
N ALA E 61 41.31 -3.35 -25.25
CA ALA E 61 42.69 -3.48 -25.69
C ALA E 61 43.16 -2.20 -26.37
N ARG E 62 44.47 -1.95 -26.37
CA ARG E 62 45.05 -0.75 -27.00
C ARG E 62 44.51 -0.53 -28.40
N LYS E 63 44.52 -1.61 -29.17
CA LYS E 63 44.19 -1.58 -30.60
C LYS E 63 42.79 -1.06 -30.89
N PHE E 64 41.86 -1.24 -29.95
CA PHE E 64 40.45 -0.95 -30.23
C PHE E 64 39.88 0.29 -29.54
N GLN E 65 40.62 0.87 -28.58
CA GLN E 65 40.14 2.02 -27.81
C GLN E 65 39.77 3.22 -28.68
N GLY E 66 38.53 3.68 -28.54
CA GLY E 66 38.03 4.80 -29.31
C GLY E 66 37.14 4.35 -30.45
N ARG E 67 37.18 3.05 -30.74
CA ARG E 67 36.39 2.46 -31.82
C ARG E 67 35.29 1.57 -31.29
N VAL E 68 35.58 0.94 -30.16
CA VAL E 68 34.75 -0.12 -29.62
C VAL E 68 33.96 0.35 -28.39
N THR E 69 32.73 -0.14 -28.26
CA THR E 69 31.87 0.19 -27.13
C THR E 69 31.14 -1.05 -26.62
N MET E 70 31.35 -1.40 -25.35
CA MET E 70 30.70 -2.54 -24.74
C MET E 70 29.71 -2.12 -23.66
N THR E 71 28.47 -2.57 -23.78
CA THR E 71 27.45 -2.31 -22.77
C THR E 71 26.71 -3.60 -22.45
N ARG E 72 25.77 -3.51 -21.51
CA ARG E 72 24.97 -4.68 -21.14
C ARG E 72 23.63 -4.28 -20.56
N ASP E 73 22.68 -5.20 -20.63
CA ASP E 73 21.37 -5.04 -20.04
C ASP E 73 21.17 -6.08 -18.95
N VAL E 74 21.30 -5.66 -17.69
CA VAL E 74 21.25 -6.57 -16.55
C VAL E 74 19.90 -7.31 -16.47
N TYR E 75 18.84 -6.65 -16.91
CA TYR E 75 17.49 -7.19 -16.81
C TYR E 75 17.24 -8.34 -17.78
N SER E 76 17.78 -8.24 -18.99
CA SER E 76 17.62 -9.28 -20.01
C SER E 76 18.87 -10.16 -20.14
N ASP E 77 19.85 -9.89 -19.28
CA ASP E 77 21.12 -10.64 -19.24
C ASP E 77 21.84 -10.60 -20.58
N THR E 78 21.70 -9.48 -21.30
CA THR E 78 22.27 -9.35 -22.63
C THR E 78 23.45 -8.39 -22.67
N ALA E 79 24.55 -8.84 -23.26
CA ALA E 79 25.73 -8.00 -23.44
C ALA E 79 25.78 -7.45 -24.86
N PHE E 80 26.11 -6.17 -24.98
CA PHE E 80 26.16 -5.53 -26.29
C PHE E 80 27.57 -5.10 -26.65
N LEU E 81 27.86 -5.11 -27.94
CA LEU E 81 29.15 -4.70 -28.47
C LEU E 81 28.99 -3.85 -29.72
N GLU E 82 29.80 -2.80 -29.83
CA GLU E 82 29.81 -1.97 -31.04
C GLU E 82 31.23 -1.65 -31.51
N LEU E 83 31.44 -1.71 -32.82
CA LEU E 83 32.73 -1.39 -33.42
C LEU E 83 32.55 -0.44 -34.61
N ARG E 84 33.25 0.69 -34.57
CA ARG E 84 33.10 1.71 -35.61
C ARG E 84 34.27 1.73 -36.59
N SER E 85 34.07 2.44 -37.70
CA SER E 85 35.10 2.61 -38.72
C SER E 85 35.67 1.28 -39.20
N LEU E 86 34.79 0.42 -39.73
CA LEU E 86 35.16 -0.93 -40.16
C LEU E 86 36.10 -0.94 -41.37
N THR E 87 37.16 -1.73 -41.28
CA THR E 87 38.10 -1.91 -42.39
C THR E 87 38.32 -3.41 -42.61
N SER E 88 38.72 -3.81 -43.81
CA SER E 88 38.96 -5.21 -44.17
C SER E 88 39.69 -6.03 -43.09
N ASP E 89 40.52 -5.37 -42.29
CA ASP E 89 41.23 -6.04 -41.20
C ASP E 89 40.27 -6.56 -40.13
N ASP E 90 39.11 -5.91 -40.00
CA ASP E 90 38.12 -6.28 -38.99
C ASP E 90 37.46 -7.63 -39.28
N THR E 91 37.47 -8.05 -40.55
CA THR E 91 36.84 -9.30 -40.96
C THR E 91 37.36 -10.49 -40.15
N ALA E 92 36.43 -11.21 -39.51
CA ALA E 92 36.74 -12.27 -38.56
C ALA E 92 35.44 -12.81 -37.96
N VAL E 93 35.54 -13.89 -37.20
CA VAL E 93 34.39 -14.44 -36.49
C VAL E 93 34.43 -14.01 -35.02
N TYR E 94 33.38 -13.32 -34.57
CA TYR E 94 33.36 -12.72 -33.23
C TYR E 94 32.63 -13.58 -32.21
N PHE E 95 33.29 -13.83 -31.08
CA PHE E 95 32.72 -14.67 -30.02
C PHE E 95 32.57 -13.91 -28.70
N CYS E 96 31.56 -14.27 -27.92
CA CYS E 96 31.49 -13.83 -26.53
C CYS E 96 31.80 -15.02 -25.64
N THR E 97 32.67 -14.82 -24.64
CA THR E 97 33.16 -15.93 -23.84
C THR E 97 33.01 -15.68 -22.34
N ARG E 98 32.95 -16.78 -21.59
CA ARG E 98 32.90 -16.72 -20.13
C ARG E 98 33.87 -17.74 -19.51
N GLY E 99 34.57 -17.34 -18.46
CA GLY E 99 35.50 -18.23 -17.79
C GLY E 99 34.82 -19.42 -17.13
N LYS E 100 35.60 -20.42 -16.75
CA LYS E 100 35.06 -21.60 -16.12
C LYS E 100 34.72 -21.35 -14.66
N TYR E 101 35.70 -20.83 -13.93
CA TYR E 101 35.53 -20.55 -12.50
C TYR E 101 34.85 -19.21 -12.34
N CYS E 102 33.60 -19.24 -11.86
CA CYS E 102 32.80 -18.04 -11.72
C CYS E 102 31.75 -18.22 -10.62
N THR E 103 32.16 -17.93 -9.38
CA THR E 103 31.25 -18.01 -8.24
C THR E 103 30.96 -16.62 -7.69
N ALA E 104 30.21 -16.56 -6.58
CA ALA E 104 29.89 -15.29 -5.94
C ALA E 104 31.11 -14.70 -5.25
N ARG E 105 31.92 -15.57 -4.65
CA ARG E 105 33.15 -15.17 -3.96
C ARG E 105 34.15 -14.49 -4.90
N ASP E 106 34.61 -15.24 -5.91
CA ASP E 106 35.57 -14.73 -6.87
C ASP E 106 35.45 -15.48 -8.19
N TYR E 107 36.43 -15.30 -9.07
CA TYR E 107 36.41 -15.91 -10.39
C TYR E 107 37.78 -16.06 -11.01
N TYR E 108 37.81 -16.68 -12.19
CA TYR E 108 39.00 -16.66 -13.02
C TYR E 108 38.54 -16.56 -14.45
N ASN E 109 38.74 -15.38 -15.02
CA ASN E 109 38.17 -15.01 -16.30
C ASN E 109 38.63 -15.84 -17.49
N TRP E 110 39.93 -16.15 -17.52
CA TRP E 110 40.59 -16.57 -18.75
C TRP E 110 40.58 -18.07 -19.05
N ASP E 111 39.89 -18.85 -18.24
CA ASP E 111 39.66 -20.26 -18.56
C ASP E 111 38.32 -20.41 -19.27
N PHE E 112 38.31 -20.08 -20.55
CA PHE E 112 37.08 -20.00 -21.34
C PHE E 112 36.46 -21.37 -21.60
N GLU E 113 35.57 -21.78 -20.69
CA GLU E 113 34.87 -23.05 -20.84
C GLU E 113 33.60 -22.90 -21.67
N HIS E 114 33.08 -21.68 -21.73
CA HIS E 114 31.81 -21.44 -22.40
C HIS E 114 31.94 -20.44 -23.54
N TRP E 115 31.46 -20.84 -24.71
CA TRP E 115 31.55 -20.02 -25.91
C TRP E 115 30.19 -19.87 -26.58
N GLY E 116 29.93 -18.69 -27.14
CA GLY E 116 28.76 -18.49 -27.97
C GLY E 116 28.95 -19.18 -29.31
N ARG E 117 27.89 -19.25 -30.11
CA ARG E 117 27.98 -19.91 -31.41
C ARG E 117 28.83 -19.10 -32.39
N GLY E 118 29.00 -17.80 -32.12
CA GLY E 118 29.84 -16.96 -32.95
C GLY E 118 29.12 -16.23 -34.07
N ALA E 119 29.67 -15.08 -34.46
CA ALA E 119 29.10 -14.28 -35.53
C ALA E 119 30.12 -13.91 -36.61
N PRO E 120 29.98 -14.50 -37.81
CA PRO E 120 30.86 -14.24 -38.95
C PRO E 120 30.61 -12.87 -39.59
N VAL E 121 31.60 -12.00 -39.54
CA VAL E 121 31.47 -10.66 -40.11
C VAL E 121 32.53 -10.37 -41.18
N THR E 122 32.07 -10.07 -42.39
CA THR E 122 32.97 -9.71 -43.49
C THR E 122 32.79 -8.27 -43.94
N VAL E 123 33.89 -7.52 -44.02
CA VAL E 123 33.85 -6.13 -44.48
C VAL E 123 34.70 -5.92 -45.73
N SER E 124 34.05 -5.53 -46.82
CA SER E 124 34.72 -5.27 -48.09
C SER E 124 33.92 -4.31 -48.97
N VAL E 143 55.80 -13.49 -25.92
CA VAL E 143 54.59 -13.90 -26.60
C VAL E 143 54.34 -15.39 -26.41
N LEU E 144 53.46 -15.96 -27.23
CA LEU E 144 53.21 -17.40 -27.24
C LEU E 144 53.58 -18.00 -28.59
N THR E 145 54.64 -18.79 -28.61
CA THR E 145 55.10 -19.44 -29.84
C THR E 145 54.66 -20.90 -29.88
N GLN E 146 53.71 -21.21 -30.77
CA GLN E 146 53.12 -22.53 -30.87
C GLN E 146 53.65 -23.29 -32.09
N SER E 147 54.04 -24.54 -31.89
CA SER E 147 54.59 -25.36 -32.96
C SER E 147 54.21 -26.84 -32.77
N PRO E 148 54.08 -27.59 -33.88
CA PRO E 148 54.25 -27.14 -35.27
C PRO E 148 53.01 -26.45 -35.82
N ALA E 149 53.15 -25.80 -36.97
CA ALA E 149 52.02 -25.13 -37.63
C ALA E 149 50.94 -26.13 -38.04
N THR E 150 51.36 -27.22 -38.68
CA THR E 150 50.44 -28.25 -39.12
C THR E 150 50.85 -29.63 -38.58
N LEU E 151 49.93 -30.58 -38.63
CA LEU E 151 50.19 -31.92 -38.11
C LEU E 151 49.31 -32.97 -38.79
N SER E 152 49.91 -33.73 -39.71
CA SER E 152 49.19 -34.79 -40.43
C SER E 152 49.45 -36.14 -39.78
N LEU E 153 48.42 -36.68 -39.12
CA LEU E 153 48.57 -37.93 -38.39
C LEU E 153 47.41 -38.90 -38.66
N SER E 154 47.67 -40.17 -38.40
CA SER E 154 46.68 -41.21 -38.60
C SER E 154 45.89 -41.48 -37.33
N PRO E 155 44.65 -41.99 -37.48
CA PRO E 155 43.86 -42.42 -36.32
C PRO E 155 44.59 -43.51 -35.54
N GLY E 156 44.74 -43.31 -34.22
CA GLY E 156 45.46 -44.26 -33.40
C GLY E 156 46.78 -43.72 -32.89
N GLU E 157 47.40 -42.84 -33.67
CA GLU E 157 48.68 -42.25 -33.29
C GLU E 157 48.54 -41.24 -32.15
N THR E 158 49.64 -40.63 -31.75
CA THR E 158 49.63 -39.63 -30.69
C THR E 158 50.11 -38.28 -31.21
N ALA E 159 49.31 -37.24 -30.97
CA ALA E 159 49.66 -35.90 -31.41
C ALA E 159 50.26 -35.09 -30.25
N ILE E 160 51.42 -34.50 -30.50
CA ILE E 160 52.08 -33.69 -29.48
C ILE E 160 52.21 -32.25 -29.97
N ILE E 161 51.38 -31.37 -29.43
CA ILE E 161 51.42 -29.96 -29.77
C ILE E 161 52.19 -29.20 -28.69
N SER E 162 53.04 -28.25 -29.11
CA SER E 162 53.89 -27.53 -28.18
C SER E 162 53.62 -26.02 -28.17
N CYS E 163 53.84 -25.40 -27.03
CA CYS E 163 53.65 -23.96 -26.86
C CYS E 163 54.67 -23.39 -25.88
N ARG E 164 55.49 -22.46 -26.33
CA ARG E 164 56.52 -21.86 -25.47
C ARG E 164 56.08 -20.51 -24.93
N THR E 165 56.17 -20.34 -23.60
CA THR E 165 55.77 -19.09 -22.96
C THR E 165 56.99 -18.31 -22.48
N SER E 166 56.72 -17.18 -21.85
CA SER E 166 57.78 -16.35 -21.29
C SER E 166 57.31 -15.63 -20.03
N GLN E 167 56.03 -15.80 -19.70
CA GLN E 167 55.42 -15.08 -18.59
C GLN E 167 54.89 -15.98 -17.48
N SER E 168 54.46 -17.18 -17.86
CA SER E 168 53.91 -18.17 -16.94
C SER E 168 52.56 -17.72 -16.35
N GLY E 169 51.77 -18.70 -15.92
CA GLY E 169 50.41 -18.43 -15.49
C GLY E 169 49.50 -19.45 -16.15
N SER E 170 48.39 -19.75 -15.48
CA SER E 170 47.46 -20.78 -15.90
C SER E 170 47.19 -20.77 -17.40
N LEU E 171 47.74 -21.77 -18.09
CA LEU E 171 47.64 -21.88 -19.54
C LEU E 171 46.51 -22.85 -19.92
N ALA E 172 45.87 -22.59 -21.05
CA ALA E 172 44.74 -23.40 -21.48
C ALA E 172 44.91 -23.96 -22.90
N TRP E 173 44.21 -25.04 -23.19
CA TRP E 173 44.21 -25.63 -24.53
C TRP E 173 42.80 -25.75 -25.09
N TYR E 174 42.62 -25.32 -26.33
CA TYR E 174 41.30 -25.35 -26.96
C TYR E 174 41.28 -26.18 -28.24
N GLN E 175 40.11 -26.73 -28.56
CA GLN E 175 39.93 -27.46 -29.81
C GLN E 175 38.84 -26.86 -30.68
N GLN E 176 39.15 -26.63 -31.95
CA GLN E 176 38.17 -26.11 -32.90
C GLN E 176 37.91 -27.09 -34.03
N ARG E 177 36.68 -27.57 -34.12
CA ARG E 177 36.27 -28.45 -35.20
C ARG E 177 35.83 -27.61 -36.40
N PRO E 178 36.04 -28.14 -37.61
CA PRO E 178 35.68 -27.42 -38.85
C PRO E 178 34.23 -26.94 -38.86
N GLY E 179 34.03 -25.64 -38.64
CA GLY E 179 32.70 -25.05 -38.68
C GLY E 179 31.99 -25.00 -37.33
N GLN E 180 32.74 -25.24 -36.26
CA GLN E 180 32.18 -25.21 -34.92
C GLN E 180 32.94 -24.26 -34.01
N ALA E 181 32.29 -23.87 -32.91
CA ALA E 181 32.91 -23.01 -31.91
C ALA E 181 33.95 -23.79 -31.10
N PRO E 182 35.08 -23.14 -30.79
CA PRO E 182 36.14 -23.74 -29.98
C PRO E 182 35.65 -24.25 -28.64
N ARG E 183 36.20 -25.38 -28.19
CA ARG E 183 35.82 -25.95 -26.91
C ARG E 183 37.02 -26.10 -25.99
N LEU E 184 36.86 -25.69 -24.73
CA LEU E 184 37.91 -25.81 -23.74
C LEU E 184 38.28 -27.28 -23.52
N VAL E 185 39.57 -27.57 -23.65
CA VAL E 185 40.05 -28.93 -23.50
C VAL E 185 40.83 -29.05 -22.19
N ILE E 186 41.74 -28.11 -21.97
CA ILE E 186 42.62 -28.15 -20.80
C ILE E 186 42.83 -26.73 -20.26
N TYR E 187 42.92 -26.60 -18.94
CA TYR E 187 43.25 -25.34 -18.30
C TYR E 187 44.30 -25.57 -17.21
N SER E 188 44.96 -24.50 -16.77
CA SER E 188 46.03 -24.55 -15.77
C SER E 188 47.19 -25.44 -16.21
N GLY E 189 47.26 -25.72 -17.51
CA GLY E 189 48.34 -26.50 -18.09
C GLY E 189 48.27 -28.02 -17.95
N SER E 190 47.53 -28.53 -16.98
CA SER E 190 47.51 -29.96 -16.73
C SER E 190 46.15 -30.52 -16.35
N THR E 191 45.13 -29.65 -16.28
CA THR E 191 43.82 -30.09 -15.81
C THR E 191 42.79 -30.14 -16.94
N ARG E 192 42.13 -31.29 -17.08
CA ARG E 192 41.13 -31.50 -18.11
C ARG E 192 39.79 -30.83 -17.77
N ALA E 193 39.04 -30.44 -18.80
CA ALA E 193 37.72 -29.84 -18.61
C ALA E 193 36.63 -30.92 -18.60
N ALA E 194 35.38 -30.48 -18.46
CA ALA E 194 34.25 -31.41 -18.40
C ALA E 194 34.01 -32.11 -19.74
N GLY E 195 33.85 -33.44 -19.68
CA GLY E 195 33.58 -34.23 -20.86
C GLY E 195 34.82 -34.64 -21.63
N ILE E 196 35.98 -34.17 -21.18
CA ILE E 196 37.24 -34.48 -21.84
C ILE E 196 37.79 -35.82 -21.33
N PRO E 197 37.98 -36.79 -22.24
CA PRO E 197 38.45 -38.13 -21.86
C PRO E 197 39.93 -38.15 -21.51
N ASP E 198 40.40 -39.26 -20.95
CA ASP E 198 41.79 -39.40 -20.52
C ASP E 198 42.80 -39.28 -21.65
N ARG E 199 42.34 -39.51 -22.89
CA ARG E 199 43.19 -39.47 -24.07
C ARG E 199 43.91 -38.13 -24.22
N PHE E 200 43.27 -37.07 -23.75
CA PHE E 200 43.88 -35.74 -23.73
C PHE E 200 44.68 -35.55 -22.45
N SER E 201 45.91 -35.08 -22.59
CA SER E 201 46.77 -34.84 -21.44
C SER E 201 47.71 -33.66 -21.68
N GLY E 202 48.04 -32.94 -20.61
CA GLY E 202 48.93 -31.80 -20.69
C GLY E 202 50.17 -31.99 -19.84
N SER E 203 51.27 -31.38 -20.27
CA SER E 203 52.53 -31.46 -19.53
C SER E 203 53.28 -30.13 -19.62
N ARG E 204 54.28 -29.95 -18.76
CA ARG E 204 55.00 -28.69 -18.69
C ARG E 204 56.45 -28.90 -18.25
N TRP E 205 57.37 -28.22 -18.92
CA TRP E 205 58.79 -28.25 -18.56
C TRP E 205 59.43 -26.89 -18.84
N GLY E 206 59.67 -26.13 -17.79
CA GLY E 206 60.17 -24.77 -17.92
C GLY E 206 59.13 -23.90 -18.60
N ALA E 207 59.54 -23.21 -19.66
CA ALA E 207 58.64 -22.34 -20.42
C ALA E 207 57.82 -23.13 -21.44
N ASP E 208 58.17 -24.40 -21.63
CA ASP E 208 57.55 -25.23 -22.65
C ASP E 208 56.27 -25.89 -22.15
N TYR E 209 55.27 -25.95 -23.01
CA TYR E 209 54.00 -26.61 -22.69
C TYR E 209 53.65 -27.63 -23.77
N ASN E 210 53.24 -28.82 -23.36
CA ASN E 210 52.87 -29.86 -24.32
C ASN E 210 51.46 -30.39 -24.14
N LEU E 211 50.69 -30.42 -25.22
CA LEU E 211 49.39 -31.06 -25.23
C LEU E 211 49.48 -32.38 -25.98
N SER E 212 49.13 -33.46 -25.30
CA SER E 212 49.26 -34.78 -25.90
C SER E 212 47.90 -35.45 -26.03
N ILE E 213 47.57 -35.84 -27.25
CA ILE E 213 46.31 -36.53 -27.54
C ILE E 213 46.60 -37.94 -28.04
N SER E 214 46.28 -38.93 -27.21
CA SER E 214 46.56 -40.31 -27.57
C SER E 214 45.33 -40.97 -28.21
N ASN E 215 45.60 -41.91 -29.10
CA ASN E 215 44.56 -42.66 -29.81
C ASN E 215 43.59 -41.75 -30.57
N LEU E 216 44.12 -41.05 -31.57
CA LEU E 216 43.36 -40.13 -32.40
C LEU E 216 42.10 -40.74 -33.02
N GLU E 217 41.04 -39.94 -33.09
CA GLU E 217 39.79 -40.34 -33.74
C GLU E 217 39.16 -39.15 -34.46
N SER E 218 38.16 -39.43 -35.31
CA SER E 218 37.53 -38.42 -36.17
C SER E 218 37.19 -37.08 -35.49
N GLY E 219 36.62 -37.16 -34.30
CA GLY E 219 36.22 -35.96 -33.56
C GLY E 219 37.35 -35.07 -33.10
N ASP E 220 38.53 -35.67 -32.90
CA ASP E 220 39.68 -34.94 -32.38
C ASP E 220 40.28 -33.98 -33.41
N PHE E 221 40.09 -34.28 -34.69
CA PHE E 221 40.72 -33.50 -35.75
C PHE E 221 40.11 -32.10 -35.87
N GLY E 222 40.97 -31.12 -36.14
CA GLY E 222 40.55 -29.73 -36.22
C GLY E 222 41.75 -28.81 -36.07
N VAL E 223 41.57 -27.73 -35.32
CA VAL E 223 42.67 -26.81 -35.05
C VAL E 223 42.75 -26.47 -33.54
N TYR E 224 43.96 -26.51 -32.99
CA TYR E 224 44.15 -26.34 -31.55
C TYR E 224 44.90 -25.06 -31.21
N TYR E 225 44.51 -24.42 -30.13
CA TYR E 225 45.11 -23.16 -29.70
C TYR E 225 45.59 -23.21 -28.25
N CYS E 226 46.79 -22.69 -27.99
CA CYS E 226 47.26 -22.52 -26.62
C CYS E 226 46.93 -21.12 -26.14
N GLN E 227 46.67 -20.96 -24.85
CA GLN E 227 46.26 -19.67 -24.34
C GLN E 227 46.85 -19.37 -22.96
N GLN E 228 47.33 -18.14 -22.81
CA GLN E 228 47.76 -17.63 -21.51
C GLN E 228 47.12 -16.26 -21.32
N TYR E 229 46.04 -16.23 -20.54
CA TYR E 229 45.21 -15.05 -20.37
C TYR E 229 44.61 -14.59 -21.71
N GLU E 230 44.92 -13.37 -22.15
CA GLU E 230 44.32 -12.84 -23.38
C GLU E 230 45.14 -13.13 -24.64
N PHE E 231 46.33 -13.68 -24.47
CA PHE E 231 47.19 -14.02 -25.61
C PHE E 231 46.95 -15.44 -26.08
N PHE E 232 46.99 -15.63 -27.39
CA PHE E 232 46.83 -16.97 -27.95
C PHE E 232 48.01 -17.33 -28.84
N GLY E 233 48.14 -18.62 -29.12
CA GLY E 233 49.15 -19.10 -30.05
C GLY E 233 48.67 -18.91 -31.47
N GLN E 234 49.55 -19.17 -32.43
CA GLN E 234 49.20 -19.04 -33.84
C GLN E 234 48.31 -20.20 -34.27
N GLY E 235 48.26 -21.25 -33.47
CA GLY E 235 47.42 -22.40 -33.75
C GLY E 235 48.12 -23.58 -34.43
N THR E 236 47.60 -24.77 -34.18
CA THR E 236 48.13 -26.00 -34.79
C THR E 236 47.00 -26.84 -35.40
N LYS E 237 47.02 -26.99 -36.72
CA LYS E 237 45.99 -27.76 -37.42
C LYS E 237 46.32 -29.25 -37.46
N VAL E 238 45.51 -30.05 -36.78
CA VAL E 238 45.67 -31.51 -36.78
C VAL E 238 44.63 -32.17 -37.69
N GLN E 239 45.10 -32.80 -38.76
CA GLN E 239 44.21 -33.40 -39.77
C GLN E 239 44.44 -34.90 -39.97
N VAL E 240 43.47 -35.59 -40.57
CA VAL E 240 43.53 -37.03 -40.75
C VAL E 240 44.31 -37.42 -42.01
N GLU F 2 48.04 -23.27 61.91
CA GLU F 2 47.71 -21.91 62.32
C GLU F 2 47.56 -20.97 61.14
N ASN F 3 48.35 -21.22 60.09
CA ASN F 3 48.26 -20.43 58.86
C ASN F 3 47.11 -20.90 57.97
N LEU F 4 46.26 -19.95 57.59
CA LEU F 4 45.04 -20.28 56.84
C LEU F 4 45.32 -20.52 55.36
N TRP F 5 44.42 -21.25 54.71
CA TRP F 5 44.54 -21.58 53.29
C TRP F 5 43.23 -21.28 52.56
N VAL F 6 43.33 -20.84 51.32
CA VAL F 6 42.14 -20.50 50.56
C VAL F 6 41.37 -21.74 50.10
N THR F 7 40.05 -21.63 50.08
CA THR F 7 39.18 -22.73 49.66
C THR F 7 37.99 -22.19 48.86
N VAL F 8 37.74 -22.77 47.70
CA VAL F 8 36.66 -22.31 46.83
C VAL F 8 35.31 -22.94 47.18
N TYR F 9 34.30 -22.09 47.36
CA TYR F 9 32.95 -22.55 47.64
C TYR F 9 32.02 -22.21 46.47
N TYR F 10 31.24 -23.19 46.04
CA TYR F 10 30.33 -23.03 44.92
C TYR F 10 28.88 -23.23 45.35
N GLY F 11 28.09 -22.17 45.27
CA GLY F 11 26.67 -22.24 45.62
C GLY F 11 26.35 -21.44 46.87
N VAL F 12 27.09 -20.36 47.08
CA VAL F 12 26.92 -19.54 48.27
C VAL F 12 25.86 -18.46 48.08
N PRO F 13 25.09 -18.19 49.13
CA PRO F 13 24.13 -17.08 49.10
C PRO F 13 24.82 -15.72 48.95
N VAL F 14 25.27 -15.43 47.74
CA VAL F 14 25.87 -14.14 47.40
C VAL F 14 25.24 -13.58 46.13
N TRP F 15 24.59 -12.42 46.25
CA TRP F 15 23.97 -11.78 45.10
C TRP F 15 24.34 -10.30 45.03
N LYS F 16 24.26 -9.75 43.82
CA LYS F 16 24.52 -8.33 43.61
C LYS F 16 23.44 -7.76 42.70
N ASP F 17 23.09 -6.50 42.93
CA ASP F 17 22.06 -5.85 42.13
C ASP F 17 22.50 -5.76 40.67
N ALA F 18 21.60 -6.17 39.79
CA ALA F 18 21.88 -6.17 38.36
C ALA F 18 20.60 -6.09 37.56
N GLU F 19 20.75 -6.05 36.24
CA GLU F 19 19.61 -5.99 35.34
C GLU F 19 19.71 -7.10 34.30
N THR F 20 18.60 -7.80 34.08
CA THR F 20 18.57 -8.89 33.11
C THR F 20 17.28 -8.88 32.31
N THR F 21 17.15 -9.84 31.39
CA THR F 21 15.96 -9.93 30.56
C THR F 21 14.93 -10.86 31.19
N LEU F 22 13.84 -10.28 31.67
CA LEU F 22 12.80 -11.04 32.34
C LEU F 22 11.81 -11.59 31.33
N PHE F 23 11.31 -12.80 31.60
CA PHE F 23 10.28 -13.37 30.75
C PHE F 23 8.95 -13.40 31.47
N CYS F 24 7.92 -13.89 30.79
CA CYS F 24 6.55 -13.77 31.28
C CYS F 24 6.03 -15.05 31.93
N ALA F 25 4.85 -14.95 32.52
CA ALA F 25 4.14 -16.09 33.10
C ALA F 25 2.67 -15.76 33.34
N SER F 26 1.79 -16.65 32.90
CA SER F 26 0.36 -16.50 33.11
C SER F 26 -0.25 -17.80 33.60
N ASP F 27 -1.37 -17.70 34.31
CA ASP F 27 -2.06 -18.90 34.79
C ASP F 27 -2.60 -19.72 33.64
N ALA F 28 -2.82 -21.00 33.88
CA ALA F 28 -3.34 -21.88 32.85
C ALA F 28 -4.70 -21.41 32.37
N LYS F 29 -5.58 -21.04 33.29
CA LYS F 29 -6.94 -20.66 32.91
C LYS F 29 -6.95 -19.47 31.94
N ALA F 30 -5.87 -18.69 31.93
CA ALA F 30 -5.74 -17.59 30.98
C ALA F 30 -5.56 -18.10 29.55
N TYR F 31 -4.81 -19.18 29.37
CA TYR F 31 -4.74 -19.81 28.05
C TYR F 31 -6.05 -20.56 27.76
N GLU F 32 -6.62 -21.20 28.77
CA GLU F 32 -7.81 -22.04 28.59
C GLU F 32 -9.03 -21.26 28.10
N THR F 33 -9.22 -20.06 28.64
CA THR F 33 -10.25 -19.17 28.13
C THR F 33 -9.92 -18.89 26.68
N GLU F 34 -10.92 -18.88 25.82
CA GLU F 34 -10.68 -18.79 24.39
C GLU F 34 -9.87 -17.57 24.04
N LYS F 35 -10.26 -16.42 24.59
CA LYS F 35 -9.55 -15.16 24.39
C LYS F 35 -9.50 -14.75 22.93
N HIS F 36 -9.36 -15.74 22.04
CA HIS F 36 -8.84 -15.52 20.70
C HIS F 36 -7.51 -14.81 20.90
N ASN F 37 -7.47 -13.52 20.61
CA ASN F 37 -6.28 -12.76 20.94
C ASN F 37 -6.51 -11.80 22.09
N VAL F 38 -5.72 -11.93 23.14
CA VAL F 38 -5.73 -10.92 24.20
C VAL F 38 -4.27 -10.67 24.57
N TRP F 39 -3.66 -9.75 23.83
CA TRP F 39 -2.25 -9.37 23.97
C TRP F 39 -1.40 -10.51 23.44
N ALA F 40 -0.11 -10.50 23.76
CA ALA F 40 0.80 -11.49 23.15
C ALA F 40 0.96 -12.69 24.07
N THR F 41 0.05 -12.83 25.02
CA THR F 41 0.15 -13.82 26.08
C THR F 41 0.28 -15.28 25.58
N HIS F 42 0.12 -15.49 24.28
CA HIS F 42 0.15 -16.84 23.72
C HIS F 42 1.53 -17.51 23.81
N ALA F 43 2.59 -16.76 23.54
CA ALA F 43 3.96 -17.29 23.62
C ALA F 43 4.44 -17.47 25.06
N CYS F 44 3.62 -17.03 26.01
CA CYS F 44 3.99 -17.02 27.43
C CYS F 44 4.08 -18.41 28.06
N VAL F 45 5.03 -18.58 28.97
CA VAL F 45 5.19 -19.81 29.75
C VAL F 45 4.13 -19.91 30.85
N PRO F 46 3.49 -21.08 30.99
CA PRO F 46 2.51 -21.35 32.05
C PRO F 46 3.08 -21.21 33.47
N THR F 47 2.31 -20.59 34.36
CA THR F 47 2.73 -20.37 35.75
C THR F 47 2.80 -21.68 36.54
N ASP F 48 3.84 -21.81 37.37
CA ASP F 48 4.01 -22.96 38.26
C ASP F 48 2.77 -23.09 39.16
N PRO F 49 2.08 -24.24 39.09
CA PRO F 49 0.85 -24.47 39.83
C PRO F 49 0.98 -24.22 41.33
N ASN F 50 2.11 -24.62 41.90
CA ASN F 50 2.39 -24.35 43.30
C ASN F 50 3.38 -23.20 43.48
N PRO F 51 2.96 -22.14 44.16
CA PRO F 51 3.81 -20.97 44.42
C PRO F 51 5.04 -21.30 45.27
N GLN F 52 6.19 -20.82 44.84
CA GLN F 52 7.43 -21.07 45.56
C GLN F 52 8.02 -19.77 46.11
N GLU F 53 8.13 -19.69 47.44
CA GLU F 53 8.70 -18.52 48.09
C GLU F 53 9.54 -18.93 49.30
N ILE F 54 10.60 -18.16 49.57
CA ILE F 54 11.51 -18.44 50.67
C ILE F 54 11.82 -17.18 51.49
N HIS F 55 11.37 -17.16 52.74
CA HIS F 55 11.61 -16.02 53.61
C HIS F 55 13.06 -16.01 54.11
N LEU F 56 13.81 -15.00 53.69
CA LEU F 56 15.21 -14.86 54.08
C LEU F 56 15.34 -14.29 55.48
N GLU F 57 15.54 -15.16 56.46
CA GLU F 57 15.71 -14.70 57.82
C GLU F 57 16.99 -13.87 57.96
N ASN F 58 16.96 -12.88 58.83
CA ASN F 58 18.13 -12.04 59.14
C ASN F 58 18.67 -11.21 57.99
N VAL F 59 17.98 -11.24 56.85
CA VAL F 59 18.49 -10.55 55.67
C VAL F 59 17.82 -9.19 55.50
N THR F 60 18.63 -8.16 55.35
CA THR F 60 18.14 -6.80 55.14
C THR F 60 18.69 -6.21 53.84
N GLU F 61 17.84 -6.09 52.83
CA GLU F 61 18.24 -5.59 51.52
C GLU F 61 17.52 -4.27 51.18
N GLU F 62 18.25 -3.36 50.52
CA GLU F 62 17.69 -2.05 50.16
C GLU F 62 16.96 -2.07 48.81
N PHE F 63 15.71 -1.60 48.82
CA PHE F 63 14.93 -1.51 47.59
C PHE F 63 14.84 -0.06 47.10
N ASN F 64 14.45 0.09 45.84
CA ASN F 64 14.29 1.42 45.26
C ASN F 64 13.29 1.35 44.10
N MET F 65 12.04 1.69 44.38
CA MET F 65 10.99 1.62 43.36
C MET F 65 11.22 2.65 42.25
N TRP F 66 11.99 3.69 42.56
CA TRP F 66 12.21 4.79 41.63
C TRP F 66 13.46 4.58 40.76
N LYS F 67 14.24 3.56 41.08
CA LYS F 67 15.41 3.21 40.28
C LYS F 67 15.30 1.74 39.86
N ASN F 68 14.08 1.30 39.62
CA ASN F 68 13.83 -0.11 39.31
C ASN F 68 13.74 -0.30 37.81
N ASN F 69 14.46 -1.29 37.31
CA ASN F 69 14.53 -1.53 35.88
C ASN F 69 13.35 -2.35 35.36
N MET F 70 12.68 -3.06 36.26
CA MET F 70 11.52 -3.86 35.87
C MET F 70 10.40 -2.99 35.30
N VAL F 71 10.32 -1.75 35.77
CA VAL F 71 9.31 -0.82 35.30
C VAL F 71 9.56 -0.47 33.84
N GLU F 72 10.80 -0.13 33.53
CA GLU F 72 11.20 0.28 32.18
C GLU F 72 11.02 -0.86 31.18
N GLN F 73 11.32 -2.08 31.62
CA GLN F 73 11.20 -3.27 30.79
C GLN F 73 9.74 -3.61 30.51
N MET F 74 8.90 -3.53 31.54
CA MET F 74 7.47 -3.79 31.41
C MET F 74 6.83 -2.75 30.47
N HIS F 75 7.29 -1.50 30.57
CA HIS F 75 6.78 -0.41 29.75
C HIS F 75 7.02 -0.67 28.26
N THR F 76 8.28 -0.93 27.92
CA THR F 76 8.66 -1.20 26.54
C THR F 76 8.06 -2.52 26.05
N ASP F 77 7.83 -3.45 26.96
CA ASP F 77 7.22 -4.73 26.60
C ASP F 77 5.80 -4.54 26.12
N ILE F 78 5.02 -3.76 26.87
CA ILE F 78 3.64 -3.51 26.49
C ILE F 78 3.58 -2.63 25.25
N ILE F 79 4.54 -1.71 25.13
CA ILE F 79 4.60 -0.84 23.96
C ILE F 79 4.85 -1.66 22.68
N SER F 80 5.86 -2.52 22.70
CA SER F 80 6.14 -3.38 21.56
C SER F 80 4.96 -4.33 21.29
N LEU F 81 4.31 -4.76 22.37
CA LEU F 81 3.12 -5.59 22.30
C LEU F 81 1.95 -4.91 21.59
N TRP F 82 1.77 -3.62 21.86
CA TRP F 82 0.73 -2.84 21.19
C TRP F 82 0.95 -2.76 19.68
N ASP F 83 2.22 -2.69 19.27
CA ASP F 83 2.56 -2.64 17.85
C ASP F 83 2.33 -4.00 17.19
N GLN F 84 2.78 -5.05 17.85
CA GLN F 84 2.67 -6.41 17.32
C GLN F 84 1.21 -6.83 17.25
N SER F 85 0.37 -6.23 18.09
CA SER F 85 -1.05 -6.53 18.09
C SER F 85 -1.77 -5.77 16.97
N LEU F 86 -1.11 -4.76 16.41
CA LEU F 86 -1.72 -3.93 15.35
C LEU F 86 -1.05 -4.07 13.98
N LYS F 87 0.06 -4.81 13.92
CA LYS F 87 0.74 -5.02 12.64
C LYS F 87 -0.14 -5.79 11.64
N PRO F 88 -0.72 -6.94 12.05
CA PRO F 88 -1.49 -7.65 11.02
C PRO F 88 -2.94 -7.17 10.90
N CYS F 89 -3.25 -6.03 11.50
CA CYS F 89 -4.62 -5.52 11.52
C CYS F 89 -4.93 -4.63 10.31
N VAL F 90 -6.20 -4.28 10.17
CA VAL F 90 -6.72 -3.48 9.06
C VAL F 90 -6.22 -2.03 9.12
N LYS F 91 -5.55 -1.59 8.06
CA LYS F 91 -5.05 -0.21 7.98
C LYS F 91 -6.05 0.69 7.26
N LEU F 92 -6.38 1.81 7.89
CA LEU F 92 -7.41 2.70 7.37
C LEU F 92 -6.90 3.93 6.59
N THR F 93 -5.99 3.71 5.65
CA THR F 93 -5.50 4.79 4.79
C THR F 93 -6.58 5.52 3.97
N PRO F 94 -7.53 4.78 3.35
CA PRO F 94 -8.47 5.57 2.55
C PRO F 94 -9.70 5.98 3.35
N LEU F 95 -9.49 6.42 4.58
CA LEU F 95 -10.59 6.85 5.43
C LEU F 95 -10.45 8.35 5.72
N CYS F 96 -9.46 8.98 5.11
CA CYS F 96 -9.27 10.42 5.26
C CYS F 96 -9.98 11.20 4.14
N VAL F 97 -11.12 10.68 3.68
CA VAL F 97 -11.97 11.39 2.71
C VAL F 97 -12.78 12.49 3.41
N THR F 98 -13.23 13.50 2.66
CA THR F 98 -14.09 14.55 3.21
C THR F 98 -15.35 13.97 3.83
N LEU F 99 -15.68 14.45 5.01
CA LEU F 99 -16.84 13.98 5.75
C LEU F 99 -17.93 15.04 5.78
N GLN F 100 -19.03 14.78 5.08
CA GLN F 100 -20.16 15.70 5.10
C GLN F 100 -21.08 15.37 6.27
N CYS F 101 -20.78 15.95 7.43
CA CYS F 101 -21.43 15.58 8.68
C CYS F 101 -22.58 16.51 9.10
N THR F 102 -23.46 15.98 9.93
CA THR F 102 -24.58 16.72 10.51
C THR F 102 -24.84 16.22 11.94
N ASN F 103 -25.71 16.92 12.67
CA ASN F 103 -26.07 16.49 14.02
C ASN F 103 -26.88 15.19 14.00
N VAL F 104 -26.81 14.45 15.09
CA VAL F 104 -27.57 13.21 15.22
C VAL F 104 -29.06 13.45 15.48
N THR F 105 -29.87 12.45 15.18
CA THR F 105 -31.31 12.55 15.33
C THR F 105 -31.71 12.69 16.80
N ASN F 106 -31.98 13.91 17.20
CA ASN F 106 -32.45 14.18 18.55
C ASN F 106 -33.25 15.48 18.60
N ASN F 107 -33.69 15.83 19.80
CA ASN F 107 -34.40 17.08 20.01
C ASN F 107 -33.67 17.90 21.07
N ILE F 108 -32.81 18.80 20.62
CA ILE F 108 -31.81 19.44 21.46
C ILE F 108 -31.97 20.96 21.53
N THR F 109 -31.88 21.50 22.74
CA THR F 109 -32.00 22.94 22.96
C THR F 109 -30.84 23.72 22.32
N ASP F 110 -29.62 23.15 22.42
CA ASP F 110 -28.32 23.59 21.86
C ASP F 110 -27.19 23.48 22.88
N ASP F 111 -27.52 23.18 24.14
CA ASP F 111 -26.48 22.98 25.15
C ASP F 111 -25.85 21.58 25.11
N MET F 112 -26.39 20.70 24.28
CA MET F 112 -25.85 19.35 24.14
C MET F 112 -24.62 19.37 23.24
N ARG F 113 -24.43 20.49 22.54
CA ARG F 113 -23.30 20.70 21.65
C ARG F 113 -23.00 19.52 20.70
N GLY F 114 -24.05 18.90 20.18
CA GLY F 114 -23.90 17.83 19.21
C GLY F 114 -23.21 16.59 19.74
N GLU F 115 -21.90 16.71 19.98
CA GLU F 115 -21.07 15.60 20.47
C GLU F 115 -20.99 14.46 19.46
N LEU F 116 -22.15 13.95 19.05
CA LEU F 116 -22.22 12.88 18.06
C LEU F 116 -22.54 13.44 16.66
N LYS F 117 -21.79 12.99 15.66
CA LYS F 117 -21.93 13.48 14.29
C LYS F 117 -22.29 12.37 13.28
N ASN F 118 -23.27 12.63 12.43
CA ASN F 118 -23.68 11.69 11.38
C ASN F 118 -23.00 12.00 10.04
N CYS F 119 -21.84 11.40 9.80
CA CYS F 119 -21.03 11.73 8.63
C CYS F 119 -21.28 10.84 7.41
N SER F 120 -21.37 11.50 6.27
CA SER F 120 -21.51 10.84 4.99
C SER F 120 -20.26 11.12 4.14
N PHE F 121 -19.83 10.13 3.38
CA PHE F 121 -18.57 10.22 2.64
C PHE F 121 -18.45 9.19 1.53
N ASN F 122 -17.51 9.42 0.61
CA ASN F 122 -17.18 8.45 -0.44
C ASN F 122 -16.22 7.37 0.09
N MET F 123 -16.24 6.19 -0.52
CA MET F 123 -15.38 5.08 -0.07
C MET F 123 -15.03 4.12 -1.19
N THR F 124 -13.84 3.54 -1.11
CA THR F 124 -13.40 2.55 -2.08
C THR F 124 -13.99 1.18 -1.78
N THR F 125 -14.66 0.60 -2.78
CA THR F 125 -15.23 -0.74 -2.66
C THR F 125 -14.21 -1.81 -3.00
N GLU F 126 -14.68 -3.04 -3.14
CA GLU F 126 -13.81 -4.16 -3.48
C GLU F 126 -13.18 -3.96 -4.84
N LEU F 127 -13.96 -3.43 -5.77
CA LEU F 127 -13.48 -3.13 -7.10
C LEU F 127 -12.83 -1.74 -7.10
N ARG F 128 -11.87 -1.54 -8.00
CA ARG F 128 -11.18 -0.25 -8.14
C ARG F 128 -12.11 0.84 -8.69
N ASP F 129 -12.96 0.45 -9.64
CA ASP F 129 -13.75 1.40 -10.41
C ASP F 129 -14.87 2.15 -9.66
N LYS F 130 -15.61 1.47 -8.78
CA LYS F 130 -16.82 2.07 -8.20
C LYS F 130 -16.62 2.68 -6.82
N LYS F 131 -17.09 3.92 -6.68
CA LYS F 131 -17.13 4.61 -5.39
C LYS F 131 -18.27 4.11 -4.51
N GLN F 132 -18.18 4.38 -3.21
CA GLN F 132 -19.20 3.95 -2.26
C GLN F 132 -19.65 5.10 -1.35
N LYS F 133 -20.92 5.50 -1.48
CA LYS F 133 -21.49 6.58 -0.68
C LYS F 133 -22.11 6.01 0.60
N VAL F 134 -21.29 5.78 1.63
CA VAL F 134 -21.81 5.24 2.90
C VAL F 134 -21.68 6.23 4.04
N TYR F 135 -22.49 6.02 5.08
CA TYR F 135 -22.50 6.90 6.23
C TYR F 135 -22.10 6.15 7.50
N SER F 136 -21.51 6.88 8.45
CA SER F 136 -21.12 6.31 9.73
C SER F 136 -21.43 7.24 10.89
N LEU F 137 -20.96 6.85 12.07
CA LEU F 137 -21.15 7.68 13.25
C LEU F 137 -19.82 7.85 13.99
N PHE F 138 -19.47 9.09 14.32
CA PHE F 138 -18.20 9.42 14.98
C PHE F 138 -18.40 10.41 16.12
N TYR F 139 -17.52 10.34 17.13
CA TYR F 139 -17.54 11.31 18.21
C TYR F 139 -16.87 12.62 17.79
N ARG F 140 -17.25 13.73 18.43
CA ARG F 140 -16.74 15.06 18.10
C ARG F 140 -15.23 15.16 18.32
N LEU F 141 -14.74 14.39 19.29
CA LEU F 141 -13.32 14.37 19.62
C LEU F 141 -12.52 13.62 18.56
N ASP F 142 -13.24 12.93 17.67
CA ASP F 142 -12.62 12.16 16.60
C ASP F 142 -12.56 12.91 15.27
N VAL F 143 -13.37 13.95 15.12
CA VAL F 143 -13.40 14.71 13.87
C VAL F 143 -13.08 16.19 14.08
N VAL F 144 -12.69 16.87 13.00
CA VAL F 144 -12.37 18.30 13.01
C VAL F 144 -12.74 18.91 11.66
N GLN F 145 -13.49 20.01 11.68
CA GLN F 145 -13.91 20.68 10.45
C GLN F 145 -12.81 21.59 9.90
N ILE F 146 -12.79 21.74 8.58
CA ILE F 146 -11.82 22.63 7.94
C ILE F 146 -12.52 23.75 7.18
N ASN F 147 -12.03 24.98 7.37
CA ASN F 147 -12.58 26.16 6.70
C ASN F 147 -14.07 26.33 6.98
N LYS F 159 -21.61 21.83 6.18
CA LYS F 159 -20.49 21.55 7.07
C LYS F 159 -19.67 20.36 6.62
N GLU F 160 -18.38 20.58 6.38
CA GLU F 160 -17.47 19.52 5.99
C GLU F 160 -16.38 19.27 7.04
N TYR F 161 -16.16 18.01 7.39
CA TYR F 161 -15.20 17.64 8.43
C TYR F 161 -14.10 16.73 7.89
N ARG F 162 -13.26 16.25 8.81
CA ARG F 162 -12.20 15.30 8.49
C ARG F 162 -11.77 14.60 9.78
N LEU F 163 -10.99 13.53 9.64
CA LEU F 163 -10.47 12.82 10.80
C LEU F 163 -9.42 13.66 11.52
N ILE F 164 -9.42 13.58 12.85
CA ILE F 164 -8.59 14.45 13.68
C ILE F 164 -7.09 14.13 13.54
N ASN F 165 -6.79 12.94 13.04
CA ASN F 165 -5.41 12.46 12.98
C ASN F 165 -4.74 12.66 11.63
N CYS F 166 -5.35 13.46 10.77
CA CYS F 166 -4.84 13.56 9.42
C CYS F 166 -3.54 14.34 9.30
N ASN F 167 -3.32 15.37 10.10
CA ASN F 167 -2.00 16.01 10.02
C ASN F 167 -1.07 15.47 11.11
N THR F 168 -1.56 14.50 11.88
CA THR F 168 -0.72 13.85 12.90
C THR F 168 0.02 12.63 12.33
N SER F 169 -0.70 11.54 12.09
CA SER F 169 -0.06 10.30 11.64
C SER F 169 -1.00 9.46 10.79
N ALA F 170 -0.54 8.26 10.44
CA ALA F 170 -1.38 7.30 9.73
C ALA F 170 -2.27 6.63 10.75
N ILE F 171 -3.16 5.76 10.28
CA ILE F 171 -4.13 5.13 11.17
C ILE F 171 -4.36 3.67 10.82
N THR F 172 -4.44 2.84 11.86
CA THR F 172 -4.75 1.42 11.69
C THR F 172 -5.86 0.98 12.65
N GLN F 173 -6.79 0.18 12.14
CA GLN F 173 -7.92 -0.29 12.94
C GLN F 173 -7.58 -1.50 13.78
N ALA F 174 -7.97 -1.47 15.05
CA ALA F 174 -7.79 -2.62 15.92
C ALA F 174 -8.70 -3.75 15.47
N CYS F 175 -8.15 -4.96 15.42
CA CYS F 175 -8.91 -6.13 14.99
C CYS F 175 -10.01 -6.47 16.00
N PRO F 176 -11.17 -6.91 15.51
CA PRO F 176 -12.31 -7.26 16.38
C PRO F 176 -12.08 -8.57 17.12
N LYS F 177 -11.09 -9.31 16.67
CA LYS F 177 -10.73 -10.58 17.29
C LYS F 177 -9.99 -10.36 18.61
N VAL F 178 -9.16 -9.32 18.65
CA VAL F 178 -8.32 -9.05 19.82
C VAL F 178 -9.13 -8.37 20.92
N SER F 179 -8.61 -8.44 22.15
CA SER F 179 -9.25 -7.77 23.28
C SER F 179 -8.19 -7.06 24.10
N PHE F 180 -8.55 -5.92 24.68
CA PHE F 180 -7.59 -5.10 25.42
C PHE F 180 -7.71 -5.36 26.91
N GLU F 181 -8.55 -6.33 27.27
CA GLU F 181 -8.78 -6.65 28.67
C GLU F 181 -7.48 -7.09 29.36
N PRO F 182 -7.17 -6.46 30.50
CA PRO F 182 -5.96 -6.76 31.25
C PRO F 182 -5.95 -8.21 31.71
N ILE F 183 -4.79 -8.84 31.62
CA ILE F 183 -4.63 -10.22 32.05
C ILE F 183 -3.56 -10.25 33.14
N PRO F 184 -3.76 -11.06 34.20
CA PRO F 184 -2.72 -11.18 35.22
C PRO F 184 -1.40 -11.67 34.62
N ILE F 185 -0.34 -10.90 34.83
CA ILE F 185 0.95 -11.21 34.25
C ILE F 185 2.02 -11.37 35.32
N HIS F 186 2.73 -12.50 35.28
CA HIS F 186 3.79 -12.77 36.23
C HIS F 186 5.14 -12.62 35.51
N TYR F 187 6.00 -11.75 36.04
CA TYR F 187 7.33 -11.55 35.46
C TYR F 187 8.37 -12.36 36.20
N CYS F 188 9.14 -13.17 35.46
CA CYS F 188 10.11 -14.06 36.06
C CYS F 188 11.53 -13.84 35.53
N ALA F 189 12.50 -14.31 36.29
CA ALA F 189 13.91 -14.18 35.93
C ALA F 189 14.52 -15.55 35.56
N PRO F 190 15.46 -15.56 34.59
CA PRO F 190 16.13 -16.79 34.15
C PRO F 190 17.08 -17.36 35.20
N ALA F 191 17.73 -18.48 34.87
CA ALA F 191 18.68 -19.13 35.77
C ALA F 191 19.89 -18.25 36.06
N GLY F 192 20.36 -18.29 37.31
CA GLY F 192 21.47 -17.46 37.73
C GLY F 192 21.01 -16.16 38.36
N PHE F 193 19.72 -15.87 38.24
CA PHE F 193 19.14 -14.64 38.79
C PHE F 193 17.99 -14.93 39.75
N ALA F 194 17.56 -13.90 40.47
CA ALA F 194 16.44 -14.03 41.40
C ALA F 194 15.74 -12.69 41.67
N ILE F 195 14.48 -12.78 42.10
CA ILE F 195 13.70 -11.59 42.40
C ILE F 195 13.40 -11.50 43.89
N LEU F 196 13.77 -10.37 44.49
CA LEU F 196 13.54 -10.14 45.92
C LEU F 196 12.19 -9.45 46.18
N LYS F 197 11.50 -9.84 47.25
CA LYS F 197 10.20 -9.28 47.58
C LYS F 197 10.13 -8.78 49.02
N CYS F 198 9.73 -7.51 49.19
CA CYS F 198 9.56 -6.94 50.52
C CYS F 198 8.20 -7.29 51.08
N LYS F 199 8.18 -7.88 52.27
CA LYS F 199 6.95 -8.38 52.86
C LYS F 199 6.60 -7.57 54.13
N ASP F 200 7.08 -6.33 54.19
CA ASP F 200 6.79 -5.46 55.33
C ASP F 200 5.37 -4.92 55.36
N LYS F 201 4.89 -4.68 56.57
CA LYS F 201 3.58 -4.07 56.77
C LYS F 201 3.57 -2.63 56.26
N LYS F 202 4.64 -1.90 56.56
CA LYS F 202 4.72 -0.48 56.19
C LYS F 202 6.05 -0.16 55.50
N PHE F 203 6.22 -0.63 54.27
CA PHE F 203 7.38 -0.28 53.47
C PHE F 203 7.05 0.89 52.56
N ASN F 204 7.54 2.08 52.89
CA ASN F 204 7.18 3.25 52.09
C ASN F 204 8.02 3.40 50.82
N GLY F 205 8.63 2.30 50.39
CA GLY F 205 9.08 2.17 49.01
C GLY F 205 10.53 2.44 48.67
N THR F 206 11.30 2.86 49.67
CA THR F 206 12.72 3.08 49.48
C THR F 206 13.49 2.69 50.73
N GLY F 207 14.75 2.32 50.56
CA GLY F 207 15.61 2.00 51.67
C GLY F 207 15.66 0.52 52.02
N PRO F 208 16.28 0.20 53.17
CA PRO F 208 16.45 -1.16 53.68
C PRO F 208 15.14 -1.84 54.08
N CYS F 209 15.04 -3.14 53.84
CA CYS F 209 13.85 -3.90 54.21
C CYS F 209 14.16 -5.04 55.19
N PRO F 210 13.56 -5.00 56.39
CA PRO F 210 13.72 -6.01 57.45
C PRO F 210 13.30 -7.43 57.08
N SER F 211 12.10 -7.61 56.54
CA SER F 211 11.61 -8.93 56.18
C SER F 211 11.66 -9.13 54.67
N VAL F 212 12.73 -9.75 54.20
CA VAL F 212 12.91 -9.97 52.77
C VAL F 212 12.73 -11.44 52.42
N SER F 213 12.01 -11.68 51.33
CA SER F 213 11.83 -13.04 50.83
C SER F 213 12.18 -13.11 49.34
N THR F 214 12.46 -14.31 48.85
CA THR F 214 12.83 -14.51 47.46
C THR F 214 11.75 -15.22 46.67
N VAL F 215 11.60 -14.82 45.41
CA VAL F 215 10.66 -15.44 44.51
C VAL F 215 11.26 -15.62 43.13
N GLN F 216 10.72 -16.57 42.38
CA GLN F 216 11.13 -16.78 41.00
C GLN F 216 10.20 -16.00 40.08
N CYS F 217 8.92 -15.98 40.43
CA CYS F 217 7.90 -15.26 39.66
C CYS F 217 7.04 -14.38 40.55
N THR F 218 6.83 -13.14 40.14
CA THR F 218 6.01 -12.20 40.91
C THR F 218 4.52 -12.57 40.85
N HIS F 219 3.71 -11.93 41.69
CA HIS F 219 2.27 -12.17 41.70
C HIS F 219 1.61 -11.65 40.42
N GLY F 220 0.34 -11.97 40.22
CA GLY F 220 -0.36 -11.56 39.01
C GLY F 220 -0.59 -10.07 38.86
N ILE F 221 0.21 -9.43 38.02
CA ILE F 221 0.09 -7.99 37.78
C ILE F 221 -0.66 -7.69 36.49
N LYS F 222 -1.87 -7.17 36.63
CA LYS F 222 -2.67 -6.75 35.49
C LYS F 222 -2.21 -5.39 34.98
N PRO F 223 -1.75 -5.36 33.72
CA PRO F 223 -1.27 -4.14 33.06
C PRO F 223 -2.42 -3.21 32.68
N VAL F 224 -3.05 -2.59 33.68
CA VAL F 224 -4.18 -1.70 33.44
C VAL F 224 -3.71 -0.30 33.09
N VAL F 225 -4.02 0.12 31.87
CA VAL F 225 -3.65 1.44 31.39
C VAL F 225 -4.64 2.47 31.91
N SER F 226 -4.15 3.35 32.78
CA SER F 226 -4.99 4.39 33.34
C SER F 226 -4.18 5.60 33.82
N THR F 227 -4.86 6.72 33.99
CA THR F 227 -4.24 7.94 34.49
C THR F 227 -5.02 8.45 35.69
N GLN F 228 -4.39 9.33 36.48
CA GLN F 228 -5.03 9.90 37.67
C GLN F 228 -5.47 8.83 38.66
N LEU F 229 -6.46 8.04 38.27
CA LEU F 229 -6.99 7.00 39.13
C LEU F 229 -6.34 5.65 38.81
N LEU F 230 -5.86 4.95 39.84
CA LEU F 230 -5.38 3.59 39.64
C LEU F 230 -6.55 2.63 39.51
N LEU F 231 -7.23 2.72 38.36
CA LEU F 231 -8.34 1.84 38.03
C LEU F 231 -7.89 0.40 37.98
N ASN F 232 -8.71 -0.51 38.50
CA ASN F 232 -8.33 -1.91 38.69
C ASN F 232 -6.95 -2.04 39.31
N GLY F 233 -6.65 -1.21 40.30
CA GLY F 233 -5.38 -1.27 40.99
C GLY F 233 -5.35 -2.35 42.05
N SER F 234 -4.44 -2.20 43.02
CA SER F 234 -4.27 -3.16 44.11
C SER F 234 -4.09 -2.42 45.44
N LEU F 235 -4.30 -3.13 46.55
CA LEU F 235 -4.44 -2.50 47.88
C LEU F 235 -3.14 -2.44 48.69
N ALA F 236 -3.20 -1.68 49.79
CA ALA F 236 -2.12 -1.65 50.77
C ALA F 236 -2.53 -2.52 51.96
N GLU F 237 -1.63 -2.71 52.92
CA GLU F 237 -1.91 -3.64 54.02
C GLU F 237 -2.55 -3.04 55.27
N GLU F 238 -2.00 -1.94 55.78
CA GLU F 238 -2.54 -1.37 57.01
C GLU F 238 -3.09 0.04 56.79
N GLU F 239 -2.27 1.03 57.09
CA GLU F 239 -2.62 2.40 56.77
C GLU F 239 -2.39 2.62 55.28
N VAL F 240 -3.15 3.53 54.67
CA VAL F 240 -2.95 3.81 53.25
C VAL F 240 -1.54 4.37 53.04
N MET F 241 -0.90 3.95 51.95
CA MET F 241 0.51 4.24 51.75
C MET F 241 0.76 5.39 50.77
N ILE F 242 1.79 6.19 51.06
CA ILE F 242 2.17 7.31 50.22
C ILE F 242 3.61 7.21 49.79
N ARG F 243 3.84 7.17 48.48
CA ARG F 243 5.19 6.99 47.96
C ARG F 243 5.57 8.12 47.01
N SER F 244 6.77 8.65 47.21
CA SER F 244 7.28 9.74 46.38
C SER F 244 8.80 9.71 46.38
N GLU F 245 9.39 9.94 45.22
CA GLU F 245 10.84 9.93 45.08
C GLU F 245 11.42 11.10 45.87
N ASN F 246 10.67 12.20 45.88
CA ASN F 246 11.03 13.39 46.62
C ASN F 246 9.76 14.15 47.01
N ILE F 247 9.34 14.01 48.26
CA ILE F 247 8.12 14.65 48.73
C ILE F 247 8.26 16.18 48.70
N THR F 248 9.44 16.66 49.07
CA THR F 248 9.75 18.09 49.01
C THR F 248 9.74 18.59 47.58
N ASN F 249 9.88 17.66 46.63
CA ASN F 249 9.77 18.00 45.22
C ASN F 249 8.33 17.89 44.71
N ASN F 250 7.80 19.02 44.26
CA ASN F 250 6.46 19.03 43.71
C ASN F 250 6.43 18.70 42.22
N ALA F 251 7.61 18.49 41.65
CA ALA F 251 7.71 18.10 40.24
C ALA F 251 7.65 16.60 40.13
N LYS F 252 7.85 15.93 41.26
CA LYS F 252 7.73 14.48 41.27
C LYS F 252 6.33 14.06 41.72
N ASN F 253 5.75 13.13 40.97
CA ASN F 253 4.41 12.65 41.26
C ASN F 253 4.39 11.91 42.58
N ILE F 254 3.23 11.92 43.21
CA ILE F 254 3.06 11.26 44.49
C ILE F 254 2.08 10.11 44.33
N LEU F 255 2.60 8.89 44.31
CA LEU F 255 1.78 7.70 44.13
C LEU F 255 1.13 7.26 45.44
N VAL F 256 -0.19 7.19 45.45
CA VAL F 256 -0.93 6.82 46.63
C VAL F 256 -1.49 5.41 46.50
N GLN F 257 -1.38 4.62 47.58
CA GLN F 257 -1.95 3.28 47.60
C GLN F 257 -2.95 3.13 48.74
N PHE F 258 -4.15 2.67 48.40
CA PHE F 258 -5.25 2.58 49.36
C PHE F 258 -5.22 1.26 50.13
N ASN F 259 -5.92 1.23 51.25
CA ASN F 259 -6.14 0.00 51.99
C ASN F 259 -7.47 -0.63 51.62
N THR F 260 -8.52 0.18 51.60
CA THR F 260 -9.85 -0.27 51.20
C THR F 260 -10.22 0.24 49.81
N PRO F 261 -10.66 -0.67 48.93
CA PRO F 261 -10.99 -0.33 47.53
C PRO F 261 -12.27 0.50 47.40
N VAL F 262 -12.27 1.45 46.47
CA VAL F 262 -13.43 2.29 46.22
C VAL F 262 -14.25 1.75 45.04
N GLN F 263 -15.46 1.27 45.34
CA GLN F 263 -16.35 0.69 44.33
C GLN F 263 -16.85 1.74 43.34
N ILE F 264 -16.51 1.58 42.07
CA ILE F 264 -17.02 2.51 41.06
C ILE F 264 -17.65 1.78 39.87
N ASN F 265 -18.70 2.41 39.32
CA ASN F 265 -19.45 1.83 38.22
C ASN F 265 -19.50 2.73 36.99
N CYS F 266 -18.95 2.25 35.89
CA CYS F 266 -18.91 3.02 34.66
C CYS F 266 -19.75 2.35 33.57
N THR F 267 -20.61 3.12 32.91
CA THR F 267 -21.49 2.58 31.88
C THR F 267 -21.58 3.42 30.62
N ARG F 268 -21.93 2.78 29.51
CA ARG F 268 -22.13 3.43 28.22
C ARG F 268 -23.58 3.22 27.78
N PRO F 269 -24.45 4.18 28.10
CA PRO F 269 -25.91 4.13 27.87
C PRO F 269 -26.30 3.91 26.42
N ASN F 270 -25.48 4.38 25.51
CA ASN F 270 -25.78 4.30 24.09
C ASN F 270 -25.56 2.92 23.51
N ASN F 271 -26.62 2.11 23.55
CA ASN F 271 -26.66 0.84 22.87
C ASN F 271 -26.51 1.01 21.35
N ASN F 272 -25.42 0.46 20.80
CA ASN F 272 -24.99 0.81 19.45
C ASN F 272 -25.11 -0.30 18.40
N THR F 273 -24.98 0.09 17.14
CA THR F 273 -25.03 -0.84 16.00
C THR F 273 -23.72 -0.85 15.23
N ARG F 274 -23.16 -2.03 14.99
CA ARG F 274 -21.96 -2.13 14.17
C ARG F 274 -22.36 -2.28 12.70
N LYS F 275 -21.80 -1.42 11.84
CA LYS F 275 -22.00 -1.49 10.40
C LYS F 275 -20.67 -1.91 9.76
N SER F 276 -20.71 -3.02 9.02
CA SER F 276 -19.50 -3.61 8.45
C SER F 276 -19.32 -3.28 6.97
N ILE F 277 -18.89 -2.04 6.68
CA ILE F 277 -18.65 -1.64 5.30
C ILE F 277 -17.35 -2.22 4.77
N ARG F 278 -17.38 -2.69 3.52
CA ARG F 278 -16.25 -3.40 2.95
C ARG F 278 -15.40 -2.49 2.07
N ILE F 279 -14.23 -2.08 2.55
CA ILE F 279 -13.28 -1.33 1.75
C ILE F 279 -12.75 -2.24 0.64
N GLY F 280 -12.54 -3.51 1.00
CA GLY F 280 -12.13 -4.54 0.07
C GLY F 280 -10.64 -4.60 -0.24
N PRO F 281 -10.18 -5.69 -0.89
CA PRO F 281 -10.94 -6.90 -1.21
C PRO F 281 -11.25 -7.78 0.01
N GLY F 282 -10.26 -7.99 0.87
CA GLY F 282 -10.46 -8.80 2.05
C GLY F 282 -10.50 -7.99 3.33
N GLN F 283 -10.48 -6.68 3.17
CA GLN F 283 -10.38 -5.76 4.29
C GLN F 283 -11.72 -5.06 4.53
N ALA F 284 -12.23 -5.16 5.77
CA ALA F 284 -13.53 -4.59 6.10
C ALA F 284 -13.46 -3.58 7.25
N PHE F 285 -14.04 -2.41 7.03
CA PHE F 285 -14.12 -1.39 8.08
C PHE F 285 -15.43 -1.49 8.88
N TYR F 286 -15.32 -1.36 10.20
CA TYR F 286 -16.50 -1.40 11.06
C TYR F 286 -16.91 0.00 11.50
N ALA F 287 -18.09 0.41 11.08
CA ALA F 287 -18.60 1.74 11.37
C ALA F 287 -19.79 1.69 12.29
N THR F 288 -19.91 2.68 13.18
CA THR F 288 -21.07 2.76 14.06
C THR F 288 -22.32 3.09 13.27
N GLY F 289 -23.35 2.25 13.42
CA GLY F 289 -24.63 2.45 12.76
C GLY F 289 -25.48 3.37 13.59
N ASP F 290 -26.77 3.41 13.31
CA ASP F 290 -27.71 4.22 14.08
C ASP F 290 -27.94 3.69 15.50
N ILE F 291 -28.07 4.60 16.45
CA ILE F 291 -28.37 4.26 17.83
C ILE F 291 -29.81 3.78 17.97
N ILE F 292 -30.02 2.74 18.78
CA ILE F 292 -31.38 2.35 19.11
C ILE F 292 -31.65 2.63 20.57
N GLY F 293 -32.59 3.53 20.82
CA GLY F 293 -32.95 3.92 22.16
C GLY F 293 -32.72 5.40 22.34
N ASP F 294 -32.34 5.81 23.54
CA ASP F 294 -32.17 7.21 23.86
C ASP F 294 -30.72 7.65 23.74
N ILE F 295 -30.52 8.93 23.43
CA ILE F 295 -29.17 9.48 23.38
C ILE F 295 -28.74 10.00 24.75
N ARG F 296 -27.90 9.21 25.42
CA ARG F 296 -27.36 9.56 26.72
C ARG F 296 -25.84 9.51 26.70
N GLN F 297 -25.21 10.14 27.68
CA GLN F 297 -23.76 10.19 27.73
C GLN F 297 -23.20 9.20 28.74
N ALA F 298 -22.00 8.72 28.49
CA ALA F 298 -21.34 7.78 29.38
C ALA F 298 -21.03 8.46 30.71
N HIS F 299 -21.04 7.67 31.78
CA HIS F 299 -20.84 8.23 33.11
C HIS F 299 -20.28 7.19 34.07
N CYS F 300 -19.69 7.66 35.17
CA CYS F 300 -19.17 6.77 36.21
C CYS F 300 -19.63 7.20 37.60
N ASN F 301 -20.08 6.23 38.39
CA ASN F 301 -20.56 6.50 39.74
C ASN F 301 -19.57 6.07 40.83
N VAL F 302 -19.39 6.94 41.82
CA VAL F 302 -18.52 6.68 42.96
C VAL F 302 -19.31 6.85 44.26
N SER F 303 -19.34 5.80 45.09
CA SER F 303 -20.06 5.88 46.36
C SER F 303 -19.53 7.04 47.20
N LYS F 304 -20.41 8.01 47.45
CA LYS F 304 -20.05 9.25 48.14
C LYS F 304 -19.45 8.96 49.51
N ALA F 305 -20.06 8.01 50.22
CA ALA F 305 -19.60 7.63 51.55
C ALA F 305 -18.21 7.00 51.50
N THR F 306 -18.03 6.06 50.59
CA THR F 306 -16.76 5.37 50.44
C THR F 306 -15.65 6.34 50.08
N TRP F 307 -15.96 7.27 49.17
CA TRP F 307 -14.98 8.26 48.72
C TRP F 307 -14.65 9.27 49.81
N ASN F 308 -15.64 9.62 50.62
CA ASN F 308 -15.43 10.58 51.70
C ASN F 308 -14.51 10.01 52.78
N GLU F 309 -14.73 8.74 53.12
CA GLU F 309 -13.89 8.06 54.09
C GLU F 309 -12.48 7.83 53.57
N THR F 310 -12.38 7.43 52.31
CA THR F 310 -11.09 7.14 51.71
C THR F 310 -10.23 8.41 51.62
N LEU F 311 -10.82 9.51 51.15
CA LEU F 311 -10.12 10.79 51.10
C LEU F 311 -9.72 11.21 52.51
N GLY F 312 -10.61 11.00 53.47
CA GLY F 312 -10.34 11.35 54.86
C GLY F 312 -9.25 10.52 55.48
N LYS F 313 -9.01 9.33 54.94
CA LYS F 313 -7.94 8.45 55.45
C LYS F 313 -6.61 8.84 54.82
N VAL F 314 -6.67 9.38 53.62
CA VAL F 314 -5.48 9.80 52.90
C VAL F 314 -4.94 11.12 53.46
N VAL F 315 -5.86 12.05 53.71
CA VAL F 315 -5.49 13.37 54.22
C VAL F 315 -4.83 13.26 55.60
N LYS F 316 -5.20 12.24 56.36
CA LYS F 316 -4.57 11.99 57.66
C LYS F 316 -3.14 11.48 57.52
N GLN F 317 -2.85 10.86 56.38
CA GLN F 317 -1.51 10.36 56.12
C GLN F 317 -0.63 11.43 55.48
N LEU F 318 -1.26 12.39 54.81
CA LEU F 318 -0.54 13.48 54.15
C LEU F 318 0.04 14.45 55.18
N ARG F 319 -0.64 14.58 56.31
CA ARG F 319 -0.21 15.45 57.39
C ARG F 319 1.12 15.00 57.97
N LYS F 320 1.38 13.69 57.94
CA LYS F 320 2.60 13.12 58.47
C LYS F 320 3.86 13.53 57.71
N HIS F 321 3.69 14.25 56.60
CA HIS F 321 4.82 14.67 55.79
C HIS F 321 4.81 16.18 55.51
N PHE F 322 3.65 16.81 55.72
CA PHE F 322 3.53 18.24 55.49
C PHE F 322 3.11 19.02 56.74
N GLY F 323 3.44 18.51 57.92
CA GLY F 323 3.08 19.19 59.15
C GLY F 323 1.77 18.68 59.75
N ASN F 324 1.73 18.57 61.08
CA ASN F 324 0.58 18.00 61.77
C ASN F 324 -0.66 18.92 61.65
N ASN F 325 -0.44 20.23 61.79
CA ASN F 325 -1.53 21.21 61.71
C ASN F 325 -1.49 22.08 60.44
N THR F 326 -1.90 21.52 59.31
CA THR F 326 -1.92 22.26 58.05
C THR F 326 -3.21 22.05 57.27
N ILE F 327 -3.45 22.88 56.26
CA ILE F 327 -4.65 22.78 55.44
C ILE F 327 -4.37 22.09 54.10
N ILE F 328 -5.15 21.06 53.78
CA ILE F 328 -4.99 20.35 52.52
C ILE F 328 -6.21 20.49 51.61
N ARG F 329 -6.01 21.14 50.46
CA ARG F 329 -7.09 21.39 49.52
C ARG F 329 -6.94 20.52 48.28
N PHE F 330 -8.07 20.06 47.75
CA PHE F 330 -8.10 19.32 46.50
C PHE F 330 -8.77 20.13 45.39
N ALA F 331 -8.08 20.25 44.27
CA ALA F 331 -8.58 20.98 43.10
C ALA F 331 -8.41 20.12 41.85
N ASN F 332 -9.22 20.38 40.82
CA ASN F 332 -9.18 19.58 39.60
C ASN F 332 -7.86 19.76 38.84
N SER F 333 -7.75 19.08 37.69
CA SER F 333 -6.54 19.16 36.89
C SER F 333 -6.38 20.57 36.34
N SER F 334 -5.14 21.03 36.30
CA SER F 334 -4.83 22.37 35.81
C SER F 334 -4.98 22.55 34.28
N GLY F 335 -4.65 21.51 33.50
CA GLY F 335 -4.73 21.59 32.05
C GLY F 335 -3.84 20.60 31.32
N GLY F 336 -3.88 20.59 29.99
CA GLY F 336 -3.05 19.67 29.22
C GLY F 336 -3.87 18.87 28.21
N ASP F 337 -3.27 17.79 27.72
CA ASP F 337 -3.96 16.89 26.81
C ASP F 337 -5.15 16.21 27.47
N LEU F 338 -6.18 15.95 26.66
CA LEU F 338 -7.46 15.46 27.15
C LEU F 338 -7.34 14.18 27.95
N GLU F 339 -6.39 13.33 27.57
CA GLU F 339 -6.17 12.09 28.29
C GLU F 339 -5.64 12.27 29.71
N VAL F 340 -4.70 13.19 29.90
CA VAL F 340 -4.13 13.45 31.23
C VAL F 340 -5.07 14.21 32.17
N THR F 341 -5.75 15.22 31.63
CA THR F 341 -6.65 16.04 32.44
C THR F 341 -7.84 15.24 32.97
N THR F 342 -8.29 14.27 32.17
CA THR F 342 -9.42 13.41 32.55
C THR F 342 -8.94 12.04 33.01
N HIS F 343 -9.85 11.27 33.59
CA HIS F 343 -9.54 9.90 33.97
C HIS F 343 -9.59 8.96 32.77
N SER F 344 -8.41 8.60 32.26
CA SER F 344 -8.29 7.77 31.07
C SER F 344 -8.34 6.28 31.40
N PHE F 345 -9.15 5.52 30.68
CA PHE F 345 -9.13 4.07 30.82
C PHE F 345 -9.88 3.34 29.70
N ASN F 346 -9.84 2.02 29.77
CA ASN F 346 -10.53 1.13 28.84
C ASN F 346 -11.56 0.28 29.54
N CYS F 347 -12.72 0.09 28.91
CA CYS F 347 -13.73 -0.78 29.49
C CYS F 347 -14.61 -1.39 28.40
N GLY F 348 -14.43 -2.69 28.17
CA GLY F 348 -15.22 -3.41 27.18
C GLY F 348 -14.76 -3.12 25.76
N GLY F 349 -13.61 -2.47 25.64
CA GLY F 349 -13.03 -2.09 24.36
C GLY F 349 -13.04 -0.61 24.01
N GLU F 350 -13.98 0.15 24.56
CA GLU F 350 -14.05 1.59 24.30
C GLU F 350 -13.21 2.39 25.29
N PHE F 351 -12.69 3.53 24.84
CA PHE F 351 -11.80 4.37 25.64
C PHE F 351 -12.51 5.59 26.20
N PHE F 352 -12.79 5.56 27.49
CA PHE F 352 -13.51 6.65 28.16
C PHE F 352 -12.56 7.71 28.68
N TYR F 353 -13.09 8.92 28.85
CA TYR F 353 -12.34 10.04 29.40
C TYR F 353 -13.24 10.84 30.35
N CYS F 354 -13.15 10.57 31.65
CA CYS F 354 -14.12 11.09 32.61
C CYS F 354 -13.69 12.36 33.36
N ASN F 355 -14.67 13.23 33.63
CA ASN F 355 -14.45 14.48 34.34
C ASN F 355 -14.30 14.23 35.85
N THR F 356 -13.10 14.49 36.35
CA THR F 356 -12.80 14.28 37.77
C THR F 356 -12.78 15.60 38.53
N SER F 357 -13.77 16.44 38.27
CA SER F 357 -13.92 17.70 39.01
C SER F 357 -14.83 17.47 40.20
N GLY F 358 -15.45 16.30 40.26
CA GLY F 358 -16.33 15.92 41.35
C GLY F 358 -15.67 15.09 42.44
N LEU F 359 -14.42 14.68 42.21
CA LEU F 359 -13.66 13.89 43.18
C LEU F 359 -12.59 14.72 43.90
N PHE F 360 -12.03 15.69 43.20
CA PHE F 360 -10.98 16.54 43.75
C PHE F 360 -11.52 17.94 43.98
N ASN F 361 -12.73 18.00 44.54
CA ASN F 361 -13.35 19.26 44.90
C ASN F 361 -13.59 19.29 46.40
N SER F 362 -12.51 19.44 47.16
CA SER F 362 -12.60 19.38 48.61
C SER F 362 -11.59 20.33 49.25
N THR F 363 -11.76 20.54 50.55
CA THR F 363 -10.86 21.39 51.33
C THR F 363 -10.84 20.91 52.78
N TRP F 364 -9.75 20.25 53.17
CA TRP F 364 -9.63 19.71 54.52
C TRP F 364 -8.79 20.61 55.43
N ILE F 365 -9.42 21.18 56.44
CA ILE F 365 -8.76 22.08 57.38
C ILE F 365 -8.74 21.46 58.79
N SER F 366 -7.58 21.49 59.43
CA SER F 366 -7.39 20.98 60.80
C SER F 366 -7.90 19.55 60.95
N ASN F 367 -7.63 18.73 59.93
CA ASN F 367 -8.01 17.32 59.92
C ASN F 367 -9.52 17.15 59.95
N ASN F 379 -26.74 10.07 51.05
CA ASN F 379 -26.41 8.69 50.71
C ASN F 379 -26.72 8.36 49.26
N ASP F 380 -25.77 8.61 48.37
CA ASP F 380 -25.95 8.35 46.95
C ASP F 380 -24.57 8.27 46.28
N SER F 381 -24.54 8.16 44.96
CA SER F 381 -23.28 8.03 44.22
C SER F 381 -22.87 9.33 43.52
N ILE F 382 -21.56 9.53 43.38
CA ILE F 382 -21.03 10.70 42.67
C ILE F 382 -20.81 10.38 41.19
N THR F 383 -21.67 10.93 40.33
CA THR F 383 -21.59 10.65 38.90
C THR F 383 -20.64 11.62 38.20
N LEU F 384 -19.87 11.11 37.24
CA LEU F 384 -18.93 11.93 36.47
C LEU F 384 -19.18 11.83 34.96
N PRO F 385 -19.24 12.99 34.28
CA PRO F 385 -19.46 13.07 32.83
C PRO F 385 -18.32 12.44 32.03
N CYS F 386 -18.64 11.41 31.24
CA CYS F 386 -17.63 10.70 30.48
C CYS F 386 -17.79 10.81 28.96
N ARG F 387 -16.69 11.15 28.29
CA ARG F 387 -16.63 11.23 26.83
C ARG F 387 -16.03 9.94 26.26
N ILE F 388 -16.21 9.71 24.95
CA ILE F 388 -15.68 8.51 24.31
C ILE F 388 -14.91 8.88 23.05
N LYS F 389 -13.70 8.35 22.91
CA LYS F 389 -12.91 8.55 21.71
C LYS F 389 -12.57 7.20 21.09
N GLN F 390 -12.64 7.12 19.77
CA GLN F 390 -12.27 5.90 19.08
C GLN F 390 -10.86 6.03 18.49
N ILE F 391 -10.49 7.26 18.13
CA ILE F 391 -9.14 7.53 17.66
C ILE F 391 -8.23 7.97 18.81
N ILE F 392 -7.30 7.09 19.18
CA ILE F 392 -6.38 7.33 20.30
C ILE F 392 -4.92 7.26 19.91
N ASN F 393 -4.07 7.87 20.73
CA ASN F 393 -2.63 7.87 20.50
C ASN F 393 -1.88 7.82 21.84
N MET F 394 -2.08 6.74 22.59
CA MET F 394 -1.50 6.59 23.93
C MET F 394 0.02 6.39 23.89
N TRP F 395 0.66 6.48 25.06
CA TRP F 395 2.12 6.41 25.20
C TRP F 395 2.87 7.45 24.41
N GLN F 396 2.15 8.48 23.98
CA GLN F 396 2.69 9.51 23.12
C GLN F 396 3.31 8.88 21.88
N ARG F 397 2.62 7.89 21.34
CA ARG F 397 3.04 7.15 20.17
C ARG F 397 3.11 8.08 18.96
N ILE F 398 4.11 7.87 18.11
CA ILE F 398 4.27 8.68 16.91
C ILE F 398 4.23 7.79 15.66
N GLY F 399 3.36 8.13 14.71
CA GLY F 399 3.23 7.38 13.48
C GLY F 399 2.29 6.20 13.60
N GLN F 400 1.64 6.06 14.75
CA GLN F 400 0.71 4.95 14.97
C GLN F 400 -0.55 5.41 15.70
N ALA F 401 -1.64 5.55 14.96
CA ALA F 401 -2.94 5.86 15.55
C ALA F 401 -3.88 4.67 15.40
N MET F 402 -4.49 4.25 16.50
CA MET F 402 -5.39 3.10 16.49
C MET F 402 -6.86 3.48 16.64
N TYR F 403 -7.69 2.98 15.73
CA TYR F 403 -9.13 3.20 15.79
C TYR F 403 -9.86 2.07 16.51
N ALA F 404 -10.42 2.38 17.68
CA ALA F 404 -11.22 1.41 18.40
C ALA F 404 -12.58 1.21 17.75
N PRO F 405 -12.84 -0.01 17.26
CA PRO F 405 -14.10 -0.37 16.60
C PRO F 405 -15.28 -0.28 17.55
N PRO F 406 -16.47 0.04 17.02
CA PRO F 406 -17.69 0.14 17.83
C PRO F 406 -18.04 -1.19 18.50
N ILE F 407 -18.67 -1.10 19.65
CA ILE F 407 -19.04 -2.28 20.41
C ILE F 407 -20.55 -2.38 20.59
N GLN F 408 -21.12 -3.50 20.16
CA GLN F 408 -22.55 -3.70 20.27
C GLN F 408 -22.96 -3.96 21.72
N GLY F 409 -24.16 -3.48 22.08
CA GLY F 409 -24.70 -3.65 23.42
C GLY F 409 -24.23 -2.60 24.40
N VAL F 410 -25.01 -2.39 25.46
CA VAL F 410 -24.63 -1.45 26.52
C VAL F 410 -23.43 -1.99 27.29
N ILE F 411 -22.39 -1.18 27.41
CA ILE F 411 -21.20 -1.60 28.14
C ILE F 411 -21.26 -1.21 29.60
N ARG F 412 -21.09 -2.20 30.49
CA ARG F 412 -21.05 -1.96 31.92
C ARG F 412 -19.80 -2.59 32.52
N CYS F 413 -19.13 -1.84 33.39
CA CYS F 413 -17.94 -2.34 34.06
C CYS F 413 -17.86 -1.85 35.50
N VAL F 414 -17.56 -2.77 36.41
CA VAL F 414 -17.45 -2.45 37.83
C VAL F 414 -16.01 -2.67 38.27
N SER F 415 -15.36 -1.65 38.82
CA SER F 415 -13.93 -1.76 39.12
C SER F 415 -13.47 -1.18 40.46
N ASN F 416 -12.19 -1.37 40.77
CA ASN F 416 -11.60 -0.92 42.02
C ASN F 416 -10.67 0.27 41.87
N ILE F 417 -11.04 1.41 42.46
CA ILE F 417 -10.07 2.50 42.62
C ILE F 417 -9.27 2.24 43.86
N THR F 418 -8.00 1.94 43.65
CA THR F 418 -7.15 1.59 44.76
C THR F 418 -5.98 2.54 44.91
N GLY F 419 -5.94 3.56 44.06
CA GLY F 419 -4.84 4.49 44.15
C GLY F 419 -5.01 5.74 43.33
N LEU F 420 -4.12 6.68 43.61
CA LEU F 420 -4.15 7.97 42.98
C LEU F 420 -2.77 8.31 42.48
N ILE F 421 -2.71 9.24 41.55
CA ILE F 421 -1.43 9.82 41.19
C ILE F 421 -1.58 11.32 41.28
N LEU F 422 -1.09 11.90 42.38
CA LEU F 422 -1.30 13.31 42.65
C LEU F 422 -0.07 14.16 42.36
N THR F 423 -0.30 15.46 42.16
CA THR F 423 0.80 16.40 41.96
C THR F 423 0.57 17.63 42.83
N ARG F 424 1.66 18.16 43.37
CA ARG F 424 1.58 19.27 44.30
C ARG F 424 1.98 20.58 43.64
N ASP F 425 1.26 21.64 43.96
CA ASP F 425 1.55 22.96 43.41
C ASP F 425 2.70 23.62 44.15
N GLY F 426 3.48 24.41 43.44
CA GLY F 426 4.70 24.96 44.00
C GLY F 426 4.70 26.46 44.23
N GLY F 427 5.87 27.00 44.53
CA GLY F 427 6.03 28.40 44.89
C GLY F 427 5.09 28.83 45.99
N ALA F 428 4.90 27.95 46.97
CA ALA F 428 3.97 28.20 48.08
C ALA F 428 4.58 29.18 49.09
N ASN F 429 5.59 28.70 49.82
CA ASN F 429 6.29 29.49 50.84
C ASN F 429 5.38 30.05 51.93
N ASN F 430 4.58 31.05 51.57
CA ASN F 430 3.86 31.86 52.52
C ASN F 430 2.70 31.20 53.26
N THR F 431 1.80 30.55 52.53
CA THR F 431 0.56 30.08 53.15
C THR F 431 0.83 28.89 54.06
N SER F 432 1.83 28.08 53.72
CA SER F 432 2.11 26.84 54.44
C SER F 432 0.94 25.89 54.31
N THR F 433 0.32 25.88 53.15
CA THR F 433 -0.77 24.95 52.86
C THR F 433 -0.47 24.23 51.57
N GLU F 434 -1.07 23.06 51.38
CA GLU F 434 -0.83 22.31 50.15
C GLU F 434 -2.10 21.93 49.40
N THR F 435 -2.08 22.15 48.09
CA THR F 435 -3.16 21.76 47.19
C THR F 435 -2.69 20.67 46.25
N PHE F 436 -3.53 19.64 46.10
CA PHE F 436 -3.15 18.50 45.29
C PHE F 436 -4.10 18.31 44.10
N ARG F 437 -3.52 18.04 42.95
CA ARG F 437 -4.27 17.86 41.70
C ARG F 437 -3.86 16.54 41.05
N PRO F 438 -4.82 15.88 40.37
CA PRO F 438 -4.57 14.61 39.68
C PRO F 438 -3.65 14.75 38.46
N GLY F 439 -2.73 13.82 38.29
CA GLY F 439 -1.80 13.85 37.18
C GLY F 439 -1.55 12.50 36.52
N GLY F 440 -0.30 12.06 36.58
CA GLY F 440 0.10 10.77 36.05
C GLY F 440 0.04 10.67 34.54
N GLY F 441 0.62 11.65 33.85
CA GLY F 441 0.68 11.62 32.40
C GLY F 441 1.53 10.44 31.90
N ASP F 442 2.69 10.26 32.50
CA ASP F 442 3.57 9.15 32.13
C ASP F 442 2.94 7.86 32.63
N MET F 443 3.14 6.76 31.91
CA MET F 443 2.44 5.53 32.28
C MET F 443 3.37 4.59 33.05
N ARG F 444 4.63 4.99 33.14
CA ARG F 444 5.59 4.22 33.90
C ARG F 444 5.24 4.24 35.39
N ASP F 445 4.57 5.32 35.82
CA ASP F 445 4.11 5.43 37.20
C ASP F 445 3.03 4.38 37.52
N ASN F 446 2.27 3.97 36.51
CA ASN F 446 1.25 2.95 36.67
C ASN F 446 1.84 1.58 36.99
N TRP F 447 3.06 1.37 36.52
CA TRP F 447 3.78 0.12 36.78
C TRP F 447 4.54 0.17 38.10
N ARG F 448 4.96 1.37 38.51
CA ARG F 448 5.67 1.56 39.76
C ARG F 448 4.76 1.30 40.97
N SER F 449 3.45 1.30 40.71
CA SER F 449 2.46 1.04 41.76
C SER F 449 2.32 -0.45 42.05
N GLU F 450 2.98 -1.29 41.25
CA GLU F 450 2.90 -2.74 41.45
C GLU F 450 4.28 -3.38 41.60
N LEU F 451 5.30 -2.66 41.13
CA LEU F 451 6.68 -3.15 41.14
C LEU F 451 7.56 -2.51 42.23
N TYR F 452 6.92 -1.90 43.23
CA TYR F 452 7.65 -1.20 44.30
C TYR F 452 8.29 -2.21 45.24
N LYS F 453 7.71 -3.41 45.27
CA LYS F 453 8.13 -4.45 46.17
C LYS F 453 9.13 -5.41 45.54
N TYR F 454 9.28 -5.36 44.22
CA TYR F 454 10.19 -6.27 43.52
C TYR F 454 11.47 -5.62 42.98
N LYS F 455 12.56 -6.39 42.94
CA LYS F 455 13.81 -5.94 42.31
C LYS F 455 14.69 -7.13 41.88
N VAL F 456 15.53 -6.91 40.87
CA VAL F 456 16.33 -7.97 40.26
C VAL F 456 17.76 -8.05 40.80
N VAL F 457 18.19 -9.26 41.14
CA VAL F 457 19.56 -9.50 41.58
C VAL F 457 20.18 -10.71 40.87
N LYS F 458 21.50 -10.68 40.70
CA LYS F 458 22.21 -11.78 40.06
C LYS F 458 23.00 -12.60 41.10
N ILE F 459 22.98 -13.93 40.96
CA ILE F 459 23.66 -14.81 41.91
C ILE F 459 25.09 -15.10 41.46
N GLU F 460 26.04 -14.83 42.36
CA GLU F 460 27.43 -15.15 42.12
C GLU F 460 27.88 -16.19 43.13
N PRO F 461 27.67 -17.48 42.79
CA PRO F 461 27.89 -18.61 43.71
C PRO F 461 29.37 -18.88 44.00
N LEU F 462 30.28 -18.20 43.31
CA LEU F 462 31.70 -18.40 43.56
C LEU F 462 32.22 -17.47 44.64
N GLY F 463 32.54 -18.06 45.79
CA GLY F 463 33.09 -17.33 46.92
C GLY F 463 34.24 -18.08 47.57
N VAL F 464 35.38 -17.41 47.69
CA VAL F 464 36.56 -18.01 48.32
C VAL F 464 36.63 -17.63 49.80
N ALA F 465 37.15 -18.54 50.61
CA ALA F 465 37.27 -18.29 52.04
C ALA F 465 38.42 -19.12 52.64
N PRO F 466 39.17 -18.52 53.58
CA PRO F 466 40.33 -19.17 54.19
C PRO F 466 39.98 -20.18 55.29
N THR F 467 40.74 -21.27 55.37
CA THR F 467 40.62 -22.27 56.44
C THR F 467 41.87 -23.14 56.48
N ARG F 468 42.05 -23.87 57.58
CA ARG F 468 43.23 -24.71 57.76
C ARG F 468 43.13 -25.98 56.92
N CYS F 469 43.02 -25.81 55.61
CA CYS F 469 42.88 -26.95 54.70
C CYS F 469 43.85 -26.89 53.52
N LYS F 470 44.78 -27.84 53.51
CA LYS F 470 45.73 -28.01 52.40
C LYS F 470 45.59 -29.44 51.85
N ARG F 471 46.21 -29.72 50.71
CA ARG F 471 46.23 -31.08 50.15
C ARG F 471 47.29 -32.00 50.75
N PHE G 8 16.62 -28.02 55.59
CA PHE G 8 16.72 -27.15 54.42
C PHE G 8 15.92 -25.87 54.60
N LEU G 9 16.38 -24.78 53.99
CA LEU G 9 15.67 -23.51 54.05
C LEU G 9 15.39 -22.98 52.66
N GLY G 10 15.51 -23.84 51.66
CA GLY G 10 15.26 -23.45 50.29
C GLY G 10 16.39 -22.65 49.68
N PHE G 11 16.15 -22.08 48.51
CA PHE G 11 17.14 -21.31 47.75
C PHE G 11 17.60 -20.09 48.54
N LEU G 12 18.91 -19.86 48.61
CA LEU G 12 19.51 -18.74 49.37
C LEU G 12 19.10 -18.74 50.83
N GLY G 13 18.75 -19.91 51.37
CA GLY G 13 18.19 -20.05 52.71
C GLY G 13 18.99 -19.39 53.83
N ALA G 14 20.25 -19.78 53.96
CA ALA G 14 21.13 -19.22 54.99
C ALA G 14 21.95 -18.03 54.46
N ALA G 15 21.30 -17.04 53.86
CA ALA G 15 22.00 -15.87 53.35
C ALA G 15 22.41 -14.93 54.48
N GLY G 16 21.52 -14.80 55.47
CA GLY G 16 21.75 -13.93 56.60
C GLY G 16 22.42 -14.66 57.75
N SER G 17 22.64 -15.96 57.57
CA SER G 17 23.35 -16.75 58.56
C SER G 17 24.84 -16.58 58.32
N THR G 18 25.64 -17.01 59.29
CA THR G 18 27.09 -16.93 59.18
C THR G 18 27.58 -17.79 58.02
N MET G 19 28.80 -17.53 57.55
CA MET G 19 29.36 -18.24 56.42
C MET G 19 29.46 -19.74 56.70
N GLY G 20 29.76 -20.10 57.95
CA GLY G 20 29.79 -21.48 58.37
C GLY G 20 28.43 -22.13 58.34
N ALA G 21 27.41 -21.38 58.75
CA ALA G 21 26.04 -21.87 58.75
C ALA G 21 25.49 -21.83 57.33
N ALA G 22 26.01 -20.91 56.53
CA ALA G 22 25.62 -20.81 55.12
C ALA G 22 26.27 -21.92 54.31
N SER G 23 27.28 -22.56 54.89
CA SER G 23 27.91 -23.70 54.23
C SER G 23 27.04 -24.95 54.37
N MET G 24 26.00 -24.86 55.19
CA MET G 24 25.06 -25.96 55.39
C MET G 24 24.00 -26.00 54.30
N THR G 25 23.98 -24.96 53.47
CA THR G 25 22.99 -24.82 52.40
C THR G 25 23.65 -24.43 51.07
N LEU G 26 24.79 -25.04 50.73
CA LEU G 26 25.48 -24.74 49.46
C LEU G 26 24.84 -25.37 48.22
N THR G 27 24.30 -26.59 48.35
CA THR G 27 23.76 -27.35 47.23
C THR G 27 22.41 -26.84 46.72
N VAL G 28 21.63 -26.19 47.60
CA VAL G 28 20.29 -25.72 47.24
C VAL G 28 20.30 -24.54 46.24
N GLN G 29 21.33 -23.70 46.29
CA GLN G 29 21.38 -22.55 45.39
C GLN G 29 22.04 -22.85 44.04
N ALA G 30 22.68 -24.00 43.92
CA ALA G 30 23.36 -24.39 42.69
C ALA G 30 22.45 -25.28 41.88
N ARG G 31 21.38 -25.76 42.51
CA ARG G 31 20.47 -26.71 41.88
C ARG G 31 19.56 -26.03 40.86
N ASN G 32 18.80 -25.04 41.32
CA ASN G 32 17.85 -24.33 40.49
C ASN G 32 18.54 -23.52 39.37
N LEU G 33 19.72 -23.00 39.68
CA LEU G 33 20.51 -22.22 38.72
C LEU G 33 20.98 -23.06 37.53
N THR G 58 8.13 -14.32 15.71
CA THR G 58 7.26 -13.56 16.60
C THR G 58 8.03 -13.07 17.83
N VAL G 59 7.85 -11.79 18.17
CA VAL G 59 8.56 -11.20 19.31
C VAL G 59 7.93 -11.63 20.64
N TRP G 60 8.48 -11.11 21.74
CA TRP G 60 8.03 -11.38 23.12
C TRP G 60 8.32 -12.82 23.54
N GLY G 61 8.59 -13.68 22.57
CA GLY G 61 9.02 -15.04 22.82
C GLY G 61 10.54 -15.13 22.76
N ILE G 62 11.17 -14.13 22.15
CA ILE G 62 12.62 -14.00 22.10
C ILE G 62 13.14 -13.40 23.39
N LYS G 63 12.21 -12.81 24.15
CA LYS G 63 12.54 -12.18 25.40
C LYS G 63 13.13 -13.22 26.36
N GLN G 64 12.61 -14.44 26.31
CA GLN G 64 13.10 -15.52 27.16
C GLN G 64 14.30 -16.27 26.56
N LEU G 65 14.36 -16.33 25.23
CA LEU G 65 15.45 -17.06 24.58
C LEU G 65 16.77 -16.33 24.79
N GLN G 66 16.80 -15.03 24.51
CA GLN G 66 18.03 -14.26 24.68
C GLN G 66 18.50 -14.24 26.14
N ALA G 67 17.58 -14.47 27.07
CA ALA G 67 17.90 -14.51 28.50
C ALA G 67 18.44 -15.86 28.96
N ARG G 68 17.80 -16.94 28.51
CA ARG G 68 18.16 -18.28 28.91
C ARG G 68 19.43 -18.75 28.21
N VAL G 69 19.87 -17.98 27.22
CA VAL G 69 21.19 -18.18 26.62
C VAL G 69 22.26 -17.57 27.51
N LEU G 70 21.99 -16.36 28.00
CA LEU G 70 22.92 -15.69 28.91
C LEU G 70 23.01 -16.43 30.25
N ALA G 71 21.96 -17.19 30.57
CA ALA G 71 21.91 -17.97 31.81
C ALA G 71 22.93 -19.09 31.83
N VAL G 72 23.01 -19.84 30.74
CA VAL G 72 23.95 -20.96 30.66
C VAL G 72 25.37 -20.44 30.39
N GLU G 73 25.47 -19.24 29.82
CA GLU G 73 26.78 -18.60 29.64
C GLU G 73 27.32 -18.09 30.96
N ARG G 74 26.42 -17.63 31.83
CA ARG G 74 26.80 -17.21 33.17
C ARG G 74 27.18 -18.43 34.02
N TYR G 75 26.55 -19.57 33.71
CA TYR G 75 26.82 -20.84 34.38
C TYR G 75 28.17 -21.43 33.98
N LEU G 76 28.41 -21.55 32.68
CA LEU G 76 29.64 -22.13 32.17
C LEU G 76 30.84 -21.21 32.40
N ARG G 77 30.59 -19.91 32.57
CA ARG G 77 31.66 -18.97 32.91
C ARG G 77 32.14 -19.34 34.30
N ASP G 78 31.19 -19.66 35.18
CA ASP G 78 31.50 -20.08 36.53
C ASP G 78 32.11 -21.49 36.55
N GLN G 79 31.63 -22.38 35.67
CA GLN G 79 32.15 -23.76 35.58
C GLN G 79 33.53 -23.86 34.93
N GLN G 80 33.80 -22.93 34.02
CA GLN G 80 35.12 -22.86 33.39
C GLN G 80 36.15 -22.39 34.41
N LEU G 81 35.81 -21.35 35.15
CA LEU G 81 36.65 -20.85 36.23
C LEU G 81 36.85 -21.91 37.29
N LEU G 82 35.80 -22.70 37.52
CA LEU G 82 35.85 -23.78 38.50
C LEU G 82 36.68 -24.95 37.98
N GLY G 83 36.87 -25.02 36.66
CA GLY G 83 37.62 -26.10 36.05
C GLY G 83 39.11 -25.83 35.94
N ILE G 84 39.45 -24.59 35.58
CA ILE G 84 40.84 -24.16 35.41
C ILE G 84 41.61 -24.10 36.73
N TRP G 85 40.88 -23.94 37.83
CA TRP G 85 41.48 -23.91 39.15
C TRP G 85 41.67 -25.34 39.61
N GLY G 86 42.19 -25.50 40.82
CA GLY G 86 42.33 -26.83 41.39
C GLY G 86 41.01 -27.32 41.95
N CYS G 87 39.98 -27.35 41.11
CA CYS G 87 38.65 -27.74 41.56
C CYS G 87 37.97 -28.72 40.61
N SER G 88 37.43 -28.22 39.50
CA SER G 88 36.63 -29.04 38.57
C SER G 88 35.42 -29.68 39.27
N GLY G 89 35.69 -30.55 40.24
CA GLY G 89 34.66 -31.03 41.14
C GLY G 89 34.06 -29.89 41.91
N LYS G 90 32.74 -29.73 41.81
CA LYS G 90 32.05 -28.54 42.33
C LYS G 90 31.97 -28.48 43.87
N LEU G 91 31.08 -27.62 44.37
CA LEU G 91 30.87 -27.40 45.81
C LEU G 91 32.11 -26.86 46.54
N ILE G 92 32.99 -27.75 46.97
CA ILE G 92 34.17 -27.35 47.73
C ILE G 92 35.46 -27.99 47.22
N CYS G 93 36.58 -27.30 47.43
CA CYS G 93 37.89 -27.79 47.05
C CYS G 93 39.02 -27.02 47.74
N CYS G 94 40.14 -27.69 47.98
CA CYS G 94 41.30 -27.07 48.63
C CYS G 94 42.27 -26.54 47.59
N THR G 95 43.06 -25.56 48.02
CA THR G 95 44.06 -24.98 47.17
C THR G 95 45.30 -24.68 47.97
N ASN G 96 46.45 -24.69 47.31
CA ASN G 96 47.70 -24.41 47.97
C ASN G 96 48.08 -22.94 47.77
N VAL G 97 47.20 -22.04 48.20
CA VAL G 97 47.46 -20.61 48.15
C VAL G 97 47.33 -19.96 49.53
N PRO G 98 48.41 -19.37 50.03
CA PRO G 98 48.47 -18.72 51.34
C PRO G 98 47.63 -17.45 51.40
N TRP G 99 46.86 -17.30 52.47
CA TRP G 99 46.02 -16.13 52.64
C TRP G 99 46.85 -14.92 53.05
N ASN G 100 46.96 -13.94 52.16
CA ASN G 100 47.69 -12.70 52.45
C ASN G 100 46.93 -11.87 53.49
N SER G 101 47.66 -11.36 54.49
CA SER G 101 47.05 -10.62 55.60
C SER G 101 46.39 -9.30 55.18
N SER G 102 46.84 -8.73 54.07
CA SER G 102 46.30 -7.46 53.58
C SER G 102 44.86 -7.63 53.11
N TRP G 103 44.45 -8.87 52.88
CA TRP G 103 43.09 -9.18 52.45
C TRP G 103 42.14 -9.28 53.63
N SER G 104 42.01 -8.18 54.36
CA SER G 104 41.17 -8.11 55.56
C SER G 104 41.58 -9.21 56.55
N ASN G 105 42.61 -8.93 57.33
CA ASN G 105 43.16 -9.90 58.27
C ASN G 105 42.19 -10.23 59.40
N ARG G 106 41.42 -11.31 59.22
CA ARG G 106 40.47 -11.77 60.23
C ARG G 106 40.92 -13.13 60.77
N ASN G 107 40.32 -13.58 61.88
CA ASN G 107 40.66 -14.86 62.46
C ASN G 107 39.70 -15.96 61.96
N LEU G 108 40.07 -17.22 62.18
CA LEU G 108 39.26 -18.35 61.73
C LEU G 108 37.87 -18.32 62.35
N SER G 109 37.82 -18.02 63.64
CA SER G 109 36.57 -18.02 64.37
C SER G 109 35.82 -16.70 64.19
N GLU G 110 36.48 -15.71 63.62
CA GLU G 110 35.90 -14.39 63.43
C GLU G 110 35.27 -14.26 62.05
N ILE G 111 35.44 -15.29 61.23
CA ILE G 111 34.90 -15.30 59.87
C ILE G 111 33.67 -16.21 59.74
N TRP G 112 33.83 -17.46 60.13
CA TRP G 112 32.80 -18.47 59.93
C TRP G 112 31.69 -18.42 60.98
N ASP G 113 31.90 -17.63 62.03
CA ASP G 113 30.93 -17.57 63.11
C ASP G 113 30.59 -16.14 63.53
N ASN G 114 30.85 -15.19 62.64
CA ASN G 114 30.59 -13.79 62.95
C ASN G 114 30.46 -12.93 61.69
N MET G 115 30.14 -13.56 60.56
CA MET G 115 30.05 -12.83 59.29
C MET G 115 29.23 -13.60 58.25
N THR G 116 28.44 -12.87 57.47
CA THR G 116 27.66 -13.47 56.39
C THR G 116 28.42 -13.38 55.06
N TRP G 117 28.02 -14.17 54.08
CA TRP G 117 28.71 -14.18 52.79
C TRP G 117 28.57 -12.85 52.06
N LEU G 118 27.42 -12.23 52.21
CA LEU G 118 27.17 -10.92 51.61
C LEU G 118 28.10 -9.89 52.22
N GLN G 119 28.26 -9.95 53.54
CA GLN G 119 29.11 -9.00 54.25
C GLN G 119 30.57 -9.29 53.93
N TRP G 120 30.86 -10.56 53.69
CA TRP G 120 32.23 -10.99 53.43
C TRP G 120 32.67 -10.58 52.03
N ASP G 121 31.85 -10.88 51.04
CA ASP G 121 32.20 -10.60 49.65
C ASP G 121 32.40 -9.09 49.42
N LYS G 122 31.76 -8.28 50.27
CA LYS G 122 31.84 -6.82 50.16
C LYS G 122 33.24 -6.29 50.52
N GLU G 123 33.93 -6.99 51.42
CA GLU G 123 35.27 -6.57 51.83
C GLU G 123 36.33 -7.11 50.87
N ILE G 124 36.17 -8.37 50.47
CA ILE G 124 37.13 -9.05 49.63
C ILE G 124 36.88 -8.73 48.15
N SER G 125 35.84 -7.93 47.89
CA SER G 125 35.50 -7.54 46.52
C SER G 125 36.67 -6.86 45.84
N ASN G 126 37.46 -6.13 46.61
CA ASN G 126 38.63 -5.42 46.10
C ASN G 126 39.74 -6.34 45.62
N TYR G 127 39.82 -7.53 46.20
CA TYR G 127 40.93 -8.43 45.93
C TYR G 127 40.50 -9.69 45.18
N THR G 128 39.23 -9.76 44.80
CA THR G 128 38.70 -10.93 44.09
C THR G 128 39.41 -11.20 42.76
N GLN G 129 39.58 -10.15 41.95
CA GLN G 129 40.24 -10.28 40.65
C GLN G 129 41.70 -10.69 40.81
N ILE G 130 42.32 -10.28 41.91
CA ILE G 130 43.71 -10.63 42.18
C ILE G 130 43.85 -12.10 42.53
N ILE G 131 43.02 -12.56 43.47
CA ILE G 131 43.05 -13.94 43.93
C ILE G 131 42.77 -14.90 42.79
N TYR G 132 41.82 -14.53 41.94
CA TYR G 132 41.45 -15.35 40.79
C TYR G 132 42.67 -15.64 39.94
N GLY G 133 43.51 -14.63 39.73
CA GLY G 133 44.72 -14.78 38.94
C GLY G 133 45.74 -15.72 39.54
N LEU G 134 45.76 -15.81 40.86
CA LEU G 134 46.71 -16.68 41.56
C LEU G 134 46.27 -18.14 41.61
N LEU G 135 44.98 -18.38 41.38
CA LEU G 135 44.42 -19.72 41.45
C LEU G 135 44.53 -20.41 40.12
N GLU G 136 44.29 -19.63 39.08
CA GLU G 136 44.23 -20.13 37.72
C GLU G 136 45.62 -20.28 37.09
N GLU G 137 46.51 -19.34 37.41
CA GLU G 137 47.83 -19.31 36.79
C GLU G 137 48.88 -20.02 37.63
N SER G 138 49.02 -19.60 38.88
CA SER G 138 50.09 -20.10 39.72
C SER G 138 49.89 -21.58 40.05
N GLN G 139 48.64 -22.03 40.05
CA GLN G 139 48.34 -23.39 40.49
C GLN G 139 48.34 -24.41 39.35
N ASN G 140 47.17 -24.67 38.78
CA ASN G 140 47.02 -25.79 37.85
C ASN G 140 47.90 -25.68 36.60
N GLN G 141 48.55 -24.53 36.42
CA GLN G 141 49.52 -24.38 35.33
C GLN G 141 50.89 -24.84 35.80
N GLN G 142 51.14 -24.75 37.09
CA GLN G 142 52.41 -25.20 37.64
C GLN G 142 52.30 -26.54 38.35
N GLU G 143 51.10 -26.82 38.85
CA GLU G 143 50.85 -28.04 39.63
C GLU G 143 50.76 -29.28 38.74
N LYS G 144 50.00 -29.18 37.65
CA LYS G 144 49.89 -30.28 36.71
C LYS G 144 51.15 -30.39 35.86
N ASN G 145 51.88 -29.28 35.72
CA ASN G 145 53.15 -29.26 35.00
C ASN G 145 54.21 -30.06 35.76
N GLU G 146 54.04 -30.15 37.06
CA GLU G 146 54.85 -31.05 37.87
C GLU G 146 54.77 -32.47 37.31
N GLN G 147 53.56 -32.91 36.97
CA GLN G 147 53.32 -34.23 36.41
C GLN G 147 53.91 -34.36 35.00
N ASP G 148 53.99 -33.24 34.28
CA ASP G 148 54.60 -33.20 32.96
C ASP G 148 56.10 -33.53 33.01
N LEU G 149 56.76 -33.09 34.07
CA LEU G 149 58.18 -33.37 34.28
C LEU G 149 58.35 -34.81 34.74
N LEU G 150 57.28 -35.35 35.34
CA LEU G 150 57.26 -36.72 35.80
C LEU G 150 56.80 -37.65 34.68
N ALA G 151 56.22 -37.09 33.63
CA ALA G 151 55.69 -37.89 32.53
C ALA G 151 56.73 -38.03 31.43
N LEU G 152 57.69 -37.11 31.39
CA LEU G 152 58.76 -37.18 30.41
C LEU G 152 59.89 -38.06 30.95
N THR H 1 -58.19 6.28 7.82
CA THR H 1 -58.15 4.85 8.10
C THR H 1 -59.39 4.41 8.88
N PHE H 2 -59.77 3.15 8.72
CA PHE H 2 -60.98 2.64 9.36
C PHE H 2 -60.75 1.27 10.01
N VAL H 3 -61.37 1.05 11.16
CA VAL H 3 -61.26 -0.22 11.88
C VAL H 3 -62.63 -0.70 12.36
N SER H 4 -63.10 -1.81 11.80
CA SER H 4 -64.40 -2.38 12.18
C SER H 4 -64.27 -3.60 13.10
N VAL H 5 -64.87 -3.50 14.29
CA VAL H 5 -64.80 -4.59 15.28
C VAL H 5 -66.19 -4.92 15.83
N ALA H 6 -66.51 -6.21 15.88
CA ALA H 6 -67.78 -6.67 16.44
C ALA H 6 -67.88 -6.29 17.91
N PRO H 7 -69.10 -5.93 18.38
CA PRO H 7 -69.32 -5.53 19.77
C PRO H 7 -68.94 -6.60 20.77
N GLY H 8 -68.23 -6.21 21.84
CA GLY H 8 -67.81 -7.13 22.86
C GLY H 8 -66.43 -7.72 22.61
N GLN H 9 -65.91 -7.50 21.41
CA GLN H 9 -64.59 -8.01 21.05
C GLN H 9 -63.51 -7.02 21.47
N THR H 10 -62.38 -7.06 20.79
CA THR H 10 -61.25 -6.22 21.13
C THR H 10 -60.83 -5.38 19.92
N ALA H 11 -60.68 -4.08 20.14
CA ALA H 11 -60.28 -3.15 19.09
C ALA H 11 -58.85 -2.66 19.30
N ARG H 12 -58.12 -2.49 18.20
CA ARG H 12 -56.74 -2.02 18.27
C ARG H 12 -56.51 -0.86 17.28
N ILE H 13 -55.87 0.21 17.75
CA ILE H 13 -55.69 1.42 16.94
C ILE H 13 -54.22 1.82 16.79
N THR H 14 -53.78 2.02 15.56
CA THR H 14 -52.41 2.42 15.27
C THR H 14 -52.34 3.86 14.77
N CYS H 15 -51.44 4.63 15.36
CA CYS H 15 -51.27 6.03 14.96
C CYS H 15 -49.80 6.45 15.07
N GLY H 16 -49.40 7.35 14.18
CA GLY H 16 -48.05 7.89 14.19
C GLY H 16 -47.00 6.93 13.65
N GLU H 17 -45.77 7.42 13.52
CA GLU H 17 -44.67 6.63 12.98
C GLU H 17 -44.16 5.59 13.98
N GLU H 18 -43.12 4.86 13.58
CA GLU H 18 -42.52 3.86 14.45
C GLU H 18 -41.66 4.54 15.52
N SER H 19 -41.61 3.96 16.71
CA SER H 19 -40.85 4.53 17.81
C SER H 19 -39.35 4.50 17.52
N LEU H 20 -38.69 5.62 17.81
CA LEU H 20 -37.26 5.72 17.62
C LEU H 20 -36.57 5.77 18.98
N GLY H 21 -37.30 6.27 19.98
CA GLY H 21 -36.79 6.30 21.34
C GLY H 21 -37.88 6.04 22.35
N SER H 22 -37.60 6.35 23.62
CA SER H 22 -38.59 6.21 24.69
C SER H 22 -39.68 7.25 24.50
N ARG H 23 -40.93 6.78 24.43
CA ARG H 23 -42.03 7.66 24.09
C ARG H 23 -42.94 7.96 25.27
N SER H 24 -43.80 8.96 25.09
CA SER H 24 -44.85 9.30 26.04
C SER H 24 -46.12 9.67 25.28
N VAL H 25 -46.72 8.67 24.63
CA VAL H 25 -47.85 8.89 23.72
C VAL H 25 -49.13 9.34 24.44
N ILE H 26 -49.76 10.40 23.92
CA ILE H 26 -51.02 10.90 24.49
C ILE H 26 -52.19 10.62 23.54
N TRP H 27 -53.21 9.91 24.02
CA TRP H 27 -54.38 9.58 23.19
C TRP H 27 -55.57 10.52 23.44
N TYR H 28 -56.35 10.76 22.39
CA TYR H 28 -57.55 11.60 22.47
C TYR H 28 -58.71 10.99 21.69
N GLN H 29 -59.93 11.20 22.20
CA GLN H 29 -61.14 10.74 21.53
C GLN H 29 -62.01 11.92 21.12
N GLN H 30 -62.43 11.92 19.86
CA GLN H 30 -63.28 12.98 19.35
C GLN H 30 -64.60 12.41 18.85
N ARG H 31 -65.66 12.64 19.62
CA ARG H 31 -67.01 12.29 19.20
C ARG H 31 -67.42 13.25 18.09
N PRO H 32 -68.02 12.74 17.01
CA PRO H 32 -68.47 13.60 15.91
C PRO H 32 -69.38 14.74 16.38
N GLY H 33 -68.99 15.97 16.06
CA GLY H 33 -69.77 17.14 16.45
C GLY H 33 -69.45 17.64 17.84
N GLN H 34 -68.41 17.10 18.45
CA GLN H 34 -68.02 17.54 19.79
C GLN H 34 -66.55 17.93 19.82
N ALA H 35 -66.05 18.19 21.03
CA ALA H 35 -64.66 18.54 21.22
C ALA H 35 -63.89 17.30 21.67
N PRO H 36 -62.63 17.17 21.23
CA PRO H 36 -61.75 16.05 21.61
C PRO H 36 -61.60 15.92 23.13
N SER H 37 -61.65 14.69 23.63
CA SER H 37 -61.48 14.43 25.05
C SER H 37 -60.28 13.53 25.31
N LEU H 38 -59.62 13.73 26.45
CA LEU H 38 -58.44 12.93 26.81
C LEU H 38 -58.82 11.51 27.25
N ILE H 39 -58.09 10.52 26.73
CA ILE H 39 -58.35 9.12 27.07
C ILE H 39 -57.20 8.52 27.86
N ILE H 40 -56.00 8.56 27.30
CA ILE H 40 -54.84 8.00 27.96
C ILE H 40 -53.62 8.91 27.80
N TYR H 41 -53.08 9.37 28.92
CA TYR H 41 -51.83 10.12 28.90
C TYR H 41 -50.71 9.25 29.47
N ASN H 42 -49.47 9.57 29.10
CA ASN H 42 -48.29 8.80 29.52
C ASN H 42 -48.41 7.31 29.20
N ASN H 43 -48.44 7.00 27.90
CA ASN H 43 -48.46 5.63 27.39
C ASN H 43 -49.68 4.80 27.81
N ASN H 44 -49.85 4.59 29.11
CA ASN H 44 -50.96 3.76 29.60
C ASN H 44 -51.49 4.17 30.96
N ASP H 45 -51.55 5.47 31.22
CA ASP H 45 -52.10 5.99 32.46
C ASP H 45 -53.42 6.71 32.18
N ARG H 46 -54.51 6.15 32.68
CA ARG H 46 -55.83 6.71 32.44
C ARG H 46 -56.27 7.59 33.61
N PRO H 47 -56.75 8.81 33.32
CA PRO H 47 -57.24 9.70 34.37
C PRO H 47 -58.64 9.32 34.89
N SER H 48 -59.18 10.15 35.78
CA SER H 48 -60.43 9.83 36.46
C SER H 48 -61.63 9.85 35.52
N GLY H 49 -62.44 8.80 35.61
CA GLY H 49 -63.66 8.72 34.83
C GLY H 49 -63.54 7.75 33.68
N ILE H 50 -62.31 7.36 33.39
CA ILE H 50 -62.06 6.52 32.23
C ILE H 50 -61.88 5.06 32.64
N PRO H 51 -62.69 4.17 32.03
CA PRO H 51 -62.63 2.75 32.35
C PRO H 51 -61.29 2.14 31.99
N ASP H 52 -61.00 0.99 32.60
CA ASP H 52 -59.75 0.29 32.36
C ASP H 52 -59.79 -0.53 31.08
N ARG H 53 -60.90 -0.44 30.36
CA ARG H 53 -61.04 -1.13 29.08
C ARG H 53 -60.07 -0.53 28.06
N PHE H 54 -59.69 0.72 28.30
CA PHE H 54 -58.76 1.44 27.43
C PHE H 54 -57.33 1.32 27.94
N SER H 55 -56.49 0.65 27.15
CA SER H 55 -55.08 0.47 27.49
C SER H 55 -54.18 0.83 26.31
N GLY H 56 -52.97 1.29 26.61
CA GLY H 56 -52.02 1.68 25.57
C GLY H 56 -50.71 0.94 25.68
N SER H 57 -50.04 0.75 24.54
CA SER H 57 -48.73 0.10 24.53
C SER H 57 -47.70 1.00 25.21
N PRO H 58 -46.83 0.39 26.04
CA PRO H 58 -45.80 1.11 26.79
C PRO H 58 -44.77 1.81 25.89
N GLY H 59 -44.34 3.00 26.30
CA GLY H 59 -43.41 3.79 25.51
C GLY H 59 -41.94 3.49 25.79
N SER H 60 -41.63 2.22 26.02
CA SER H 60 -40.26 1.80 26.24
C SER H 60 -39.82 0.83 25.15
N THR H 61 -40.76 0.49 24.25
CA THR H 61 -40.47 -0.41 23.14
C THR H 61 -39.95 0.39 21.96
N PHE H 62 -38.77 0.01 21.48
CA PHE H 62 -38.14 0.72 20.37
C PHE H 62 -38.29 -0.02 19.04
N GLY H 63 -38.92 0.65 18.09
CA GLY H 63 -39.13 0.10 16.76
C GLY H 63 -40.55 -0.35 16.51
N THR H 64 -41.47 0.08 17.36
CA THR H 64 -42.87 -0.29 17.25
C THR H 64 -43.71 0.98 17.23
N THR H 65 -44.87 0.91 16.58
CA THR H 65 -45.78 2.04 16.56
C THR H 65 -46.67 2.01 17.79
N ALA H 66 -47.18 3.17 18.18
CA ALA H 66 -48.06 3.28 19.34
C ALA H 66 -49.36 2.53 19.11
N THR H 67 -49.75 1.70 20.07
CA THR H 67 -50.94 0.86 19.92
C THR H 67 -51.94 1.12 21.03
N LEU H 68 -53.19 1.41 20.64
CA LEU H 68 -54.28 1.64 21.61
C LEU H 68 -55.29 0.50 21.60
N THR H 69 -55.34 -0.25 22.70
CA THR H 69 -56.21 -1.42 22.80
C THR H 69 -57.52 -1.10 23.54
N ILE H 70 -58.65 -1.47 22.93
CA ILE H 70 -59.95 -1.24 23.53
C ILE H 70 -60.71 -2.54 23.72
N THR H 71 -60.72 -3.04 24.95
CA THR H 71 -61.44 -4.26 25.27
C THR H 71 -62.91 -3.97 25.51
N SER H 72 -63.75 -4.99 25.30
CA SER H 72 -65.19 -4.87 25.43
C SER H 72 -65.74 -3.72 24.59
N VAL H 73 -65.65 -3.87 23.27
CA VAL H 73 -66.11 -2.85 22.34
C VAL H 73 -67.62 -2.68 22.39
N GLU H 74 -68.06 -1.46 22.66
CA GLU H 74 -69.48 -1.13 22.70
C GLU H 74 -69.79 -0.07 21.65
N ALA H 75 -71.07 0.19 21.41
CA ALA H 75 -71.48 1.15 20.40
C ALA H 75 -71.06 2.58 20.75
N GLY H 76 -70.88 2.84 22.04
CA GLY H 76 -70.51 4.17 22.52
C GLY H 76 -69.09 4.59 22.20
N ASP H 77 -68.24 3.61 21.90
CA ASP H 77 -66.83 3.87 21.60
C ASP H 77 -66.59 4.28 20.15
N GLU H 78 -67.66 4.30 19.36
CA GLU H 78 -67.56 4.64 17.94
C GLU H 78 -67.27 6.13 17.73
N ALA H 79 -66.00 6.46 17.48
CA ALA H 79 -65.58 7.85 17.28
C ALA H 79 -64.21 7.96 16.59
N ASP H 80 -63.64 9.16 16.59
CA ASP H 80 -62.31 9.40 16.02
C ASP H 80 -61.23 9.50 17.10
N TYR H 81 -60.14 8.77 16.91
CA TYR H 81 -59.06 8.79 17.88
C TYR H 81 -57.74 9.30 17.28
N TYR H 82 -57.20 10.36 17.87
CA TYR H 82 -55.93 10.93 17.43
C TYR H 82 -54.87 10.70 18.50
N CYS H 83 -53.59 10.76 18.13
CA CYS H 83 -52.52 10.53 19.09
C CYS H 83 -51.44 11.61 19.00
N HIS H 84 -50.83 11.91 20.14
CA HIS H 84 -49.77 12.90 20.19
C HIS H 84 -48.44 12.29 20.61
N ILE H 85 -47.53 12.14 19.63
CA ILE H 85 -46.25 11.49 19.87
C ILE H 85 -45.23 12.40 20.55
N TRP H 86 -44.66 11.93 21.66
CA TRP H 86 -43.58 12.62 22.33
C TRP H 86 -42.33 11.74 22.42
N ASP H 87 -41.51 11.76 21.38
CA ASP H 87 -40.30 10.93 21.34
C ASP H 87 -39.08 11.76 21.77
N SER H 88 -38.12 11.11 22.41
CA SER H 88 -36.90 11.78 22.87
C SER H 88 -35.96 12.04 21.71
N ARG H 89 -36.26 11.44 20.58
CA ARG H 89 -35.40 11.54 19.40
C ARG H 89 -35.98 12.47 18.35
N ARG H 90 -37.27 12.75 18.48
CA ARG H 90 -37.95 13.63 17.54
C ARG H 90 -38.36 14.93 18.21
N PRO H 91 -38.37 16.03 17.43
CA PRO H 91 -38.81 17.34 17.90
C PRO H 91 -40.27 17.33 18.37
N THR H 92 -40.67 18.39 19.06
CA THR H 92 -42.03 18.51 19.57
C THR H 92 -43.04 18.58 18.43
N ASN H 93 -43.95 17.60 18.39
CA ASN H 93 -44.99 17.55 17.35
C ASN H 93 -46.14 18.51 17.62
N TRP H 94 -46.26 19.54 16.78
CA TRP H 94 -47.34 20.51 16.93
C TRP H 94 -48.56 20.10 16.12
N VAL H 95 -48.52 18.89 15.57
CA VAL H 95 -49.66 18.39 14.82
C VAL H 95 -49.98 16.95 15.21
N PHE H 96 -51.21 16.70 15.63
CA PHE H 96 -51.63 15.36 15.99
C PHE H 96 -51.53 14.44 14.80
N GLY H 97 -51.28 13.16 15.09
CA GLY H 97 -51.18 12.16 14.07
C GLY H 97 -52.53 11.92 13.41
N GLU H 98 -52.50 11.29 12.25
CA GLU H 98 -53.71 11.00 11.51
C GLU H 98 -54.60 10.06 12.33
N GLY H 99 -55.80 10.54 12.61
CA GLY H 99 -56.75 9.81 13.44
C GLY H 99 -57.26 8.54 12.80
N THR H 100 -57.91 7.70 13.61
CA THR H 100 -58.47 6.45 13.11
C THR H 100 -59.90 6.28 13.57
N THR H 101 -60.78 5.95 12.63
CA THR H 101 -62.20 5.81 12.91
C THR H 101 -62.57 4.40 13.36
N LEU H 102 -63.26 4.31 14.49
CA LEU H 102 -63.71 3.04 15.03
C LEU H 102 -65.14 2.73 14.61
N ILE H 103 -65.34 1.58 13.97
CA ILE H 103 -66.66 1.17 13.49
C ILE H 103 -67.23 0.00 14.30
N VAL H 104 -68.39 0.21 14.92
CA VAL H 104 -69.03 -0.87 15.66
C VAL H 104 -69.95 -1.67 14.74
N LEU H 105 -69.66 -2.97 14.59
CA LEU H 105 -70.22 -3.75 13.50
C LEU H 105 -71.74 -3.95 13.58
N SER H 106 -72.38 -3.65 14.72
CA SER H 106 -73.81 -3.94 14.85
C SER H 106 -74.62 -3.00 13.95
N GLN H 107 -75.90 -3.32 13.74
CA GLN H 107 -76.78 -2.59 12.81
C GLN H 107 -76.21 -2.62 11.39
N PRO H 108 -75.60 -3.76 10.98
CA PRO H 108 -74.59 -3.78 9.92
C PRO H 108 -75.06 -3.25 8.57
N LYS H 109 -76.22 -3.73 8.13
CA LYS H 109 -76.61 -3.58 6.74
C LYS H 109 -77.67 -2.50 6.50
N ALA H 110 -77.36 -1.60 5.56
CA ALA H 110 -78.34 -0.70 4.98
C ALA H 110 -77.96 -0.39 3.53
N ALA H 111 -78.81 -0.82 2.60
CA ALA H 111 -78.56 -0.61 1.18
C ALA H 111 -78.73 0.86 0.80
N PRO H 112 -77.70 1.43 0.16
CA PRO H 112 -77.71 2.86 -0.19
C PRO H 112 -78.76 3.20 -1.24
N SER H 113 -79.57 4.22 -0.94
CA SER H 113 -80.60 4.67 -1.88
C SER H 113 -80.07 5.84 -2.68
N VAL H 114 -79.67 5.56 -3.91
CA VAL H 114 -79.11 6.59 -4.77
C VAL H 114 -80.16 7.12 -5.74
N THR H 115 -80.02 8.38 -6.13
CA THR H 115 -80.94 9.02 -7.06
C THR H 115 -80.19 10.06 -7.88
N LEU H 116 -80.26 9.94 -9.20
CA LEU H 116 -79.50 10.81 -10.09
C LEU H 116 -80.41 11.80 -10.81
N PHE H 117 -80.20 13.08 -10.56
CA PHE H 117 -80.95 14.13 -11.23
C PHE H 117 -80.08 14.87 -12.25
N PRO H 118 -80.58 15.00 -13.49
CA PRO H 118 -79.90 15.73 -14.56
C PRO H 118 -80.00 17.24 -14.34
N PRO H 119 -79.17 18.04 -15.03
CA PRO H 119 -79.24 19.51 -14.87
C PRO H 119 -80.58 20.08 -15.32
N SER H 120 -81.11 21.06 -14.58
CA SER H 120 -82.40 21.65 -14.91
C SER H 120 -82.34 22.51 -16.16
N SER H 121 -83.50 22.73 -16.78
CA SER H 121 -83.60 23.47 -18.03
C SER H 121 -83.30 24.95 -17.82
N GLU H 122 -83.60 25.44 -16.62
CA GLU H 122 -83.40 26.84 -16.29
C GLU H 122 -81.91 27.12 -16.05
N GLU H 123 -81.18 26.12 -15.58
CA GLU H 123 -79.75 26.26 -15.33
C GLU H 123 -78.94 26.29 -16.62
N LEU H 124 -79.39 25.51 -17.61
CA LEU H 124 -78.72 25.44 -18.90
C LEU H 124 -78.80 26.76 -19.65
N GLN H 125 -79.87 27.51 -19.38
CA GLN H 125 -80.05 28.83 -19.98
C GLN H 125 -79.12 29.88 -19.36
N ALA H 126 -78.55 29.55 -18.21
CA ALA H 126 -77.58 30.42 -17.54
C ALA H 126 -76.14 29.95 -17.82
N ASN H 127 -75.99 29.17 -18.90
CA ASN H 127 -74.69 28.63 -19.33
C ASN H 127 -74.01 27.79 -18.25
N LYS H 128 -74.80 27.02 -17.51
CA LYS H 128 -74.28 26.16 -16.46
C LYS H 128 -74.99 24.81 -16.45
N ALA H 129 -74.32 23.79 -15.98
CA ALA H 129 -74.92 22.47 -15.83
C ALA H 129 -74.41 21.80 -14.56
N THR H 130 -75.26 21.00 -13.92
CA THR H 130 -74.87 20.31 -12.69
C THR H 130 -75.68 19.04 -12.49
N LEU H 131 -74.96 17.92 -12.42
CA LEU H 131 -75.55 16.61 -12.13
C LEU H 131 -75.59 16.40 -10.63
N VAL H 132 -76.73 15.92 -10.14
CA VAL H 132 -76.91 15.75 -8.70
C VAL H 132 -77.08 14.28 -8.34
N CYS H 133 -76.32 13.81 -7.36
CA CYS H 133 -76.37 12.41 -6.94
C CYS H 133 -76.64 12.30 -5.43
N LEU H 134 -77.89 12.03 -5.09
CA LEU H 134 -78.30 11.95 -3.68
C LEU H 134 -78.19 10.53 -3.15
N ILE H 135 -77.51 10.36 -2.01
CA ILE H 135 -77.34 9.05 -1.41
C ILE H 135 -77.80 9.04 0.04
N SER H 136 -78.78 8.20 0.36
CA SER H 136 -79.31 8.13 1.71
C SER H 136 -79.64 6.71 2.11
N ASP H 137 -80.08 6.53 3.36
CA ASP H 137 -80.50 5.24 3.90
C ASP H 137 -79.42 4.16 3.79
N PHE H 138 -78.20 4.54 4.13
CA PHE H 138 -77.08 3.60 4.09
C PHE H 138 -76.30 3.61 5.40
N TYR H 139 -75.84 2.43 5.80
CA TYR H 139 -75.05 2.27 7.01
C TYR H 139 -73.97 1.19 6.78
N PRO H 140 -72.74 1.44 7.27
CA PRO H 140 -72.29 2.63 7.99
C PRO H 140 -71.93 3.77 7.06
N GLY H 141 -71.60 4.92 7.63
CA GLY H 141 -71.26 6.09 6.85
C GLY H 141 -69.88 5.99 6.24
N ALA H 142 -69.78 5.27 5.13
CA ALA H 142 -68.52 5.13 4.40
C ALA H 142 -68.73 4.73 2.95
N VAL H 143 -68.93 5.73 2.08
CA VAL H 143 -69.13 5.49 0.65
C VAL H 143 -68.17 6.31 -0.19
N THR H 144 -67.91 5.85 -1.41
CA THR H 144 -67.08 6.59 -2.35
C THR H 144 -67.77 6.67 -3.72
N VAL H 145 -67.85 7.88 -4.25
CA VAL H 145 -68.58 8.11 -5.50
C VAL H 145 -67.64 8.28 -6.69
N ALA H 146 -67.94 7.57 -7.78
CA ALA H 146 -67.18 7.68 -9.01
C ALA H 146 -68.08 7.95 -10.20
N TRP H 147 -67.85 9.07 -10.88
CA TRP H 147 -68.66 9.44 -12.04
C TRP H 147 -68.10 8.83 -13.34
N LYS H 148 -68.97 8.69 -14.34
CA LYS H 148 -68.58 8.09 -15.61
C LYS H 148 -69.13 8.85 -16.82
N ALA H 149 -68.25 9.20 -17.75
CA ALA H 149 -68.68 9.73 -19.03
C ALA H 149 -68.65 8.59 -20.03
N ASP H 150 -69.83 8.08 -20.37
CA ASP H 150 -69.98 6.85 -21.14
C ASP H 150 -69.31 5.68 -20.43
N SER H 151 -68.08 5.38 -20.82
CA SER H 151 -67.29 4.35 -20.17
C SER H 151 -66.00 4.95 -19.60
N SER H 152 -65.81 6.25 -19.81
CA SER H 152 -64.62 6.95 -19.35
C SER H 152 -64.88 7.67 -18.02
N PRO H 153 -63.96 7.50 -17.06
CA PRO H 153 -64.11 8.13 -15.74
C PRO H 153 -63.89 9.64 -15.78
N VAL H 154 -64.53 10.34 -14.85
CA VAL H 154 -64.38 11.80 -14.77
C VAL H 154 -63.41 12.17 -13.67
N LYS H 155 -62.39 12.95 -14.03
CA LYS H 155 -61.33 13.28 -13.08
C LYS H 155 -61.65 14.49 -12.22
N ALA H 156 -61.93 15.63 -12.85
CA ALA H 156 -62.16 16.87 -12.12
C ALA H 156 -63.63 17.31 -12.19
N GLY H 157 -64.00 18.25 -11.34
CA GLY H 157 -65.36 18.77 -11.29
C GLY H 157 -66.26 18.03 -10.30
N VAL H 158 -65.69 17.07 -9.58
CA VAL H 158 -66.45 16.27 -8.63
C VAL H 158 -66.43 16.89 -7.24
N GLU H 159 -67.62 17.13 -6.68
CA GLU H 159 -67.75 17.72 -5.35
C GLU H 159 -68.68 16.90 -4.47
N THR H 160 -68.11 16.22 -3.48
CA THR H 160 -68.86 15.27 -2.66
C THR H 160 -68.87 15.67 -1.18
N THR H 161 -70.02 15.54 -0.54
CA THR H 161 -70.16 15.85 0.88
C THR H 161 -69.75 14.69 1.78
N THR H 162 -69.56 14.99 3.06
CA THR H 162 -69.22 13.97 4.04
C THR H 162 -70.49 13.43 4.68
N PRO H 163 -70.57 12.09 4.84
CA PRO H 163 -71.72 11.42 5.44
C PRO H 163 -72.14 12.01 6.78
N SER H 164 -73.44 12.00 7.04
CA SER H 164 -73.99 12.55 8.28
C SER H 164 -75.37 11.96 8.58
N LYS H 165 -75.45 11.17 9.65
CA LYS H 165 -76.70 10.49 10.00
C LYS H 165 -77.75 11.44 10.59
N GLN H 166 -79.01 11.09 10.38
CA GLN H 166 -80.11 11.84 10.98
C GLN H 166 -80.69 11.05 12.14
N SER H 167 -82.00 11.19 12.35
CA SER H 167 -82.68 10.49 13.42
C SER H 167 -82.60 8.99 13.19
N ASN H 168 -82.81 8.59 11.94
CA ASN H 168 -82.67 7.19 11.57
C ASN H 168 -81.21 6.81 11.48
N ASN H 169 -80.94 5.51 11.37
CA ASN H 169 -79.58 5.02 11.14
C ASN H 169 -79.03 5.55 9.80
N LYS H 170 -79.95 5.99 8.95
CA LYS H 170 -79.62 6.45 7.61
C LYS H 170 -78.61 7.58 7.62
N TYR H 171 -77.70 7.55 6.66
CA TYR H 171 -76.68 8.59 6.55
C TYR H 171 -76.96 9.43 5.29
N ALA H 172 -76.35 10.60 5.22
CA ALA H 172 -76.57 11.52 4.11
C ALA H 172 -75.29 11.80 3.33
N ALA H 173 -75.38 11.77 2.01
CA ALA H 173 -74.23 12.07 1.15
C ALA H 173 -74.70 12.53 -0.22
N SER H 174 -74.23 13.69 -0.66
CA SER H 174 -74.59 14.21 -1.96
C SER H 174 -73.36 14.45 -2.83
N SER H 175 -73.45 14.04 -4.09
CA SER H 175 -72.35 14.20 -5.05
C SER H 175 -72.75 15.07 -6.23
N TYR H 176 -71.96 16.11 -6.48
CA TYR H 176 -72.24 17.05 -7.56
C TYR H 176 -71.18 16.99 -8.66
N LEU H 177 -71.59 17.25 -9.90
CA LEU H 177 -70.67 17.28 -11.03
C LEU H 177 -70.90 18.51 -11.90
N SER H 178 -70.05 19.51 -11.78
CA SER H 178 -70.19 20.74 -12.56
C SER H 178 -69.67 20.57 -13.99
N LEU H 179 -70.58 20.70 -14.96
CA LEU H 179 -70.24 20.58 -16.37
C LEU H 179 -70.74 21.80 -17.15
N THR H 180 -70.38 21.88 -18.43
CA THR H 180 -70.87 22.95 -19.28
C THR H 180 -71.96 22.40 -20.20
N PRO H 181 -72.87 23.29 -20.68
CA PRO H 181 -73.94 22.87 -21.59
C PRO H 181 -73.42 22.12 -22.82
N GLU H 182 -72.17 22.37 -23.21
CA GLU H 182 -71.58 21.68 -24.36
C GLU H 182 -71.13 20.28 -23.99
N GLN H 183 -70.63 20.10 -22.77
CA GLN H 183 -70.17 18.79 -22.29
C GLN H 183 -71.32 17.82 -22.07
N TRP H 184 -72.47 18.35 -21.66
CA TRP H 184 -73.65 17.51 -21.40
C TRP H 184 -74.19 16.88 -22.68
N LYS H 185 -74.25 17.66 -23.76
CA LYS H 185 -74.75 17.16 -25.03
C LYS H 185 -73.68 16.38 -25.80
N SER H 186 -72.45 16.38 -25.27
CA SER H 186 -71.33 15.71 -25.91
C SER H 186 -71.44 14.19 -25.80
N HIS H 187 -71.18 13.68 -24.59
CA HIS H 187 -71.20 12.24 -24.36
C HIS H 187 -72.61 11.68 -24.50
N LYS H 188 -72.70 10.37 -24.71
CA LYS H 188 -73.99 9.70 -24.90
C LYS H 188 -74.77 9.67 -23.59
N SER H 189 -74.09 9.28 -22.52
CA SER H 189 -74.73 9.19 -21.21
C SER H 189 -73.70 9.29 -20.09
N TYR H 190 -74.16 9.74 -18.93
CA TYR H 190 -73.30 9.83 -17.76
C TYR H 190 -73.80 8.87 -16.68
N SER H 191 -72.87 8.37 -15.87
CA SER H 191 -73.22 7.38 -14.85
C SER H 191 -72.76 7.82 -13.46
N CYS H 192 -73.49 7.38 -12.45
CA CYS H 192 -73.16 7.70 -11.06
C CYS H 192 -72.94 6.43 -10.25
N GLN H 193 -71.70 5.96 -10.21
CA GLN H 193 -71.36 4.72 -9.52
C GLN H 193 -71.01 4.95 -8.05
N VAL H 194 -71.85 4.43 -7.16
CA VAL H 194 -71.66 4.58 -5.72
C VAL H 194 -71.21 3.28 -5.06
N THR H 195 -70.02 3.31 -4.48
CA THR H 195 -69.48 2.13 -3.81
C THR H 195 -69.68 2.20 -2.31
N HIS H 196 -70.49 1.29 -1.79
CA HIS H 196 -70.76 1.22 -0.37
C HIS H 196 -70.37 -0.16 0.16
N GLU H 197 -69.50 -0.18 1.16
CA GLU H 197 -69.00 -1.42 1.77
C GLU H 197 -68.35 -2.36 0.75
N GLY H 198 -69.16 -3.27 0.20
CA GLY H 198 -68.66 -4.25 -0.76
C GLY H 198 -69.39 -4.25 -2.09
N SER H 199 -70.56 -3.59 -2.12
CA SER H 199 -71.37 -3.53 -3.33
C SER H 199 -71.23 -2.18 -4.03
N THR H 200 -71.63 -2.12 -5.29
CA THR H 200 -71.58 -0.88 -6.06
C THR H 200 -72.84 -0.67 -6.91
N VAL H 201 -73.57 0.40 -6.60
CA VAL H 201 -74.81 0.73 -7.30
C VAL H 201 -74.55 1.79 -8.38
N GLU H 202 -75.05 1.55 -9.58
CA GLU H 202 -74.83 2.47 -10.70
C GLU H 202 -76.13 2.92 -11.34
N LYS H 203 -76.34 4.24 -11.41
CA LYS H 203 -77.49 4.80 -12.10
C LYS H 203 -77.03 5.75 -13.19
N THR H 204 -77.69 5.72 -14.34
CA THR H 204 -77.28 6.51 -15.49
C THR H 204 -78.26 7.64 -15.81
N VAL H 205 -77.91 8.45 -16.81
CA VAL H 205 -78.76 9.56 -17.24
C VAL H 205 -78.41 9.95 -18.68
N ALA H 206 -79.45 10.18 -19.50
CA ALA H 206 -79.24 10.52 -20.91
C ALA H 206 -80.01 11.78 -21.29
N PRO H 207 -79.38 12.64 -22.10
CA PRO H 207 -80.01 13.88 -22.59
C PRO H 207 -81.22 13.60 -23.48
N THR H 208 -82.00 14.63 -23.76
CA THR H 208 -83.17 14.51 -24.62
C THR H 208 -83.03 15.40 -25.85
CA GLN I 1 -66.89 22.84 38.10
C GLN I 1 -66.10 23.83 37.25
N VAL I 2 -65.59 23.36 36.13
CA VAL I 2 -64.82 24.20 35.22
C VAL I 2 -65.52 24.35 33.87
N HIS I 3 -65.96 25.56 33.54
CA HIS I 3 -66.63 25.82 32.27
C HIS I 3 -65.84 26.81 31.42
N LEU I 4 -65.61 26.44 30.17
CA LEU I 4 -64.88 27.29 29.23
C LEU I 4 -65.76 27.66 28.06
N GLN I 5 -65.73 28.94 27.70
CA GLN I 5 -66.51 29.42 26.58
C GLN I 5 -65.66 30.29 25.67
N GLU I 6 -65.58 29.89 24.41
CA GLU I 6 -64.81 30.63 23.41
C GLU I 6 -65.72 31.61 22.70
N SER I 7 -65.13 32.71 22.23
CA SER I 7 -65.90 33.72 21.52
C SER I 7 -65.02 34.47 20.52
N GLY I 8 -65.52 34.61 19.30
CA GLY I 8 -64.80 35.34 18.27
C GLY I 8 -65.74 35.95 17.24
N PRO I 9 -65.17 36.57 16.20
CA PRO I 9 -65.96 37.25 15.16
C PRO I 9 -66.72 36.29 14.25
N GLY I 10 -66.09 35.21 13.83
CA GLY I 10 -66.75 34.25 12.95
C GLY I 10 -66.41 34.46 11.48
N LEU I 11 -66.19 35.71 11.10
CA LEU I 11 -65.80 36.00 9.72
C LEU I 11 -64.66 37.02 9.66
N VAL I 12 -63.59 36.67 8.95
CA VAL I 12 -62.44 37.56 8.87
C VAL I 12 -61.96 37.71 7.42
N LYS I 13 -61.74 38.96 7.03
CA LYS I 13 -61.20 39.29 5.71
C LYS I 13 -59.73 38.87 5.67
N PRO I 14 -59.15 38.72 4.47
CA PRO I 14 -57.74 38.30 4.44
C PRO I 14 -56.77 39.40 4.85
N SER I 15 -55.55 38.98 5.19
CA SER I 15 -54.46 39.87 5.62
C SER I 15 -54.85 40.77 6.78
N GLU I 16 -55.72 40.26 7.65
CA GLU I 16 -56.22 41.04 8.77
C GLU I 16 -55.75 40.42 10.08
N THR I 17 -56.24 40.96 11.20
CA THR I 17 -55.84 40.47 12.50
C THR I 17 -57.03 39.83 13.20
N LEU I 18 -57.04 38.50 13.22
CA LEU I 18 -58.09 37.74 13.90
C LEU I 18 -57.91 37.83 15.41
N SER I 19 -58.98 38.11 16.13
CA SER I 19 -58.92 38.21 17.59
C SER I 19 -59.95 37.32 18.29
N LEU I 20 -59.46 36.44 19.17
CA LEU I 20 -60.33 35.53 19.89
C LEU I 20 -60.20 35.71 21.40
N THR I 21 -61.26 35.37 22.12
CA THR I 21 -61.29 35.50 23.56
C THR I 21 -61.90 34.25 24.19
N CYS I 22 -61.21 33.69 25.18
CA CYS I 22 -61.69 32.50 25.87
C CYS I 22 -62.10 32.83 27.30
N GLN I 23 -63.41 32.94 27.52
CA GLN I 23 -63.93 33.24 28.85
C GLN I 23 -63.82 32.06 29.81
N VAL I 24 -63.11 32.27 30.91
CA VAL I 24 -62.83 31.21 31.85
C VAL I 24 -63.74 31.31 33.08
N SER I 25 -64.37 30.18 33.43
CA SER I 25 -65.25 30.13 34.59
C SER I 25 -64.97 28.86 35.39
N GLY I 26 -64.78 29.01 36.70
CA GLY I 26 -64.54 27.89 37.58
C GLY I 26 -63.13 27.81 38.15
N THR I 27 -62.19 28.48 37.48
CA THR I 27 -60.78 28.50 37.88
C THR I 27 -60.10 29.82 37.51
N LEU I 28 -58.90 30.02 38.06
CA LEU I 28 -58.10 31.19 37.79
C LEU I 28 -57.18 31.00 36.59
N VAL I 29 -56.87 32.10 35.92
CA VAL I 29 -56.06 32.06 34.72
C VAL I 29 -54.57 32.05 35.10
N ARG I 30 -54.28 32.37 36.35
CA ARG I 30 -52.89 32.49 36.79
C ARG I 30 -52.31 31.17 37.28
N ASP I 31 -53.17 30.31 37.79
CA ASP I 31 -52.73 29.06 38.41
C ASP I 31 -52.77 27.87 37.45
N ASN I 32 -52.89 28.17 36.16
CA ASN I 32 -53.00 27.11 35.15
C ASN I 32 -52.30 27.47 33.83
N TYR I 33 -52.04 26.45 33.02
CA TYR I 33 -51.51 26.64 31.67
C TYR I 33 -52.67 26.65 30.66
N TRP I 34 -52.51 27.39 29.58
CA TRP I 34 -53.60 27.54 28.59
C TRP I 34 -53.11 27.33 27.16
N SER I 35 -53.81 26.47 26.42
CA SER I 35 -53.46 26.16 25.04
C SER I 35 -54.63 26.40 24.07
N TRP I 36 -54.30 26.75 22.84
CA TRP I 36 -55.29 26.91 21.77
C TRP I 36 -55.11 25.85 20.69
N ILE I 37 -56.19 25.21 20.29
CA ILE I 37 -56.13 24.17 19.25
C ILE I 37 -57.19 24.43 18.18
N ARG I 38 -56.75 24.58 16.94
CA ARG I 38 -57.67 24.76 15.82
C ARG I 38 -57.77 23.47 15.05
N GLN I 39 -58.89 23.28 14.36
CA GLN I 39 -59.10 22.07 13.59
C GLN I 39 -59.91 22.35 12.34
N PRO I 40 -59.28 22.20 11.17
CA PRO I 40 -59.99 22.37 9.89
C PRO I 40 -61.05 21.30 9.70
N LEU I 41 -61.96 21.53 8.76
CA LEU I 41 -63.01 20.56 8.49
C LEU I 41 -62.45 19.32 7.81
N GLY I 42 -62.46 18.21 8.52
CA GLY I 42 -62.01 16.94 7.97
C GLY I 42 -60.51 16.74 8.08
N LYS I 43 -59.88 17.45 9.01
CA LYS I 43 -58.45 17.33 9.23
C LYS I 43 -58.12 17.07 10.69
N GLN I 44 -56.87 16.72 10.97
CA GLN I 44 -56.45 16.48 12.34
C GLN I 44 -56.17 17.81 13.04
N PRO I 45 -56.51 17.89 14.33
CA PRO I 45 -56.33 19.12 15.12
C PRO I 45 -54.88 19.59 15.14
N GLU I 46 -54.67 20.89 14.97
CA GLU I 46 -53.34 21.46 14.96
C GLU I 46 -53.13 22.36 16.17
N TRP I 47 -52.10 22.06 16.95
CA TRP I 47 -51.75 22.84 18.13
C TRP I 47 -51.19 24.20 17.72
N ILE I 48 -51.77 25.26 18.27
CA ILE I 48 -51.36 26.63 17.96
C ILE I 48 -50.23 27.11 18.88
N GLY I 49 -50.37 26.84 20.17
CA GLY I 49 -49.37 27.24 21.14
C GLY I 49 -49.94 27.28 22.54
N TYR I 50 -49.06 27.39 23.53
CA TYR I 50 -49.49 27.43 24.92
C TYR I 50 -48.98 28.69 25.62
N VAL I 51 -49.76 29.21 26.55
CA VAL I 51 -49.40 30.42 27.27
C VAL I 51 -49.56 30.24 28.78
N HIS I 52 -48.64 30.82 29.56
CA HIS I 52 -48.73 30.81 31.02
C HIS I 52 -48.73 32.22 31.60
N ASP I 53 -49.31 32.38 32.80
CA ASP I 53 -49.51 33.69 33.40
C ASP I 53 -48.21 34.41 33.74
N SER I 54 -47.23 33.67 34.23
CA SER I 54 -45.96 34.24 34.65
C SER I 54 -45.26 35.00 33.52
N GLY I 55 -45.37 34.45 32.31
CA GLY I 55 -44.75 35.04 31.15
C GLY I 55 -44.16 33.97 30.25
N ASP I 56 -44.20 32.73 30.73
CA ASP I 56 -43.81 31.57 29.92
C ASP I 56 -44.84 31.37 28.81
N THR I 57 -44.37 31.22 27.57
CA THR I 57 -45.25 31.15 26.40
C THR I 57 -44.48 30.73 25.15
N ASN I 58 -44.98 29.69 24.47
CA ASN I 58 -44.37 29.22 23.24
C ASN I 58 -45.42 29.01 22.15
N TYR I 59 -45.00 29.19 20.90
CA TYR I 59 -45.92 29.14 19.77
C TYR I 59 -45.60 27.99 18.83
N ASN I 60 -46.46 27.81 17.83
CA ASN I 60 -46.23 26.83 16.79
C ASN I 60 -45.24 27.42 15.78
N PRO I 61 -44.08 26.76 15.60
CA PRO I 61 -43.03 27.19 14.68
C PRO I 61 -43.55 27.49 13.28
N SER I 62 -44.61 26.82 12.86
CA SER I 62 -45.19 27.05 11.53
C SER I 62 -45.99 28.36 11.48
N LEU I 63 -46.54 28.76 12.63
CA LEU I 63 -47.32 29.98 12.73
C LEU I 63 -46.67 30.93 13.71
N LYS I 64 -45.36 30.79 13.88
CA LYS I 64 -44.61 31.50 14.90
C LYS I 64 -44.66 33.02 14.75
N SER I 65 -44.41 33.51 13.55
CA SER I 65 -44.29 34.94 13.31
C SER I 65 -45.61 35.61 12.95
N ARG I 66 -46.72 34.94 13.28
CA ARG I 66 -48.04 35.48 12.97
C ARG I 66 -48.98 35.43 14.16
N VAL I 67 -48.66 34.57 15.12
CA VAL I 67 -49.55 34.36 16.26
C VAL I 67 -49.09 35.18 17.45
N HIS I 68 -50.04 35.57 18.28
CA HIS I 68 -49.77 36.29 19.52
C HIS I 68 -50.79 35.89 20.57
N LEU I 69 -50.31 35.46 21.72
CA LEU I 69 -51.18 35.04 22.81
C LEU I 69 -50.97 35.93 24.02
N SER I 70 -51.98 36.04 24.88
CA SER I 70 -51.88 36.83 26.09
C SER I 70 -52.94 36.43 27.10
N LEU I 71 -52.67 36.72 28.38
CA LEU I 71 -53.60 36.37 29.46
C LEU I 71 -54.00 37.58 30.30
N ASP I 72 -55.30 37.80 30.41
CA ASP I 72 -55.84 38.88 31.22
C ASP I 72 -56.19 38.38 32.64
N LYS I 73 -55.36 38.74 33.62
CA LYS I 73 -55.58 38.32 35.00
C LYS I 73 -56.65 39.16 35.71
N SER I 74 -56.92 40.35 35.19
CA SER I 74 -57.92 41.25 35.78
C SER I 74 -59.36 40.86 35.39
N LYS I 75 -59.54 40.43 34.15
CA LYS I 75 -60.86 40.02 33.65
C LYS I 75 -61.02 38.50 33.61
N ASN I 76 -59.94 37.79 33.94
CA ASN I 76 -59.93 36.32 33.97
C ASN I 76 -60.36 35.65 32.66
N LEU I 77 -59.56 35.84 31.60
CA LEU I 77 -59.82 35.25 30.29
C LEU I 77 -58.55 35.10 29.43
N VAL I 78 -58.67 34.37 28.32
CA VAL I 78 -57.55 34.16 27.40
C VAL I 78 -57.78 34.84 26.05
N SER I 79 -56.74 35.45 25.49
CA SER I 79 -56.89 36.21 24.25
C SER I 79 -55.90 35.74 23.19
N LEU I 80 -56.42 35.42 22.00
CA LEU I 80 -55.60 35.01 20.87
C LEU I 80 -55.53 36.09 19.81
N ARG I 81 -54.39 36.19 19.13
CA ARG I 81 -54.21 37.13 18.04
C ARG I 81 -53.49 36.49 16.87
N LEU I 82 -54.04 36.67 15.67
CA LEU I 82 -53.43 36.12 14.45
C LEU I 82 -53.39 37.17 13.35
N THR I 83 -52.20 37.71 13.11
CA THR I 83 -52.02 38.71 12.07
C THR I 83 -51.72 38.05 10.72
N GLY I 84 -52.22 38.63 9.65
CA GLY I 84 -52.02 38.09 8.31
C GLY I 84 -52.71 36.76 8.08
N VAL I 85 -54.03 36.75 8.18
CA VAL I 85 -54.81 35.53 8.02
C VAL I 85 -55.08 35.22 6.54
N THR I 86 -55.24 33.93 6.23
CA THR I 86 -55.59 33.50 4.88
C THR I 86 -56.71 32.47 4.92
N ALA I 87 -56.94 31.81 3.79
CA ALA I 87 -58.00 30.82 3.68
C ALA I 87 -57.65 29.54 4.43
N ALA I 88 -56.38 29.38 4.76
CA ALA I 88 -55.93 28.19 5.46
C ALA I 88 -56.23 28.24 6.95
N ASP I 89 -56.48 29.44 7.46
CA ASP I 89 -56.70 29.59 8.90
C ASP I 89 -58.17 29.32 9.26
N SER I 90 -58.99 29.09 8.24
CA SER I 90 -60.41 28.79 8.45
C SER I 90 -60.56 27.43 9.12
N ALA I 91 -60.88 27.46 10.40
CA ALA I 91 -61.02 26.24 11.18
C ALA I 91 -61.88 26.49 12.42
N ILE I 92 -61.93 25.50 13.30
CA ILE I 92 -62.63 25.63 14.57
C ILE I 92 -61.61 25.71 15.71
N TYR I 93 -61.57 26.86 16.37
CA TYR I 93 -60.59 27.11 17.42
C TYR I 93 -61.13 26.75 18.80
N TYR I 94 -60.41 25.90 19.52
CA TYR I 94 -60.80 25.54 20.87
C TYR I 94 -59.84 26.14 21.88
N CYS I 95 -60.37 26.46 23.05
CA CYS I 95 -59.59 26.90 24.19
C CYS I 95 -59.62 25.75 25.19
N ALA I 96 -58.48 25.49 25.84
CA ALA I 96 -58.40 24.33 26.72
C ALA I 96 -57.32 24.47 27.77
N THR I 97 -57.62 24.02 28.98
CA THR I 97 -56.66 23.99 30.07
C THR I 97 -55.52 23.03 29.75
N THR I 98 -54.37 23.24 30.37
CA THR I 98 -53.20 22.40 30.09
C THR I 98 -52.46 21.98 31.37
N LYS I 99 -52.28 20.67 31.54
CA LYS I 99 -51.49 20.13 32.65
C LYS I 99 -50.14 19.59 32.16
N HIS I 100 -49.07 19.89 32.89
CA HIS I 100 -47.73 19.47 32.49
C HIS I 100 -47.26 18.19 33.18
N GLY I 101 -46.35 17.47 32.52
CA GLY I 101 -45.77 16.25 33.07
C GLY I 101 -44.33 16.08 32.63
N ARG I 102 -43.57 15.25 33.36
CA ARG I 102 -42.16 15.05 33.06
C ARG I 102 -41.80 13.57 32.86
N ARG I 103 -41.38 13.23 31.64
CA ARG I 103 -40.99 11.87 31.30
C ARG I 103 -39.48 11.66 31.47
N ILE I 104 -39.11 10.81 32.42
CA ILE I 104 -37.71 10.51 32.67
C ILE I 104 -37.34 9.15 32.11
N TYR I 105 -36.31 9.10 31.28
CA TYR I 105 -35.86 7.84 30.70
C TYR I 105 -34.43 7.51 31.07
N GLY I 106 -33.60 8.53 31.25
CA GLY I 106 -32.20 8.31 31.59
C GLY I 106 -31.85 8.75 33.00
N VAL I 107 -30.76 9.51 33.10
CA VAL I 107 -30.33 10.06 34.38
C VAL I 107 -30.67 11.51 34.47
N VAL I 108 -31.57 11.83 35.38
CA VAL I 108 -32.14 13.17 35.48
C VAL I 108 -31.06 14.26 35.56
N ALA I 109 -29.91 13.95 36.16
CA ALA I 109 -28.82 14.92 36.28
C ALA I 109 -28.32 15.45 34.92
N PHE I 110 -28.28 14.57 33.92
CA PHE I 110 -27.77 14.90 32.58
C PHE I 110 -28.82 15.49 31.65
N LYS I 111 -29.91 16.01 32.23
CA LYS I 111 -31.15 16.30 31.50
C LYS I 111 -31.69 14.96 31.01
N GLU I 112 -31.87 14.81 29.71
CA GLU I 112 -32.44 13.58 29.15
C GLU I 112 -33.81 13.26 29.78
N TRP I 113 -34.57 14.31 30.06
CA TRP I 113 -35.96 14.20 30.49
C TRP I 113 -36.76 15.31 29.80
N PHE I 114 -37.87 14.95 29.15
CA PHE I 114 -38.61 15.92 28.38
C PHE I 114 -39.98 16.14 28.98
N THR I 115 -40.43 17.39 29.01
CA THR I 115 -41.72 17.73 29.60
C THR I 115 -42.83 17.63 28.55
N TYR I 116 -43.88 16.88 28.88
CA TYR I 116 -45.00 16.72 27.96
C TYR I 116 -46.27 17.38 28.49
N PHE I 117 -47.04 17.98 27.59
CA PHE I 117 -48.29 18.65 27.95
C PHE I 117 -49.50 17.87 27.43
N TYR I 118 -50.62 18.00 28.12
CA TYR I 118 -51.86 17.35 27.69
C TYR I 118 -53.09 18.13 28.17
N MET I 119 -54.07 18.29 27.27
CA MET I 119 -55.30 18.98 27.62
C MET I 119 -56.34 18.00 28.15
N ASP I 120 -56.97 18.36 29.26
CA ASP I 120 -57.97 17.51 29.88
C ASP I 120 -59.36 18.13 29.79
N VAL I 121 -59.44 19.44 29.98
CA VAL I 121 -60.71 20.15 29.94
C VAL I 121 -60.82 21.07 28.72
N TRP I 122 -61.67 20.70 27.77
CA TRP I 122 -61.90 21.49 26.57
C TRP I 122 -63.09 22.41 26.70
N GLY I 123 -63.25 23.30 25.73
CA GLY I 123 -64.40 24.17 25.68
C GLY I 123 -65.30 23.79 24.53
N LYS I 124 -66.39 24.53 24.38
CA LYS I 124 -67.33 24.26 23.31
C LYS I 124 -66.66 24.57 21.97
N GLY I 125 -65.89 25.65 21.93
CA GLY I 125 -65.18 26.06 20.72
C GLY I 125 -65.93 27.10 19.91
N THR I 126 -65.19 27.88 19.12
CA THR I 126 -65.79 28.89 18.23
C THR I 126 -65.43 28.57 16.78
N SER I 127 -66.37 28.81 15.86
CA SER I 127 -66.09 28.58 14.44
C SER I 127 -65.65 29.88 13.78
N VAL I 128 -64.52 29.84 13.08
CA VAL I 128 -63.98 31.01 12.40
C VAL I 128 -63.79 30.76 10.90
N THR I 129 -64.54 31.49 10.08
CA THR I 129 -64.39 31.42 8.63
C THR I 129 -63.63 32.62 8.09
N VAL I 130 -62.46 32.37 7.51
CA VAL I 130 -61.64 33.44 6.98
C VAL I 130 -61.73 33.43 5.47
N SER I 131 -62.91 33.75 4.98
CA SER I 131 -63.12 33.78 3.55
C SER I 131 -63.35 35.21 3.09
N SER I 132 -62.59 35.60 2.07
CA SER I 132 -62.60 36.97 1.55
C SER I 132 -63.92 37.35 0.88
N ALA I 133 -64.58 36.35 0.31
CA ALA I 133 -65.62 36.61 -0.69
C ALA I 133 -66.83 37.36 -0.12
N SER I 134 -67.28 38.38 -0.86
CA SER I 134 -68.52 39.10 -0.57
C SER I 134 -69.74 38.19 -0.65
N THR I 135 -70.86 38.65 -0.12
CA THR I 135 -72.08 37.83 -0.08
C THR I 135 -72.72 37.66 -1.45
N LYS I 136 -72.99 36.41 -1.83
CA LYS I 136 -73.60 36.12 -3.12
C LYS I 136 -74.96 35.44 -2.91
N GLY I 137 -75.97 35.92 -3.63
CA GLY I 137 -77.32 35.36 -3.57
C GLY I 137 -77.41 34.01 -4.25
N PRO I 138 -78.16 33.07 -3.66
CA PRO I 138 -78.34 31.72 -4.20
C PRO I 138 -79.20 31.64 -5.47
N SER I 139 -78.98 30.60 -6.28
CA SER I 139 -79.77 30.36 -7.49
C SER I 139 -80.53 29.05 -7.37
N VAL I 140 -81.86 29.16 -7.29
CA VAL I 140 -82.68 27.97 -7.06
C VAL I 140 -83.19 27.30 -8.34
N PHE I 141 -82.94 26.01 -8.46
CA PHE I 141 -83.40 25.23 -9.61
C PHE I 141 -84.16 24.00 -9.17
N PRO I 142 -85.31 23.73 -9.81
CA PRO I 142 -86.19 22.63 -9.42
C PRO I 142 -85.67 21.27 -9.90
N LEU I 143 -85.84 20.25 -9.06
CA LEU I 143 -85.52 18.89 -9.48
C LEU I 143 -86.81 18.13 -9.76
N ALA I 144 -87.12 17.98 -11.05
CA ALA I 144 -88.32 17.28 -11.48
C ALA I 144 -88.10 15.78 -11.40
N PRO I 145 -89.15 15.03 -11.07
CA PRO I 145 -89.10 13.57 -10.97
C PRO I 145 -88.70 12.91 -12.30
N SER I 146 -87.81 11.95 -12.24
CA SER I 146 -87.33 11.26 -13.43
C SER I 146 -87.69 9.77 -13.39
N SER I 147 -88.26 9.29 -14.49
CA SER I 147 -88.63 7.88 -14.64
C SER I 147 -87.47 6.94 -14.34
N GLY I 153 -94.75 2.83 -7.03
CA GLY I 153 -95.75 3.53 -6.24
C GLY I 153 -95.17 4.68 -5.45
N THR I 154 -93.86 4.86 -5.57
CA THR I 154 -93.15 5.94 -4.91
C THR I 154 -92.50 6.92 -5.89
N ALA I 155 -92.16 8.11 -5.41
CA ALA I 155 -91.50 9.11 -6.24
C ALA I 155 -90.65 10.07 -5.41
N ALA I 156 -89.57 10.55 -6.03
CA ALA I 156 -88.68 11.50 -5.39
C ALA I 156 -88.86 12.89 -5.99
N LEU I 157 -88.83 13.90 -5.13
CA LEU I 157 -89.04 15.28 -5.56
C LEU I 157 -88.24 16.23 -4.69
N GLY I 158 -87.54 17.15 -5.33
CA GLY I 158 -86.67 18.05 -4.61
C GLY I 158 -86.30 19.32 -5.34
N CYS I 159 -85.42 20.10 -4.71
CA CYS I 159 -84.95 21.36 -5.23
C CYS I 159 -83.43 21.36 -5.32
N LEU I 160 -82.86 22.47 -5.76
CA LEU I 160 -81.41 22.62 -5.82
C LEU I 160 -80.99 24.07 -5.55
N VAL I 161 -80.15 24.27 -4.53
CA VAL I 161 -79.60 25.60 -4.26
C VAL I 161 -78.13 25.67 -4.64
N LYS I 162 -77.85 26.35 -5.75
CA LYS I 162 -76.50 26.37 -6.31
C LYS I 162 -75.82 27.74 -6.18
N ASP I 163 -74.51 27.71 -5.89
CA ASP I 163 -73.65 28.89 -5.84
C ASP I 163 -74.15 29.99 -4.90
N TYR I 164 -73.80 29.86 -3.62
CA TYR I 164 -74.12 30.88 -2.62
C TYR I 164 -73.03 31.01 -1.57
N PHE I 165 -73.09 32.10 -0.82
CA PHE I 165 -72.13 32.37 0.25
C PHE I 165 -72.62 33.49 1.17
N PRO I 166 -72.49 33.31 2.49
CA PRO I 166 -71.97 32.09 3.12
C PRO I 166 -73.06 31.19 3.69
N GLU I 167 -72.64 30.23 4.51
CA GLU I 167 -73.55 29.34 5.22
C GLU I 167 -74.34 30.16 6.24
N PRO I 168 -75.55 29.70 6.60
CA PRO I 168 -76.25 28.55 6.04
C PRO I 168 -77.44 28.94 5.16
N VAL I 169 -78.27 27.96 4.82
CA VAL I 169 -79.50 28.20 4.08
C VAL I 169 -80.66 27.36 4.63
N THR I 170 -81.73 28.02 5.07
CA THR I 170 -82.89 27.33 5.63
C THR I 170 -83.94 26.99 4.55
N VAL I 171 -84.21 25.71 4.37
CA VAL I 171 -85.13 25.25 3.33
C VAL I 171 -86.34 24.52 3.90
N SER I 172 -87.52 25.03 3.62
CA SER I 172 -88.76 24.41 4.08
C SER I 172 -89.64 24.02 2.89
N TRP I 173 -90.71 23.28 3.16
CA TRP I 173 -91.63 22.88 2.11
C TRP I 173 -93.07 23.28 2.41
N ASN I 174 -93.68 23.99 1.46
CA ASN I 174 -95.04 24.49 1.60
C ASN I 174 -95.21 25.34 2.86
N SER I 175 -94.21 26.15 3.17
CA SER I 175 -94.18 26.98 4.36
C SER I 175 -94.31 26.15 5.65
N GLY I 176 -93.81 24.92 5.60
CA GLY I 176 -93.87 24.01 6.73
C GLY I 176 -95.12 23.15 6.84
N ALA I 177 -95.95 23.17 5.81
CA ALA I 177 -97.18 22.38 5.80
C ALA I 177 -96.89 20.88 5.77
N LEU I 178 -95.86 20.49 5.03
CA LEU I 178 -95.45 19.10 4.96
C LEU I 178 -94.09 18.92 5.61
N THR I 179 -94.03 18.08 6.64
CA THR I 179 -92.80 17.90 7.41
C THR I 179 -92.32 16.43 7.43
N SER I 180 -92.90 15.59 6.59
CA SER I 180 -92.59 14.17 6.59
C SER I 180 -91.94 13.72 5.28
N GLY I 181 -90.88 12.91 5.40
CA GLY I 181 -90.17 12.42 4.25
C GLY I 181 -89.16 13.44 3.74
N VAL I 182 -88.94 14.48 4.53
CA VAL I 182 -88.04 15.55 4.13
C VAL I 182 -86.60 15.26 4.54
N HIS I 183 -85.70 15.33 3.59
CA HIS I 183 -84.31 15.04 3.87
C HIS I 183 -83.39 16.09 3.23
N THR I 184 -82.82 16.95 4.05
CA THR I 184 -81.89 17.98 3.56
C THR I 184 -80.44 17.57 3.74
N PHE I 185 -79.70 17.58 2.63
CA PHE I 185 -78.29 17.22 2.61
C PHE I 185 -77.40 18.41 2.96
N PRO I 186 -76.24 18.16 3.58
CA PRO I 186 -75.27 19.21 3.88
C PRO I 186 -74.64 19.78 2.62
N ALA I 187 -74.34 21.07 2.64
CA ALA I 187 -73.78 21.75 1.49
C ALA I 187 -72.32 21.36 1.24
N VAL I 188 -71.83 21.67 0.04
CA VAL I 188 -70.45 21.39 -0.35
C VAL I 188 -69.77 22.64 -0.91
N LEU I 189 -68.56 22.92 -0.44
CA LEU I 189 -67.81 24.08 -0.90
C LEU I 189 -67.10 23.77 -2.21
N GLN I 190 -67.51 24.46 -3.27
CA GLN I 190 -66.88 24.27 -4.57
C GLN I 190 -65.52 24.96 -4.58
N SER I 191 -64.78 24.76 -5.66
CA SER I 191 -63.47 25.37 -5.81
C SER I 191 -63.60 26.88 -5.99
N SER I 192 -64.79 27.31 -6.40
CA SER I 192 -65.06 28.73 -6.61
C SER I 192 -65.18 29.48 -5.30
N GLY I 193 -65.40 28.74 -4.22
CA GLY I 193 -65.57 29.37 -2.92
C GLY I 193 -67.05 29.58 -2.65
N LEU I 194 -67.87 28.81 -3.36
CA LEU I 194 -69.33 28.90 -3.23
C LEU I 194 -69.91 27.55 -2.85
N TYR I 195 -70.88 27.57 -1.93
CA TYR I 195 -71.54 26.35 -1.47
C TYR I 195 -72.75 25.97 -2.33
N SER I 196 -73.18 24.71 -2.22
CA SER I 196 -74.32 24.22 -2.99
C SER I 196 -74.99 23.02 -2.33
N LEU I 197 -76.27 23.16 -1.97
CA LEU I 197 -76.98 22.08 -1.29
C LEU I 197 -78.21 21.62 -2.06
N SER I 198 -78.87 20.59 -1.52
CA SER I 198 -80.07 20.03 -2.13
C SER I 198 -81.03 19.52 -1.06
N SER I 199 -82.32 19.48 -1.38
CA SER I 199 -83.33 18.93 -0.47
C SER I 199 -84.36 18.13 -1.25
N VAL I 200 -84.50 16.85 -0.95
CA VAL I 200 -85.44 16.01 -1.66
C VAL I 200 -86.47 15.43 -0.69
N VAL I 201 -87.70 15.22 -1.17
CA VAL I 201 -88.76 14.67 -0.35
C VAL I 201 -89.41 13.48 -1.03
N THR I 202 -89.61 12.40 -0.27
CA THR I 202 -90.29 11.20 -0.75
C THR I 202 -91.78 11.46 -0.73
N VAL I 203 -92.37 11.53 -1.91
CA VAL I 203 -93.76 11.93 -2.06
C VAL I 203 -94.50 10.81 -2.79
N PRO I 204 -95.76 10.55 -2.41
CA PRO I 204 -96.56 9.56 -3.14
C PRO I 204 -96.66 9.94 -4.63
N SER I 205 -96.60 8.93 -5.50
CA SER I 205 -96.72 9.14 -6.94
C SER I 205 -98.09 9.70 -7.31
N SER I 206 -99.07 9.41 -6.47
CA SER I 206 -100.42 9.94 -6.65
C SER I 206 -100.49 11.41 -6.26
N SER I 207 -100.05 12.27 -7.16
CA SER I 207 -100.14 13.72 -6.96
C SER I 207 -100.63 14.41 -8.23
N LEU I 208 -101.59 13.77 -8.91
CA LEU I 208 -102.20 14.29 -10.13
C LEU I 208 -102.99 15.55 -9.85
N GLY I 209 -103.56 15.63 -8.66
CA GLY I 209 -104.30 16.81 -8.24
C GLY I 209 -103.41 18.05 -8.28
N THR I 210 -102.13 17.83 -8.04
CA THR I 210 -101.10 18.87 -8.06
C THR I 210 -101.43 20.01 -7.13
N GLN I 211 -101.86 19.68 -5.91
CA GLN I 211 -101.96 20.67 -4.87
C GLN I 211 -100.58 21.26 -4.72
N THR I 212 -100.53 22.59 -4.60
CA THR I 212 -99.31 23.34 -4.86
C THR I 212 -98.12 22.83 -4.06
N TYR I 213 -97.05 22.49 -4.78
CA TYR I 213 -95.81 22.05 -4.17
C TYR I 213 -94.71 23.09 -4.38
N ILE I 214 -94.22 23.66 -3.28
CA ILE I 214 -93.28 24.77 -3.32
C ILE I 214 -92.31 24.75 -2.15
N CYS I 215 -91.02 24.62 -2.44
CA CYS I 215 -90.01 24.69 -1.39
C CYS I 215 -89.60 26.14 -1.14
N ASN I 216 -89.49 26.50 0.13
CA ASN I 216 -89.10 27.85 0.52
C ASN I 216 -87.63 27.93 0.93
N VAL I 217 -86.84 28.67 0.14
CA VAL I 217 -85.42 28.85 0.42
C VAL I 217 -85.14 30.24 1.00
N ASN I 218 -84.41 30.27 2.12
CA ASN I 218 -84.05 31.53 2.77
C ASN I 218 -82.55 31.68 2.99
N HIS I 219 -82.00 32.81 2.59
CA HIS I 219 -80.59 33.09 2.80
C HIS I 219 -80.46 34.46 3.46
N LYS I 220 -80.37 34.46 4.78
CA LYS I 220 -80.34 35.69 5.57
C LYS I 220 -79.16 36.64 5.28
N PRO I 221 -77.94 36.11 5.04
CA PRO I 221 -76.84 37.04 4.73
C PRO I 221 -77.05 37.92 3.49
N SER I 222 -77.93 37.52 2.59
CA SER I 222 -78.24 38.33 1.41
C SER I 222 -79.72 38.76 1.41
N ASN I 223 -80.42 38.44 2.50
CA ASN I 223 -81.84 38.73 2.68
C ASN I 223 -82.70 38.20 1.53
N THR I 224 -82.30 37.05 1.00
CA THR I 224 -82.94 36.46 -0.18
C THR I 224 -83.86 35.32 0.20
N LYS I 225 -85.14 35.46 -0.12
CA LYS I 225 -86.11 34.40 0.13
C LYS I 225 -86.79 33.97 -1.19
N VAL I 226 -86.43 32.79 -1.68
CA VAL I 226 -86.94 32.32 -2.98
C VAL I 226 -87.87 31.11 -2.85
N ASP I 227 -89.10 31.26 -3.34
CA ASP I 227 -90.08 30.18 -3.32
C ASP I 227 -90.21 29.56 -4.70
N LYS I 228 -89.80 28.31 -4.83
CA LYS I 228 -89.82 27.65 -6.14
C LYS I 228 -90.87 26.54 -6.21
N ARG I 229 -91.61 26.50 -7.30
CA ARG I 229 -92.63 25.48 -7.51
C ARG I 229 -92.06 24.36 -8.38
N VAL I 230 -92.12 23.13 -7.87
CA VAL I 230 -91.59 22.00 -8.61
C VAL I 230 -92.68 21.28 -9.38
N GLU I 231 -92.51 21.21 -10.69
CA GLU I 231 -93.47 20.56 -11.57
C GLU I 231 -92.77 19.58 -12.50
N PRO I 232 -93.38 18.40 -12.72
CA PRO I 232 -92.85 17.34 -13.58
C PRO I 232 -92.59 17.79 -15.01
N VAL J 2 22.38 21.13 24.21
CA VAL J 2 21.07 21.55 24.68
C VAL J 2 20.91 23.07 24.57
N ARG J 3 19.89 23.50 23.81
CA ARG J 3 19.65 24.93 23.56
C ARG J 3 18.17 25.29 23.67
N LEU J 4 17.87 26.30 24.48
CA LEU J 4 16.50 26.80 24.62
C LEU J 4 16.37 28.15 23.91
N SER J 5 15.58 28.18 22.84
CA SER J 5 15.41 29.39 22.05
C SER J 5 14.08 30.07 22.37
N GLN J 6 14.16 31.25 22.98
CA GLN J 6 12.97 31.99 23.39
C GLN J 6 12.59 33.10 22.39
N SER J 7 11.31 33.44 22.35
CA SER J 7 10.84 34.59 21.58
C SER J 7 11.17 35.89 22.30
N GLY J 8 11.25 36.98 21.54
CA GLY J 8 11.65 38.27 22.09
C GLY J 8 10.70 38.85 23.13
N GLY J 9 11.09 39.96 23.73
CA GLY J 9 10.27 40.61 24.73
C GLY J 9 9.19 41.49 24.12
N GLN J 10 8.31 42.01 24.97
CA GLN J 10 7.20 42.83 24.50
C GLN J 10 6.65 43.76 25.58
N MET J 11 5.94 44.80 25.14
CA MET J 11 5.30 45.74 26.06
C MET J 11 3.78 45.61 26.00
N LYS J 12 3.16 45.30 27.13
CA LYS J 12 1.72 45.11 27.19
C LYS J 12 1.04 46.14 28.07
N LYS J 13 -0.28 46.26 27.92
CA LYS J 13 -1.08 47.14 28.75
C LYS J 13 -1.80 46.33 29.84
N PRO J 14 -2.17 46.99 30.95
CA PRO J 14 -2.93 46.30 32.00
C PRO J 14 -4.27 45.76 31.51
N GLY J 15 -4.60 44.53 31.89
CA GLY J 15 -5.84 43.90 31.49
C GLY J 15 -5.68 42.94 30.32
N GLU J 16 -4.63 43.17 29.53
CA GLU J 16 -4.37 42.35 28.36
C GLU J 16 -3.86 40.95 28.72
N SER J 17 -3.52 40.17 27.71
CA SER J 17 -2.91 38.86 27.91
C SER J 17 -1.61 38.75 27.11
N MET J 18 -0.70 37.89 27.57
CA MET J 18 0.60 37.73 26.92
C MET J 18 0.91 36.27 26.62
N ARG J 19 1.72 36.04 25.58
CA ARG J 19 2.12 34.70 25.20
C ARG J 19 3.59 34.58 24.82
N LEU J 20 4.23 33.53 25.33
CA LEU J 20 5.63 33.27 25.01
C LEU J 20 5.84 31.86 24.50
N SER J 21 6.85 31.69 23.65
CA SER J 21 7.20 30.39 23.12
C SER J 21 8.65 30.05 23.44
N CYS J 22 8.99 28.76 23.43
CA CYS J 22 10.35 28.35 23.75
C CYS J 22 10.68 27.02 23.05
N ARG J 23 11.50 27.09 22.01
CA ARG J 23 11.87 25.90 21.24
C ARG J 23 13.12 25.21 21.77
N ALA J 24 12.95 23.98 22.21
CA ALA J 24 14.08 23.19 22.73
C ALA J 24 14.73 22.38 21.60
N SER J 25 16.04 22.23 21.70
CA SER J 25 16.79 21.45 20.72
C SER J 25 18.04 20.86 21.38
N GLY J 26 18.55 19.77 20.83
CA GLY J 26 19.75 19.16 21.37
C GLY J 26 19.48 18.02 22.32
N TYR J 27 18.21 17.62 22.46
CA TYR J 27 17.85 16.46 23.28
C TYR J 27 16.45 15.95 22.93
N GLU J 28 16.11 14.77 23.47
CA GLU J 28 14.78 14.20 23.28
C GLU J 28 13.75 14.95 24.11
N PHE J 29 12.80 15.59 23.44
CA PHE J 29 11.83 16.45 24.10
C PHE J 29 11.05 15.76 25.21
N LEU J 30 10.65 14.51 24.99
CA LEU J 30 9.72 13.81 25.89
C LEU J 30 10.33 13.37 27.21
N ASN J 31 11.65 13.53 27.35
CA ASN J 31 12.38 12.99 28.50
C ASN J 31 12.11 13.70 29.83
N CYS J 32 12.04 15.03 29.80
CA CYS J 32 12.02 15.80 31.04
C CYS J 32 11.18 17.07 30.92
N PRO J 33 10.63 17.54 32.05
CA PRO J 33 9.73 18.70 32.07
C PRO J 33 10.43 20.04 31.82
N ILE J 34 9.68 21.00 31.26
CA ILE J 34 10.14 22.38 31.11
C ILE J 34 9.49 23.29 32.13
N ASN J 35 10.27 24.21 32.70
CA ASN J 35 9.76 25.11 33.71
C ASN J 35 9.71 26.56 33.25
N TRP J 36 8.85 27.35 33.88
CA TRP J 36 8.76 28.76 33.60
C TRP J 36 8.96 29.57 34.88
N ILE J 37 9.98 30.44 34.87
CA ILE J 37 10.29 31.26 36.04
C ILE J 37 10.46 32.73 35.66
N ARG J 38 9.86 33.60 36.47
CA ARG J 38 9.94 35.03 36.25
C ARG J 38 10.97 35.66 37.19
N LEU J 39 11.76 36.60 36.66
CA LEU J 39 12.73 37.33 37.47
C LEU J 39 12.46 38.82 37.45
N ALA J 40 12.03 39.36 38.58
CA ALA J 40 11.86 40.80 38.74
C ALA J 40 13.03 41.41 39.51
N PRO J 41 13.51 42.58 39.06
CA PRO J 41 14.65 43.25 39.69
C PRO J 41 14.45 43.53 41.18
N GLY J 42 15.41 43.10 42.00
CA GLY J 42 15.35 43.28 43.45
C GLY J 42 14.17 42.56 44.09
N ARG J 43 13.84 41.40 43.56
CA ARG J 43 12.72 40.61 44.07
C ARG J 43 13.05 39.13 44.05
N ARG J 44 12.46 38.39 44.99
CA ARG J 44 12.61 36.95 45.05
C ARG J 44 12.05 36.29 43.78
N PRO J 45 12.88 35.47 43.10
CA PRO J 45 12.49 34.72 41.90
C PRO J 45 11.26 33.85 42.10
N GLU J 46 10.35 33.87 41.12
CA GLU J 46 9.10 33.14 41.23
C GLU J 46 8.96 32.04 40.19
N TRP J 47 8.82 30.82 40.66
CA TRP J 47 8.51 29.68 39.80
C TRP J 47 7.00 29.63 39.50
N MET J 48 6.64 29.69 38.22
CA MET J 48 5.23 29.74 37.83
C MET J 48 4.62 28.34 37.65
N GLY J 49 5.34 27.47 36.95
CA GLY J 49 4.87 26.11 36.72
C GLY J 49 5.76 25.29 35.80
N TRP J 50 5.50 23.99 35.72
CA TRP J 50 6.22 23.13 34.77
C TRP J 50 5.27 22.36 33.86
N LEU J 51 5.81 21.93 32.72
CA LEU J 51 5.04 21.15 31.76
C LEU J 51 5.81 19.91 31.31
N LYS J 52 5.19 18.74 31.41
CA LYS J 52 5.79 17.54 30.85
C LYS J 52 5.39 17.40 29.39
N PRO J 53 6.40 17.31 28.50
CA PRO J 53 6.19 17.13 27.05
C PRO J 53 5.48 15.82 26.77
N ARG J 54 5.60 14.87 27.70
CA ARG J 54 4.89 13.59 27.62
C ARG J 54 3.41 13.79 27.27
N GLY J 55 2.56 13.80 28.29
CA GLY J 55 1.13 13.90 28.06
C GLY J 55 0.64 15.33 28.18
N GLY J 56 1.57 16.28 28.10
CA GLY J 56 1.24 17.69 28.25
C GLY J 56 0.83 18.04 29.67
N ALA J 57 1.22 17.18 30.61
CA ALA J 57 0.91 17.37 32.02
C ALA J 57 1.56 18.64 32.55
N VAL J 58 0.86 19.33 33.44
CA VAL J 58 1.37 20.58 33.97
C VAL J 58 1.06 20.73 35.46
N ASN J 59 1.84 21.59 36.12
CA ASN J 59 1.63 21.92 37.52
C ASN J 59 2.02 23.37 37.80
N TYR J 60 1.04 24.20 38.11
CA TYR J 60 1.29 25.62 38.31
C TYR J 60 1.48 25.96 39.77
N ALA J 61 1.74 27.25 40.03
CA ALA J 61 1.82 27.76 41.39
C ALA J 61 0.46 28.33 41.80
N ARG J 62 0.19 28.36 43.11
CA ARG J 62 -1.08 28.87 43.65
C ARG J 62 -1.43 30.23 43.04
N LYS J 63 -0.41 31.08 43.02
CA LYS J 63 -0.53 32.47 42.62
C LYS J 63 -1.07 32.67 41.20
N PHE J 64 -0.81 31.72 40.32
CA PHE J 64 -1.08 31.93 38.90
C PHE J 64 -2.27 31.13 38.37
N GLN J 65 -2.77 30.20 39.17
CA GLN J 65 -3.86 29.33 38.75
C GLN J 65 -5.11 30.07 38.30
N GLY J 66 -5.53 29.82 37.07
CA GLY J 66 -6.70 30.47 36.51
C GLY J 66 -6.32 31.58 35.56
N ARG J 67 -5.05 31.98 35.61
CA ARG J 67 -4.55 33.06 34.79
C ARG J 67 -3.57 32.56 33.73
N VAL J 68 -2.87 31.49 34.09
CA VAL J 68 -1.76 30.99 33.32
C VAL J 68 -2.13 29.70 32.59
N THR J 69 -1.61 29.53 31.37
CA THR J 69 -1.87 28.34 30.57
C THR J 69 -0.60 27.88 29.85
N MET J 70 -0.19 26.64 30.12
CA MET J 70 0.98 26.06 29.46
C MET J 70 0.64 24.89 28.54
N THR J 71 1.07 24.98 27.29
CA THR J 71 0.88 23.89 26.32
C THR J 71 2.19 23.63 25.59
N ARG J 72 2.19 22.64 24.70
CA ARG J 72 3.38 22.33 23.92
C ARG J 72 3.06 21.66 22.59
N ASP J 73 4.01 21.76 21.66
CA ASP J 73 3.93 21.10 20.37
C ASP J 73 5.06 20.09 20.25
N VAL J 74 4.72 18.82 20.42
CA VAL J 74 5.72 17.75 20.45
C VAL J 74 6.49 17.67 19.13
N TYR J 75 5.82 18.00 18.03
CA TYR J 75 6.39 17.88 16.69
C TYR J 75 7.45 18.94 16.40
N SER J 76 7.23 20.15 16.89
CA SER J 76 8.19 21.23 16.69
C SER J 76 9.02 21.48 17.95
N ASP J 77 8.78 20.66 18.97
CA ASP J 77 9.49 20.73 20.25
C ASP J 77 9.37 22.10 20.89
N THR J 78 8.22 22.73 20.71
CA THR J 78 8.00 24.09 21.20
C THR J 78 7.03 24.14 22.38
N ALA J 79 7.43 24.82 23.45
CA ALA J 79 6.57 25.01 24.61
C ALA J 79 5.91 26.40 24.59
N PHE J 80 4.63 26.44 24.92
CA PHE J 80 3.89 27.70 24.90
C PHE J 80 3.42 28.09 26.30
N LEU J 81 3.34 29.40 26.54
CA LEU J 81 2.88 29.94 27.81
C LEU J 81 1.94 31.12 27.61
N GLU J 82 0.87 31.18 28.40
CA GLU J 82 -0.05 32.32 28.36
C GLU J 82 -0.38 32.81 29.77
N LEU J 83 -0.42 34.12 29.94
CA LEU J 83 -0.79 34.72 31.23
C LEU J 83 -1.81 35.84 31.01
N ARG J 84 -2.96 35.74 31.69
CA ARG J 84 -4.03 36.70 31.51
C ARG J 84 -4.17 37.72 32.63
N SER J 85 -4.96 38.75 32.36
CA SER J 85 -5.24 39.81 33.32
C SER J 85 -3.94 40.42 33.86
N LEU J 86 -3.14 40.96 32.95
CA LEU J 86 -1.83 41.51 33.30
C LEU J 86 -1.93 42.76 34.18
N THR J 87 -1.14 42.78 35.26
CA THR J 87 -1.07 43.94 36.14
C THR J 87 0.42 44.26 36.35
N SER J 88 0.73 45.51 36.70
CA SER J 88 2.10 45.97 36.92
C SER J 88 2.99 44.98 37.71
N ASP J 89 2.38 44.18 38.56
CA ASP J 89 3.09 43.17 39.33
C ASP J 89 3.70 42.09 38.42
N ASP J 90 3.07 41.89 37.26
CA ASP J 90 3.52 40.88 36.31
C ASP J 90 4.86 41.21 35.64
N THR J 91 5.18 42.50 35.60
CA THR J 91 6.42 42.97 34.97
C THR J 91 7.66 42.27 35.52
N ALA J 92 8.43 41.65 34.62
CA ALA J 92 9.58 40.81 34.98
C ALA J 92 10.18 40.20 33.72
N VAL J 93 11.33 39.55 33.87
CA VAL J 93 11.96 38.83 32.77
C VAL J 93 11.64 37.34 32.89
N TYR J 94 11.01 36.78 31.87
CA TYR J 94 10.50 35.40 31.93
C TYR J 94 11.45 34.42 31.25
N PHE J 95 11.77 33.34 31.95
CA PHE J 95 12.71 32.34 31.44
C PHE J 95 12.05 30.96 31.33
N CYS J 96 12.49 30.18 30.36
CA CYS J 96 12.17 28.76 30.32
C CYS J 96 13.43 27.98 30.68
N THR J 97 13.30 27.01 31.58
CA THR J 97 14.47 26.31 32.11
C THR J 97 14.33 24.80 32.01
N ARG J 98 15.48 24.12 32.00
CA ARG J 98 15.52 22.66 32.00
C ARG J 98 16.57 22.17 33.00
N GLY J 99 16.23 21.12 33.75
CA GLY J 99 17.17 20.56 34.71
C GLY J 99 18.40 19.96 34.05
N LYS J 100 19.43 19.68 34.84
CA LYS J 100 20.66 19.12 34.31
C LYS J 100 20.48 17.63 34.02
N TYR J 101 20.01 16.90 35.04
CA TYR J 101 19.83 15.47 34.92
C TYR J 101 18.50 15.17 34.23
N CYS J 102 18.59 14.64 33.02
CA CYS J 102 17.41 14.38 32.21
C CYS J 102 17.66 13.25 31.23
N THR J 103 17.44 12.01 31.70
CA THR J 103 17.60 10.85 30.85
C THR J 103 16.26 10.19 30.57
N ALA J 104 16.28 9.07 29.86
CA ALA J 104 15.06 8.32 29.55
C ALA J 104 14.51 7.63 30.79
N ARG J 105 15.41 7.12 31.62
CA ARG J 105 15.05 6.45 32.88
C ARG J 105 14.31 7.39 33.82
N ASP J 106 14.99 8.46 34.23
CA ASP J 106 14.40 9.43 35.15
C ASP J 106 15.07 10.79 34.98
N TYR J 107 14.83 11.70 35.93
CA TYR J 107 15.34 13.06 35.84
C TYR J 107 15.44 13.74 37.20
N TYR J 108 15.95 14.96 37.19
CA TYR J 108 15.86 15.84 38.36
C TYR J 108 15.65 17.24 37.85
N ASN J 109 14.43 17.73 38.03
CA ASN J 109 13.97 18.96 37.41
C ASN J 109 14.70 20.23 37.85
N TRP J 110 15.00 20.33 39.14
CA TRP J 110 15.31 21.62 39.74
C TRP J 110 16.78 22.03 39.72
N ASP J 111 17.62 21.23 39.07
CA ASP J 111 19.00 21.65 38.83
C ASP J 111 19.11 22.31 37.45
N PHE J 112 18.68 23.56 37.38
CA PHE J 112 18.55 24.28 36.12
C PHE J 112 19.90 24.60 35.50
N GLU J 113 20.38 23.69 34.66
CA GLU J 113 21.65 23.89 33.97
C GLU J 113 21.45 24.66 32.67
N HIS J 114 20.24 24.62 32.13
CA HIS J 114 19.95 25.24 30.84
C HIS J 114 18.88 26.32 30.92
N TRP J 115 19.20 27.51 30.41
CA TRP J 115 18.30 28.64 30.47
C TRP J 115 18.12 29.27 29.10
N GLY J 116 16.91 29.73 28.81
CA GLY J 116 16.66 30.49 27.61
C GLY J 116 17.26 31.87 27.74
N ARG J 117 17.26 32.64 26.65
CA ARG J 117 17.84 33.98 26.69
C ARG J 117 16.97 34.93 27.49
N GLY J 118 15.70 34.59 27.65
CA GLY J 118 14.79 35.38 28.46
C GLY J 118 14.00 36.41 27.67
N ALA J 119 12.83 36.75 28.17
CA ALA J 119 11.96 37.73 27.52
C ALA J 119 11.51 38.80 28.51
N PRO J 120 12.01 40.04 28.34
CA PRO J 120 11.66 41.18 29.19
C PRO J 120 10.25 41.71 28.89
N VAL J 121 9.36 41.62 29.87
CA VAL J 121 7.97 42.07 29.69
C VAL J 121 7.58 43.15 30.69
N THR J 122 7.20 44.31 30.18
CA THR J 122 6.73 45.41 31.03
C THR J 122 5.26 45.72 30.79
N VAL J 123 4.48 45.78 31.88
CA VAL J 123 3.06 46.13 31.78
C VAL J 123 2.74 47.41 32.56
N SER J 124 2.31 48.43 31.83
CA SER J 124 1.94 49.71 32.45
C SER J 124 0.96 50.48 31.58
N VAL J 143 11.70 29.06 54.67
CA VAL J 143 12.06 29.72 53.43
C VAL J 143 13.56 29.61 53.17
N LEU J 144 14.07 30.42 52.25
CA LEU J 144 15.49 30.52 51.99
C LEU J 144 15.94 31.95 52.28
N THR J 145 16.72 32.11 53.35
CA THR J 145 17.21 33.42 53.74
C THR J 145 18.67 33.59 53.33
N GLN J 146 18.91 34.45 52.34
CA GLN J 146 20.24 34.63 51.77
C GLN J 146 20.88 35.94 52.23
N SER J 147 22.15 35.84 52.63
CA SER J 147 22.90 36.99 53.13
C SER J 147 24.37 36.89 52.75
N PRO J 148 25.05 38.04 52.57
CA PRO J 148 24.51 39.41 52.68
C PRO J 148 23.78 39.84 51.42
N ALA J 149 23.06 40.96 51.51
CA ALA J 149 22.34 41.52 50.36
C ALA J 149 23.33 41.95 49.28
N THR J 150 24.36 42.68 49.69
CA THR J 150 25.38 43.17 48.77
C THR J 150 26.78 42.74 49.23
N LEU J 151 27.74 42.82 48.33
CA LEU J 151 29.11 42.43 48.62
C LEU J 151 30.11 43.15 47.72
N SER J 152 30.78 44.16 48.28
CA SER J 152 31.77 44.93 47.52
C SER J 152 33.18 44.41 47.79
N LEU J 153 33.77 43.76 46.79
CA LEU J 153 35.08 43.14 46.96
C LEU J 153 36.02 43.45 45.81
N SER J 154 37.32 43.33 46.07
CA SER J 154 38.35 43.57 45.07
C SER J 154 38.72 42.26 44.38
N PRO J 155 39.21 42.35 43.13
CA PRO J 155 39.72 41.16 42.42
C PRO J 155 40.86 40.49 43.17
N GLY J 156 40.74 39.18 43.39
CA GLY J 156 41.74 38.44 44.14
C GLY J 156 41.22 37.96 45.48
N GLU J 157 40.30 38.71 46.08
CA GLU J 157 39.72 38.35 47.36
C GLU J 157 38.80 37.14 47.24
N THR J 158 38.21 36.74 48.36
CA THR J 158 37.29 35.59 48.37
C THR J 158 35.89 36.03 48.81
N ALA J 159 34.89 35.68 48.02
CA ALA J 159 33.50 36.02 48.33
C ALA J 159 32.78 34.83 48.97
N ILE J 160 32.17 35.07 50.14
CA ILE J 160 31.42 34.03 50.83
C ILE J 160 29.96 34.41 50.94
N ILE J 161 29.13 33.76 50.13
CA ILE J 161 27.69 33.99 50.15
C ILE J 161 27.02 32.89 50.97
N SER J 162 26.04 33.28 51.78
CA SER J 162 25.37 32.33 52.68
C SER J 162 23.88 32.21 52.41
N CYS J 163 23.33 31.03 52.67
CA CYS J 163 21.90 30.76 52.50
C CYS J 163 21.40 29.77 53.54
N ARG J 164 20.42 30.19 54.33
CA ARG J 164 19.87 29.33 55.38
C ARG J 164 18.57 28.68 54.93
N THR J 165 18.51 27.35 55.07
CA THR J 165 17.33 26.60 54.68
C THR J 165 16.55 26.15 55.89
N SER J 166 15.47 25.41 55.65
CA SER J 166 14.65 24.86 56.71
C SER J 166 14.03 23.53 56.31
N GLN J 167 14.25 23.14 55.06
CA GLN J 167 13.63 21.94 54.52
C GLN J 167 14.64 20.88 54.08
N SER J 168 15.81 21.35 53.65
CA SER J 168 16.91 20.51 53.16
C SER J 168 16.53 19.80 51.86
N GLY J 169 17.55 19.41 51.10
CA GLY J 169 17.33 18.90 49.76
C GLY J 169 18.30 19.58 48.80
N SER J 170 18.63 18.87 47.71
CA SER J 170 19.62 19.34 46.74
C SER J 170 19.52 20.83 46.42
N LEU J 171 20.47 21.59 46.95
CA LEU J 171 20.50 23.04 46.79
C LEU J 171 21.44 23.46 45.66
N ALA J 172 21.11 24.55 44.96
CA ALA J 172 21.91 24.99 43.83
C ALA J 172 22.35 26.46 43.95
N TRP J 173 23.42 26.81 43.23
CA TRP J 173 23.90 28.18 43.17
C TRP J 173 23.98 28.68 41.74
N TYR J 174 23.47 29.88 41.49
CA TYR J 174 23.48 30.45 40.14
C TYR J 174 24.20 31.79 40.08
N GLN J 175 24.75 32.10 38.91
CA GLN J 175 25.39 33.40 38.68
C GLN J 175 24.71 34.15 37.55
N GLN J 176 24.38 35.42 37.81
CA GLN J 176 23.80 36.28 36.79
C GLN J 176 24.69 37.47 36.50
N ARG J 177 25.17 37.54 35.26
CA ARG J 177 25.98 38.67 34.82
C ARG J 177 25.07 39.78 34.32
N PRO J 178 25.49 41.05 34.48
CA PRO J 178 24.70 42.20 34.05
C PRO J 178 24.24 42.12 32.60
N GLY J 179 22.95 41.82 32.40
CA GLY J 179 22.38 41.76 31.08
C GLY J 179 22.42 40.39 30.42
N GLN J 180 22.72 39.36 31.21
CA GLN J 180 22.80 38.00 30.70
C GLN J 180 21.91 37.04 31.49
N ALA J 181 21.61 35.89 30.89
CA ALA J 181 20.82 34.86 31.55
C ALA J 181 21.65 34.17 32.63
N PRO J 182 21.01 33.86 33.77
CA PRO J 182 21.66 33.14 34.88
C PRO J 182 22.29 31.82 34.45
N ARG J 183 23.43 31.49 35.03
CA ARG J 183 24.12 30.24 34.71
C ARG J 183 24.30 29.38 35.96
N LEU J 184 23.99 28.09 35.83
CA LEU J 184 24.18 27.15 36.92
C LEU J 184 25.66 27.06 37.30
N VAL J 185 25.93 27.27 38.58
CA VAL J 185 27.30 27.25 39.08
C VAL J 185 27.53 26.00 39.93
N ILE J 186 26.60 25.73 40.84
CA ILE J 186 26.72 24.61 41.76
C ILE J 186 25.36 23.95 41.99
N TYR J 187 25.36 22.62 42.13
CA TYR J 187 24.14 21.89 42.50
C TYR J 187 24.46 20.87 43.59
N SER J 188 23.42 20.38 44.26
CA SER J 188 23.55 19.43 45.38
C SER J 188 24.39 19.98 46.54
N GLY J 189 24.57 21.30 46.56
CA GLY J 189 25.27 21.96 47.66
C GLY J 189 26.79 21.94 47.62
N SER J 190 27.37 20.99 46.90
CA SER J 190 28.82 20.83 46.90
C SER J 190 29.41 20.42 45.54
N THR J 191 28.55 20.26 44.54
CA THR J 191 29.01 19.78 43.23
C THR J 191 28.99 20.87 42.17
N ARG J 192 30.13 21.06 41.51
CA ARG J 192 30.26 22.06 40.46
C ARG J 192 29.61 21.62 39.14
N ALA J 193 29.16 22.58 38.34
CA ALA J 193 28.58 22.29 37.03
C ALA J 193 29.66 22.31 35.95
N ALA J 194 29.26 22.10 34.70
CA ALA J 194 30.20 22.07 33.58
C ALA J 194 30.79 23.44 33.28
N GLY J 195 32.11 23.50 33.13
CA GLY J 195 32.80 24.74 32.81
C GLY J 195 33.14 25.57 34.03
N ILE J 196 32.70 25.12 35.21
CA ILE J 196 32.97 25.82 36.45
C ILE J 196 34.34 25.42 37.02
N PRO J 197 35.24 26.40 37.18
CA PRO J 197 36.60 26.14 37.68
C PRO J 197 36.63 25.85 39.18
N ASP J 198 37.78 25.40 39.67
CA ASP J 198 37.94 25.05 41.08
C ASP J 198 37.72 26.22 42.02
N ARG J 199 37.87 27.44 41.50
CA ARG J 199 37.72 28.65 42.30
C ARG J 199 36.36 28.74 42.99
N PHE J 200 35.32 28.19 42.35
CA PHE J 200 34.00 28.09 42.97
C PHE J 200 33.90 26.81 43.79
N SER J 201 33.43 26.95 45.03
CA SER J 201 33.30 25.80 45.92
C SER J 201 32.12 25.95 46.86
N GLY J 202 31.49 24.83 47.20
CA GLY J 202 30.34 24.84 48.09
C GLY J 202 30.58 24.08 49.38
N SER J 203 29.93 24.51 50.45
CA SER J 203 30.05 23.87 51.74
C SER J 203 28.70 23.90 52.44
N ARG J 204 28.56 23.09 53.48
CA ARG J 204 27.27 22.97 54.18
C ARG J 204 27.50 22.64 55.65
N TRP J 205 26.76 23.32 56.52
CA TRP J 205 26.80 23.03 57.96
C TRP J 205 25.42 23.26 58.57
N GLY J 206 24.72 22.17 58.86
CA GLY J 206 23.36 22.24 59.35
C GLY J 206 22.42 22.80 58.30
N ALA J 207 21.65 23.82 58.66
CA ALA J 207 20.71 24.44 57.73
C ALA J 207 21.42 25.48 56.86
N ASP J 208 22.67 25.78 57.21
CA ASP J 208 23.43 26.82 56.53
C ASP J 208 24.14 26.31 55.28
N TYR J 209 24.16 27.15 54.24
CA TYR J 209 24.85 26.83 53.00
C TYR J 209 25.79 27.97 52.61
N ASN J 210 27.01 27.64 52.22
CA ASN J 210 27.98 28.66 51.83
C ASN J 210 28.53 28.46 50.42
N LEU J 211 28.50 29.52 49.63
CA LEU J 211 29.16 29.52 48.33
C LEU J 211 30.42 30.37 48.41
N SER J 212 31.56 29.77 48.11
CA SER J 212 32.83 30.47 48.22
C SER J 212 33.50 30.61 46.87
N ILE J 213 33.80 31.86 46.51
CA ILE J 213 34.47 32.16 45.25
C ILE J 213 35.84 32.77 45.53
N SER J 214 36.88 32.00 45.25
CA SER J 214 38.25 32.47 45.53
C SER J 214 38.87 33.10 44.28
N ASN J 215 39.75 34.06 44.51
CA ASN J 215 40.44 34.77 43.43
C ASN J 215 39.47 35.41 42.44
N LEU J 216 38.69 36.36 42.93
CA LEU J 216 37.70 37.09 42.12
C LEU J 216 38.28 37.69 40.84
N GLU J 217 37.49 37.65 39.76
CA GLU J 217 37.86 38.28 38.50
C GLU J 217 36.62 38.88 37.82
N SER J 218 36.84 39.70 36.80
CA SER J 218 35.78 40.47 36.13
C SER J 218 34.51 39.66 35.82
N GLY J 219 34.68 38.46 35.30
CA GLY J 219 33.56 37.61 34.92
C GLY J 219 32.71 37.14 36.08
N ASP J 220 33.32 37.04 37.26
CA ASP J 220 32.64 36.51 38.44
C ASP J 220 31.60 37.49 38.99
N PHE J 221 31.80 38.77 38.74
CA PHE J 221 30.93 39.78 39.31
C PHE J 221 29.54 39.79 38.67
N GLY J 222 28.54 40.01 39.50
CA GLY J 222 27.15 39.97 39.08
C GLY J 222 26.23 39.81 40.27
N VAL J 223 25.21 38.97 40.12
CA VAL J 223 24.30 38.67 41.22
C VAL J 223 24.09 37.16 41.33
N TYR J 224 24.15 36.64 42.55
CA TYR J 224 24.08 35.19 42.78
C TYR J 224 22.81 34.80 43.53
N TYR J 225 22.26 33.64 43.18
CA TYR J 225 21.04 33.15 43.79
C TYR J 225 21.21 31.72 44.33
N CYS J 226 20.70 31.47 45.54
CA CYS J 226 20.63 30.11 46.07
C CYS J 226 19.24 29.55 45.77
N GLN J 227 19.16 28.24 45.58
CA GLN J 227 17.91 27.62 45.19
C GLN J 227 17.68 26.27 45.87
N GLN J 228 16.45 26.06 46.33
CA GLN J 228 16.02 24.76 46.81
C GLN J 228 14.68 24.43 46.16
N TYR J 229 14.73 23.60 45.12
CA TYR J 229 13.57 23.30 44.28
C TYR J 229 13.05 24.57 43.60
N GLU J 230 11.81 24.94 43.87
CA GLU J 230 11.20 26.10 43.22
C GLU J 230 11.38 27.41 43.99
N PHE J 231 11.95 27.30 45.19
CA PHE J 231 12.19 28.47 46.01
C PHE J 231 13.58 29.03 45.75
N PHE J 232 13.68 30.36 45.73
CA PHE J 232 14.97 31.02 45.54
C PHE J 232 15.26 31.99 46.67
N GLY J 233 16.52 32.39 46.80
CA GLY J 233 16.91 33.41 47.76
C GLY J 233 16.62 34.79 47.24
N GLN J 234 16.80 35.80 48.09
CA GLN J 234 16.57 37.19 47.70
C GLN J 234 17.68 37.70 46.79
N GLY J 235 18.80 36.96 46.78
CA GLY J 235 19.93 37.31 45.93
C GLY J 235 21.05 38.07 46.60
N THR J 236 22.27 37.88 46.10
CA THR J 236 23.44 38.60 46.61
C THR J 236 24.23 39.19 45.45
N LYS J 237 24.30 40.52 45.40
CA LYS J 237 25.01 41.21 44.34
C LYS J 237 26.49 41.38 44.67
N VAL J 238 27.35 40.71 43.91
CA VAL J 238 28.78 40.82 44.10
C VAL J 238 29.37 41.73 43.03
N GLN J 239 29.90 42.88 43.45
CA GLN J 239 30.43 43.88 42.53
C GLN J 239 31.90 44.19 42.76
N VAL J 240 32.54 44.78 41.75
CA VAL J 240 33.97 45.07 41.81
C VAL J 240 34.26 46.39 42.52
N GLU K 2 25.59 -57.97 51.57
CA GLU K 2 24.25 -58.47 51.25
C GLU K 2 23.27 -57.32 51.03
N ASN K 3 23.45 -56.22 51.76
CA ASN K 3 22.61 -55.04 51.59
C ASN K 3 23.05 -54.21 50.38
N LEU K 4 22.11 -53.92 49.50
CA LEU K 4 22.42 -53.25 48.23
C LEU K 4 22.62 -51.74 48.42
N TRP K 5 23.34 -51.13 47.48
CA TRP K 5 23.62 -49.70 47.51
C TRP K 5 23.28 -49.09 46.16
N VAL K 6 22.75 -47.87 46.16
CA VAL K 6 22.37 -47.22 44.93
C VAL K 6 23.61 -46.75 44.17
N THR K 7 23.53 -46.81 42.85
CA THR K 7 24.63 -46.38 41.99
C THR K 7 24.08 -45.70 40.75
N VAL K 8 24.61 -44.51 40.45
CA VAL K 8 24.11 -43.72 39.33
C VAL K 8 24.75 -44.10 38.00
N TYR K 9 23.90 -44.36 37.00
CA TYR K 9 24.37 -44.69 35.65
C TYR K 9 23.99 -43.58 34.67
N TYR K 10 24.95 -43.15 33.87
CA TYR K 10 24.75 -42.08 32.90
C TYR K 10 24.94 -42.57 31.46
N GLY K 11 23.86 -42.57 30.69
CA GLY K 11 23.92 -42.98 29.30
C GLY K 11 23.19 -44.29 29.08
N VAL K 12 22.14 -44.52 29.85
CA VAL K 12 21.41 -45.77 29.77
C VAL K 12 20.32 -45.72 28.71
N PRO K 13 20.12 -46.85 28.02
CA PRO K 13 19.02 -46.96 27.05
C PRO K 13 17.66 -46.80 27.72
N VAL K 14 17.32 -45.56 28.05
CA VAL K 14 16.02 -45.21 28.61
C VAL K 14 15.43 -44.00 27.88
N TRP K 15 14.29 -44.20 27.23
CA TRP K 15 13.60 -43.11 26.53
C TRP K 15 12.13 -43.06 26.86
N LYS K 16 11.54 -41.88 26.71
CA LYS K 16 10.10 -41.68 26.91
C LYS K 16 9.52 -40.87 25.77
N ASP K 17 8.25 -41.16 25.43
CA ASP K 17 7.57 -40.44 24.37
C ASP K 17 7.42 -38.97 24.74
N ALA K 18 7.79 -38.09 23.82
CA ALA K 18 7.70 -36.67 24.04
C ALA K 18 7.60 -35.93 22.71
N GLU K 19 7.50 -34.61 22.79
CA GLU K 19 7.41 -33.78 21.59
C GLU K 19 8.46 -32.69 21.64
N THR K 20 9.17 -32.50 20.54
CA THR K 20 10.22 -31.48 20.46
C THR K 20 10.20 -30.76 19.12
N THR K 21 11.13 -29.83 18.96
CA THR K 21 11.22 -29.04 17.74
C THR K 21 12.15 -29.70 16.73
N LEU K 22 11.58 -30.24 15.66
CA LEU K 22 12.35 -30.95 14.64
C LEU K 22 12.89 -29.98 13.59
N PHE K 23 14.11 -30.25 13.11
CA PHE K 23 14.67 -29.46 12.03
C PHE K 23 14.72 -30.27 10.74
N CYS K 24 15.20 -29.64 9.68
CA CYS K 24 15.12 -30.23 8.33
C CYS K 24 16.41 -30.86 7.87
N ALA K 25 16.35 -31.51 6.72
CA ALA K 25 17.52 -32.07 6.06
C ALA K 25 17.18 -32.39 4.60
N SER K 26 18.05 -31.95 3.70
CA SER K 26 17.89 -32.22 2.28
C SER K 26 19.22 -32.72 1.70
N ASP K 27 19.14 -33.48 0.62
CA ASP K 27 20.35 -33.94 -0.04
C ASP K 27 21.14 -32.79 -0.63
N ALA K 28 22.43 -33.01 -0.82
CA ALA K 28 23.29 -31.99 -1.38
C ALA K 28 22.81 -31.62 -2.77
N LYS K 29 22.47 -32.61 -3.59
CA LYS K 29 22.09 -32.35 -4.97
C LYS K 29 20.86 -31.43 -5.03
N ALA K 30 20.10 -31.38 -3.94
CA ALA K 30 18.95 -30.48 -3.87
C ALA K 30 19.41 -29.01 -3.77
N TYR K 31 20.48 -28.75 -3.04
CA TYR K 31 21.06 -27.40 -3.06
C TYR K 31 21.79 -27.15 -4.38
N GLU K 32 22.47 -28.18 -4.90
CA GLU K 32 23.30 -28.04 -6.08
C GLU K 32 22.51 -27.64 -7.34
N THR K 33 21.32 -28.23 -7.51
CA THR K 33 20.43 -27.81 -8.57
C THR K 33 20.11 -26.34 -8.35
N GLU K 34 20.07 -25.57 -9.43
CA GLU K 34 19.93 -24.12 -9.30
C GLU K 34 18.69 -23.75 -8.50
N LYS K 35 17.56 -24.38 -8.86
CA LYS K 35 16.30 -24.18 -8.15
C LYS K 35 15.83 -22.73 -8.17
N HIS K 36 16.78 -21.80 -8.08
CA HIS K 36 16.50 -20.44 -7.63
C HIS K 36 15.80 -20.60 -6.30
N ASN K 37 14.51 -20.37 -6.28
CA ASN K 37 13.74 -20.63 -5.09
C ASN K 37 12.82 -21.84 -5.27
N VAL K 38 12.99 -22.84 -4.40
CA VAL K 38 12.04 -23.93 -4.35
C VAL K 38 11.81 -24.24 -2.88
N TRP K 39 10.86 -23.50 -2.30
CA TRP K 39 10.49 -23.58 -0.89
C TRP K 39 11.60 -22.93 -0.08
N ALA K 40 11.61 -23.16 1.24
CA ALA K 40 12.57 -22.46 2.08
C ALA K 40 13.80 -23.33 2.30
N THR K 41 13.96 -24.31 1.43
CA THR K 41 14.99 -25.34 1.59
C THR K 41 16.42 -24.79 1.72
N HIS K 42 16.60 -23.49 1.52
CA HIS K 42 17.92 -22.88 1.53
C HIS K 42 18.59 -22.88 2.91
N ALA K 43 17.83 -22.60 3.96
CA ALA K 43 18.35 -22.59 5.32
C ALA K 43 18.59 -24.00 5.88
N CYS K 44 18.20 -25.01 5.11
CA CYS K 44 18.25 -26.40 5.56
C CYS K 44 19.67 -26.96 5.70
N VAL K 45 19.87 -27.81 6.71
CA VAL K 45 21.12 -28.52 6.92
C VAL K 45 21.28 -29.69 5.94
N PRO K 46 22.45 -29.81 5.31
CA PRO K 46 22.75 -30.93 4.41
C PRO K 46 22.64 -32.31 5.06
N THR K 47 22.05 -33.27 4.36
CA THR K 47 21.87 -34.63 4.87
C THR K 47 23.20 -35.37 4.97
N ASP K 48 23.37 -36.12 6.06
CA ASP K 48 24.54 -36.97 6.28
C ASP K 48 24.71 -37.93 5.11
N PRO K 49 25.86 -37.88 4.42
CA PRO K 49 26.12 -38.67 3.21
C PRO K 49 25.93 -40.18 3.42
N ASN K 50 26.33 -40.68 4.57
CA ASN K 50 26.11 -42.08 4.91
C ASN K 50 24.96 -42.24 5.90
N PRO K 51 23.92 -43.00 5.50
CA PRO K 51 22.75 -43.23 6.35
C PRO K 51 23.11 -43.98 7.64
N GLN K 52 22.61 -43.49 8.77
CA GLN K 52 22.89 -44.11 10.05
C GLN K 52 21.61 -44.67 10.67
N GLU K 53 21.58 -45.99 10.86
CA GLU K 53 20.44 -46.67 11.46
C GLU K 53 20.90 -47.81 12.39
N ILE K 54 20.14 -48.06 13.45
CA ILE K 54 20.47 -49.08 14.44
C ILE K 54 19.23 -49.91 14.80
N HIS K 55 19.24 -51.19 14.42
CA HIS K 55 18.11 -52.07 14.70
C HIS K 55 18.09 -52.49 16.17
N LEU K 56 17.06 -52.07 16.90
CA LEU K 56 16.93 -52.41 18.31
C LEU K 56 16.40 -53.81 18.51
N GLU K 57 17.31 -54.75 18.77
CA GLU K 57 16.91 -56.12 19.02
C GLU K 57 16.08 -56.23 20.29
N ASN K 58 15.12 -57.14 20.29
CA ASN K 58 14.29 -57.42 21.46
C ASN K 58 13.42 -56.26 21.93
N VAL K 59 13.43 -55.17 21.19
CA VAL K 59 12.70 -53.99 21.61
C VAL K 59 11.34 -53.92 20.94
N THR K 60 10.29 -53.75 21.75
CA THR K 60 8.94 -53.62 21.24
C THR K 60 8.32 -52.30 21.71
N GLU K 61 8.18 -51.36 20.80
CA GLU K 61 7.64 -50.03 21.14
C GLU K 61 6.32 -49.78 20.41
N GLU K 62 5.39 -49.11 21.09
CA GLU K 62 4.07 -48.82 20.52
C GLU K 62 4.03 -47.52 19.73
N PHE K 63 3.56 -47.60 18.49
CA PHE K 63 3.41 -46.41 17.65
C PHE K 63 1.95 -45.97 17.54
N ASN K 64 1.75 -44.73 17.10
CA ASN K 64 0.41 -44.20 16.91
C ASN K 64 0.43 -43.08 15.87
N MET K 65 0.13 -43.43 14.63
CA MET K 65 0.15 -42.49 13.51
C MET K 65 -0.94 -41.43 13.65
N TRP K 66 -1.97 -41.74 14.44
CA TRP K 66 -3.10 -40.85 14.61
C TRP K 66 -2.91 -39.92 15.81
N LYS K 67 -1.88 -40.17 16.60
CA LYS K 67 -1.55 -39.31 17.72
C LYS K 67 -0.09 -38.88 17.58
N ASN K 68 0.34 -38.69 16.34
CA ASN K 68 1.73 -38.35 16.06
C ASN K 68 1.88 -36.85 15.90
N ASN K 69 2.85 -36.28 16.59
CA ASN K 69 3.04 -34.83 16.58
C ASN K 69 3.84 -34.33 15.39
N MET K 70 4.58 -35.22 14.76
CA MET K 70 5.38 -34.88 13.59
C MET K 70 4.49 -34.40 12.44
N VAL K 71 3.27 -34.93 12.38
CA VAL K 71 2.32 -34.57 11.35
C VAL K 71 1.89 -33.12 11.50
N GLU K 72 1.54 -32.75 12.72
CA GLU K 72 1.10 -31.39 13.03
C GLU K 72 2.23 -30.39 12.82
N GLN K 73 3.45 -30.81 13.14
CA GLN K 73 4.63 -29.95 12.98
C GLN K 73 4.96 -29.70 11.50
N MET K 74 4.88 -30.75 10.69
CA MET K 74 5.12 -30.67 9.25
C MET K 74 4.08 -29.78 8.55
N HIS K 75 2.83 -29.88 9.00
CA HIS K 75 1.72 -29.12 8.43
C HIS K 75 1.91 -27.61 8.59
N THR K 76 2.15 -27.17 9.83
CA THR K 76 2.36 -25.74 10.12
C THR K 76 3.66 -25.24 9.51
N ASP K 77 4.63 -26.13 9.33
CA ASP K 77 5.89 -25.76 8.72
C ASP K 77 5.67 -25.38 7.26
N ILE K 78 4.92 -26.20 6.54
CA ILE K 78 4.65 -25.94 5.13
C ILE K 78 3.74 -24.73 4.96
N ILE K 79 2.81 -24.56 5.88
CA ILE K 79 1.91 -23.42 5.84
C ILE K 79 2.69 -22.13 6.00
N SER K 80 3.52 -22.05 7.05
CA SER K 80 4.35 -20.87 7.30
C SER K 80 5.29 -20.61 6.14
N LEU K 81 5.78 -21.70 5.56
CA LEU K 81 6.63 -21.64 4.38
C LEU K 81 5.90 -21.01 3.18
N TRP K 82 4.64 -21.37 3.01
CA TRP K 82 3.84 -20.79 1.92
C TRP K 82 3.70 -19.28 2.06
N ASP K 83 3.61 -18.81 3.30
CA ASP K 83 3.51 -17.38 3.56
C ASP K 83 4.85 -16.68 3.31
N GLN K 84 5.92 -17.30 3.80
CA GLN K 84 7.26 -16.72 3.65
C GLN K 84 7.67 -16.70 2.18
N SER K 85 7.09 -17.62 1.41
CA SER K 85 7.36 -17.70 -0.02
C SER K 85 6.56 -16.65 -0.80
N LEU K 86 5.53 -16.09 -0.18
CA LEU K 86 4.66 -15.12 -0.86
C LEU K 86 4.78 -13.71 -0.28
N LYS K 87 5.49 -13.57 0.83
CA LYS K 87 5.68 -12.26 1.46
C LYS K 87 6.44 -11.29 0.55
N PRO K 88 7.60 -11.70 -0.01
CA PRO K 88 8.28 -10.70 -0.83
C PRO K 88 7.78 -10.68 -2.26
N CYS K 89 6.66 -11.33 -2.51
CA CYS K 89 6.15 -11.46 -3.87
C CYS K 89 5.26 -10.29 -4.27
N VAL K 90 4.93 -10.23 -5.56
CA VAL K 90 4.12 -9.19 -6.14
C VAL K 90 2.67 -9.27 -5.67
N LYS K 91 2.19 -8.19 -5.06
CA LYS K 91 0.79 -8.16 -4.60
C LYS K 91 -0.12 -7.52 -5.63
N LEU K 92 -1.22 -8.20 -5.93
CA LEU K 92 -2.14 -7.80 -6.99
C LEU K 92 -3.38 -7.02 -6.54
N THR K 93 -3.17 -5.98 -5.73
CA THR K 93 -4.27 -5.11 -5.29
C THR K 93 -5.06 -4.40 -6.40
N PRO K 94 -4.38 -3.82 -7.41
CA PRO K 94 -5.21 -3.12 -8.39
C PRO K 94 -5.61 -4.01 -9.56
N LEU K 95 -6.01 -5.24 -9.27
CA LEU K 95 -6.43 -6.18 -10.31
C LEU K 95 -7.91 -6.52 -10.14
N CYS K 96 -8.58 -5.88 -9.18
CA CYS K 96 -10.01 -6.08 -9.01
C CYS K 96 -10.81 -5.02 -9.77
N VAL K 97 -10.28 -4.55 -10.90
CA VAL K 97 -11.01 -3.63 -11.77
C VAL K 97 -12.05 -4.43 -12.57
N THR K 98 -13.08 -3.74 -13.07
CA THR K 98 -14.09 -4.37 -13.92
C THR K 98 -13.49 -5.06 -15.13
N LEU K 99 -13.94 -6.29 -15.39
CA LEU K 99 -13.45 -7.08 -16.51
C LEU K 99 -14.51 -7.23 -17.60
N GLN K 100 -14.28 -6.58 -18.73
CA GLN K 100 -15.19 -6.72 -19.87
C GLN K 100 -14.80 -7.93 -20.70
N CYS K 101 -15.33 -9.09 -20.33
CA CYS K 101 -14.89 -10.35 -20.93
C CYS K 101 -15.82 -10.86 -22.03
N THR K 102 -15.26 -11.72 -22.89
CA THR K 102 -15.99 -12.38 -23.97
C THR K 102 -15.44 -13.78 -24.13
N ASN K 103 -16.10 -14.58 -24.97
CA ASN K 103 -15.62 -15.92 -25.24
C ASN K 103 -14.31 -15.89 -26.03
N VAL K 104 -13.53 -16.96 -25.89
CA VAL K 104 -12.28 -17.09 -26.64
C VAL K 104 -12.52 -17.46 -28.10
N THR K 105 -11.54 -17.17 -28.95
CA THR K 105 -11.66 -17.41 -30.38
C THR K 105 -11.75 -18.89 -30.71
N ASN K 106 -12.97 -19.36 -30.97
CA ASN K 106 -13.20 -20.73 -31.38
C ASN K 106 -14.48 -20.88 -32.17
N ASN K 107 -14.78 -22.11 -32.57
CA ASN K 107 -16.01 -22.40 -33.29
C ASN K 107 -16.77 -23.47 -32.51
N ILE K 108 -17.69 -23.01 -31.67
CA ILE K 108 -18.28 -23.83 -30.61
C ILE K 108 -19.80 -23.97 -30.76
N THR K 109 -20.30 -25.20 -30.57
CA THR K 109 -21.73 -25.47 -30.66
C THR K 109 -22.54 -24.80 -29.54
N ASP K 110 -21.97 -24.80 -28.32
CA ASP K 110 -22.44 -24.18 -27.05
C ASP K 110 -22.30 -25.13 -25.85
N ASP K 111 -21.96 -26.39 -26.09
CA ASP K 111 -21.73 -27.34 -24.99
C ASP K 111 -20.33 -27.22 -24.37
N MET K 112 -19.49 -26.38 -24.96
CA MET K 112 -18.14 -26.17 -24.44
C MET K 112 -18.18 -25.20 -23.26
N ARG K 113 -19.33 -24.53 -23.09
CA ARG K 113 -19.56 -23.58 -22.01
C ARG K 113 -18.42 -22.59 -21.77
N GLY K 114 -17.82 -22.11 -22.85
CA GLY K 114 -16.78 -21.09 -22.78
C GLY K 114 -15.52 -21.52 -22.05
N GLU K 115 -15.63 -21.69 -20.73
CA GLU K 115 -14.53 -22.08 -19.85
C GLU K 115 -13.41 -21.04 -19.81
N LEU K 116 -12.89 -20.67 -20.97
CA LEU K 116 -11.86 -19.64 -21.08
C LEU K 116 -12.44 -18.28 -21.45
N LYS K 117 -12.02 -17.24 -20.75
CA LYS K 117 -12.56 -15.89 -20.99
C LYS K 117 -11.47 -14.88 -21.41
N ASN K 118 -11.78 -14.12 -22.46
CA ASN K 118 -10.88 -13.07 -22.95
C ASN K 118 -11.24 -11.71 -22.37
N CYS K 119 -10.65 -11.38 -21.23
CA CYS K 119 -11.01 -10.17 -20.48
C CYS K 119 -10.17 -8.95 -20.82
N SER K 120 -10.87 -7.83 -20.96
CA SER K 120 -10.25 -6.53 -21.17
C SER K 120 -10.56 -5.63 -19.98
N PHE K 121 -9.63 -4.78 -19.59
CA PHE K 121 -9.78 -3.97 -18.39
C PHE K 121 -8.79 -2.81 -18.31
N ASN K 122 -9.09 -1.84 -17.44
CA ASN K 122 -8.17 -0.74 -17.16
C ASN K 122 -7.09 -1.17 -16.17
N MET K 123 -5.92 -0.52 -16.21
CA MET K 123 -4.80 -0.86 -15.34
C MET K 123 -3.90 0.33 -15.04
N THR K 124 -3.30 0.33 -13.85
CA THR K 124 -2.37 1.36 -13.48
C THR K 124 -0.99 1.07 -14.06
N THR K 125 -0.45 2.06 -14.77
CA THR K 125 0.88 1.95 -15.35
C THR K 125 1.94 2.36 -14.35
N GLU K 126 3.17 2.50 -14.84
CA GLU K 126 4.30 2.90 -14.00
C GLU K 126 4.01 4.29 -13.43
N LEU K 127 3.47 5.16 -14.28
CA LEU K 127 3.10 6.50 -13.87
C LEU K 127 1.69 6.50 -13.26
N ARG K 128 1.45 7.45 -12.35
CA ARG K 128 0.14 7.59 -11.70
C ARG K 128 -0.96 8.06 -12.65
N ASP K 129 -0.61 8.96 -13.55
CA ASP K 129 -1.58 9.66 -14.39
C ASP K 129 -2.29 8.81 -15.46
N LYS K 130 -1.56 7.94 -16.14
CA LYS K 130 -2.12 7.26 -17.32
C LYS K 130 -2.63 5.86 -17.02
N LYS K 131 -3.87 5.61 -17.45
CA LYS K 131 -4.49 4.30 -17.41
C LYS K 131 -3.94 3.40 -18.51
N GLN K 132 -4.15 2.09 -18.38
CA GLN K 132 -3.69 1.13 -19.36
C GLN K 132 -4.80 0.15 -19.77
N LYS K 133 -5.21 0.21 -21.03
CA LYS K 133 -6.26 -0.68 -21.54
C LYS K 133 -5.64 -1.96 -22.09
N VAL K 134 -5.35 -2.92 -21.21
CA VAL K 134 -4.76 -4.19 -21.66
C VAL K 134 -5.71 -5.37 -21.44
N TYR K 135 -5.47 -6.44 -22.19
CA TYR K 135 -6.32 -7.62 -22.10
C TYR K 135 -5.54 -8.84 -21.65
N SER K 136 -6.23 -9.77 -21.00
CA SER K 136 -5.64 -11.02 -20.55
C SER K 136 -6.56 -12.22 -20.79
N LEU K 137 -6.15 -13.37 -20.27
CA LEU K 137 -6.94 -14.58 -20.39
C LEU K 137 -7.07 -15.25 -19.02
N PHE K 138 -8.30 -15.59 -18.65
CA PHE K 138 -8.58 -16.20 -17.34
C PHE K 138 -9.54 -17.37 -17.48
N TYR K 139 -9.44 -18.32 -16.57
CA TYR K 139 -10.36 -19.44 -16.53
C TYR K 139 -11.68 -19.02 -15.87
N ARG K 140 -12.76 -19.72 -16.20
CA ARG K 140 -14.09 -19.40 -15.69
C ARG K 140 -14.18 -19.53 -14.18
N LEU K 141 -13.39 -20.45 -13.64
CA LEU K 141 -13.34 -20.71 -12.20
C LEU K 141 -12.61 -19.58 -11.44
N ASP K 142 -11.95 -18.70 -12.19
CA ASP K 142 -11.23 -17.57 -11.63
C ASP K 142 -12.03 -16.27 -11.64
N VAL K 143 -13.08 -16.22 -12.46
CA VAL K 143 -13.91 -15.03 -12.59
C VAL K 143 -15.38 -15.28 -12.27
N VAL K 144 -16.11 -14.19 -11.97
CA VAL K 144 -17.53 -14.23 -11.64
C VAL K 144 -18.19 -12.93 -12.11
N GLN K 145 -19.28 -13.05 -12.87
CA GLN K 145 -20.00 -11.87 -13.36
C GLN K 145 -20.97 -11.32 -12.32
N ILE K 146 -21.19 -10.00 -12.36
CA ILE K 146 -22.12 -9.36 -11.44
C ILE K 146 -23.29 -8.70 -12.19
N ASN K 147 -24.51 -8.93 -11.69
CA ASN K 147 -25.73 -8.36 -12.27
C ASN K 147 -25.90 -8.73 -13.74
N LYS K 159 -21.25 -8.19 -21.28
CA LYS K 159 -20.96 -8.98 -20.09
C LYS K 159 -19.77 -8.42 -19.31
N GLU K 160 -20.02 -8.10 -18.04
CA GLU K 160 -18.96 -7.61 -17.16
C GLU K 160 -18.68 -8.58 -16.01
N TYR K 161 -17.39 -8.86 -15.77
CA TYR K 161 -16.98 -9.82 -14.76
C TYR K 161 -16.09 -9.21 -13.69
N ARG K 162 -15.58 -10.06 -12.80
CA ARG K 162 -14.66 -9.66 -11.74
C ARG K 162 -13.89 -10.88 -11.24
N LEU K 163 -12.84 -10.64 -10.48
CA LEU K 163 -12.07 -11.71 -9.87
C LEU K 163 -12.88 -12.45 -8.82
N ILE K 164 -12.74 -13.76 -8.75
CA ILE K 164 -13.60 -14.58 -7.89
C ILE K 164 -13.29 -14.35 -6.39
N ASN K 165 -12.12 -13.80 -6.12
CA ASN K 165 -11.66 -13.64 -4.75
C ASN K 165 -11.91 -12.27 -4.16
N CYS K 166 -12.76 -11.48 -4.83
CA CYS K 166 -12.91 -10.10 -4.41
C CYS K 166 -13.70 -9.94 -3.10
N ASN K 167 -14.71 -10.78 -2.83
CA ASN K 167 -15.32 -10.65 -1.51
C ASN K 167 -14.75 -11.66 -0.51
N THR K 168 -13.74 -12.43 -0.94
CA THR K 168 -13.07 -13.34 -0.03
C THR K 168 -11.89 -12.67 0.67
N SER K 169 -10.81 -12.43 -0.07
CA SER K 169 -9.60 -11.89 0.53
C SER K 169 -8.78 -11.06 -0.47
N ALA K 170 -7.59 -10.63 -0.03
CA ALA K 170 -6.66 -9.95 -0.92
C ALA K 170 -5.94 -10.98 -1.76
N ILE K 171 -5.08 -10.51 -2.65
CA ILE K 171 -4.41 -11.42 -3.56
C ILE K 171 -2.95 -11.02 -3.75
N THR K 172 -2.08 -12.03 -3.76
CA THR K 172 -0.67 -11.81 -4.05
C THR K 172 -0.20 -12.83 -5.08
N GLN K 173 0.58 -12.38 -6.06
CA GLN K 173 1.06 -13.24 -7.13
C GLN K 173 2.29 -14.02 -6.75
N ALA K 174 2.28 -15.31 -7.05
CA ALA K 174 3.46 -16.13 -6.83
C ALA K 174 4.58 -15.69 -7.76
N CYS K 175 5.77 -15.57 -7.21
CA CYS K 175 6.94 -15.14 -7.97
C CYS K 175 7.31 -16.19 -9.01
N PRO K 176 7.74 -15.75 -10.21
CA PRO K 176 8.10 -16.68 -11.28
C PRO K 176 9.45 -17.35 -11.02
N LYS K 177 10.20 -16.80 -10.07
CA LYS K 177 11.50 -17.33 -9.69
C LYS K 177 11.33 -18.60 -8.86
N VAL K 178 10.29 -18.63 -8.03
CA VAL K 178 10.06 -19.74 -7.13
C VAL K 178 9.43 -20.92 -7.86
N SER K 179 9.55 -22.12 -7.28
CA SER K 179 8.94 -23.31 -7.84
C SER K 179 8.24 -24.11 -6.74
N PHE K 180 7.12 -24.71 -7.09
CA PHE K 180 6.30 -25.44 -6.13
C PHE K 180 6.60 -26.92 -6.15
N GLU K 181 7.58 -27.31 -6.94
CA GLU K 181 7.94 -28.72 -7.09
C GLU K 181 8.40 -29.31 -5.75
N PRO K 182 7.82 -30.47 -5.38
CA PRO K 182 8.14 -31.14 -4.13
C PRO K 182 9.62 -31.54 -4.09
N ILE K 183 10.25 -31.35 -2.94
CA ILE K 183 11.64 -31.71 -2.74
C ILE K 183 11.73 -32.74 -1.62
N PRO K 184 12.58 -33.76 -1.78
CA PRO K 184 12.76 -34.72 -0.68
C PRO K 184 13.22 -34.02 0.60
N ILE K 185 12.46 -34.21 1.68
CA ILE K 185 12.76 -33.55 2.94
C ILE K 185 12.94 -34.57 4.06
N HIS K 186 14.06 -34.45 4.77
CA HIS K 186 14.35 -35.33 5.89
C HIS K 186 14.16 -34.56 7.20
N TYR K 187 13.31 -35.08 8.07
CA TYR K 187 13.07 -34.45 9.37
C TYR K 187 13.92 -35.13 10.45
N CYS K 188 14.69 -34.32 11.18
CA CYS K 188 15.62 -34.85 12.18
C CYS K 188 15.39 -34.24 13.56
N ALA K 189 15.89 -34.91 14.59
CA ALA K 189 15.76 -34.46 15.97
C ALA K 189 17.10 -34.00 16.54
N PRO K 190 17.09 -32.96 17.40
CA PRO K 190 18.31 -32.45 18.04
C PRO K 190 18.93 -33.41 19.05
N ALA K 191 20.03 -32.99 19.67
CA ALA K 191 20.71 -33.81 20.67
C ALA K 191 19.82 -34.09 21.88
N GLY K 192 19.87 -35.31 22.39
CA GLY K 192 19.04 -35.72 23.51
C GLY K 192 17.75 -36.40 23.09
N PHE K 193 17.43 -36.34 21.80
CA PHE K 193 16.23 -36.98 21.28
C PHE K 193 16.56 -37.96 20.16
N ALA K 194 15.59 -38.77 19.78
CA ALA K 194 15.77 -39.75 18.72
C ALA K 194 14.45 -40.13 18.06
N ILE K 195 14.54 -40.60 16.83
CA ILE K 195 13.35 -40.99 16.08
C ILE K 195 13.29 -42.50 15.86
N LEU K 196 12.19 -43.11 16.29
CA LEU K 196 11.99 -44.55 16.18
C LEU K 196 11.33 -44.90 14.84
N LYS K 197 11.76 -46.01 14.23
CA LYS K 197 11.21 -46.44 12.94
C LYS K 197 10.76 -47.90 12.95
N CYS K 198 9.51 -48.13 12.56
CA CYS K 198 8.97 -49.48 12.48
C CYS K 198 9.37 -50.12 11.15
N LYS K 199 10.00 -51.28 11.23
CA LYS K 199 10.52 -51.92 10.03
C LYS K 199 9.75 -53.22 9.75
N ASP K 200 8.51 -53.30 10.25
CA ASP K 200 7.68 -54.48 10.03
C ASP K 200 7.12 -54.60 8.61
N LYS K 201 6.91 -55.85 8.20
CA LYS K 201 6.31 -56.14 6.91
C LYS K 201 4.85 -55.68 6.86
N LYS K 202 4.10 -55.94 7.93
CA LYS K 202 2.69 -55.60 7.97
C LYS K 202 2.34 -54.85 9.25
N PHE K 203 2.79 -53.61 9.36
CA PHE K 203 2.42 -52.74 10.48
C PHE K 203 1.22 -51.89 10.09
N ASN K 204 0.04 -52.22 10.59
CA ASN K 204 -1.16 -51.50 10.18
C ASN K 204 -1.37 -50.18 10.94
N GLY K 205 -0.30 -49.67 11.53
CA GLY K 205 -0.24 -48.26 11.91
C GLY K 205 -0.51 -47.85 13.34
N THR K 206 -0.88 -48.82 14.17
CA THR K 206 -1.08 -48.57 15.59
C THR K 206 -0.64 -49.76 16.40
N GLY K 207 -0.27 -49.50 17.65
CA GLY K 207 0.07 -50.57 18.58
C GLY K 207 1.55 -50.88 18.62
N PRO K 208 1.91 -51.97 19.29
CA PRO K 208 3.29 -52.43 19.49
C PRO K 208 3.97 -52.88 18.20
N CYS K 209 5.27 -52.60 18.08
CA CYS K 209 6.03 -53.01 16.91
C CYS K 209 7.17 -53.94 17.28
N PRO K 210 7.16 -55.17 16.75
CA PRO K 210 8.19 -56.20 16.97
C PRO K 210 9.61 -55.79 16.55
N SER K 211 9.77 -55.30 15.32
CA SER K 211 11.09 -54.92 14.83
C SER K 211 11.23 -53.40 14.81
N VAL K 212 11.84 -52.85 15.85
CA VAL K 212 11.99 -51.41 15.96
C VAL K 212 13.45 -51.01 15.76
N SER K 213 13.68 -49.95 15.00
CA SER K 213 15.01 -49.40 14.78
C SER K 213 15.03 -47.91 15.05
N THR K 214 16.22 -47.36 15.32
CA THR K 214 16.38 -45.94 15.61
C THR K 214 17.06 -45.20 14.49
N VAL K 215 16.64 -43.96 14.26
CA VAL K 215 17.27 -43.11 13.27
C VAL K 215 17.42 -41.69 13.79
N GLN K 216 18.34 -40.96 13.18
CA GLN K 216 18.54 -39.55 13.51
C GLN K 216 17.74 -38.71 12.53
N CYS K 217 17.72 -39.14 11.27
CA CYS K 217 16.97 -38.43 10.22
C CYS K 217 16.11 -39.40 9.40
N THR K 218 14.85 -39.02 9.18
CA THR K 218 13.93 -39.85 8.41
C THR K 218 14.30 -39.86 6.92
N HIS K 219 13.69 -40.76 6.16
CA HIS K 219 13.94 -40.83 4.71
C HIS K 219 13.35 -39.60 4.01
N GLY K 220 13.66 -39.45 2.73
CA GLY K 220 13.20 -38.31 1.96
C GLY K 220 11.70 -38.25 1.70
N ILE K 221 11.00 -37.39 2.44
CA ILE K 221 9.56 -37.24 2.28
C ILE K 221 9.21 -36.04 1.42
N LYS K 222 8.69 -36.32 0.23
CA LYS K 222 8.25 -35.26 -0.67
C LYS K 222 6.88 -34.74 -0.24
N PRO K 223 6.84 -33.44 0.11
CA PRO K 223 5.60 -32.78 0.53
C PRO K 223 4.66 -32.52 -0.63
N VAL K 224 4.08 -33.59 -1.16
CA VAL K 224 3.17 -33.48 -2.30
C VAL K 224 1.76 -33.14 -1.84
N VAL K 225 1.31 -31.96 -2.22
CA VAL K 225 -0.01 -31.49 -1.89
C VAL K 225 -1.02 -32.09 -2.85
N SER K 226 -1.88 -32.97 -2.37
CA SER K 226 -2.89 -33.59 -3.21
C SER K 226 -4.11 -34.08 -2.42
N THR K 227 -5.21 -34.32 -3.11
CA THR K 227 -6.43 -34.80 -2.47
C THR K 227 -6.90 -36.08 -3.15
N GLN K 228 -7.74 -36.84 -2.45
CA GLN K 228 -8.29 -38.09 -2.98
C GLN K 228 -7.21 -39.10 -3.34
N LEU K 229 -6.40 -38.76 -4.34
CA LEU K 229 -5.31 -39.62 -4.81
C LEU K 229 -3.97 -39.22 -4.18
N LEU K 230 -3.24 -40.19 -3.64
CA LEU K 230 -1.89 -39.91 -3.16
C LEU K 230 -0.93 -39.81 -4.33
N LEU K 231 -1.07 -38.72 -5.07
CA LEU K 231 -0.20 -38.41 -6.21
C LEU K 231 1.24 -38.27 -5.74
N ASN K 232 2.15 -38.81 -6.53
CA ASN K 232 3.56 -38.93 -6.13
C ASN K 232 3.70 -39.45 -4.70
N GLY K 233 2.90 -40.45 -4.35
CA GLY K 233 2.97 -41.05 -3.04
C GLY K 233 4.10 -42.07 -2.96
N SER K 234 4.00 -42.99 -2.00
CA SER K 234 4.99 -44.03 -1.78
C SER K 234 4.30 -45.38 -1.51
N LEU K 235 5.04 -46.47 -1.68
CA LEU K 235 4.47 -47.82 -1.73
C LEU K 235 4.43 -48.55 -0.38
N ALA K 236 3.73 -49.68 -0.36
CA ALA K 236 3.73 -50.59 0.79
C ALA K 236 4.64 -51.77 0.45
N GLU K 237 4.87 -52.66 1.41
CA GLU K 237 5.84 -53.75 1.19
C GLU K 237 5.29 -55.06 0.65
N GLU K 238 4.20 -55.57 1.22
CA GLU K 238 3.67 -56.84 0.77
C GLU K 238 2.26 -56.71 0.20
N GLU K 239 1.27 -56.99 1.02
CA GLU K 239 -0.11 -56.73 0.64
C GLU K 239 -0.38 -55.24 0.80
N VAL K 240 -1.31 -54.70 0.03
CA VAL K 240 -1.65 -53.28 0.14
C VAL K 240 -2.20 -53.00 1.54
N MET K 241 -1.81 -51.87 2.13
CA MET K 241 -2.09 -51.60 3.53
C MET K 241 -3.29 -50.66 3.72
N ILE K 242 -4.07 -50.92 4.76
CA ILE K 242 -5.24 -50.12 5.07
C ILE K 242 -5.14 -49.62 6.51
N ARG K 243 -5.16 -48.30 6.68
CA ARG K 243 -5.02 -47.71 8.01
C ARG K 243 -6.17 -46.77 8.35
N SER K 244 -6.68 -46.91 9.58
CA SER K 244 -7.79 -46.10 10.05
C SER K 244 -7.75 -45.96 11.56
N GLU K 245 -8.05 -44.76 12.05
CA GLU K 245 -8.07 -44.51 13.49
C GLU K 245 -9.22 -45.30 14.12
N ASN K 246 -10.30 -45.41 13.37
CA ASN K 246 -11.48 -46.15 13.77
C ASN K 246 -12.20 -46.65 12.53
N ILE K 247 -12.03 -47.92 12.20
CA ILE K 247 -12.65 -48.48 11.00
C ILE K 247 -14.16 -48.50 11.13
N THR K 248 -14.64 -48.81 12.33
CA THR K 248 -16.08 -48.79 12.62
C THR K 248 -16.65 -47.38 12.52
N ASN K 249 -15.78 -46.37 12.62
CA ASN K 249 -16.19 -44.99 12.43
C ASN K 249 -16.10 -44.59 10.96
N ASN K 250 -17.25 -44.26 10.38
CA ASN K 250 -17.28 -43.85 8.99
C ASN K 250 -17.05 -42.36 8.85
N ALA K 251 -16.87 -41.68 9.98
CA ALA K 251 -16.56 -40.25 9.98
C ALA K 251 -15.05 -40.04 9.94
N LYS K 252 -14.31 -41.11 10.22
CA LYS K 252 -12.86 -41.05 10.10
C LYS K 252 -12.41 -41.59 8.75
N ASN K 253 -11.51 -40.86 8.10
CA ASN K 253 -11.01 -41.23 6.79
C ASN K 253 -10.19 -42.51 6.83
N ILE K 254 -10.16 -43.21 5.71
CA ILE K 254 -9.43 -44.46 5.61
C ILE K 254 -8.26 -44.32 4.64
N LEU K 255 -7.05 -44.23 5.18
CA LEU K 255 -5.86 -44.05 4.34
C LEU K 255 -5.39 -45.39 3.78
N VAL K 256 -5.33 -45.48 2.46
CA VAL K 256 -4.92 -46.69 1.78
C VAL K 256 -3.53 -46.52 1.20
N GLN K 257 -2.68 -47.54 1.34
CA GLN K 257 -1.34 -47.52 0.76
C GLN K 257 -1.13 -48.70 -0.18
N PHE K 258 -0.68 -48.42 -1.39
CA PHE K 258 -0.54 -49.44 -2.42
C PHE K 258 0.81 -50.16 -2.36
N ASN K 259 0.88 -51.32 -3.00
CA ASN K 259 2.13 -52.05 -3.17
C ASN K 259 2.78 -51.72 -4.51
N THR K 260 1.97 -51.79 -5.56
CA THR K 260 2.43 -51.46 -6.91
C THR K 260 1.87 -50.10 -7.35
N PRO K 261 2.76 -49.21 -7.82
CA PRO K 261 2.34 -47.85 -8.21
C PRO K 261 1.50 -47.82 -9.48
N VAL K 262 0.51 -46.94 -9.53
CA VAL K 262 -0.34 -46.82 -10.73
C VAL K 262 0.16 -45.68 -11.60
N GLN K 263 0.67 -46.02 -12.78
CA GLN K 263 1.22 -45.03 -13.72
C GLN K 263 0.16 -44.12 -14.30
N ILE K 264 0.25 -42.82 -14.03
CA ILE K 264 -0.70 -41.88 -14.61
C ILE K 264 -0.01 -40.70 -15.28
N ASN K 265 -0.63 -40.24 -16.37
CA ASN K 265 -0.09 -39.17 -17.17
C ASN K 265 -1.04 -37.99 -17.29
N CYS K 266 -0.60 -36.83 -16.82
CA CYS K 266 -1.42 -35.64 -16.86
C CYS K 266 -0.81 -34.56 -17.76
N THR K 267 -1.62 -33.98 -18.64
CA THR K 267 -1.12 -32.97 -19.59
C THR K 267 -2.03 -31.75 -19.74
N ARG K 268 -1.42 -30.65 -20.18
CA ARG K 268 -2.13 -29.41 -20.47
C ARG K 268 -1.92 -29.05 -21.95
N PRO K 269 -2.86 -29.46 -22.82
CA PRO K 269 -2.79 -29.33 -24.29
C PRO K 269 -2.58 -27.91 -24.77
N ASN K 270 -3.10 -26.96 -24.01
CA ASN K 270 -3.04 -25.57 -24.39
C ASN K 270 -1.68 -24.95 -24.13
N ASN K 271 -0.83 -25.04 -25.13
CA ASN K 271 0.42 -24.32 -25.17
C ASN K 271 0.18 -22.80 -25.12
N ASN K 272 0.68 -22.14 -24.07
CA ASN K 272 0.24 -20.78 -23.75
C ASN K 272 1.30 -19.70 -23.92
N THR K 273 0.83 -18.46 -23.88
CA THR K 273 1.67 -17.28 -24.02
C THR K 273 1.64 -16.42 -22.75
N ARG K 274 2.82 -16.07 -22.24
CA ARG K 274 2.91 -15.18 -21.09
C ARG K 274 2.99 -13.72 -21.54
N LYS K 275 2.09 -12.88 -21.02
CA LYS K 275 2.11 -11.45 -21.30
C LYS K 275 2.52 -10.72 -20.03
N SER K 276 3.60 -9.96 -20.12
CA SER K 276 4.20 -9.31 -18.96
C SER K 276 3.80 -7.84 -18.86
N ILE K 277 2.56 -7.57 -18.46
CA ILE K 277 2.10 -6.20 -18.32
C ILE K 277 2.67 -5.55 -17.05
N ARG K 278 3.10 -4.30 -17.18
CA ARG K 278 3.80 -3.62 -16.08
C ARG K 278 2.85 -2.71 -15.30
N ILE K 279 2.46 -3.17 -14.11
CA ILE K 279 1.67 -2.35 -13.19
C ILE K 279 2.53 -1.17 -12.72
N GLY K 280 3.80 -1.46 -12.50
CA GLY K 280 4.79 -0.46 -12.14
C GLY K 280 4.81 -0.08 -10.69
N PRO K 281 5.86 0.64 -10.25
CA PRO K 281 7.06 0.95 -11.02
C PRO K 281 7.99 -0.25 -11.24
N GLY K 282 8.22 -1.03 -10.19
CA GLY K 282 9.09 -2.19 -10.30
C GLY K 282 8.31 -3.48 -10.23
N GLN K 283 7.00 -3.35 -10.23
CA GLN K 283 6.11 -4.50 -10.05
C GLN K 283 5.42 -4.87 -11.36
N ALA K 284 5.56 -6.13 -11.76
CA ALA K 284 5.02 -6.59 -13.04
C ALA K 284 4.05 -7.76 -12.87
N PHE K 285 2.86 -7.63 -13.45
CA PHE K 285 1.90 -8.72 -13.48
C PHE K 285 2.03 -9.59 -14.73
N TYR K 286 1.95 -10.91 -14.55
CA TYR K 286 2.03 -11.84 -15.67
C TYR K 286 0.66 -12.35 -16.09
N ALA K 287 0.27 -12.01 -17.32
CA ALA K 287 -1.05 -12.35 -17.85
C ALA K 287 -0.95 -13.36 -18.98
N THR K 288 -1.93 -14.27 -19.04
CA THR K 288 -1.98 -15.23 -20.14
C THR K 288 -2.29 -14.53 -21.45
N GLY K 289 -1.44 -14.75 -22.45
CA GLY K 289 -1.62 -14.19 -23.77
C GLY K 289 -2.49 -15.10 -24.62
N ASP K 290 -2.52 -14.87 -25.92
CA ASP K 290 -3.30 -15.72 -26.83
C ASP K 290 -2.74 -17.13 -26.98
N ILE K 291 -3.65 -18.10 -27.08
CA ILE K 291 -3.28 -19.49 -27.31
C ILE K 291 -2.79 -19.71 -28.74
N ILE K 292 -1.74 -20.51 -28.87
CA ILE K 292 -1.30 -20.94 -30.20
C ILE K 292 -1.53 -22.44 -30.34
N GLY K 293 -2.40 -22.78 -31.28
CA GLY K 293 -2.75 -24.16 -31.54
C GLY K 293 -4.24 -24.35 -31.34
N ASP K 294 -4.63 -25.53 -30.89
CA ASP K 294 -6.04 -25.85 -30.72
C ASP K 294 -6.49 -25.64 -29.29
N ILE K 295 -7.77 -25.37 -29.10
CA ILE K 295 -8.32 -25.24 -27.76
C ILE K 295 -8.79 -26.60 -27.23
N ARG K 296 -7.97 -27.19 -26.36
CA ARG K 296 -8.28 -28.45 -25.71
C ARG K 296 -8.19 -28.30 -24.20
N GLN K 297 -8.82 -29.23 -23.48
CA GLN K 297 -8.84 -29.18 -22.03
C GLN K 297 -7.85 -30.16 -21.43
N ALA K 298 -7.35 -29.84 -20.24
CA ALA K 298 -6.40 -30.70 -19.55
C ALA K 298 -7.05 -32.03 -19.20
N HIS K 299 -6.25 -33.08 -19.15
CA HIS K 299 -6.76 -34.41 -18.89
C HIS K 299 -5.69 -35.31 -18.27
N CYS K 300 -6.11 -36.40 -17.62
CA CYS K 300 -5.17 -37.35 -17.05
C CYS K 300 -5.53 -38.79 -17.40
N ASN K 301 -4.52 -39.56 -17.81
CA ASN K 301 -4.73 -40.95 -18.21
C ASN K 301 -4.25 -41.94 -17.16
N VAL K 302 -5.08 -42.96 -16.90
CA VAL K 302 -4.76 -44.03 -15.97
C VAL K 302 -4.89 -45.37 -16.68
N SER K 303 -3.83 -46.17 -16.67
CA SER K 303 -3.85 -47.48 -17.32
C SER K 303 -5.00 -48.34 -16.75
N LYS K 304 -5.94 -48.68 -17.62
CA LYS K 304 -7.15 -49.40 -17.24
C LYS K 304 -6.81 -50.73 -16.58
N ALA K 305 -5.81 -51.42 -17.14
CA ALA K 305 -5.38 -52.71 -16.61
C ALA K 305 -4.77 -52.57 -15.22
N THR K 306 -3.88 -51.59 -15.07
CA THR K 306 -3.21 -51.33 -13.79
C THR K 306 -4.21 -50.96 -12.69
N TRP K 307 -5.19 -50.13 -13.05
CA TRP K 307 -6.20 -49.68 -12.10
C TRP K 307 -7.17 -50.79 -11.73
N ASN K 308 -7.49 -51.65 -12.68
CA ASN K 308 -8.41 -52.77 -12.43
C ASN K 308 -7.83 -53.78 -11.46
N GLU K 309 -6.54 -54.10 -11.64
CA GLU K 309 -5.85 -55.01 -10.75
C GLU K 309 -5.64 -54.37 -9.38
N THR K 310 -5.29 -53.09 -9.39
CA THR K 310 -5.02 -52.36 -8.14
C THR K 310 -6.27 -52.29 -7.28
N LEU K 311 -7.39 -51.93 -7.90
CA LEU K 311 -8.68 -51.90 -7.19
C LEU K 311 -9.06 -53.28 -6.71
N GLY K 312 -8.83 -54.29 -7.55
CA GLY K 312 -9.15 -55.66 -7.21
C GLY K 312 -8.31 -56.22 -6.07
N LYS K 313 -7.14 -55.65 -5.85
CA LYS K 313 -6.26 -56.06 -4.76
C LYS K 313 -6.64 -55.35 -3.47
N VAL K 314 -7.20 -54.16 -3.61
CA VAL K 314 -7.64 -53.38 -2.45
C VAL K 314 -8.95 -53.96 -1.90
N VAL K 315 -9.87 -54.29 -2.79
CA VAL K 315 -11.17 -54.83 -2.40
C VAL K 315 -11.02 -56.17 -1.67
N LYS K 316 -9.96 -56.91 -2.00
CA LYS K 316 -9.67 -58.16 -1.30
C LYS K 316 -9.16 -57.91 0.12
N GLN K 317 -8.60 -56.74 0.34
CA GLN K 317 -8.10 -56.36 1.66
C GLN K 317 -9.18 -55.69 2.49
N LEU K 318 -10.16 -55.09 1.83
CA LEU K 318 -11.27 -54.43 2.52
C LEU K 318 -12.20 -55.45 3.15
N ARG K 319 -12.29 -56.61 2.53
CA ARG K 319 -13.12 -57.70 3.03
C ARG K 319 -12.67 -58.21 4.40
N LYS K 320 -11.36 -58.13 4.64
CA LYS K 320 -10.77 -58.58 5.89
C LYS K 320 -11.20 -57.76 7.10
N HIS K 321 -11.96 -56.69 6.86
CA HIS K 321 -12.41 -55.83 7.94
C HIS K 321 -13.92 -55.59 7.92
N PHE K 322 -14.56 -55.87 6.79
CA PHE K 322 -16.00 -55.68 6.66
C PHE K 322 -16.74 -56.98 6.31
N GLY K 323 -16.17 -58.13 6.69
CA GLY K 323 -16.78 -59.41 6.40
C GLY K 323 -16.27 -60.06 5.14
N ASN K 324 -16.12 -61.38 5.17
CA ASN K 324 -15.54 -62.14 4.05
C ASN K 324 -16.47 -62.11 2.83
N ASN K 325 -17.77 -62.28 3.06
CA ASN K 325 -18.75 -62.29 1.97
C ASN K 325 -19.66 -61.06 1.96
N THR K 326 -19.13 -59.93 1.48
CA THR K 326 -19.92 -58.70 1.40
C THR K 326 -19.71 -57.98 0.07
N ILE K 327 -20.58 -57.02 -0.21
CA ILE K 327 -20.51 -56.24 -1.44
C ILE K 327 -19.88 -54.87 -1.21
N ILE K 328 -18.87 -54.53 -2.00
CA ILE K 328 -18.20 -53.24 -1.89
C ILE K 328 -18.37 -52.40 -3.16
N ARG K 329 -19.08 -51.27 -3.04
CA ARG K 329 -19.36 -50.42 -4.19
C ARG K 329 -18.56 -49.12 -4.13
N PHE K 330 -18.11 -48.66 -5.28
CA PHE K 330 -17.40 -47.39 -5.38
C PHE K 330 -18.25 -46.35 -6.11
N ALA K 331 -18.42 -45.19 -5.47
CA ALA K 331 -19.20 -44.09 -6.04
C ALA K 331 -18.40 -42.79 -5.93
N ASN K 332 -18.69 -41.82 -6.79
CA ASN K 332 -17.94 -40.57 -6.80
C ASN K 332 -18.16 -39.74 -5.54
N SER K 333 -17.51 -38.59 -5.48
CA SER K 333 -17.62 -37.73 -4.31
C SER K 333 -19.04 -37.23 -4.21
N SER K 334 -19.53 -37.15 -2.97
CA SER K 334 -20.87 -36.72 -2.68
C SER K 334 -21.07 -35.22 -2.94
N GLY K 335 -20.05 -34.41 -2.67
CA GLY K 335 -20.15 -32.97 -2.88
C GLY K 335 -19.17 -32.15 -2.03
N GLY K 336 -19.18 -30.83 -2.21
CA GLY K 336 -18.29 -29.96 -1.46
C GLY K 336 -17.51 -28.99 -2.33
N ASP K 337 -16.44 -28.44 -1.77
CA ASP K 337 -15.56 -27.54 -2.51
C ASP K 337 -14.89 -28.24 -3.67
N LEU K 338 -14.67 -27.48 -4.74
CA LEU K 338 -14.17 -28.01 -6.00
C LEU K 338 -12.87 -28.74 -5.80
N GLU K 339 -12.07 -28.25 -4.85
CA GLU K 339 -10.80 -28.88 -4.54
C GLU K 339 -10.93 -30.28 -3.92
N VAL K 340 -11.88 -30.44 -3.00
CA VAL K 340 -12.09 -31.74 -2.37
C VAL K 340 -12.81 -32.75 -3.25
N THR K 341 -13.83 -32.29 -3.96
CA THR K 341 -14.64 -33.17 -4.80
C THR K 341 -13.82 -33.72 -5.97
N THR K 342 -12.88 -32.93 -6.46
CA THR K 342 -12.02 -33.33 -7.57
C THR K 342 -10.63 -33.72 -7.07
N HIS K 343 -9.84 -34.34 -7.95
CA HIS K 343 -8.46 -34.64 -7.62
C HIS K 343 -7.55 -33.41 -7.73
N SER K 344 -7.22 -32.84 -6.58
CA SER K 344 -6.40 -31.64 -6.52
C SER K 344 -4.92 -31.97 -6.52
N PHE K 345 -4.15 -31.27 -7.35
CA PHE K 345 -2.70 -31.39 -7.31
C PHE K 345 -2.03 -30.29 -8.13
N ASN K 346 -0.70 -30.30 -8.10
CA ASN K 346 0.12 -29.36 -8.84
C ASN K 346 1.00 -30.10 -9.86
N CYS K 347 1.14 -29.53 -11.05
CA CYS K 347 2.04 -30.12 -12.05
C CYS K 347 2.61 -29.05 -12.99
N GLY K 348 3.88 -28.74 -12.81
CA GLY K 348 4.58 -27.76 -13.62
C GLY K 348 4.26 -26.33 -13.28
N GLY K 349 3.57 -26.13 -12.16
CA GLY K 349 3.14 -24.82 -11.72
C GLY K 349 1.65 -24.52 -11.80
N GLU K 350 0.92 -25.18 -12.69
CA GLU K 350 -0.54 -24.98 -12.78
C GLU K 350 -1.29 -25.95 -11.86
N PHE K 351 -2.42 -25.51 -11.32
CA PHE K 351 -3.18 -26.28 -10.35
C PHE K 351 -4.40 -26.96 -10.97
N PHE K 352 -4.29 -28.27 -11.14
CA PHE K 352 -5.34 -29.06 -11.79
C PHE K 352 -6.36 -29.55 -10.81
N TYR K 353 -7.55 -29.83 -11.32
CA TYR K 353 -8.65 -30.38 -10.53
C TYR K 353 -9.40 -31.39 -11.38
N CYS K 354 -9.09 -32.68 -11.22
CA CYS K 354 -9.59 -33.65 -12.18
C CYS K 354 -10.85 -34.40 -11.71
N ASN K 355 -11.71 -34.72 -12.68
CA ASN K 355 -12.95 -35.43 -12.42
C ASN K 355 -12.66 -36.90 -12.17
N THR K 356 -12.89 -37.35 -10.94
CA THR K 356 -12.60 -38.72 -10.56
C THR K 356 -13.87 -39.57 -10.46
N SER K 357 -14.75 -39.43 -11.44
CA SER K 357 -15.95 -40.24 -11.48
C SER K 357 -15.71 -41.50 -12.31
N GLY K 358 -14.57 -41.53 -12.99
CA GLY K 358 -14.19 -42.67 -13.82
C GLY K 358 -13.30 -43.67 -13.11
N LEU K 359 -12.87 -43.32 -11.89
CA LEU K 359 -12.02 -44.21 -11.11
C LEU K 359 -12.82 -44.92 -10.03
N PHE K 360 -13.81 -44.22 -9.50
CA PHE K 360 -14.64 -44.75 -8.42
C PHE K 360 -16.03 -45.07 -8.96
N ASN K 361 -16.06 -45.69 -10.14
CA ASN K 361 -17.30 -46.11 -10.75
C ASN K 361 -17.28 -47.62 -10.88
N SER K 362 -17.41 -48.31 -9.76
CA SER K 362 -17.33 -49.75 -9.74
C SER K 362 -18.24 -50.38 -8.70
N THR K 363 -18.42 -51.70 -8.80
CA THR K 363 -19.24 -52.47 -7.87
C THR K 363 -18.70 -53.89 -7.79
N TRP K 364 -18.04 -54.23 -6.68
CA TRP K 364 -17.46 -55.57 -6.50
C TRP K 364 -18.32 -56.46 -5.62
N ILE K 365 -18.84 -57.54 -6.22
CA ILE K 365 -19.69 -58.49 -5.51
C ILE K 365 -19.03 -59.86 -5.41
N SER K 366 -19.02 -60.43 -4.20
CA SER K 366 -18.45 -61.76 -3.93
C SER K 366 -17.02 -61.89 -4.43
N ASN K 367 -16.24 -60.82 -4.24
CA ASN K 367 -14.83 -60.75 -4.61
C ASN K 367 -14.67 -60.88 -6.13
N ASN K 379 -7.88 -52.73 -23.73
CA ASN K 379 -6.52 -52.32 -23.43
C ASN K 379 -6.27 -50.87 -23.84
N ASP K 380 -6.55 -49.94 -22.93
CA ASP K 380 -6.37 -48.52 -23.20
C ASP K 380 -6.29 -47.75 -21.88
N SER K 381 -6.23 -46.42 -21.95
CA SER K 381 -6.11 -45.59 -20.74
C SER K 381 -7.44 -44.91 -20.37
N ILE K 382 -7.63 -44.69 -19.08
CA ILE K 382 -8.82 -44.00 -18.57
C ILE K 382 -8.58 -42.51 -18.45
N THR K 383 -9.19 -41.73 -19.33
CA THR K 383 -8.99 -40.29 -19.35
C THR K 383 -9.96 -39.57 -18.40
N LEU K 384 -9.46 -38.55 -17.70
CA LEU K 384 -10.28 -37.77 -16.79
C LEU K 384 -10.26 -36.27 -17.12
N PRO K 385 -11.44 -35.64 -17.19
CA PRO K 385 -11.59 -34.21 -17.47
C PRO K 385 -10.99 -33.32 -16.39
N CYS K 386 -10.00 -32.51 -16.74
CA CYS K 386 -9.32 -31.67 -15.77
C CYS K 386 -9.50 -30.18 -16.02
N ARG K 387 -9.89 -29.46 -14.96
CA ARG K 387 -10.03 -28.01 -14.98
C ARG K 387 -8.78 -27.34 -14.41
N ILE K 388 -8.63 -26.05 -14.68
CA ILE K 388 -7.46 -25.31 -14.20
C ILE K 388 -7.87 -24.01 -13.51
N LYS K 389 -7.31 -23.76 -12.34
CA LYS K 389 -7.52 -22.51 -11.62
C LYS K 389 -6.18 -21.83 -11.40
N GLN K 390 -6.15 -20.52 -11.55
CA GLN K 390 -4.94 -19.79 -11.28
C GLN K 390 -5.05 -19.13 -9.92
N ILE K 391 -6.27 -18.79 -9.54
CA ILE K 391 -6.52 -18.27 -8.21
C ILE K 391 -6.91 -19.40 -7.25
N ILE K 392 -6.03 -19.66 -6.26
CA ILE K 392 -6.23 -20.72 -5.27
C ILE K 392 -6.21 -20.24 -3.83
N ASN K 393 -6.80 -21.04 -2.95
CA ASN K 393 -6.84 -20.74 -1.53
C ASN K 393 -6.77 -22.05 -0.72
N MET K 394 -5.65 -22.76 -0.83
CA MET K 394 -5.46 -24.05 -0.17
C MET K 394 -5.31 -23.93 1.35
N TRP K 395 -5.34 -25.07 2.04
CA TRP K 395 -5.28 -25.13 3.51
C TRP K 395 -6.39 -24.35 4.21
N GLN K 396 -7.43 -23.99 3.47
CA GLN K 396 -8.48 -23.12 3.96
C GLN K 396 -7.87 -21.83 4.49
N ARG K 397 -6.89 -21.33 3.75
CA ARG K 397 -6.19 -20.11 4.14
C ARG K 397 -7.15 -18.93 4.15
N ILE K 398 -6.98 -18.03 5.10
CA ILE K 398 -7.81 -16.84 5.18
C ILE K 398 -6.94 -15.58 5.07
N GLY K 399 -7.32 -14.70 4.16
CA GLY K 399 -6.59 -13.46 3.95
C GLY K 399 -5.41 -13.60 3.02
N GLN K 400 -5.22 -14.79 2.45
CA GLN K 400 -4.12 -15.01 1.52
C GLN K 400 -4.56 -15.86 0.32
N ALA K 401 -4.78 -15.20 -0.80
CA ALA K 401 -5.08 -15.88 -2.05
C ALA K 401 -3.90 -15.71 -3.00
N MET K 402 -3.43 -16.81 -3.57
CA MET K 402 -2.29 -16.74 -4.46
C MET K 402 -2.66 -16.96 -5.92
N TYR K 403 -2.20 -16.05 -6.78
CA TYR K 403 -2.42 -16.17 -8.20
C TYR K 403 -1.22 -16.85 -8.87
N ALA K 404 -1.46 -18.06 -9.38
CA ALA K 404 -0.44 -18.81 -10.11
C ALA K 404 -0.24 -18.25 -11.51
N PRO K 405 0.98 -17.73 -11.78
CA PRO K 405 1.31 -17.16 -13.09
C PRO K 405 1.26 -18.21 -14.18
N PRO K 406 0.91 -17.80 -15.41
CA PRO K 406 0.81 -18.69 -16.56
C PRO K 406 2.14 -19.35 -16.93
N ILE K 407 2.06 -20.54 -17.50
CA ILE K 407 3.25 -21.30 -17.85
C ILE K 407 3.34 -21.57 -19.35
N GLN K 408 4.46 -21.13 -19.96
CA GLN K 408 4.69 -21.32 -21.39
C GLN K 408 5.01 -22.78 -21.72
N GLY K 409 4.59 -23.22 -22.91
CA GLY K 409 4.84 -24.57 -23.36
C GLY K 409 3.82 -25.57 -22.83
N VAL K 410 3.66 -26.69 -23.53
CA VAL K 410 2.78 -27.75 -23.09
C VAL K 410 3.33 -28.44 -21.84
N ILE K 411 2.51 -28.53 -20.79
CA ILE K 411 2.95 -29.17 -19.55
C ILE K 411 2.58 -30.65 -19.53
N ARG K 412 3.60 -31.48 -19.30
CA ARG K 412 3.41 -32.92 -19.18
C ARG K 412 4.05 -33.45 -17.90
N CYS K 413 3.33 -34.30 -17.19
CA CYS K 413 3.87 -34.89 -15.97
C CYS K 413 3.41 -36.34 -15.83
N VAL K 414 4.36 -37.20 -15.48
CA VAL K 414 4.09 -38.61 -15.30
C VAL K 414 4.30 -38.93 -13.83
N SER K 415 3.30 -39.48 -13.16
CA SER K 415 3.41 -39.67 -11.71
C SER K 415 2.90 -41.00 -11.18
N ASN K 416 3.09 -41.22 -9.88
CA ASN K 416 2.69 -42.46 -9.22
C ASN K 416 1.50 -42.28 -8.29
N ILE K 417 0.39 -42.93 -8.60
CA ILE K 417 -0.70 -43.07 -7.63
C ILE K 417 -0.38 -44.24 -6.76
N THR K 418 -0.08 -43.96 -5.50
CA THR K 418 0.31 -45.01 -4.58
C THR K 418 -0.63 -45.10 -3.41
N GLY K 419 -1.68 -44.29 -3.43
CA GLY K 419 -2.62 -44.34 -2.33
C GLY K 419 -3.89 -43.57 -2.55
N LEU K 420 -4.83 -43.82 -1.65
CA LEU K 420 -6.16 -43.26 -1.72
C LEU K 420 -6.54 -42.69 -0.38
N ILE K 421 -7.52 -41.80 -0.38
CA ILE K 421 -8.12 -41.39 0.87
C ILE K 421 -9.63 -41.52 0.75
N LEU K 422 -10.18 -42.61 1.30
CA LEU K 422 -11.59 -42.93 1.14
C LEU K 422 -12.45 -42.61 2.36
N THR K 423 -13.75 -42.49 2.13
CA THR K 423 -14.72 -42.26 3.19
C THR K 423 -15.90 -43.20 3.00
N ARG K 424 -16.44 -43.70 4.11
CA ARG K 424 -17.50 -44.70 4.06
C ARG K 424 -18.87 -44.10 4.40
N ASP K 425 -19.90 -44.54 3.69
CA ASP K 425 -21.25 -44.05 3.96
C ASP K 425 -21.85 -44.76 5.17
N GLY K 426 -22.68 -44.02 5.91
CA GLY K 426 -23.20 -44.50 7.17
C GLY K 426 -24.70 -44.77 7.16
N GLY K 427 -25.26 -45.00 8.35
CA GLY K 427 -26.65 -45.37 8.51
C GLY K 427 -27.02 -46.56 7.63
N ALA K 428 -26.10 -47.51 7.53
CA ALA K 428 -26.29 -48.68 6.68
C ALA K 428 -27.24 -49.68 7.34
N ASN K 429 -26.73 -50.35 8.37
CA ASN K 429 -27.49 -51.35 9.13
C ASN K 429 -28.01 -52.51 8.28
N ASN K 430 -29.01 -52.21 7.46
CA ASN K 430 -29.80 -53.23 6.78
C ASN K 430 -29.08 -54.00 5.67
N THR K 431 -28.47 -53.31 4.72
CA THR K 431 -27.95 -53.99 3.54
C THR K 431 -26.71 -54.81 3.90
N SER K 432 -25.95 -54.35 4.89
CA SER K 432 -24.68 -54.98 5.26
C SER K 432 -23.71 -54.87 4.09
N THR K 433 -23.76 -53.74 3.39
CA THR K 433 -22.85 -53.47 2.29
C THR K 433 -22.18 -52.13 2.53
N GLU K 434 -21.01 -51.93 1.93
CA GLU K 434 -20.30 -50.67 2.13
C GLU K 434 -19.92 -49.98 0.83
N THR K 435 -20.20 -48.69 0.76
CA THR K 435 -19.83 -47.85 -0.38
C THR K 435 -18.77 -46.85 0.02
N PHE K 436 -17.75 -46.71 -0.82
CA PHE K 436 -16.65 -45.83 -0.51
C PHE K 436 -16.49 -44.70 -1.52
N ARG K 437 -16.26 -43.50 -1.00
CA ARG K 437 -16.14 -42.30 -1.83
C ARG K 437 -14.82 -41.58 -1.49
N PRO K 438 -14.20 -40.94 -2.49
CA PRO K 438 -12.95 -40.21 -2.28
C PRO K 438 -13.15 -38.94 -1.45
N GLY K 439 -12.24 -38.67 -0.52
CA GLY K 439 -12.33 -37.52 0.34
C GLY K 439 -11.01 -36.82 0.56
N GLY K 440 -10.58 -36.77 1.83
CA GLY K 440 -9.31 -36.19 2.19
C GLY K 440 -9.23 -34.68 2.04
N GLY K 441 -10.22 -33.98 2.60
CA GLY K 441 -10.21 -32.53 2.59
C GLY K 441 -9.03 -31.95 3.38
N ASP K 442 -8.79 -32.48 4.57
CA ASP K 442 -7.69 -32.05 5.42
C ASP K 442 -6.38 -32.51 4.81
N MET K 443 -5.32 -31.73 4.99
CA MET K 443 -4.07 -32.05 4.33
C MET K 443 -3.14 -32.74 5.30
N ARG K 444 -3.56 -32.82 6.55
CA ARG K 444 -2.79 -33.51 7.56
C ARG K 444 -2.76 -35.02 7.28
N ASP K 445 -3.80 -35.54 6.64
CA ASP K 445 -3.84 -36.95 6.26
C ASP K 445 -2.78 -37.33 5.23
N ASN K 446 -2.39 -36.37 4.40
CA ASN K 446 -1.34 -36.57 3.39
C ASN K 446 0.04 -36.78 4.02
N TRP K 447 0.24 -36.21 5.20
CA TRP K 447 1.51 -36.37 5.91
C TRP K 447 1.52 -37.64 6.75
N ARG K 448 0.35 -38.05 7.23
CA ARG K 448 0.21 -39.27 8.02
C ARG K 448 0.48 -40.51 7.17
N SER K 449 0.42 -40.34 5.86
CA SER K 449 0.67 -41.43 4.92
C SER K 449 2.16 -41.69 4.76
N GLU K 450 2.98 -40.82 5.36
CA GLU K 450 4.43 -40.96 5.31
C GLU K 450 5.03 -40.97 6.71
N LEU K 451 4.28 -40.46 7.67
CA LEU K 451 4.77 -40.36 9.05
C LEU K 451 4.16 -41.41 9.98
N TYR K 452 3.61 -42.48 9.40
CA TYR K 452 2.97 -43.54 10.19
C TYR K 452 4.01 -44.39 10.90
N LYS K 453 5.21 -44.42 10.34
CA LYS K 453 6.27 -45.27 10.84
C LYS K 453 7.21 -44.57 11.80
N TYR K 454 7.15 -43.24 11.85
CA TYR K 454 8.05 -42.47 12.73
C TYR K 454 7.36 -41.89 13.96
N LYS K 455 8.12 -41.76 15.05
CA LYS K 455 7.64 -41.09 16.26
C LYS K 455 8.82 -40.59 17.09
N VAL K 456 8.58 -39.54 17.87
CA VAL K 456 9.64 -38.86 18.61
C VAL K 456 9.74 -39.32 20.06
N VAL K 457 10.95 -39.59 20.51
CA VAL K 457 11.22 -39.95 21.89
C VAL K 457 12.39 -39.16 22.49
N LYS K 458 12.33 -38.92 23.80
CA LYS K 458 13.40 -38.21 24.48
C LYS K 458 14.24 -39.16 25.33
N ILE K 459 15.56 -38.99 25.30
CA ILE K 459 16.48 -39.85 26.05
C ILE K 459 16.76 -39.31 27.45
N GLU K 460 16.54 -40.15 28.45
CA GLU K 460 16.85 -39.83 29.83
C GLU K 460 17.94 -40.79 30.31
N PRO K 461 19.21 -40.40 30.09
CA PRO K 461 20.39 -41.24 30.34
C PRO K 461 20.68 -41.45 31.83
N LEU K 462 19.99 -40.74 32.71
CA LEU K 462 20.19 -40.90 34.14
C LEU K 462 19.28 -41.99 34.73
N GLY K 463 19.89 -43.10 35.11
CA GLY K 463 19.18 -44.20 35.73
C GLY K 463 19.91 -44.79 36.93
N VAL K 464 19.23 -44.85 38.07
CA VAL K 464 19.82 -45.39 39.29
C VAL K 464 19.47 -46.87 39.43
N ALA K 465 20.39 -47.62 40.03
CA ALA K 465 20.21 -49.06 40.22
C ALA K 465 21.02 -49.56 41.41
N PRO K 466 20.46 -50.48 42.19
CA PRO K 466 21.12 -50.99 43.40
C PRO K 466 22.19 -52.05 43.14
N THR K 467 23.28 -52.03 43.92
CA THR K 467 24.33 -53.04 43.84
C THR K 467 25.21 -52.97 45.09
N ARG K 468 25.97 -54.03 45.35
CA ARG K 468 26.80 -54.10 46.54
C ARG K 468 28.05 -53.24 46.42
N CYS K 469 27.86 -51.94 46.20
CA CYS K 469 28.99 -51.04 46.02
C CYS K 469 28.92 -49.80 46.91
N LYS K 470 29.84 -49.71 47.85
CA LYS K 470 29.96 -48.54 48.72
C LYS K 470 31.36 -47.96 48.54
N ARG K 471 31.61 -46.76 49.07
CA ARG K 471 32.96 -46.17 49.02
C ARG K 471 33.86 -46.69 50.13
N PHE L 8 30.36 -53.47 19.81
CA PHE L 8 29.44 -52.34 19.84
C PHE L 8 28.20 -52.62 18.99
N LEU L 9 27.07 -52.02 19.40
CA LEU L 9 25.81 -52.18 18.67
C LEU L 9 25.21 -50.82 18.32
N GLY L 10 26.02 -49.77 18.40
CA GLY L 10 25.56 -48.43 18.10
C GLY L 10 24.73 -47.80 19.20
N PHE L 11 24.10 -46.67 18.89
CA PHE L 11 23.31 -45.88 19.84
C PHE L 11 22.10 -46.68 20.34
N LEU L 12 21.87 -46.68 21.65
CA LEU L 12 20.78 -47.44 22.29
C LEU L 12 20.80 -48.94 21.95
N GLY L 13 21.99 -49.46 21.64
CA GLY L 13 22.14 -50.82 21.16
C GLY L 13 21.51 -51.89 22.05
N ALA L 14 21.93 -51.92 23.31
CA ALA L 14 21.43 -52.89 24.28
C ALA L 14 20.23 -52.37 25.04
N ALA L 15 19.22 -51.88 24.32
CA ALA L 15 18.01 -51.36 24.95
C ALA L 15 17.11 -52.51 25.42
N GLY L 16 17.07 -53.58 24.62
CA GLY L 16 16.25 -54.74 24.92
C GLY L 16 17.01 -55.80 25.69
N SER L 17 18.31 -55.55 25.93
CA SER L 17 19.12 -56.47 26.70
C SER L 17 18.95 -56.18 28.19
N THR L 18 19.43 -57.09 29.03
CA THR L 18 19.34 -56.91 30.48
C THR L 18 20.15 -55.70 30.90
N MET L 19 19.84 -55.17 32.09
CA MET L 19 20.50 -53.98 32.59
C MET L 19 22.01 -54.19 32.76
N GLY L 20 22.40 -55.41 33.14
CA GLY L 20 23.81 -55.76 33.25
C GLY L 20 24.49 -55.79 31.89
N ALA L 21 23.78 -56.30 30.89
CA ALA L 21 24.30 -56.35 29.53
C ALA L 21 24.21 -54.98 28.88
N ALA L 22 23.23 -54.18 29.32
CA ALA L 22 23.08 -52.82 28.84
C ALA L 22 24.13 -51.90 29.46
N SER L 23 24.78 -52.39 30.51
CA SER L 23 25.87 -51.65 31.13
C SER L 23 27.14 -51.76 30.29
N MET L 24 27.11 -52.64 29.29
CA MET L 24 28.24 -52.83 28.39
C MET L 24 28.24 -51.79 27.26
N THR L 25 27.16 -51.02 27.17
CA THR L 25 27.01 -50.02 26.11
C THR L 25 26.56 -48.67 26.68
N LEU L 26 27.15 -48.25 27.80
CA LEU L 26 26.80 -46.96 28.43
C LEU L 26 27.40 -45.73 27.72
N THR L 27 28.63 -45.83 27.22
CA THR L 27 29.32 -44.68 26.60
C THR L 27 28.79 -44.28 25.24
N VAL L 28 28.18 -45.22 24.53
CA VAL L 28 27.70 -44.97 23.16
C VAL L 28 26.49 -44.03 23.07
N GLN L 29 25.63 -44.05 24.09
CA GLN L 29 24.45 -43.19 24.06
C GLN L 29 24.69 -41.80 24.64
N ALA L 30 25.82 -41.61 25.31
CA ALA L 30 26.15 -40.33 25.92
C ALA L 30 27.02 -39.52 24.98
N ARG L 31 27.53 -40.20 23.96
CA ARG L 31 28.46 -39.57 23.02
C ARG L 31 27.75 -38.62 22.05
N ASN L 32 26.79 -39.15 21.30
CA ASN L 32 26.06 -38.37 20.30
C ASN L 32 25.24 -37.25 20.93
N LEU L 33 24.70 -37.53 22.12
CA LEU L 33 23.90 -36.56 22.86
C LEU L 33 24.70 -35.34 23.30
N THR L 58 15.24 -14.66 9.05
CA THR L 58 14.53 -15.65 8.25
C THR L 58 14.11 -16.85 9.10
N VAL L 59 12.85 -17.25 8.97
CA VAL L 59 12.31 -18.36 9.74
C VAL L 59 12.81 -19.71 9.22
N TRP L 60 12.32 -20.79 9.81
CA TRP L 60 12.66 -22.17 9.42
C TRP L 60 14.11 -22.51 9.72
N GLY L 61 14.93 -21.49 9.95
CA GLY L 61 16.30 -21.65 10.40
C GLY L 61 16.36 -21.51 11.91
N ILE L 62 15.31 -20.93 12.48
CA ILE L 62 15.17 -20.82 13.93
C ILE L 62 14.60 -22.12 14.49
N LYS L 63 14.06 -22.93 13.58
CA LYS L 63 13.45 -24.21 13.93
C LYS L 63 14.50 -25.12 14.59
N GLN L 64 15.73 -25.05 14.10
CA GLN L 64 16.81 -25.84 14.66
C GLN L 64 17.49 -25.13 15.84
N LEU L 65 17.48 -23.79 15.84
CA LEU L 65 18.13 -23.04 16.90
C LEU L 65 17.41 -23.21 18.24
N GLN L 66 16.10 -23.00 18.26
CA GLN L 66 15.33 -23.15 19.49
C GLN L 66 15.39 -24.58 20.02
N ALA L 67 15.66 -25.53 19.13
CA ALA L 67 15.77 -26.94 19.52
C ALA L 67 17.15 -27.29 20.08
N ARG L 68 18.20 -26.80 19.43
CA ARG L 68 19.57 -27.11 19.84
C ARG L 68 19.95 -26.31 21.07
N VAL L 69 19.13 -25.33 21.43
CA VAL L 69 19.30 -24.64 22.71
C VAL L 69 18.72 -25.53 23.80
N LEU L 70 17.56 -26.12 23.55
CA LEU L 70 16.93 -27.02 24.50
C LEU L 70 17.75 -28.32 24.68
N ALA L 71 18.55 -28.67 23.68
CA ALA L 71 19.39 -29.86 23.76
C ALA L 71 20.48 -29.73 24.82
N VAL L 72 21.18 -28.60 24.83
CA VAL L 72 22.27 -28.38 25.80
C VAL L 72 21.73 -28.03 27.19
N GLU L 73 20.50 -27.52 27.25
CA GLU L 73 19.85 -27.30 28.53
C GLU L 73 19.42 -28.63 29.11
N ARG L 74 19.01 -29.56 28.24
CA ARG L 74 18.67 -30.90 28.66
C ARG L 74 19.92 -31.69 29.07
N TYR L 75 21.05 -31.37 28.45
CA TYR L 75 22.33 -31.99 28.76
C TYR L 75 22.88 -31.51 30.11
N LEU L 76 22.96 -30.20 30.29
CA LEU L 76 23.50 -29.60 31.50
C LEU L 76 22.60 -29.79 32.72
N ARG L 77 21.31 -30.05 32.49
CA ARG L 77 20.41 -30.37 33.59
C ARG L 77 20.82 -31.72 34.16
N ASP L 78 21.15 -32.64 33.27
CA ASP L 78 21.59 -33.97 33.67
C ASP L 78 23.00 -33.94 34.30
N GLN L 79 23.88 -33.09 33.79
CA GLN L 79 25.25 -32.93 34.31
C GLN L 79 25.30 -32.17 35.64
N GLN L 80 24.34 -31.27 35.83
CA GLN L 80 24.23 -30.55 37.09
C GLN L 80 23.79 -31.51 38.20
N LEU L 81 22.79 -32.32 37.90
CA LEU L 81 22.33 -33.36 38.81
C LEU L 81 23.44 -34.38 39.06
N LEU L 82 24.21 -34.65 38.02
CA LEU L 82 25.32 -35.59 38.12
C LEU L 82 26.47 -34.97 38.93
N GLY L 83 26.48 -33.64 39.03
CA GLY L 83 27.54 -32.94 39.75
C GLY L 83 27.23 -32.77 41.23
N ILE L 84 25.98 -32.43 41.53
CA ILE L 84 25.53 -32.22 42.90
C ILE L 84 25.52 -33.50 43.74
N TRP L 85 25.40 -34.62 43.06
CA TRP L 85 25.42 -35.91 43.73
C TRP L 85 26.85 -36.32 43.97
N GLY L 86 27.04 -37.50 44.55
CA GLY L 86 28.37 -38.01 44.75
C GLY L 86 28.91 -38.63 43.48
N CYS L 87 28.91 -37.85 42.40
CA CYS L 87 29.31 -38.35 41.09
C CYS L 87 30.27 -37.41 40.35
N SER L 88 29.73 -36.34 39.76
CA SER L 88 30.48 -35.41 38.90
C SER L 88 31.17 -36.15 37.74
N GLY L 89 32.08 -37.05 38.06
CA GLY L 89 32.63 -37.97 37.09
C GLY L 89 31.52 -38.82 36.52
N LYS L 90 31.35 -38.79 35.21
CA LYS L 90 30.18 -39.37 34.56
C LYS L 90 30.18 -40.90 34.57
N LEU L 91 29.33 -41.48 33.71
CA LEU L 91 29.17 -42.93 33.57
C LEU L 91 28.67 -43.59 34.85
N ILE L 92 29.58 -43.93 35.76
CA ILE L 92 29.21 -44.61 36.99
C ILE L 92 29.84 -44.00 38.24
N CYS L 93 29.16 -44.17 39.37
CA CYS L 93 29.65 -43.70 40.66
C CYS L 93 28.88 -44.34 41.81
N CYS L 94 29.56 -44.52 42.94
CA CYS L 94 28.94 -45.14 44.11
C CYS L 94 28.35 -44.10 45.04
N THR L 95 27.37 -44.52 45.83
CA THR L 95 26.74 -43.64 46.80
C THR L 95 26.45 -44.44 48.06
N ASN L 96 26.41 -43.74 49.18
CA ASN L 96 26.12 -44.38 50.44
C ASN L 96 24.65 -44.23 50.81
N VAL L 97 23.78 -44.73 49.94
CA VAL L 97 22.35 -44.73 50.20
C VAL L 97 21.78 -46.14 50.12
N PRO L 98 21.20 -46.61 51.24
CA PRO L 98 20.61 -47.94 51.37
C PRO L 98 19.35 -48.08 50.52
N TRP L 99 19.25 -49.19 49.81
CA TRP L 99 18.09 -49.45 48.96
C TRP L 99 16.88 -49.87 49.81
N ASN L 100 15.85 -49.03 49.86
CA ASN L 100 14.62 -49.33 50.59
C ASN L 100 13.85 -50.45 49.91
N SER L 101 13.39 -51.43 50.69
CA SER L 101 12.72 -52.61 50.15
C SER L 101 11.40 -52.28 49.46
N SER L 102 10.80 -51.15 49.84
CA SER L 102 9.53 -50.72 49.26
C SER L 102 9.69 -50.30 47.79
N TRP L 103 10.92 -50.06 47.37
CA TRP L 103 11.22 -49.68 45.99
C TRP L 103 11.39 -50.91 45.10
N SER L 104 10.32 -51.69 44.99
CA SER L 104 10.32 -52.94 44.23
C SER L 104 11.44 -53.87 44.70
N ASN L 105 11.16 -54.60 45.78
CA ASN L 105 12.15 -55.48 46.37
C ASN L 105 12.50 -56.63 45.44
N ARG L 106 13.57 -56.44 44.66
CA ARG L 106 14.07 -57.48 43.77
C ARG L 106 15.44 -57.92 44.24
N ASN L 107 15.92 -59.05 43.72
CA ASN L 107 17.23 -59.54 44.09
C ASN L 107 18.29 -59.05 43.10
N LEU L 108 19.56 -59.16 43.49
CA LEU L 108 20.67 -58.68 42.65
C LEU L 108 20.69 -59.39 41.30
N SER L 109 20.46 -60.69 41.32
CA SER L 109 20.50 -61.51 40.11
C SER L 109 19.19 -61.45 39.33
N GLU L 110 18.16 -60.89 39.97
CA GLU L 110 16.84 -60.80 39.35
C GLU L 110 16.68 -59.46 38.64
N ILE L 111 17.67 -58.60 38.80
CA ILE L 111 17.65 -57.27 38.18
C ILE L 111 18.57 -57.17 36.97
N TRP L 112 19.84 -57.50 37.17
CA TRP L 112 20.85 -57.32 36.13
C TRP L 112 20.85 -58.44 35.10
N ASP L 113 20.11 -59.50 35.36
CA ASP L 113 20.11 -60.64 34.46
C ASP L 113 18.70 -61.13 34.15
N ASN L 114 17.72 -60.27 34.35
CA ASN L 114 16.33 -60.63 34.10
C ASN L 114 15.43 -59.41 33.91
N MET L 115 16.05 -58.28 33.53
CA MET L 115 15.28 -57.04 33.39
C MET L 115 15.99 -56.01 32.52
N THR L 116 15.22 -55.30 31.69
CA THR L 116 15.75 -54.23 30.85
C THR L 116 15.62 -52.88 31.56
N TRP L 117 16.38 -51.89 31.09
CA TRP L 117 16.34 -50.55 31.68
C TRP L 117 14.99 -49.90 31.48
N LEU L 118 14.39 -50.18 30.31
CA LEU L 118 13.07 -49.68 30.00
C LEU L 118 12.03 -50.28 30.95
N GLN L 119 12.15 -51.57 31.19
CA GLN L 119 11.23 -52.29 32.06
C GLN L 119 11.46 -51.88 33.51
N TRP L 120 12.71 -51.56 33.83
CA TRP L 120 13.10 -51.19 35.18
C TRP L 120 12.64 -49.79 35.55
N ASP L 121 12.92 -48.82 34.68
CA ASP L 121 12.58 -47.43 34.95
C ASP L 121 11.07 -47.25 35.10
N LYS L 122 10.31 -48.15 34.50
CA LYS L 122 8.85 -48.10 34.55
C LYS L 122 8.33 -48.39 35.96
N GLU L 123 9.06 -49.22 36.71
CA GLU L 123 8.66 -49.58 38.07
C GLU L 123 9.13 -48.54 39.08
N ILE L 124 10.36 -48.08 38.91
CA ILE L 124 10.98 -47.16 39.86
C ILE L 124 10.61 -45.71 39.55
N SER L 125 9.82 -45.52 38.49
CA SER L 125 9.38 -44.19 38.07
C SER L 125 8.66 -43.47 39.20
N ASN L 126 7.96 -44.25 40.02
CA ASN L 126 7.21 -43.68 41.13
C ASN L 126 8.11 -43.10 42.22
N TYR L 127 9.31 -43.66 42.36
CA TYR L 127 10.18 -43.28 43.48
C TYR L 127 11.41 -42.52 43.03
N THR L 128 11.48 -42.22 41.74
CA THR L 128 12.63 -41.52 41.18
C THR L 128 12.83 -40.13 41.82
N GLN L 129 11.75 -39.36 41.93
CA GLN L 129 11.82 -38.03 42.52
C GLN L 129 12.24 -38.10 43.99
N ILE L 130 11.87 -39.19 44.65
CA ILE L 130 12.20 -39.38 46.06
C ILE L 130 13.68 -39.67 46.26
N ILE L 131 14.21 -40.62 45.49
CA ILE L 131 15.62 -41.03 45.57
C ILE L 131 16.53 -39.84 45.28
N TYR L 132 16.13 -39.06 44.28
CA TYR L 132 16.89 -37.89 43.86
C TYR L 132 17.13 -36.95 45.03
N GLY L 133 16.10 -36.74 45.84
CA GLY L 133 16.20 -35.86 46.99
C GLY L 133 17.17 -36.39 48.04
N LEU L 134 17.30 -37.71 48.11
CA LEU L 134 18.18 -38.35 49.07
C LEU L 134 19.64 -38.37 48.63
N LEU L 135 19.87 -38.18 47.33
CA LEU L 135 21.22 -38.21 46.79
C LEU L 135 21.85 -36.85 46.85
N GLU L 136 21.03 -35.84 46.54
CA GLU L 136 21.50 -34.48 46.42
C GLU L 136 21.60 -33.77 47.76
N GLU L 137 20.66 -34.08 48.67
CA GLU L 137 20.60 -33.39 49.94
C GLU L 137 21.35 -34.16 51.03
N SER L 138 20.97 -35.41 51.21
CA SER L 138 21.49 -36.19 52.31
C SER L 138 22.97 -36.50 52.15
N GLN L 139 23.45 -36.51 50.91
CA GLN L 139 24.82 -36.92 50.67
C GLN L 139 25.80 -35.75 50.62
N ASN L 140 26.05 -35.21 49.44
CA ASN L 140 27.12 -34.24 49.24
C ASN L 140 26.97 -32.95 50.05
N GLN L 141 25.81 -32.78 50.69
CA GLN L 141 25.61 -31.65 51.58
C GLN L 141 26.10 -31.99 52.97
N GLN L 142 26.05 -33.27 53.31
CA GLN L 142 26.51 -33.72 54.61
C GLN L 142 27.87 -34.37 54.52
N GLU L 143 28.17 -34.93 53.36
CA GLU L 143 29.43 -35.66 53.16
C GLU L 143 30.60 -34.69 53.02
N LYS L 144 30.41 -33.63 52.23
CA LYS L 144 31.46 -32.63 52.07
C LYS L 144 31.51 -31.73 53.31
N ASN L 145 30.41 -31.64 54.04
CA ASN L 145 30.39 -30.87 55.28
C ASN L 145 31.22 -31.52 56.37
N GLU L 146 31.39 -32.84 56.28
CA GLU L 146 32.32 -33.55 57.14
C GLU L 146 33.72 -32.95 57.06
N GLN L 147 34.16 -32.67 55.84
CA GLN L 147 35.47 -32.06 55.59
C GLN L 147 35.53 -30.62 56.11
N ASP L 148 34.39 -29.95 56.12
CA ASP L 148 34.29 -28.59 56.66
C ASP L 148 34.59 -28.53 58.17
N LEU L 149 34.18 -29.57 58.88
CA LEU L 149 34.46 -29.68 60.32
C LEU L 149 35.91 -30.07 60.52
N LEU L 150 36.48 -30.70 59.50
CA LEU L 150 37.88 -31.10 59.52
C LEU L 150 38.78 -29.97 59.02
N ALA L 151 38.17 -28.98 58.38
CA ALA L 151 38.94 -27.89 57.80
C ALA L 151 39.03 -26.71 58.77
N LEU L 152 38.10 -26.67 59.72
CA LEU L 152 38.11 -25.63 60.75
C LEU L 152 39.01 -26.05 61.92
N THR M 1 -4.78 -11.73 -57.79
CA THR M 1 -3.35 -12.03 -57.74
C THR M 1 -2.95 -12.91 -58.92
N PHE M 2 -1.68 -12.81 -59.33
CA PHE M 2 -1.18 -13.55 -60.49
C PHE M 2 0.17 -14.19 -60.21
N VAL M 3 0.37 -15.39 -60.74
CA VAL M 3 1.63 -16.10 -60.58
C VAL M 3 2.10 -16.67 -61.91
N SER M 4 3.21 -16.13 -62.44
CA SER M 4 3.76 -16.59 -63.70
C SER M 4 4.95 -17.52 -63.50
N VAL M 5 4.85 -18.75 -64.01
CA VAL M 5 5.91 -19.74 -63.84
C VAL M 5 6.27 -20.36 -65.18
N ALA M 6 7.57 -20.44 -65.45
CA ALA M 6 8.08 -21.05 -66.66
C ALA M 6 7.66 -22.51 -66.75
N PRO M 7 7.33 -22.98 -67.97
CA PRO M 7 6.89 -24.38 -68.13
C PRO M 7 7.94 -25.38 -67.67
N GLY M 8 7.49 -26.38 -66.90
CA GLY M 8 8.39 -27.41 -66.41
C GLY M 8 8.97 -27.07 -65.04
N GLN M 9 8.79 -25.83 -64.61
CA GLN M 9 9.32 -25.40 -63.32
C GLN M 9 8.34 -25.75 -62.21
N THR M 10 8.39 -25.00 -61.13
CA THR M 10 7.55 -25.28 -59.98
C THR M 10 6.70 -24.06 -59.67
N ALA M 11 5.39 -24.29 -59.52
CA ALA M 11 4.46 -23.22 -59.20
C ALA M 11 3.99 -23.33 -57.75
N ARG M 12 3.82 -22.18 -57.11
CA ARG M 12 3.35 -22.13 -55.72
C ARG M 12 2.21 -21.13 -55.57
N ILE M 13 1.15 -21.55 -54.88
CA ILE M 13 -0.05 -20.72 -54.74
C ILE M 13 -0.44 -20.47 -53.28
N THR M 14 -0.61 -19.19 -52.93
CA THR M 14 -1.00 -18.81 -51.58
C THR M 14 -2.43 -18.28 -51.52
N CYS M 15 -3.21 -18.78 -50.58
CA CYS M 15 -4.60 -18.37 -50.43
C CYS M 15 -5.06 -18.34 -48.97
N GLY M 16 -5.96 -17.41 -48.66
CA GLY M 16 -6.52 -17.33 -47.32
C GLY M 16 -5.57 -16.74 -46.29
N GLU M 17 -6.08 -16.55 -45.08
CA GLU M 17 -5.29 -15.97 -43.99
C GLU M 17 -4.27 -16.96 -43.40
N GLU M 18 -3.54 -16.51 -42.38
CA GLU M 18 -2.55 -17.36 -41.72
C GLU M 18 -3.24 -18.36 -40.81
N SER M 19 -2.65 -19.55 -40.68
CA SER M 19 -3.24 -20.61 -39.86
C SER M 19 -3.23 -20.22 -38.39
N LEU M 20 -4.36 -20.46 -37.73
CA LEU M 20 -4.46 -20.17 -36.30
C LEU M 20 -4.53 -21.49 -35.55
N GLY M 21 -5.04 -22.52 -36.23
CA GLY M 21 -5.09 -23.84 -35.64
C GLY M 21 -4.81 -24.92 -36.66
N SER M 22 -5.12 -26.17 -36.30
CA SER M 22 -4.96 -27.30 -37.22
C SER M 22 -6.00 -27.18 -38.32
N ARG M 23 -5.53 -27.19 -39.55
CA ARG M 23 -6.40 -26.94 -40.68
C ARG M 23 -6.69 -28.20 -41.50
N SER M 24 -7.67 -28.09 -42.40
CA SER M 24 -7.99 -29.12 -43.38
C SER M 24 -8.30 -28.45 -44.70
N VAL M 25 -7.28 -27.85 -45.32
CA VAL M 25 -7.47 -27.02 -46.51
C VAL M 25 -7.95 -27.82 -47.74
N ILE M 26 -9.00 -27.33 -48.39
CA ILE M 26 -9.53 -27.97 -49.60
C ILE M 26 -9.23 -27.07 -50.80
N TRP M 27 -8.52 -27.60 -51.79
CA TRP M 27 -8.18 -26.82 -52.99
C TRP M 27 -9.12 -27.12 -54.17
N TYR M 28 -9.36 -26.10 -55.01
CA TYR M 28 -10.19 -26.25 -56.19
C TYR M 28 -9.58 -25.52 -57.39
N GLN M 29 -9.73 -26.11 -58.57
CA GLN M 29 -9.22 -25.53 -59.81
C GLN M 29 -10.38 -25.18 -60.72
N GLN M 30 -10.39 -23.94 -61.22
CA GLN M 30 -11.47 -23.51 -62.09
C GLN M 30 -10.93 -23.09 -63.45
N ARG M 31 -11.16 -23.93 -64.44
CA ARG M 31 -10.83 -23.60 -65.82
C ARG M 31 -11.81 -22.54 -66.29
N PRO M 32 -11.31 -21.47 -66.93
CA PRO M 32 -12.21 -20.40 -67.42
C PRO M 32 -13.33 -20.91 -68.32
N GLY M 33 -14.57 -20.56 -67.97
CA GLY M 33 -15.73 -20.98 -68.74
C GLY M 33 -16.24 -22.36 -68.38
N GLN M 34 -15.71 -22.93 -67.30
CA GLN M 34 -16.15 -24.25 -66.86
C GLN M 34 -16.55 -24.19 -65.39
N ALA M 35 -16.82 -25.36 -64.82
CA ALA M 35 -17.16 -25.45 -63.41
C ALA M 35 -15.92 -25.86 -62.62
N PRO M 36 -15.80 -25.34 -61.39
CA PRO M 36 -14.68 -25.65 -60.48
C PRO M 36 -14.53 -27.16 -60.20
N SER M 37 -13.28 -27.66 -60.21
CA SER M 37 -13.00 -29.08 -59.95
C SER M 37 -12.12 -29.27 -58.72
N LEU M 38 -12.33 -30.39 -58.02
CA LEU M 38 -11.54 -30.72 -56.83
C LEU M 38 -10.13 -31.20 -57.17
N ILE M 39 -9.12 -30.65 -56.47
CA ILE M 39 -7.73 -31.03 -56.69
C ILE M 39 -7.13 -31.72 -55.47
N ILE M 40 -7.17 -31.03 -54.32
CA ILE M 40 -6.61 -31.59 -53.09
C ILE M 40 -7.52 -31.31 -51.90
N TYR M 41 -8.01 -32.38 -51.28
CA TYR M 41 -8.77 -32.27 -50.05
C TYR M 41 -7.91 -32.78 -48.89
N ASN M 42 -8.21 -32.31 -47.68
CA ASN M 42 -7.45 -32.67 -46.48
C ASN M 42 -5.95 -32.39 -46.63
N ASN M 43 -5.62 -31.10 -46.76
CA ASN M 43 -4.24 -30.60 -46.82
C ASN M 43 -3.41 -31.09 -48.01
N ASN M 44 -3.22 -32.40 -48.11
CA ASN M 44 -2.41 -32.96 -49.17
C ASN M 44 -2.84 -34.36 -49.61
N ASP M 45 -4.14 -34.60 -49.65
CA ASP M 45 -4.65 -35.88 -50.12
C ASP M 45 -5.34 -35.69 -51.46
N ARG M 46 -4.77 -36.27 -52.50
CA ARG M 46 -5.30 -36.13 -53.84
C ARG M 46 -6.20 -37.31 -54.18
N PRO M 47 -7.41 -37.04 -54.69
CA PRO M 47 -8.32 -38.12 -55.12
C PRO M 47 -7.92 -38.74 -56.46
N SER M 48 -8.77 -39.65 -56.96
CA SER M 48 -8.44 -40.40 -58.17
C SER M 48 -8.45 -39.55 -59.43
N GLY M 49 -7.40 -39.67 -60.23
CA GLY M 49 -7.33 -38.97 -61.49
C GLY M 49 -6.38 -37.79 -61.44
N ILE M 50 -5.98 -37.40 -60.24
CA ILE M 50 -5.16 -36.22 -60.08
C ILE M 50 -3.70 -36.59 -59.85
N PRO M 51 -2.81 -36.05 -60.69
CA PRO M 51 -1.39 -36.40 -60.59
C PRO M 51 -0.78 -35.96 -59.27
N ASP M 52 0.34 -36.56 -58.92
CA ASP M 52 1.03 -36.24 -57.69
C ASP M 52 1.86 -34.97 -57.83
N ARG M 53 1.78 -34.34 -59.00
CA ARG M 53 2.45 -33.06 -59.24
C ARG M 53 1.83 -31.99 -58.35
N PHE M 54 0.59 -32.23 -57.96
CA PHE M 54 -0.13 -31.32 -57.08
C PHE M 54 0.01 -31.76 -55.62
N SER M 55 0.66 -30.93 -54.83
CA SER M 55 0.85 -31.20 -53.41
C SER M 55 0.45 -29.96 -52.60
N GLY M 56 -0.05 -30.17 -51.39
CA GLY M 56 -0.48 -29.08 -50.55
C GLY M 56 0.25 -29.11 -49.22
N SER M 57 0.43 -27.94 -48.62
CA SER M 57 1.09 -27.85 -47.32
C SER M 57 0.25 -28.48 -46.22
N PRO M 58 0.91 -29.23 -45.30
CA PRO M 58 0.19 -29.91 -44.21
C PRO M 58 -0.50 -28.93 -43.27
N GLY M 59 -1.69 -29.31 -42.81
CA GLY M 59 -2.49 -28.46 -41.93
C GLY M 59 -2.18 -28.66 -40.45
N SER M 60 -0.91 -28.85 -40.14
CA SER M 60 -0.46 -29.00 -38.77
C SER M 60 0.48 -27.85 -38.41
N THR M 61 0.78 -27.01 -39.40
CA THR M 61 1.66 -25.87 -39.20
C THR M 61 0.87 -24.64 -38.74
N PHE M 62 1.25 -24.09 -37.60
CA PHE M 62 0.56 -22.93 -37.04
C PHE M 62 1.32 -21.63 -37.26
N GLY M 63 0.68 -20.69 -37.95
CA GLY M 63 1.25 -19.38 -38.22
C GLY M 63 1.71 -19.22 -39.66
N THR M 64 1.29 -20.14 -40.52
CA THR M 64 1.68 -20.14 -41.92
C THR M 64 0.42 -20.17 -42.78
N THR M 65 0.52 -19.64 -43.99
CA THR M 65 -0.59 -19.65 -44.93
C THR M 65 -0.60 -20.95 -45.72
N ALA M 66 -1.78 -21.35 -46.21
CA ALA M 66 -1.92 -22.57 -47.00
C ALA M 66 -1.18 -22.44 -48.34
N THR M 67 -0.36 -23.42 -48.67
CA THR M 67 0.47 -23.36 -49.88
C THR M 67 0.22 -24.56 -50.80
N LEU M 68 -0.06 -24.27 -52.08
CA LEU M 68 -0.28 -25.30 -53.09
C LEU M 68 0.89 -25.37 -54.08
N THR M 69 1.62 -26.48 -54.04
CA THR M 69 2.79 -26.67 -54.88
C THR M 69 2.44 -27.47 -56.13
N ILE M 70 2.80 -26.93 -57.28
CA ILE M 70 2.55 -27.62 -58.55
C ILE M 70 3.86 -27.83 -59.30
N THR M 71 4.36 -29.06 -59.23
CA THR M 71 5.59 -29.42 -59.91
C THR M 71 5.31 -29.75 -61.36
N SER M 72 6.34 -29.59 -62.21
CA SER M 72 6.24 -29.80 -63.65
C SER M 72 5.11 -28.97 -64.24
N VAL M 73 5.28 -27.65 -64.19
CA VAL M 73 4.27 -26.73 -64.69
C VAL M 73 4.10 -26.86 -66.20
N GLU M 74 2.87 -27.13 -66.62
CA GLU M 74 2.54 -27.27 -68.03
C GLU M 74 1.49 -26.23 -68.40
N ALA M 75 1.23 -26.06 -69.70
CA ALA M 75 0.28 -25.06 -70.16
C ALA M 75 -1.16 -25.36 -69.74
N GLY M 76 -1.45 -26.64 -69.50
CA GLY M 76 -2.79 -27.07 -69.12
C GLY M 76 -3.19 -26.70 -67.71
N ASP M 77 -2.19 -26.38 -66.88
CA ASP M 77 -2.42 -26.02 -65.48
C ASP M 77 -2.80 -24.55 -65.32
N GLU M 78 -2.79 -23.82 -66.43
CA GLU M 78 -3.12 -22.40 -66.44
C GLU M 78 -4.62 -22.19 -66.19
N ALA M 79 -4.97 -21.84 -64.96
CA ALA M 79 -6.37 -21.62 -64.58
C ALA M 79 -6.51 -20.83 -63.28
N ASP M 80 -7.71 -20.82 -62.71
CA ASP M 80 -7.95 -20.17 -61.43
C ASP M 80 -8.05 -21.18 -60.29
N TYR M 81 -7.33 -20.91 -59.21
CA TYR M 81 -7.34 -21.81 -58.06
C TYR M 81 -7.86 -21.12 -56.79
N TYR M 82 -8.92 -21.69 -56.21
CA TYR M 82 -9.52 -21.18 -54.97
C TYR M 82 -9.31 -22.18 -53.83
N CYS M 83 -9.38 -21.72 -52.59
CA CYS M 83 -9.16 -22.61 -51.44
C CYS M 83 -10.25 -22.47 -50.40
N HIS M 84 -10.54 -23.56 -49.70
CA HIS M 84 -11.56 -23.56 -48.66
C HIS M 84 -10.95 -23.84 -47.28
N ILE M 85 -10.83 -22.81 -46.46
CA ILE M 85 -10.18 -22.95 -45.16
C ILE M 85 -11.10 -23.56 -44.09
N TRP M 86 -10.62 -24.63 -43.46
CA TRP M 86 -11.31 -25.22 -42.34
C TRP M 86 -10.41 -25.23 -41.08
N ASP M 87 -10.45 -24.14 -40.32
CA ASP M 87 -9.63 -24.03 -39.11
C ASP M 87 -10.47 -24.38 -37.88
N SER M 88 -9.83 -24.97 -36.87
CA SER M 88 -10.50 -25.34 -35.65
C SER M 88 -10.77 -24.12 -34.77
N ARG M 89 -10.16 -23.01 -35.14
CA ARG M 89 -10.25 -21.80 -34.34
C ARG M 89 -11.19 -20.78 -34.96
N ARG M 90 -11.50 -20.98 -36.24
CA ARG M 90 -12.37 -20.08 -36.97
C ARG M 90 -13.69 -20.78 -37.29
N PRO M 91 -14.78 -20.00 -37.36
CA PRO M 91 -16.10 -20.48 -37.76
C PRO M 91 -16.10 -21.03 -39.19
N THR M 92 -17.16 -21.74 -39.57
CA THR M 92 -17.25 -22.33 -40.90
C THR M 92 -17.26 -21.25 -41.98
N ASN M 93 -16.27 -21.26 -42.86
CA ASN M 93 -16.21 -20.28 -43.95
C ASN M 93 -17.16 -20.63 -45.10
N TRP M 94 -18.18 -19.80 -45.29
CA TRP M 94 -19.14 -20.03 -46.36
C TRP M 94 -18.70 -19.31 -47.62
N VAL M 95 -17.49 -18.77 -47.60
CA VAL M 95 -16.93 -18.10 -48.75
C VAL M 95 -15.49 -18.53 -49.02
N PHE M 96 -15.24 -19.04 -50.22
CA PHE M 96 -13.90 -19.44 -50.61
C PHE M 96 -12.98 -18.23 -50.59
N GLY M 97 -11.71 -18.47 -50.30
CA GLY M 97 -10.72 -17.43 -50.29
C GLY M 97 -10.50 -16.89 -51.69
N GLU M 98 -9.85 -15.73 -51.78
CA GLU M 98 -9.56 -15.11 -53.05
C GLU M 98 -8.62 -15.99 -53.88
N GLY M 99 -9.09 -16.37 -55.06
CA GLY M 99 -8.37 -17.28 -55.94
C GLY M 99 -7.09 -16.71 -56.52
N THR M 100 -6.28 -17.56 -57.12
CA THR M 100 -5.04 -17.11 -57.74
C THR M 100 -4.87 -17.67 -59.14
N THR M 101 -4.57 -16.80 -60.09
CA THR M 101 -4.42 -17.20 -61.48
C THR M 101 -3.01 -17.65 -61.83
N LEU M 102 -2.89 -18.83 -62.44
CA LEU M 102 -1.61 -19.37 -62.86
C LEU M 102 -1.30 -19.03 -64.31
N ILE M 103 -0.16 -18.39 -64.54
CA ILE M 103 0.28 -17.97 -65.88
C ILE M 103 1.46 -18.80 -66.41
N VAL M 104 1.26 -19.45 -67.55
CA VAL M 104 2.32 -20.20 -68.22
C VAL M 104 3.05 -19.29 -69.22
N LEU M 105 4.34 -19.08 -68.96
CA LEU M 105 5.13 -17.99 -69.58
C LEU M 105 5.34 -18.12 -71.07
N SER M 106 4.89 -19.22 -71.66
CA SER M 106 5.21 -19.50 -73.05
C SER M 106 4.45 -18.61 -74.04
N GLN M 107 4.99 -18.60 -75.26
CA GLN M 107 4.51 -17.74 -76.34
C GLN M 107 4.58 -16.24 -76.02
N PRO M 108 5.65 -15.78 -75.33
CA PRO M 108 5.63 -14.54 -74.54
C PRO M 108 5.27 -13.21 -75.25
N LYS M 109 5.85 -12.93 -76.41
CA LYS M 109 5.74 -11.56 -76.92
C LYS M 109 4.68 -11.41 -78.01
N ALA M 110 3.80 -10.44 -77.81
CA ALA M 110 2.90 -9.95 -78.86
C ALA M 110 2.56 -8.49 -78.64
N ALA M 111 2.95 -7.63 -79.59
CA ALA M 111 2.70 -6.19 -79.47
C ALA M 111 1.22 -5.85 -79.68
N PRO M 112 0.62 -5.12 -78.73
CA PRO M 112 -0.80 -4.77 -78.75
C PRO M 112 -1.18 -3.80 -79.87
N SER M 113 -2.20 -4.14 -80.64
CA SER M 113 -2.69 -3.26 -81.71
C SER M 113 -3.86 -2.43 -81.20
N VAL M 114 -3.58 -1.17 -80.88
CA VAL M 114 -4.59 -0.27 -80.35
C VAL M 114 -5.14 0.62 -81.46
N THR M 115 -6.39 1.03 -81.30
CA THR M 115 -7.05 1.90 -82.26
C THR M 115 -8.07 2.79 -81.55
N LEU M 116 -7.96 4.09 -81.75
CA LEU M 116 -8.82 5.03 -81.05
C LEU M 116 -9.82 5.70 -82.01
N PHE M 117 -11.11 5.46 -81.78
CA PHE M 117 -12.16 6.07 -82.59
C PHE M 117 -12.88 7.18 -81.83
N PRO M 118 -13.03 8.35 -82.46
CA PRO M 118 -13.79 9.48 -81.88
C PRO M 118 -15.29 9.21 -81.94
N PRO M 119 -16.09 9.96 -81.16
CA PRO M 119 -17.55 9.74 -81.20
C PRO M 119 -18.12 10.05 -82.59
N SER M 120 -19.07 9.24 -83.04
CA SER M 120 -19.66 9.44 -84.36
C SER M 120 -20.52 10.69 -84.37
N SER M 121 -20.75 11.21 -85.57
CA SER M 121 -21.52 12.45 -85.70
C SER M 121 -22.98 12.25 -85.34
N GLU M 122 -23.47 11.03 -85.54
CA GLU M 122 -24.87 10.71 -85.28
C GLU M 122 -25.16 10.58 -83.78
N GLU M 123 -24.14 10.19 -83.01
CA GLU M 123 -24.28 10.03 -81.56
C GLU M 123 -24.32 11.40 -80.87
N LEU M 124 -23.56 12.34 -81.41
CA LEU M 124 -23.50 13.69 -80.85
C LEU M 124 -24.82 14.44 -80.96
N GLN M 125 -25.61 14.09 -81.98
CA GLN M 125 -26.94 14.67 -82.16
C GLN M 125 -27.94 14.12 -81.16
N ALA M 126 -27.59 13.02 -80.51
CA ALA M 126 -28.43 12.43 -79.47
C ALA M 126 -27.95 12.84 -78.08
N ASN M 127 -27.20 13.93 -78.02
CA ASN M 127 -26.65 14.47 -76.78
C ASN M 127 -25.79 13.46 -76.02
N LYS M 128 -25.01 12.67 -76.77
CA LYS M 128 -24.14 11.67 -76.18
C LYS M 128 -22.80 11.64 -76.92
N ALA M 129 -21.75 11.23 -76.21
CA ALA M 129 -20.44 11.05 -76.83
C ALA M 129 -19.75 9.83 -76.22
N THR M 130 -18.96 9.12 -77.02
CA THR M 130 -18.28 7.93 -76.54
C THR M 130 -17.00 7.67 -77.32
N LEU M 131 -15.87 7.65 -76.59
CA LEU M 131 -14.58 7.32 -77.17
C LEU M 131 -14.36 5.82 -77.09
N VAL M 132 -13.90 5.23 -78.20
CA VAL M 132 -13.72 3.79 -78.28
C VAL M 132 -12.25 3.43 -78.45
N CYS M 133 -11.76 2.50 -77.62
CA CYS M 133 -10.37 2.07 -77.69
C CYS M 133 -10.27 0.55 -77.83
N LEU M 134 -10.06 0.10 -79.06
CA LEU M 134 -9.99 -1.33 -79.36
C LEU M 134 -8.55 -1.82 -79.27
N ILE M 135 -8.35 -2.90 -78.52
CA ILE M 135 -7.02 -3.46 -78.32
C ILE M 135 -7.01 -4.93 -78.70
N SER M 136 -6.17 -5.30 -79.66
CA SER M 136 -6.11 -6.68 -80.11
C SER M 136 -4.68 -7.10 -80.41
N ASP M 137 -4.51 -8.37 -80.75
CA ASP M 137 -3.21 -8.93 -81.11
C ASP M 137 -2.15 -8.78 -80.04
N PHE M 138 -2.52 -9.05 -78.79
CA PHE M 138 -1.59 -8.95 -77.68
C PHE M 138 -1.59 -10.19 -76.80
N TYR M 139 -0.38 -10.55 -76.33
CA TYR M 139 -0.19 -11.69 -75.45
C TYR M 139 0.89 -11.35 -74.41
N PRO M 140 0.67 -11.74 -73.14
CA PRO M 140 -0.49 -12.47 -72.62
C PRO M 140 -1.65 -11.52 -72.32
N GLY M 141 -2.79 -12.08 -71.94
CA GLY M 141 -3.97 -11.29 -71.66
C GLY M 141 -3.88 -10.58 -70.32
N ALA M 142 -3.18 -9.45 -70.31
CA ALA M 142 -3.04 -8.62 -69.11
C ALA M 142 -2.67 -7.19 -69.46
N VAL M 143 -3.68 -6.36 -69.72
CA VAL M 143 -3.44 -4.95 -70.05
C VAL M 143 -4.25 -4.02 -69.14
N THR M 144 -3.77 -2.79 -68.99
CA THR M 144 -4.47 -1.77 -68.23
C THR M 144 -4.57 -0.47 -69.02
N VAL M 145 -5.79 0.07 -69.12
CA VAL M 145 -6.03 1.27 -69.92
C VAL M 145 -6.18 2.52 -69.06
N ALA M 146 -5.47 3.58 -69.42
CA ALA M 146 -5.57 4.86 -68.73
C ALA M 146 -5.84 5.97 -69.73
N TRP M 147 -6.97 6.66 -69.55
CA TRP M 147 -7.36 7.74 -70.44
C TRP M 147 -6.74 9.06 -70.01
N LYS M 148 -6.62 10.00 -70.96
CA LYS M 148 -6.02 11.30 -70.69
C LYS M 148 -6.78 12.44 -71.33
N ALA M 149 -7.13 13.44 -70.53
CA ALA M 149 -7.67 14.68 -71.05
C ALA M 149 -6.53 15.68 -71.12
N ASP M 150 -6.04 15.93 -72.34
CA ASP M 150 -4.82 16.70 -72.56
C ASP M 150 -3.64 16.05 -71.86
N SER M 151 -3.31 16.53 -70.67
CA SER M 151 -2.27 15.93 -69.84
C SER M 151 -2.85 15.44 -68.50
N SER M 152 -4.13 15.66 -68.30
CA SER M 152 -4.81 15.26 -67.06
C SER M 152 -5.54 13.93 -67.23
N PRO M 153 -5.36 13.02 -66.26
CA PRO M 153 -5.98 11.69 -66.29
C PRO M 153 -7.49 11.75 -66.04
N VAL M 154 -8.22 10.77 -66.58
CA VAL M 154 -9.67 10.68 -66.39
C VAL M 154 -10.03 9.66 -65.31
N LYS M 155 -10.80 10.10 -64.32
CA LYS M 155 -11.13 9.25 -63.18
C LYS M 155 -12.37 8.37 -63.43
N ALA M 156 -13.49 9.01 -63.74
CA ALA M 156 -14.74 8.27 -63.92
C ALA M 156 -15.18 8.23 -65.38
N GLY M 157 -16.13 7.35 -65.69
CA GLY M 157 -16.65 7.20 -67.03
C GLY M 157 -15.92 6.17 -67.86
N VAL M 158 -14.94 5.49 -67.25
CA VAL M 158 -14.14 4.49 -67.95
C VAL M 158 -14.75 3.10 -67.78
N GLU M 159 -15.00 2.42 -68.90
CA GLU M 159 -15.59 1.09 -68.89
C GLU M 159 -14.77 0.12 -69.77
N THR M 160 -14.06 -0.80 -69.14
CA THR M 160 -13.14 -1.67 -69.86
C THR M 160 -13.52 -3.15 -69.72
N THR M 161 -13.43 -3.89 -70.83
CA THR M 161 -13.74 -5.31 -70.84
C THR M 161 -12.56 -6.15 -70.37
N THR M 162 -12.83 -7.42 -70.09
CA THR M 162 -11.79 -8.36 -69.67
C THR M 162 -11.24 -9.09 -70.90
N PRO M 163 -9.90 -9.23 -70.96
CA PRO M 163 -9.24 -9.92 -72.08
C PRO M 163 -9.84 -11.29 -72.41
N SER M 164 -9.84 -11.63 -73.70
CA SER M 164 -10.40 -12.89 -74.16
C SER M 164 -9.81 -13.29 -75.51
N LYS M 165 -9.02 -14.36 -75.51
CA LYS M 165 -8.34 -14.80 -76.73
C LYS M 165 -9.29 -15.48 -77.71
N GLN M 166 -8.97 -15.37 -78.99
CA GLN M 166 -9.72 -16.06 -80.03
C GLN M 166 -8.94 -17.25 -80.55
N SER M 167 -9.10 -17.55 -81.83
CA SER M 167 -8.42 -18.67 -82.46
C SER M 167 -6.93 -18.44 -82.41
N ASN M 168 -6.51 -17.21 -82.70
CA ASN M 168 -5.11 -16.85 -82.59
C ASN M 168 -4.73 -16.63 -81.13
N ASN M 169 -3.44 -16.48 -80.88
CA ASN M 169 -2.95 -16.14 -79.55
C ASN M 169 -3.47 -14.78 -79.11
N LYS M 170 -3.93 -14.00 -80.08
CA LYS M 170 -4.38 -12.64 -79.84
C LYS M 170 -5.50 -12.58 -78.81
N TYR M 171 -5.48 -11.55 -77.98
CA TYR M 171 -6.52 -11.37 -76.98
C TYR M 171 -7.39 -10.17 -77.34
N ALA M 172 -8.55 -10.08 -76.71
CA ALA M 172 -9.49 -9.00 -77.01
C ALA M 172 -9.78 -8.12 -75.80
N ALA M 173 -9.76 -6.80 -76.00
CA ALA M 173 -10.04 -5.85 -74.94
C ALA M 173 -10.48 -4.52 -75.51
N SER M 174 -11.63 -4.03 -75.06
CA SER M 174 -12.13 -2.75 -75.54
C SER M 174 -12.33 -1.78 -74.38
N SER M 175 -11.89 -0.54 -74.57
CA SER M 175 -12.02 0.48 -73.54
C SER M 175 -12.90 1.63 -74.03
N TYR M 176 -13.94 1.93 -73.27
CA TYR M 176 -14.89 2.97 -73.64
C TYR M 176 -14.82 4.15 -72.66
N LEU M 177 -15.10 5.36 -73.16
CA LEU M 177 -15.14 6.54 -72.31
C LEU M 177 -16.38 7.38 -72.59
N SER M 178 -17.37 7.30 -71.72
CA SER M 178 -18.62 8.05 -71.92
C SER M 178 -18.44 9.51 -71.51
N LEU M 179 -18.60 10.40 -72.48
CA LEU M 179 -18.49 11.84 -72.25
C LEU M 179 -19.71 12.56 -72.81
N THR M 180 -19.79 13.85 -72.54
CA THR M 180 -20.87 14.67 -73.07
C THR M 180 -20.33 15.50 -74.25
N PRO M 181 -21.21 15.89 -75.18
CA PRO M 181 -20.80 16.73 -76.32
C PRO M 181 -20.06 18.00 -75.92
N GLU M 182 -20.32 18.49 -74.71
CA GLU M 182 -19.66 19.70 -74.21
C GLU M 182 -18.24 19.39 -73.72
N GLN M 183 -18.05 18.21 -73.12
CA GLN M 183 -16.75 17.78 -72.63
C GLN M 183 -15.79 17.49 -73.78
N TRP M 184 -16.35 17.02 -74.90
CA TRP M 184 -15.56 16.70 -76.07
C TRP M 184 -14.95 17.93 -76.73
N LYS M 185 -15.75 18.99 -76.85
CA LYS M 185 -15.28 20.23 -77.46
C LYS M 185 -14.48 21.08 -76.48
N SER M 186 -14.47 20.65 -75.22
CA SER M 186 -13.79 21.39 -74.15
C SER M 186 -12.28 21.28 -74.28
N HIS M 187 -11.75 20.11 -73.92
CA HIS M 187 -10.32 19.89 -73.94
C HIS M 187 -9.78 19.88 -75.37
N LYS M 188 -8.48 20.08 -75.51
CA LYS M 188 -7.83 20.14 -76.81
C LYS M 188 -7.81 18.77 -77.48
N SER M 189 -7.40 17.76 -76.71
CA SER M 189 -7.31 16.40 -77.23
C SER M 189 -7.38 15.38 -76.12
N TYR M 190 -7.83 14.18 -76.47
CA TYR M 190 -7.90 13.07 -75.51
C TYR M 190 -6.93 11.97 -75.93
N SER M 191 -6.42 11.23 -74.96
CA SER M 191 -5.43 10.19 -75.23
C SER M 191 -5.87 8.85 -74.66
N CYS M 192 -5.44 7.77 -75.30
CA CYS M 192 -5.76 6.43 -74.85
C CYS M 192 -4.49 5.64 -74.59
N GLN M 193 -3.97 5.72 -73.37
CA GLN M 193 -2.71 5.07 -73.02
C GLN M 193 -2.92 3.63 -72.56
N VAL M 194 -2.41 2.69 -73.34
CA VAL M 194 -2.54 1.27 -73.05
C VAL M 194 -1.23 0.66 -72.57
N THR M 195 -1.20 0.18 -71.34
CA THR M 195 -0.01 -0.43 -70.77
C THR M 195 -0.07 -1.96 -70.83
N HIS M 196 0.84 -2.54 -71.61
CA HIS M 196 0.93 -3.98 -71.75
C HIS M 196 2.32 -4.49 -71.37
N GLU M 197 2.36 -5.44 -70.44
CA GLU M 197 3.61 -6.01 -69.95
C GLU M 197 4.55 -4.95 -69.39
N GLY M 198 5.43 -4.44 -70.25
CA GLY M 198 6.39 -3.44 -69.84
C GLY M 198 6.35 -2.17 -70.66
N SER M 199 5.67 -2.22 -71.80
CA SER M 199 5.56 -1.06 -72.69
C SER M 199 4.20 -0.38 -72.58
N THR M 200 4.11 0.86 -73.07
CA THR M 200 2.86 1.61 -73.06
C THR M 200 2.65 2.37 -74.37
N VAL M 201 1.59 2.00 -75.09
CA VAL M 201 1.26 2.63 -76.37
C VAL M 201 0.18 3.71 -76.19
N GLU M 202 0.43 4.88 -76.75
CA GLU M 202 -0.49 6.00 -76.60
C GLU M 202 -0.97 6.55 -77.94
N LYS M 203 -2.28 6.59 -78.13
CA LYS M 203 -2.88 7.19 -79.30
C LYS M 203 -3.84 8.31 -78.89
N THR M 204 -3.81 9.41 -79.63
CA THR M 204 -4.60 10.59 -79.31
C THR M 204 -5.75 10.82 -80.30
N VAL M 205 -6.57 11.82 -80.03
CA VAL M 205 -7.68 12.18 -80.91
C VAL M 205 -8.10 13.63 -80.65
N ALA M 206 -8.33 14.39 -81.73
CA ALA M 206 -8.68 15.79 -81.63
C ALA M 206 -9.96 16.14 -82.41
N PRO M 207 -10.80 17.01 -81.83
CA PRO M 207 -12.04 17.44 -82.49
C PRO M 207 -11.77 18.21 -83.79
N THR M 208 -12.82 18.43 -84.59
CA THR M 208 -12.69 19.16 -85.84
C THR M 208 -13.56 20.42 -85.83
CA GLN N 1 -21.36 -42.46 -64.49
C GLN N 1 -22.37 -41.55 -63.79
N VAL N 2 -21.92 -40.37 -63.37
CA VAL N 2 -22.78 -39.41 -62.69
C VAL N 2 -22.94 -38.11 -63.49
N HIS N 3 -24.15 -37.84 -63.95
CA HIS N 3 -24.43 -36.62 -64.70
C HIS N 3 -25.42 -35.72 -63.96
N LEU N 4 -25.07 -34.44 -63.84
CA LEU N 4 -25.93 -33.48 -63.19
C LEU N 4 -26.33 -32.37 -64.14
N GLN N 5 -27.61 -32.01 -64.13
CA GLN N 5 -28.12 -30.95 -64.98
C GLN N 5 -28.97 -29.97 -64.19
N GLU N 6 -28.56 -28.72 -64.21
CA GLU N 6 -29.29 -27.67 -63.52
C GLU N 6 -30.25 -27.02 -64.49
N SER N 7 -31.36 -26.50 -63.97
CA SER N 7 -32.35 -25.85 -64.79
C SER N 7 -33.10 -24.79 -63.98
N GLY N 8 -33.23 -23.60 -64.56
CA GLY N 8 -33.95 -22.52 -63.91
C GLY N 8 -34.55 -21.55 -64.89
N PRO N 9 -35.16 -20.47 -64.36
CA PRO N 9 -35.83 -19.46 -65.19
C PRO N 9 -34.88 -18.59 -66.01
N GLY N 10 -33.79 -18.15 -65.41
CA GLY N 10 -32.83 -17.30 -66.10
C GLY N 10 -33.02 -15.82 -65.86
N LEU N 11 -34.26 -15.39 -65.68
CA LEU N 11 -34.55 -13.98 -65.38
C LEU N 11 -35.57 -13.85 -64.25
N VAL N 12 -35.22 -13.08 -63.23
CA VAL N 12 -36.09 -12.92 -62.07
C VAL N 12 -36.24 -11.45 -61.72
N LYS N 13 -37.48 -11.02 -61.50
CA LYS N 13 -37.78 -9.67 -61.04
C LYS N 13 -37.33 -9.54 -59.59
N PRO N 14 -37.14 -8.31 -59.09
CA PRO N 14 -36.70 -8.20 -57.69
C PRO N 14 -37.81 -8.52 -56.68
N SER N 15 -37.41 -8.80 -55.43
CA SER N 15 -38.32 -9.13 -54.33
C SER N 15 -39.27 -10.27 -54.68
N GLU N 16 -38.78 -11.21 -55.49
CA GLU N 16 -39.58 -12.35 -55.92
C GLU N 16 -38.97 -13.64 -55.40
N THR N 17 -39.53 -14.77 -55.81
CA THR N 17 -39.05 -16.06 -55.35
C THR N 17 -38.41 -16.85 -56.49
N LEU N 18 -37.08 -16.90 -56.48
CA LEU N 18 -36.32 -17.67 -57.47
C LEU N 18 -36.42 -19.16 -57.19
N SER N 19 -36.70 -19.94 -58.23
CA SER N 19 -36.82 -21.39 -58.09
C SER N 19 -35.92 -22.14 -59.08
N LEU N 20 -35.05 -22.99 -58.54
CA LEU N 20 -34.13 -23.76 -59.36
C LEU N 20 -34.31 -25.25 -59.14
N THR N 21 -33.97 -26.05 -60.14
CA THR N 21 -34.11 -27.49 -60.04
C THR N 21 -32.86 -28.18 -60.58
N CYS N 22 -32.31 -29.10 -59.79
CA CYS N 22 -31.12 -29.83 -60.18
C CYS N 22 -31.48 -31.29 -60.46
N GLN N 23 -31.59 -31.61 -61.74
CA GLN N 23 -31.91 -32.97 -62.17
C GLN N 23 -30.74 -33.93 -61.96
N VAL N 24 -30.96 -34.98 -61.17
CA VAL N 24 -29.90 -35.91 -60.80
C VAL N 24 -29.98 -37.22 -61.57
N SER N 25 -28.85 -37.64 -62.13
CA SER N 25 -28.80 -38.85 -62.93
C SER N 25 -27.56 -39.70 -62.64
N GLY N 26 -27.78 -41.01 -62.46
CA GLY N 26 -26.68 -41.93 -62.23
C GLY N 26 -26.63 -42.44 -60.81
N THR N 27 -27.30 -41.72 -59.91
CA THR N 27 -27.35 -42.06 -58.49
C THR N 27 -28.68 -41.61 -57.88
N LEU N 28 -28.94 -42.07 -56.65
CA LEU N 28 -30.11 -41.66 -55.91
C LEU N 28 -29.82 -40.43 -55.05
N VAL N 29 -30.85 -39.65 -54.78
CA VAL N 29 -30.72 -38.41 -54.05
C VAL N 29 -30.73 -38.68 -52.54
N ARG N 30 -31.08 -39.90 -52.17
CA ARG N 30 -31.23 -40.25 -50.76
C ARG N 30 -29.91 -40.71 -50.14
N ASP N 31 -29.03 -41.27 -50.96
CA ASP N 31 -27.79 -41.85 -50.45
C ASP N 31 -26.59 -40.89 -50.54
N ASN N 32 -26.86 -39.61 -50.76
CA ASN N 32 -25.79 -38.62 -50.92
C ASN N 32 -26.12 -37.25 -50.34
N TYR N 33 -25.08 -36.44 -50.13
CA TYR N 33 -25.27 -35.05 -49.70
C TYR N 33 -25.28 -34.13 -50.92
N TRP N 34 -26.01 -33.03 -50.83
CA TRP N 34 -26.18 -32.12 -51.97
C TRP N 34 -25.99 -30.65 -51.59
N SER N 35 -25.13 -29.96 -52.32
CA SER N 35 -24.83 -28.55 -52.05
C SER N 35 -25.05 -27.64 -53.27
N TRP N 36 -25.40 -26.38 -53.02
CA TRP N 36 -25.55 -25.39 -54.07
C TRP N 36 -24.49 -24.30 -53.94
N ILE N 37 -23.83 -23.97 -55.04
CA ILE N 37 -22.80 -22.94 -55.04
C ILE N 37 -23.04 -21.94 -56.14
N ARG N 38 -23.16 -20.66 -55.77
CA ARG N 38 -23.32 -19.60 -56.75
C ARG N 38 -22.01 -18.85 -56.91
N GLN N 39 -21.83 -18.22 -58.07
CA GLN N 39 -20.61 -17.49 -58.37
C GLN N 39 -20.88 -16.29 -59.26
N PRO N 40 -20.69 -15.08 -58.70
CA PRO N 40 -20.85 -13.85 -59.50
C PRO N 40 -19.77 -13.73 -60.56
N LEU N 41 -20.01 -12.85 -61.54
CA LEU N 41 -19.05 -12.64 -62.62
C LEU N 41 -17.83 -11.92 -62.08
N GLY N 42 -16.70 -12.62 -62.05
CA GLY N 42 -15.45 -12.02 -61.62
C GLY N 42 -15.28 -12.05 -60.12
N LYS N 43 -15.97 -12.98 -59.46
CA LYS N 43 -15.87 -13.11 -58.00
C LYS N 43 -15.59 -14.56 -57.57
N GLN N 44 -15.26 -14.75 -56.30
CA GLN N 44 -15.03 -16.09 -55.77
C GLN N 44 -16.35 -16.77 -55.41
N PRO N 45 -16.43 -18.08 -55.64
CA PRO N 45 -17.65 -18.86 -55.37
C PRO N 45 -18.14 -18.71 -53.94
N GLU N 46 -19.45 -18.52 -53.77
CA GLU N 46 -20.04 -18.41 -52.44
C GLU N 46 -20.94 -19.60 -52.13
N TRP N 47 -20.64 -20.29 -51.05
CA TRP N 47 -21.42 -21.44 -50.63
C TRP N 47 -22.79 -21.01 -50.13
N ILE N 48 -23.82 -21.62 -50.69
CA ILE N 48 -25.19 -21.31 -50.33
C ILE N 48 -25.67 -22.18 -49.17
N GLY N 49 -25.39 -23.48 -49.23
CA GLY N 49 -25.79 -24.40 -48.19
C GLY N 49 -25.83 -25.84 -48.67
N TYR N 50 -25.95 -26.78 -47.73
CA TYR N 50 -26.00 -28.20 -48.06
C TYR N 50 -27.27 -28.85 -47.52
N VAL N 51 -27.79 -29.84 -48.25
CA VAL N 51 -29.00 -30.54 -47.84
C VAL N 51 -28.84 -32.07 -47.92
N HIS N 52 -29.44 -32.77 -46.96
CA HIS N 52 -29.43 -34.23 -46.95
C HIS N 52 -30.85 -34.79 -46.90
N ASP N 53 -31.04 -36.00 -47.40
CA ASP N 53 -32.36 -36.60 -47.57
C ASP N 53 -33.09 -36.87 -46.25
N SER N 54 -32.34 -37.31 -45.25
CA SER N 54 -32.91 -37.66 -43.95
C SER N 54 -33.63 -36.48 -43.32
N GLY N 55 -33.06 -35.30 -43.50
CA GLY N 55 -33.63 -34.08 -42.94
C GLY N 55 -32.55 -33.15 -42.40
N ASP N 56 -31.32 -33.64 -42.39
CA ASP N 56 -30.17 -32.81 -42.04
C ASP N 56 -29.97 -31.75 -43.12
N THR N 57 -29.83 -30.49 -42.70
CA THR N 57 -29.79 -29.36 -43.63
C THR N 57 -29.36 -28.06 -42.94
N ASN N 58 -28.33 -27.40 -43.50
CA ASN N 58 -27.85 -26.12 -42.98
C ASN N 58 -27.67 -25.07 -44.08
N TYR N 59 -27.84 -23.80 -43.73
CA TYR N 59 -27.80 -22.72 -44.71
C TYR N 59 -26.64 -21.76 -44.47
N ASN N 60 -26.46 -20.83 -45.40
CA ASN N 60 -25.47 -19.77 -45.25
C ASN N 60 -26.03 -18.70 -44.33
N PRO N 61 -25.34 -18.47 -43.20
CA PRO N 61 -25.74 -17.46 -42.20
C PRO N 61 -26.03 -16.09 -42.81
N SER N 62 -25.35 -15.76 -43.91
CA SER N 62 -25.57 -14.48 -44.58
C SER N 62 -26.86 -14.49 -45.39
N LEU N 63 -27.27 -15.67 -45.86
CA LEU N 63 -28.50 -15.81 -46.63
C LEU N 63 -29.47 -16.76 -45.95
N LYS N 64 -29.35 -16.86 -44.63
CA LYS N 64 -30.10 -17.82 -43.82
C LYS N 64 -31.61 -17.65 -43.90
N SER N 65 -32.07 -16.42 -43.72
CA SER N 65 -33.50 -16.14 -43.62
C SER N 65 -34.14 -15.84 -44.98
N ARG N 66 -33.48 -16.27 -46.05
CA ARG N 66 -33.99 -16.02 -47.39
C ARG N 66 -33.97 -17.28 -48.25
N VAL N 67 -33.14 -18.25 -47.88
CA VAL N 67 -32.95 -19.44 -48.68
C VAL N 67 -33.77 -20.63 -48.13
N HIS N 68 -34.17 -21.52 -49.03
CA HIS N 68 -34.88 -22.74 -48.66
C HIS N 68 -34.50 -23.87 -49.62
N LEU N 69 -34.07 -25.00 -49.06
CA LEU N 69 -33.69 -26.15 -49.87
C LEU N 69 -34.58 -27.35 -49.58
N SER N 70 -34.68 -28.27 -50.54
CA SER N 70 -35.48 -29.47 -50.37
C SER N 70 -35.08 -30.55 -51.38
N LEU N 71 -35.39 -31.80 -51.04
CA LEU N 71 -35.06 -32.94 -51.89
C LEU N 71 -36.28 -33.77 -52.24
N ASP N 72 -36.50 -33.96 -53.53
CA ASP N 72 -37.60 -34.80 -54.00
C ASP N 72 -37.11 -36.22 -54.23
N LYS N 73 -37.46 -37.14 -53.32
CA LYS N 73 -37.03 -38.54 -53.44
C LYS N 73 -37.85 -39.32 -54.47
N SER N 74 -39.04 -38.81 -54.80
CA SER N 74 -39.91 -39.47 -55.77
C SER N 74 -39.48 -39.19 -57.21
N LYS N 75 -39.03 -37.96 -57.47
CA LYS N 75 -38.56 -37.58 -58.81
C LYS N 75 -37.04 -37.59 -58.89
N ASN N 76 -36.39 -37.78 -57.74
CA ASN N 76 -34.93 -37.81 -57.63
C ASN N 76 -34.27 -36.56 -58.21
N LEU N 77 -34.50 -35.42 -57.58
CA LEU N 77 -33.90 -34.17 -58.03
C LEU N 77 -33.77 -33.20 -56.86
N VAL N 78 -33.03 -32.12 -57.07
CA VAL N 78 -32.81 -31.12 -56.03
C VAL N 78 -33.49 -29.80 -56.36
N SER N 79 -34.06 -29.15 -55.35
CA SER N 79 -34.81 -27.92 -55.56
C SER N 79 -34.33 -26.80 -54.64
N LEU N 80 -34.00 -25.66 -55.24
CA LEU N 80 -33.59 -24.48 -54.48
C LEU N 80 -34.67 -23.39 -54.48
N ARG N 81 -34.76 -22.65 -53.38
CA ARG N 81 -35.71 -21.53 -53.27
C ARG N 81 -35.06 -20.32 -52.62
N LEU N 82 -35.23 -19.15 -53.24
CA LEU N 82 -34.67 -17.91 -52.70
C LEU N 82 -35.69 -16.77 -52.74
N THR N 83 -36.24 -16.44 -51.58
CA THR N 83 -37.23 -15.38 -51.48
C THR N 83 -36.55 -14.03 -51.27
N GLY N 84 -37.13 -12.98 -51.82
CA GLY N 84 -36.59 -11.63 -51.69
C GLY N 84 -35.27 -11.44 -52.41
N VAL N 85 -35.28 -11.60 -53.73
CA VAL N 85 -34.07 -11.47 -54.54
C VAL N 85 -33.77 -10.02 -54.90
N THR N 86 -32.48 -9.71 -55.08
CA THR N 86 -32.05 -8.39 -55.53
C THR N 86 -31.01 -8.54 -56.64
N ALA N 87 -30.34 -7.44 -56.95
CA ALA N 87 -29.33 -7.43 -58.02
C ALA N 87 -28.05 -8.16 -57.59
N ALA N 88 -27.91 -8.40 -56.29
CA ALA N 88 -26.71 -9.06 -55.78
C ALA N 88 -26.75 -10.57 -56.00
N ASP N 89 -27.94 -11.12 -56.20
CA ASP N 89 -28.10 -12.55 -56.35
C ASP N 89 -27.85 -13.00 -57.80
N SER N 90 -27.61 -12.03 -58.68
CA SER N 90 -27.32 -12.33 -60.09
C SER N 90 -25.98 -13.04 -60.21
N ALA N 91 -26.04 -14.35 -60.43
CA ALA N 91 -24.84 -15.17 -60.51
C ALA N 91 -25.11 -16.46 -61.28
N ILE N 92 -24.12 -17.37 -61.26
CA ILE N 92 -24.27 -18.68 -61.89
C ILE N 92 -24.36 -19.76 -60.80
N TYR N 93 -25.51 -20.41 -60.73
CA TYR N 93 -25.76 -21.39 -59.67
C TYR N 93 -25.41 -22.80 -60.12
N TYR N 94 -24.55 -23.47 -59.35
CA TYR N 94 -24.17 -24.84 -59.65
C TYR N 94 -24.77 -25.79 -58.62
N CYS N 95 -25.08 -27.00 -59.07
CA CYS N 95 -25.49 -28.09 -58.20
C CYS N 95 -24.36 -29.12 -58.16
N ALA N 96 -24.09 -29.69 -57.00
CA ALA N 96 -22.93 -30.57 -56.85
C ALA N 96 -23.07 -31.56 -55.69
N THR N 97 -22.60 -32.78 -55.91
CA THR N 97 -22.56 -33.80 -54.87
C THR N 97 -21.62 -33.39 -53.75
N THR N 98 -21.85 -33.93 -52.55
CA THR N 98 -21.02 -33.57 -51.40
C THR N 98 -20.61 -34.78 -50.56
N LYS N 99 -19.30 -34.91 -50.36
CA LYS N 99 -18.75 -35.96 -49.50
C LYS N 99 -18.21 -35.37 -48.20
N HIS N 100 -18.49 -36.05 -47.09
CA HIS N 100 -18.07 -35.57 -45.77
C HIS N 100 -16.79 -36.27 -45.30
N GLY N 101 -16.05 -35.59 -44.44
CA GLY N 101 -14.84 -36.12 -43.85
C GLY N 101 -14.71 -35.59 -42.43
N ARG N 102 -13.90 -36.26 -41.61
CA ARG N 102 -13.74 -35.86 -40.22
C ARG N 102 -12.27 -35.63 -39.87
N ARG N 103 -11.95 -34.38 -39.54
CA ARG N 103 -10.59 -34.00 -39.17
C ARG N 103 -10.40 -34.08 -37.66
N ILE N 104 -9.56 -35.01 -37.22
CA ILE N 104 -9.27 -35.18 -35.80
C ILE N 104 -7.89 -34.62 -35.45
N TYR N 105 -7.84 -33.73 -34.47
CA TYR N 105 -6.56 -33.12 -34.09
C TYR N 105 -6.19 -33.39 -32.63
N GLY N 106 -7.20 -33.50 -31.76
CA GLY N 106 -6.96 -33.76 -30.35
C GLY N 106 -7.43 -35.13 -29.89
N VAL N 107 -8.19 -35.13 -28.80
CA VAL N 107 -8.74 -36.39 -28.29
C VAL N 107 -10.21 -36.48 -28.62
N VAL N 108 -10.54 -37.44 -29.49
CA VAL N 108 -11.86 -37.56 -30.07
C VAL N 108 -12.98 -37.58 -29.02
N ALA N 109 -12.69 -38.14 -27.85
CA ALA N 109 -13.67 -38.22 -26.77
C ALA N 109 -14.18 -36.84 -26.36
N PHE N 110 -13.28 -35.85 -26.34
CA PHE N 110 -13.62 -34.49 -25.90
C PHE N 110 -14.18 -33.62 -27.01
N LYS N 111 -14.70 -34.25 -28.06
CA LYS N 111 -15.00 -33.58 -29.33
C LYS N 111 -13.66 -33.13 -29.90
N GLU N 112 -13.53 -31.84 -30.16
CA GLU N 112 -12.30 -31.30 -30.77
C GLU N 112 -12.00 -32.00 -32.09
N TRP N 113 -13.06 -32.34 -32.82
CA TRP N 113 -12.93 -32.85 -34.18
C TRP N 113 -14.04 -32.23 -35.03
N PHE N 114 -13.67 -31.64 -36.15
CA PHE N 114 -14.63 -30.92 -36.97
C PHE N 114 -14.80 -31.62 -38.29
N THR N 115 -16.04 -31.70 -38.76
CA THR N 115 -16.35 -32.36 -40.01
C THR N 115 -16.26 -31.37 -41.17
N TYR N 116 -15.49 -31.74 -42.20
CA TYR N 116 -15.31 -30.88 -43.36
C TYR N 116 -15.98 -31.48 -44.59
N PHE N 117 -16.58 -30.64 -45.41
CA PHE N 117 -17.23 -31.10 -46.64
C PHE N 117 -16.47 -30.65 -47.87
N TYR N 118 -16.58 -31.43 -48.95
CA TYR N 118 -15.94 -31.08 -50.20
C TYR N 118 -16.72 -31.66 -51.39
N MET N 119 -16.90 -30.85 -52.43
CA MET N 119 -17.60 -31.27 -53.63
C MET N 119 -16.64 -31.88 -54.65
N ASP N 120 -17.02 -33.03 -55.20
CA ASP N 120 -16.18 -33.74 -56.16
C ASP N 120 -16.80 -33.73 -57.55
N VAL N 121 -18.12 -33.90 -57.62
CA VAL N 121 -18.83 -33.96 -58.90
C VAL N 121 -19.72 -32.73 -59.11
N TRP N 122 -19.32 -31.87 -60.04
CA TRP N 122 -20.07 -30.67 -60.36
C TRP N 122 -20.99 -30.86 -61.56
N GLY N 123 -21.87 -29.88 -61.77
CA GLY N 123 -22.76 -29.90 -62.92
C GLY N 123 -22.40 -28.80 -63.90
N LYS N 124 -23.15 -28.73 -64.99
CA LYS N 124 -22.90 -27.71 -65.99
C LYS N 124 -23.21 -26.33 -65.41
N GLY N 125 -24.28 -26.24 -64.62
CA GLY N 125 -24.68 -25.00 -64.00
C GLY N 125 -25.73 -24.23 -64.79
N THR N 126 -26.49 -23.39 -64.11
CA THR N 126 -27.47 -22.53 -64.77
C THR N 126 -27.14 -21.07 -64.51
N SER N 127 -27.35 -20.21 -65.50
CA SER N 127 -27.10 -18.79 -65.32
C SER N 127 -28.41 -18.10 -64.93
N VAL N 128 -28.36 -17.32 -63.85
CA VAL N 128 -29.52 -16.61 -63.36
C VAL N 128 -29.29 -15.11 -63.26
N THR N 129 -30.02 -14.33 -64.06
CA THR N 129 -29.94 -12.88 -64.02
C THR N 129 -31.14 -12.26 -63.29
N VAL N 130 -30.88 -11.60 -62.17
CA VAL N 130 -31.95 -11.00 -61.38
C VAL N 130 -31.91 -9.50 -61.57
N SER N 131 -32.19 -9.07 -62.79
CA SER N 131 -32.21 -7.66 -63.09
C SER N 131 -33.64 -7.21 -63.40
N SER N 132 -34.04 -6.15 -62.72
CA SER N 132 -35.40 -5.63 -62.87
C SER N 132 -35.67 -5.03 -64.24
N ALA N 133 -34.61 -4.50 -64.87
CA ALA N 133 -34.77 -3.55 -65.96
C ALA N 133 -35.45 -4.14 -67.21
N SER N 134 -36.40 -3.38 -67.76
CA SER N 134 -37.06 -3.70 -69.03
C SER N 134 -36.12 -3.75 -70.23
N THR N 135 -36.58 -4.35 -71.32
CA THR N 135 -35.79 -4.51 -72.54
C THR N 135 -35.61 -3.21 -73.32
N LYS N 136 -34.36 -2.85 -73.63
CA LYS N 136 -34.08 -1.63 -74.38
C LYS N 136 -33.41 -1.94 -75.73
N GLY N 137 -33.90 -1.30 -76.80
CA GLY N 137 -33.34 -1.48 -78.12
C GLY N 137 -31.98 -0.81 -78.27
N PRO N 138 -31.04 -1.48 -78.97
CA PRO N 138 -29.68 -0.98 -79.17
C PRO N 138 -29.61 0.21 -80.12
N SER N 139 -28.56 1.03 -79.98
CA SER N 139 -28.34 2.19 -80.86
C SER N 139 -27.06 2.03 -81.67
N VAL N 140 -27.19 1.88 -82.98
CA VAL N 140 -26.04 1.61 -83.85
C VAL N 140 -25.41 2.87 -84.44
N PHE N 141 -24.10 3.01 -84.26
CA PHE N 141 -23.36 4.13 -84.81
C PHE N 141 -22.12 3.66 -85.58
N PRO N 142 -21.91 4.22 -86.77
CA PRO N 142 -20.81 3.79 -87.64
C PRO N 142 -19.46 4.32 -87.17
N LEU N 143 -18.42 3.50 -87.27
CA LEU N 143 -17.07 3.96 -86.98
C LEU N 143 -16.33 4.17 -88.30
N ALA N 144 -16.21 5.42 -88.71
CA ALA N 144 -15.54 5.76 -89.95
C ALA N 144 -14.03 5.72 -89.78
N PRO N 145 -13.31 5.33 -90.86
CA PRO N 145 -11.85 5.25 -90.83
C PRO N 145 -11.19 6.60 -90.55
N SER N 146 -10.21 6.61 -89.65
CA SER N 146 -9.53 7.84 -89.28
C SER N 146 -8.05 7.74 -89.66
N SER N 147 -7.57 8.76 -90.36
CA SER N 147 -6.16 8.85 -90.76
C SER N 147 -5.20 8.67 -89.58
N GLY N 153 -1.10 0.48 -96.54
CA GLY N 153 -1.87 -0.34 -97.46
C GLY N 153 -3.08 -0.96 -96.79
N THR N 154 -3.22 -0.70 -95.50
CA THR N 154 -4.34 -1.20 -94.70
C THR N 154 -5.25 -0.12 -94.12
N ALA N 155 -6.44 -0.54 -93.71
CA ALA N 155 -7.39 0.37 -93.08
C ALA N 155 -8.35 -0.38 -92.15
N ALA N 156 -8.80 0.32 -91.10
CA ALA N 156 -9.74 -0.25 -90.13
C ALA N 156 -11.15 0.33 -90.28
N LEU N 157 -12.15 -0.56 -90.14
CA LEU N 157 -13.55 -0.17 -90.31
C LEU N 157 -14.46 -1.02 -89.45
N GLY N 158 -15.36 -0.38 -88.72
CA GLY N 158 -16.22 -1.09 -87.79
C GLY N 158 -17.48 -0.35 -87.39
N CYS N 159 -18.20 -0.95 -86.45
CA CYS N 159 -19.46 -0.42 -85.96
C CYS N 159 -19.41 -0.22 -84.47
N LEU N 160 -20.52 0.25 -83.91
CA LEU N 160 -20.64 0.43 -82.47
C LEU N 160 -22.07 0.16 -82.02
N VAL N 161 -22.24 -0.80 -81.12
CA VAL N 161 -23.56 -1.06 -80.56
C VAL N 161 -23.59 -0.55 -79.12
N LYS N 162 -24.27 0.57 -78.90
CA LYS N 162 -24.26 1.24 -77.62
C LYS N 162 -25.61 1.14 -76.90
N ASP N 163 -25.56 0.95 -75.58
CA ASP N 163 -26.75 0.96 -74.72
C ASP N 163 -27.83 -0.02 -75.15
N TYR N 164 -27.69 -1.27 -74.71
CA TYR N 164 -28.72 -2.27 -74.97
C TYR N 164 -28.84 -3.24 -73.79
N PHE N 165 -29.94 -3.99 -73.76
CA PHE N 165 -30.16 -4.96 -72.70
C PHE N 165 -31.28 -5.94 -73.10
N PRO N 166 -31.09 -7.24 -72.85
CA PRO N 166 -29.86 -7.81 -72.29
C PRO N 166 -28.98 -8.44 -73.36
N GLU N 167 -28.00 -9.22 -72.92
CA GLU N 167 -27.13 -9.98 -73.82
C GLU N 167 -27.95 -11.08 -74.51
N PRO N 168 -27.52 -11.52 -75.71
CA PRO N 168 -26.36 -11.02 -76.46
C PRO N 168 -26.77 -10.21 -77.68
N VAL N 169 -25.79 -9.94 -78.54
CA VAL N 169 -26.04 -9.27 -79.81
C VAL N 169 -25.20 -9.93 -80.91
N THR N 170 -25.89 -10.47 -81.92
CA THR N 170 -25.19 -11.13 -83.04
C THR N 170 -24.89 -10.14 -84.16
N VAL N 171 -23.61 -9.97 -84.46
CA VAL N 171 -23.18 -8.98 -85.44
C VAL N 171 -22.51 -9.64 -86.65
N SER N 172 -23.07 -9.42 -87.84
CA SER N 172 -22.49 -9.95 -89.07
C SER N 172 -22.17 -8.81 -90.04
N TRP N 173 -21.46 -9.13 -91.12
CA TRP N 173 -21.12 -8.12 -92.12
C TRP N 173 -21.55 -8.53 -93.52
N ASN N 174 -22.31 -7.66 -94.18
CA ASN N 174 -22.84 -7.91 -95.52
C ASN N 174 -23.64 -9.21 -95.59
N SER N 175 -24.41 -9.46 -94.54
CA SER N 175 -25.21 -10.69 -94.41
C SER N 175 -24.36 -11.95 -94.46
N GLY N 176 -23.12 -11.86 -93.98
CA GLY N 176 -22.20 -12.99 -93.97
C GLY N 176 -21.37 -13.17 -95.22
N ALA N 177 -21.40 -12.19 -96.12
CA ALA N 177 -20.63 -12.26 -97.36
C ALA N 177 -19.12 -12.20 -97.11
N LEU N 178 -18.72 -11.39 -96.14
CA LEU N 178 -17.31 -11.30 -95.79
C LEU N 178 -17.09 -11.85 -94.38
N THR N 179 -16.26 -12.87 -94.27
CA THR N 179 -16.05 -13.56 -93.00
C THR N 179 -14.59 -13.53 -92.54
N SER N 180 -13.77 -12.72 -93.20
CA SER N 180 -12.35 -12.69 -92.90
C SER N 180 -11.91 -11.34 -92.34
N GLY N 181 -11.09 -11.39 -91.29
CA GLY N 181 -10.58 -10.18 -90.64
C GLY N 181 -11.57 -9.59 -89.66
N VAL N 182 -12.61 -10.35 -89.33
CA VAL N 182 -13.66 -9.88 -88.44
C VAL N 182 -13.36 -10.18 -86.98
N HIS N 183 -13.44 -9.14 -86.15
CA HIS N 183 -13.13 -9.29 -84.73
C HIS N 183 -14.19 -8.59 -83.88
N THR N 184 -15.04 -9.38 -83.22
CA THR N 184 -16.06 -8.83 -82.33
C THR N 184 -15.63 -8.90 -80.87
N PHE N 185 -15.64 -7.74 -80.21
CA PHE N 185 -15.23 -7.62 -78.82
C PHE N 185 -16.40 -7.93 -77.90
N PRO N 186 -16.10 -8.47 -76.71
CA PRO N 186 -17.14 -8.73 -75.71
C PRO N 186 -17.71 -7.42 -75.18
N ALA N 187 -18.99 -7.40 -74.86
CA ALA N 187 -19.65 -6.20 -74.38
C ALA N 187 -19.21 -5.83 -72.96
N VAL N 188 -19.50 -4.59 -72.55
CA VAL N 188 -19.18 -4.12 -71.22
C VAL N 188 -20.43 -3.53 -70.54
N LEU N 189 -20.66 -3.92 -69.30
CA LEU N 189 -21.81 -3.42 -68.55
C LEU N 189 -21.48 -2.07 -67.93
N GLN N 190 -22.16 -1.04 -68.40
CA GLN N 190 -21.98 0.30 -67.86
C GLN N 190 -22.65 0.40 -66.51
N SER N 191 -22.46 1.55 -65.86
CA SER N 191 -23.06 1.79 -64.56
C SER N 191 -24.57 1.96 -64.69
N SER N 192 -25.02 2.27 -65.91
CA SER N 192 -26.44 2.47 -66.17
C SER N 192 -27.20 1.14 -66.19
N GLY N 193 -26.48 0.04 -66.32
CA GLY N 193 -27.09 -1.27 -66.37
C GLY N 193 -27.34 -1.67 -67.81
N LEU N 194 -26.61 -1.02 -68.72
CA LEU N 194 -26.74 -1.27 -70.14
C LEU N 194 -25.39 -1.68 -70.74
N TYR N 195 -25.42 -2.67 -71.64
CA TYR N 195 -24.20 -3.15 -72.27
C TYR N 195 -23.85 -2.39 -73.55
N SER N 196 -22.60 -2.52 -73.99
CA SER N 196 -22.12 -1.83 -75.20
C SER N 196 -20.92 -2.55 -75.82
N LEU N 197 -21.08 -3.01 -77.05
CA LEU N 197 -20.02 -3.76 -77.71
C LEU N 197 -19.56 -3.07 -78.99
N SER N 198 -18.54 -3.65 -79.63
CA SER N 198 -18.01 -3.10 -80.87
C SER N 198 -17.52 -4.23 -81.76
N SER N 199 -17.50 -4.00 -83.07
CA SER N 199 -17.00 -5.00 -84.00
C SER N 199 -16.19 -4.29 -85.09
N VAL N 200 -14.92 -4.65 -85.23
CA VAL N 200 -14.04 -4.00 -86.20
C VAL N 200 -13.52 -5.01 -87.24
N VAL N 201 -13.35 -4.56 -88.48
CA VAL N 201 -12.86 -5.42 -89.57
C VAL N 201 -11.67 -4.80 -90.31
N THR N 202 -10.63 -5.59 -90.53
CA THR N 202 -9.46 -5.15 -91.28
C THR N 202 -9.74 -5.18 -92.78
N VAL N 203 -9.78 -4.00 -93.38
CA VAL N 203 -10.21 -3.85 -94.76
C VAL N 203 -9.10 -3.17 -95.58
N PRO N 204 -8.95 -3.57 -96.86
CA PRO N 204 -7.98 -2.94 -97.76
C PRO N 204 -8.22 -1.44 -97.89
N SER N 205 -7.15 -0.66 -97.92
CA SER N 205 -7.29 0.78 -98.10
C SER N 205 -7.83 1.09 -99.49
N SER N 206 -7.54 0.21 -100.44
CA SER N 206 -8.07 0.31 -101.79
C SER N 206 -9.52 -0.19 -101.85
N SER N 207 -10.45 0.65 -101.41
CA SER N 207 -11.86 0.31 -101.47
C SER N 207 -12.59 1.52 -102.04
N LEU N 208 -11.96 2.14 -103.04
CA LEU N 208 -12.51 3.30 -103.72
C LEU N 208 -13.79 2.92 -104.46
N GLY N 209 -13.85 1.67 -104.91
CA GLY N 209 -15.03 1.16 -105.57
C GLY N 209 -16.26 1.25 -104.68
N THR N 210 -16.05 1.11 -103.37
CA THR N 210 -17.09 1.21 -102.35
C THR N 210 -18.24 0.25 -102.59
N GLN N 211 -17.91 -1.01 -102.90
CA GLN N 211 -18.92 -2.06 -102.92
C GLN N 211 -19.54 -2.10 -101.54
N THR N 212 -20.85 -2.25 -101.47
CA THR N 212 -21.62 -1.92 -100.28
C THR N 212 -21.10 -2.63 -99.04
N TYR N 213 -20.76 -1.83 -98.04
CA TYR N 213 -20.33 -2.34 -96.75
C TYR N 213 -21.36 -2.05 -95.66
N ILE N 214 -21.91 -3.10 -95.07
CA ILE N 214 -23.03 -2.99 -94.14
C ILE N 214 -22.96 -4.07 -93.07
N CYS N 215 -22.81 -3.67 -91.81
CA CYS N 215 -22.83 -4.65 -90.72
C CYS N 215 -24.27 -4.88 -90.29
N ASN N 216 -24.61 -6.14 -90.07
CA ASN N 216 -25.95 -6.49 -89.65
C ASN N 216 -26.02 -6.78 -88.15
N VAL N 217 -26.72 -5.93 -87.41
CA VAL N 217 -26.84 -6.09 -85.97
C VAL N 217 -28.22 -6.65 -85.63
N ASN N 218 -28.25 -7.71 -84.83
CA ASN N 218 -29.51 -8.33 -84.42
C ASN N 218 -29.61 -8.46 -82.90
N HIS N 219 -30.75 -8.01 -82.35
CA HIS N 219 -30.99 -8.11 -80.93
C HIS N 219 -32.35 -8.77 -80.70
N LYS N 220 -32.34 -10.08 -80.46
CA LYS N 220 -33.56 -10.86 -80.31
C LYS N 220 -34.48 -10.46 -79.16
N PRO N 221 -33.94 -10.10 -77.97
CA PRO N 221 -34.86 -9.71 -76.89
C PRO N 221 -35.77 -8.50 -77.21
N SER N 222 -35.39 -7.69 -78.19
CA SER N 222 -36.21 -6.56 -78.61
C SER N 222 -36.65 -6.70 -80.08
N ASN N 223 -36.32 -7.86 -80.68
CA ASN N 223 -36.62 -8.14 -82.09
C ASN N 223 -36.09 -7.06 -83.03
N THR N 224 -34.94 -6.50 -82.66
CA THR N 224 -34.37 -5.36 -83.38
C THR N 224 -33.24 -5.80 -84.29
N LYS N 225 -33.41 -5.58 -85.59
CA LYS N 225 -32.37 -5.90 -86.57
C LYS N 225 -31.98 -4.64 -87.34
N VAL N 226 -30.80 -4.10 -87.05
CA VAL N 226 -30.35 -2.84 -87.66
C VAL N 226 -29.19 -3.01 -88.62
N ASP N 227 -29.38 -2.63 -89.88
CA ASP N 227 -28.32 -2.71 -90.87
C ASP N 227 -27.73 -1.32 -91.15
N LYS N 228 -26.48 -1.12 -90.76
CA LYS N 228 -25.85 0.19 -90.90
C LYS N 228 -24.75 0.19 -91.95
N ARG N 229 -24.73 1.23 -92.78
CA ARG N 229 -23.73 1.38 -93.82
C ARG N 229 -22.62 2.31 -93.35
N VAL N 230 -21.39 1.82 -93.38
CA VAL N 230 -20.26 2.62 -92.92
C VAL N 230 -19.57 3.32 -94.06
N GLU N 231 -19.49 4.65 -93.97
CA GLU N 231 -18.85 5.46 -95.00
C GLU N 231 -17.87 6.44 -94.35
N PRO N 232 -16.70 6.61 -94.97
CA PRO N 232 -15.62 7.51 -94.49
C PRO N 232 -16.07 8.96 -94.34
N VAL O 2 -20.00 -23.78 23.68
CA VAL O 2 -20.43 -24.35 22.40
C VAL O 2 -21.96 -24.26 22.26
N ARG O 3 -22.42 -23.58 21.20
CA ARG O 3 -23.85 -23.38 20.98
C ARG O 3 -24.24 -23.57 19.51
N LEU O 4 -25.24 -24.42 19.26
CA LEU O 4 -25.76 -24.63 17.91
C LEU O 4 -27.13 -23.98 17.76
N SER O 5 -27.19 -22.95 16.91
CA SER O 5 -28.43 -22.19 16.70
C SER O 5 -29.12 -22.59 15.41
N GLN O 6 -30.29 -23.23 15.53
CA GLN O 6 -31.03 -23.69 14.36
C GLN O 6 -32.17 -22.74 13.97
N SER O 7 -32.53 -22.76 12.69
CA SER O 7 -33.69 -22.02 12.21
C SER O 7 -34.98 -22.74 12.60
N GLY O 8 -36.09 -21.99 12.66
CA GLY O 8 -37.36 -22.54 13.10
C GLY O 8 -37.92 -23.64 12.22
N GLY O 9 -39.02 -24.26 12.67
CA GLY O 9 -39.65 -25.32 11.91
C GLY O 9 -40.55 -24.77 10.81
N GLN O 10 -41.07 -25.66 9.97
CA GLN O 10 -41.91 -25.24 8.86
C GLN O 10 -42.84 -26.36 8.38
N MET O 11 -43.87 -25.97 7.66
CA MET O 11 -44.82 -26.91 7.07
C MET O 11 -44.70 -26.94 5.55
N LYS O 12 -44.40 -28.12 5.01
CA LYS O 12 -44.22 -28.28 3.57
C LYS O 12 -45.27 -29.22 2.98
N LYS O 13 -45.43 -29.16 1.67
CA LYS O 13 -46.32 -30.07 0.95
C LYS O 13 -45.51 -31.17 0.29
N PRO O 14 -46.14 -32.32 0.00
CA PRO O 14 -45.44 -33.41 -0.70
C PRO O 14 -44.93 -33.00 -2.08
N GLY O 15 -43.69 -33.36 -2.39
CA GLY O 15 -43.08 -33.02 -3.66
C GLY O 15 -42.15 -31.82 -3.57
N GLU O 16 -42.37 -30.98 -2.56
CA GLU O 16 -41.57 -29.77 -2.39
C GLU O 16 -40.16 -30.06 -1.89
N SER O 17 -39.41 -29.00 -1.63
CA SER O 17 -38.08 -29.11 -1.03
C SER O 17 -37.97 -28.24 0.21
N MET O 18 -37.08 -28.62 1.12
CA MET O 18 -36.90 -27.90 2.36
C MET O 18 -35.45 -27.53 2.59
N ARG O 19 -35.21 -26.46 3.34
CA ARG O 19 -33.85 -26.03 3.66
C ARG O 19 -33.71 -25.60 5.10
N LEU O 20 -32.64 -26.07 5.74
CA LEU O 20 -32.37 -25.70 7.12
C LEU O 20 -30.95 -25.16 7.28
N SER O 21 -30.78 -24.26 8.24
CA SER O 21 -29.47 -23.70 8.55
C SER O 21 -29.12 -23.94 10.01
N CYS O 22 -27.84 -23.90 10.34
CA CYS O 22 -27.41 -24.13 11.71
C CYS O 22 -26.09 -23.39 11.99
N ARG O 23 -26.17 -22.30 12.75
CA ARG O 23 -25.00 -21.48 13.05
C ARG O 23 -24.27 -21.92 14.32
N ALA O 24 -23.03 -22.34 14.18
CA ALA O 24 -22.22 -22.77 15.31
C ALA O 24 -21.43 -21.61 15.90
N SER O 25 -21.25 -21.65 17.21
CA SER O 25 -20.47 -20.62 17.90
C SER O 25 -19.84 -21.22 19.16
N GLY O 26 -18.73 -20.63 19.62
CA GLY O 26 -18.09 -21.12 20.82
C GLY O 26 -16.93 -22.07 20.57
N TYR O 27 -16.56 -22.26 19.31
CA TYR O 27 -15.39 -23.08 18.97
C TYR O 27 -14.89 -22.81 17.55
N GLU O 28 -13.72 -23.35 17.22
CA GLU O 28 -13.16 -23.24 15.89
C GLU O 28 -13.92 -24.13 14.91
N PHE O 29 -14.59 -23.50 13.96
CA PHE O 29 -15.47 -24.20 13.04
C PHE O 29 -14.77 -25.36 12.30
N LEU O 30 -13.53 -25.14 11.89
CA LEU O 30 -12.82 -26.08 11.01
C LEU O 30 -12.35 -27.36 11.70
N ASN O 31 -12.50 -27.42 13.02
CA ASN O 31 -11.94 -28.51 13.81
C ASN O 31 -12.63 -29.88 13.63
N CYS O 32 -13.96 -29.87 13.57
CA CYS O 32 -14.70 -31.14 13.60
C CYS O 32 -16.00 -31.07 12.79
N PRO O 33 -16.45 -32.24 12.28
CA PRO O 33 -17.63 -32.32 11.41
C PRO O 33 -18.97 -32.06 12.11
N ILE O 34 -19.94 -31.56 11.34
CA ILE O 34 -21.32 -31.39 11.81
C ILE O 34 -22.23 -32.47 11.23
N ASN O 35 -23.13 -33.00 12.06
CA ASN O 35 -24.03 -34.07 11.63
C ASN O 35 -25.48 -33.61 11.55
N TRP O 36 -26.27 -34.31 10.74
CA TRP O 36 -27.70 -34.05 10.66
C TRP O 36 -28.49 -35.32 10.94
N ILE O 37 -29.33 -35.26 11.98
CA ILE O 37 -30.14 -36.41 12.39
C ILE O 37 -31.60 -36.05 12.59
N ARG O 38 -32.48 -36.89 12.05
CA ARG O 38 -33.92 -36.71 12.15
C ARG O 38 -34.51 -37.59 13.24
N LEU O 39 -35.45 -37.03 14.01
CA LEU O 39 -36.15 -37.81 15.02
C LEU O 39 -37.65 -37.82 14.75
N ALA O 40 -38.17 -39.00 14.40
CA ALA O 40 -39.61 -39.19 14.22
C ALA O 40 -40.19 -39.90 15.44
N PRO O 41 -41.36 -39.45 15.91
CA PRO O 41 -42.02 -40.03 17.10
C PRO O 41 -42.27 -41.53 16.98
N GLY O 42 -41.82 -42.28 17.98
CA GLY O 42 -41.98 -43.73 18.01
C GLY O 42 -41.26 -44.44 16.88
N ARG O 43 -40.10 -43.92 16.49
CA ARG O 43 -39.31 -44.49 15.41
C ARG O 43 -37.82 -44.43 15.73
N ARG O 44 -37.07 -45.40 15.22
CA ARG O 44 -35.62 -45.41 15.35
C ARG O 44 -35.01 -44.18 14.70
N PRO O 45 -34.19 -43.43 15.47
CA PRO O 45 -33.47 -42.24 15.00
C PRO O 45 -32.61 -42.49 13.75
N GLU O 46 -32.66 -41.56 12.80
CA GLU O 46 -31.95 -41.72 11.53
C GLU O 46 -30.86 -40.67 11.32
N TRP O 47 -29.63 -41.12 11.18
CA TRP O 47 -28.51 -40.26 10.81
C TRP O 47 -28.48 -40.02 9.29
N MET O 48 -28.55 -38.75 8.88
CA MET O 48 -28.64 -38.42 7.46
C MET O 48 -27.28 -38.27 6.78
N GLY O 49 -26.38 -37.53 7.42
CA GLY O 49 -25.04 -37.34 6.89
C GLY O 49 -24.21 -36.36 7.70
N TRP O 50 -22.92 -36.29 7.42
CA TRP O 50 -22.08 -35.29 8.06
C TRP O 50 -21.32 -34.43 7.06
N LEU O 51 -20.89 -33.26 7.52
CA LEU O 51 -20.13 -32.32 6.70
C LEU O 51 -18.90 -31.81 7.44
N LYS O 52 -17.74 -31.93 6.82
CA LYS O 52 -16.54 -31.32 7.39
C LYS O 52 -16.41 -29.88 6.89
N PRO O 53 -16.32 -28.93 7.84
CA PRO O 53 -16.13 -27.51 7.57
C PRO O 53 -14.82 -27.25 6.82
N ARG O 54 -13.85 -28.16 6.96
CA ARG O 54 -12.58 -28.07 6.24
C ARG O 54 -12.79 -27.78 4.76
N GLY O 55 -12.91 -28.82 3.96
CA GLY O 55 -13.02 -28.66 2.52
C GLY O 55 -14.43 -28.81 2.03
N GLY O 56 -15.39 -28.68 2.94
CA GLY O 56 -16.79 -28.85 2.64
C GLY O 56 -17.14 -30.29 2.33
N ALA O 57 -16.26 -31.19 2.75
CA ALA O 57 -16.42 -32.62 2.50
C ALA O 57 -17.68 -33.11 3.19
N VAL O 58 -18.36 -34.04 2.55
CA VAL O 58 -19.61 -34.58 3.08
C VAL O 58 -19.73 -36.09 2.87
N ASN O 59 -20.55 -36.73 3.69
CA ASN O 59 -20.82 -38.17 3.58
C ASN O 59 -22.25 -38.48 4.00
N TYR O 60 -23.06 -38.91 3.04
CA TYR O 60 -24.48 -39.14 3.29
C TYR O 60 -24.78 -40.61 3.58
N ALA O 61 -26.03 -40.89 3.91
CA ALA O 61 -26.50 -42.26 4.08
C ALA O 61 -27.14 -42.75 2.78
N ARG O 62 -27.16 -44.07 2.58
CA ARG O 62 -27.73 -44.66 1.37
C ARG O 62 -29.10 -44.10 1.05
N LYS O 63 -29.94 -44.04 2.08
CA LYS O 63 -31.35 -43.66 1.94
C LYS O 63 -31.57 -42.26 1.35
N PHE O 64 -30.62 -41.35 1.55
CA PHE O 64 -30.84 -39.95 1.20
C PHE O 64 -30.06 -39.46 -0.01
N GLN O 65 -29.10 -40.25 -0.48
CA GLN O 65 -28.25 -39.86 -1.61
C GLN O 65 -29.04 -39.52 -2.86
N GLY O 66 -28.84 -38.32 -3.38
CA GLY O 66 -29.54 -37.87 -4.57
C GLY O 66 -30.68 -36.93 -4.23
N ARG O 67 -31.04 -36.93 -2.95
CA ARG O 67 -32.14 -36.10 -2.46
C ARG O 67 -31.63 -34.98 -1.58
N VAL O 68 -30.55 -35.27 -0.87
CA VAL O 68 -30.05 -34.41 0.19
C VAL O 68 -28.77 -33.68 -0.24
N THR O 69 -28.62 -32.43 0.19
CA THR O 69 -27.45 -31.61 -0.12
C THR O 69 -26.99 -30.83 1.11
N MET O 70 -25.75 -31.05 1.52
CA MET O 70 -25.17 -30.35 2.67
C MET O 70 -24.05 -29.41 2.25
N THR O 71 -24.17 -28.13 2.63
CA THR O 71 -23.13 -27.15 2.35
C THR O 71 -22.85 -26.34 3.60
N ARG O 72 -21.90 -25.42 3.52
CA ARG O 72 -21.58 -24.57 4.67
C ARG O 72 -20.94 -23.25 4.26
N ASP O 73 -21.05 -22.28 5.16
CA ASP O 73 -20.41 -20.98 4.99
C ASP O 73 -19.38 -20.77 6.09
N VAL O 74 -18.10 -20.96 5.75
CA VAL O 74 -17.03 -20.92 6.74
C VAL O 74 -16.95 -19.55 7.43
N TYR O 75 -17.30 -18.50 6.69
CA TYR O 75 -17.18 -17.12 7.18
C TYR O 75 -18.23 -16.78 8.25
N SER O 76 -19.44 -17.30 8.08
CA SER O 76 -20.50 -17.06 9.05
C SER O 76 -20.69 -18.28 9.96
N ASP O 77 -19.85 -19.29 9.75
CA ASP O 77 -19.86 -20.53 10.52
C ASP O 77 -21.23 -21.21 10.46
N THR O 78 -21.88 -21.09 9.31
CA THR O 78 -23.24 -21.61 9.13
C THR O 78 -23.28 -22.86 8.23
N ALA O 79 -23.93 -23.91 8.72
CA ALA O 79 -24.13 -25.13 7.94
C ALA O 79 -25.52 -25.17 7.33
N PHE O 80 -25.58 -25.58 6.07
CA PHE O 80 -26.85 -25.63 5.36
C PHE O 80 -27.22 -27.06 4.97
N LEU O 81 -28.53 -27.32 4.94
CA LEU O 81 -29.05 -28.62 4.56
C LEU O 81 -30.24 -28.47 3.62
N GLU O 82 -30.31 -29.31 2.59
CA GLU O 82 -31.46 -29.32 1.69
C GLU O 82 -31.92 -30.75 1.41
N LEU O 83 -33.24 -30.96 1.40
CA LEU O 83 -33.82 -32.26 1.11
C LEU O 83 -34.94 -32.12 0.08
N ARG O 84 -34.84 -32.86 -1.01
CA ARG O 84 -35.81 -32.75 -2.11
C ARG O 84 -36.82 -33.89 -2.15
N SER O 85 -37.87 -33.69 -2.92
CA SER O 85 -38.91 -34.70 -3.12
C SER O 85 -39.50 -35.18 -1.79
N LEU O 86 -40.06 -34.25 -1.02
CA LEU O 86 -40.60 -34.54 0.31
C LEU O 86 -41.84 -35.45 0.27
N THR O 87 -41.83 -36.48 1.12
CA THR O 87 -42.97 -37.38 1.27
C THR O 87 -43.26 -37.52 2.76
N SER O 88 -44.51 -37.88 3.11
CA SER O 88 -44.95 -38.04 4.50
C SER O 88 -43.95 -38.75 5.42
N ASP O 89 -43.12 -39.62 4.85
CA ASP O 89 -42.09 -40.32 5.61
C ASP O 89 -41.03 -39.37 6.16
N ASP O 90 -40.85 -38.24 5.48
CA ASP O 90 -39.85 -37.23 5.87
C ASP O 90 -40.20 -36.51 7.17
N THR O 91 -41.48 -36.47 7.51
CA THR O 91 -41.95 -35.78 8.71
C THR O 91 -41.22 -36.25 9.96
N ALA O 92 -40.60 -35.31 10.67
CA ALA O 92 -39.73 -35.59 11.81
C ALA O 92 -39.12 -34.30 12.34
N VAL O 93 -38.42 -34.39 13.47
CA VAL O 93 -37.71 -33.24 14.02
C VAL O 93 -36.24 -33.36 13.67
N TYR O 94 -35.71 -32.36 12.96
CA TYR O 94 -34.34 -32.42 12.45
C TYR O 94 -33.36 -31.68 13.34
N PHE O 95 -32.26 -32.36 13.68
CA PHE O 95 -31.25 -31.79 14.56
C PHE O 95 -29.88 -31.71 13.88
N CYS O 96 -29.13 -30.68 14.25
CA CYS O 96 -27.71 -30.64 13.90
C CYS O 96 -26.91 -30.91 15.17
N THR O 97 -25.91 -31.79 15.07
CA THR O 97 -25.18 -32.24 16.24
C THR O 97 -23.67 -32.13 16.09
N ARG O 98 -22.97 -32.02 17.21
CA ARG O 98 -21.52 -31.99 17.22
C ARG O 98 -20.98 -32.91 18.31
N GLY O 99 -19.92 -33.66 18.00
CA GLY O 99 -19.31 -34.55 18.96
C GLY O 99 -18.70 -33.83 20.15
N LYS O 100 -18.39 -34.57 21.20
CA LYS O 100 -17.80 -33.99 22.40
C LYS O 100 -16.33 -33.71 22.19
N TYR O 101 -15.59 -34.73 21.75
CA TYR O 101 -14.16 -34.61 21.54
C TYR O 101 -13.87 -33.98 20.18
N CYS O 102 -13.37 -32.75 20.21
CA CYS O 102 -13.11 -31.99 19.00
C CYS O 102 -12.01 -30.97 19.21
N THR O 103 -10.76 -31.40 19.02
CA THR O 103 -9.62 -30.52 19.14
C THR O 103 -8.99 -30.30 17.77
N ALA O 104 -7.87 -29.57 17.73
CA ALA O 104 -7.15 -29.32 16.49
C ALA O 104 -6.46 -30.58 15.98
N ARG O 105 -5.94 -31.37 16.91
CA ARG O 105 -5.27 -32.63 16.60
C ARG O 105 -6.21 -33.64 15.91
N ASP O 106 -7.26 -34.04 16.61
CA ASP O 106 -8.22 -35.00 16.08
C ASP O 106 -9.57 -34.83 16.78
N TYR O 107 -10.45 -35.81 16.58
CA TYR O 107 -11.80 -35.72 17.13
C TYR O 107 -12.44 -37.09 17.31
N TYR O 108 -13.66 -37.09 17.84
CA TYR O 108 -14.50 -38.27 17.82
C TYR O 108 -15.92 -37.79 17.61
N ASN O 109 -16.41 -38.02 16.40
CA ASN O 109 -17.66 -37.44 15.94
C ASN O 109 -18.92 -37.85 16.69
N TRP O 110 -19.00 -39.13 17.06
CA TRP O 110 -20.29 -39.74 17.42
C TRP O 110 -20.68 -39.66 18.89
N ASP O 111 -19.89 -38.95 19.69
CA ASP O 111 -20.30 -38.66 21.07
C ASP O 111 -21.00 -37.30 21.12
N PHE O 112 -22.26 -37.29 20.71
CA PHE O 112 -23.01 -36.05 20.53
C PHE O 112 -23.32 -35.34 21.84
N GLU O 113 -22.42 -34.46 22.27
CA GLU O 113 -22.62 -33.69 23.49
C GLU O 113 -23.42 -32.42 23.23
N HIS O 114 -23.40 -31.94 22.00
CA HIS O 114 -24.03 -30.67 21.65
C HIS O 114 -25.13 -30.83 20.61
N TRP O 115 -26.31 -30.31 20.92
CA TRP O 115 -27.47 -30.43 20.05
C TRP O 115 -28.12 -29.07 19.82
N GLY O 116 -28.62 -28.84 18.60
CA GLY O 116 -29.41 -27.67 18.32
C GLY O 116 -30.79 -27.79 18.94
N ARG O 117 -31.56 -26.71 18.92
CA ARG O 117 -32.89 -26.73 19.51
C ARG O 117 -33.85 -27.60 18.69
N GLY O 118 -33.52 -27.82 17.43
CA GLY O 118 -34.31 -28.68 16.56
C GLY O 118 -35.35 -27.95 15.74
N ALA O 119 -35.69 -28.52 14.58
CA ALA O 119 -36.69 -27.93 13.69
C ALA O 119 -37.76 -28.94 13.30
N PRO O 120 -38.99 -28.76 13.82
CA PRO O 120 -40.12 -29.64 13.52
C PRO O 120 -40.67 -29.45 12.11
N VAL O 121 -40.58 -30.48 11.28
CA VAL O 121 -41.03 -30.41 9.90
C VAL O 121 -42.10 -31.46 9.59
N THR O 122 -43.28 -31.00 9.20
CA THR O 122 -44.36 -31.89 8.82
C THR O 122 -44.73 -31.76 7.34
N VAL O 123 -44.78 -32.88 6.63
CA VAL O 123 -45.16 -32.87 5.22
C VAL O 123 -46.42 -33.69 4.96
N SER O 124 -47.48 -33.02 4.51
CA SER O 124 -48.75 -33.66 4.21
C SER O 124 -49.57 -32.87 3.19
N VAL O 143 -27.62 -55.01 14.71
CA VAL O 143 -28.27 -53.75 15.00
C VAL O 143 -28.16 -53.43 16.49
N LEU O 144 -28.99 -52.48 16.95
CA LEU O 144 -29.08 -52.14 18.37
C LEU O 144 -30.48 -52.44 18.87
N THR O 145 -30.60 -53.46 19.71
CA THR O 145 -31.89 -53.85 20.28
C THR O 145 -32.02 -53.36 21.72
N GLN O 146 -32.88 -52.36 21.93
CA GLN O 146 -33.04 -51.71 23.24
C GLN O 146 -34.32 -52.15 23.96
N SER O 147 -34.20 -52.47 25.24
CA SER O 147 -35.32 -52.93 26.04
C SER O 147 -35.22 -52.45 27.50
N PRO O 148 -36.35 -52.25 28.18
CA PRO O 148 -37.73 -52.41 27.69
C PRO O 148 -38.22 -51.22 26.88
N ALA O 149 -39.34 -51.38 26.19
CA ALA O 149 -39.93 -50.28 25.42
C ALA O 149 -40.39 -49.14 26.32
N THR O 150 -41.10 -49.50 27.39
CA THR O 150 -41.58 -48.51 28.35
C THR O 150 -41.12 -48.89 29.75
N LEU O 151 -41.19 -47.92 30.67
CA LEU O 151 -40.74 -48.14 32.04
C LEU O 151 -41.47 -47.20 33.00
N SER O 152 -42.45 -47.73 33.72
CA SER O 152 -43.21 -46.95 34.69
C SER O 152 -42.66 -47.14 36.08
N LEU O 153 -42.02 -46.10 36.60
CA LEU O 153 -41.37 -46.19 37.91
C LEU O 153 -41.68 -44.98 38.79
N SER O 154 -41.54 -45.17 40.10
CA SER O 154 -41.78 -44.11 41.07
C SER O 154 -40.49 -43.38 41.39
N PRO O 155 -40.60 -42.10 41.81
CA PRO O 155 -39.43 -41.35 42.25
C PRO O 155 -38.71 -42.04 43.42
N GLY O 156 -37.40 -42.23 43.29
CA GLY O 156 -36.62 -42.91 44.31
C GLY O 156 -36.12 -44.28 43.86
N GLU O 157 -36.88 -44.93 43.00
CA GLU O 157 -36.50 -46.25 42.49
C GLU O 157 -35.31 -46.17 41.55
N THR O 158 -34.90 -47.31 41.01
CA THR O 158 -33.78 -47.35 40.08
C THR O 158 -34.24 -47.88 38.73
N ALA O 159 -33.92 -47.14 37.67
CA ALA O 159 -34.29 -47.54 36.31
C ALA O 159 -33.13 -48.21 35.59
N ILE O 160 -33.37 -49.39 35.04
CA ILE O 160 -32.35 -50.11 34.31
C ILE O 160 -32.77 -50.31 32.86
N ILE O 161 -32.15 -49.54 31.97
CA ILE O 161 -32.42 -49.65 30.54
C ILE O 161 -31.30 -50.48 29.89
N SER O 162 -31.67 -51.37 28.98
CA SER O 162 -30.70 -52.28 28.37
C SER O 162 -30.62 -52.10 26.86
N CYS O 163 -29.43 -52.37 26.31
CA CYS O 163 -29.19 -52.25 24.87
C CYS O 163 -28.18 -53.31 24.40
N ARG O 164 -28.60 -54.16 23.47
CA ARG O 164 -27.73 -55.22 22.96
C ARG O 164 -27.09 -54.84 21.63
N THR O 165 -25.77 -54.96 21.55
CA THR O 165 -25.05 -54.64 20.33
C THR O 165 -24.58 -55.89 19.62
N SER O 166 -23.88 -55.70 18.52
CA SER O 166 -23.32 -56.79 17.75
C SER O 166 -22.00 -56.37 17.10
N GLN O 167 -21.64 -55.11 17.27
CA GLN O 167 -20.47 -54.56 16.59
C GLN O 167 -19.39 -54.04 17.55
N SER O 168 -19.82 -53.54 18.69
CA SER O 168 -18.93 -52.96 19.73
C SER O 168 -18.25 -51.68 19.23
N GLY O 169 -17.83 -50.86 20.18
CA GLY O 169 -17.34 -49.53 19.86
C GLY O 169 -18.02 -48.53 20.76
N SER O 170 -17.35 -47.42 21.03
CA SER O 170 -17.82 -46.39 21.96
C SER O 170 -19.32 -46.09 21.89
N LEU O 171 -20.05 -46.58 22.89
CA LEU O 171 -21.50 -46.45 22.96
C LEU O 171 -21.93 -45.28 23.85
N ALA O 172 -23.05 -44.64 23.52
CA ALA O 172 -23.52 -43.47 24.25
C ALA O 172 -24.98 -43.60 24.73
N TRP O 173 -25.32 -42.83 25.77
CA TRP O 173 -26.70 -42.77 26.27
C TRP O 173 -27.21 -41.35 26.29
N TYR O 174 -28.42 -41.14 25.79
CA TYR O 174 -29.01 -39.81 25.73
C TYR O 174 -30.33 -39.73 26.46
N GLN O 175 -30.65 -38.54 26.97
CA GLN O 175 -31.94 -38.30 27.61
C GLN O 175 -32.73 -37.23 26.88
N GLN O 176 -33.98 -37.52 26.59
CA GLN O 176 -34.86 -36.54 25.96
C GLN O 176 -36.03 -36.21 26.87
N ARG O 177 -36.11 -34.94 27.28
CA ARG O 177 -37.22 -34.47 28.09
C ARG O 177 -38.35 -34.03 27.17
N PRO O 178 -39.60 -34.20 27.64
CA PRO O 178 -40.79 -33.84 26.85
C PRO O 178 -40.75 -32.41 26.30
N GLY O 179 -40.46 -32.28 25.01
CA GLY O 179 -40.45 -30.99 24.35
C GLY O 179 -39.09 -30.32 24.34
N GLN O 180 -38.05 -31.07 24.70
CA GLN O 180 -36.69 -30.54 24.73
C GLN O 180 -35.74 -31.37 23.87
N ALA O 181 -34.61 -30.77 23.52
CA ALA O 181 -33.58 -31.47 22.75
C ALA O 181 -32.87 -32.49 23.62
N PRO O 182 -32.56 -33.66 23.04
CA PRO O 182 -31.84 -34.71 23.75
C PRO O 182 -30.52 -34.23 24.32
N ARG O 183 -30.15 -34.73 25.49
CA ARG O 183 -28.90 -34.36 26.14
C ARG O 183 -28.00 -35.57 26.37
N LEU O 184 -26.72 -35.42 26.04
CA LEU O 184 -25.75 -36.49 26.27
C LEU O 184 -25.63 -36.77 27.77
N VAL O 185 -25.82 -38.04 28.12
CA VAL O 185 -25.76 -38.46 29.51
C VAL O 185 -24.49 -39.29 29.74
N ILE O 186 -24.23 -40.23 28.85
CA ILE O 186 -23.09 -41.13 28.98
C ILE O 186 -22.46 -41.42 27.61
N TYR O 187 -21.14 -41.55 27.56
CA TYR O 187 -20.43 -41.96 26.34
C TYR O 187 -19.38 -43.02 26.69
N SER O 188 -18.90 -43.74 25.67
CA SER O 188 -17.95 -44.83 25.84
C SER O 188 -18.47 -45.94 26.76
N GLY O 189 -19.78 -45.96 26.95
CA GLY O 189 -20.43 -47.01 27.74
C GLY O 189 -20.41 -46.89 29.25
N SER O 190 -19.44 -46.15 29.79
CA SER O 190 -19.28 -46.06 31.25
C SER O 190 -18.88 -44.68 31.75
N THR O 191 -18.72 -43.73 30.84
CA THR O 191 -18.24 -42.40 31.22
C THR O 191 -19.35 -41.35 31.16
N ARG O 192 -19.54 -40.64 32.27
CA ARG O 192 -20.57 -39.62 32.37
C ARG O 192 -20.19 -38.33 31.65
N ALA O 193 -21.19 -37.58 31.20
CA ALA O 193 -20.97 -36.29 30.54
C ALA O 193 -20.97 -35.15 31.56
N ALA O 194 -20.80 -33.92 31.08
CA ALA O 194 -20.76 -32.75 31.94
C ALA O 194 -22.13 -32.45 32.55
N GLY O 195 -22.16 -32.22 33.85
CA GLY O 195 -23.40 -31.90 34.55
C GLY O 195 -24.19 -33.11 34.97
N ILE O 196 -23.70 -34.29 34.58
CA ILE O 196 -24.35 -35.55 34.93
C ILE O 196 -23.91 -36.04 36.31
N PRO O 197 -24.87 -36.17 37.25
CA PRO O 197 -24.57 -36.59 38.63
C PRO O 197 -24.26 -38.08 38.74
N ASP O 198 -23.79 -38.51 39.90
CA ASP O 198 -23.41 -39.90 40.14
C ASP O 198 -24.57 -40.87 40.00
N ARG O 199 -25.79 -40.37 40.15
CA ARG O 199 -27.00 -41.19 40.07
C ARG O 199 -27.11 -41.96 38.76
N PHE O 200 -26.58 -41.37 37.70
CA PHE O 200 -26.49 -42.04 36.41
C PHE O 200 -25.21 -42.87 36.32
N SER O 201 -25.33 -44.12 35.91
CA SER O 201 -24.18 -45.01 35.79
C SER O 201 -24.35 -46.01 34.65
N GLY O 202 -23.24 -46.36 34.01
CA GLY O 202 -23.27 -47.31 32.92
C GLY O 202 -22.47 -48.56 33.20
N SER O 203 -22.89 -49.68 32.62
CA SER O 203 -22.22 -50.95 32.80
C SER O 203 -22.23 -51.75 31.50
N ARG O 204 -21.40 -52.78 31.42
CA ARG O 204 -21.26 -53.56 30.19
C ARG O 204 -20.89 -55.00 30.49
N TRP O 205 -21.55 -55.93 29.80
CA TRP O 205 -21.23 -57.34 29.90
C TRP O 205 -21.47 -58.03 28.55
N GLY O 206 -20.38 -58.34 27.86
CA GLY O 206 -20.47 -58.88 26.52
C GLY O 206 -21.05 -57.89 25.52
N ALA O 207 -22.08 -58.30 24.79
CA ALA O 207 -22.74 -57.44 23.83
C ALA O 207 -23.78 -56.55 24.50
N ASP O 208 -24.05 -56.83 25.77
CA ASP O 208 -25.10 -56.13 26.52
C ASP O 208 -24.60 -54.83 27.15
N TYR O 209 -25.46 -53.81 27.13
CA TYR O 209 -25.15 -52.53 27.74
C TYR O 209 -26.29 -52.12 28.68
N ASN O 210 -25.95 -51.65 29.88
CA ASN O 210 -26.98 -51.23 30.84
C ASN O 210 -26.79 -49.80 31.33
N LEU O 211 -27.86 -49.01 31.27
CA LEU O 211 -27.88 -47.68 31.86
C LEU O 211 -28.69 -47.69 33.14
N SER O 212 -28.07 -47.32 34.25
CA SER O 212 -28.74 -47.38 35.54
C SER O 212 -28.89 -45.99 36.15
N ILE O 213 -30.13 -45.62 36.45
CA ILE O 213 -30.43 -44.34 37.06
C ILE O 213 -31.02 -44.54 38.45
N SER O 214 -30.24 -44.21 39.47
CA SER O 214 -30.67 -44.43 40.85
C SER O 214 -31.33 -43.17 41.41
N ASN O 215 -32.28 -43.38 42.33
CA ASN O 215 -32.99 -42.29 42.99
C ASN O 215 -33.68 -41.35 41.99
N LEU O 216 -34.65 -41.88 41.25
CA LEU O 216 -35.41 -41.13 40.25
C LEU O 216 -36.03 -39.83 40.79
N GLU O 217 -36.03 -38.80 39.93
CA GLU O 217 -36.67 -37.51 40.25
C GLU O 217 -37.29 -36.92 38.98
N SER O 218 -38.11 -35.87 39.15
CA SER O 218 -38.88 -35.27 38.06
C SER O 218 -38.12 -35.02 36.75
N GLY O 219 -36.91 -34.47 36.84
CA GLY O 219 -36.11 -34.15 35.67
C GLY O 219 -35.64 -35.36 34.85
N ASP O 220 -35.49 -36.49 35.52
CA ASP O 220 -34.95 -37.69 34.88
C ASP O 220 -35.93 -38.33 33.90
N PHE O 221 -37.22 -38.11 34.12
CA PHE O 221 -38.24 -38.77 33.31
C PHE O 221 -38.27 -38.22 31.90
N GLY O 222 -38.49 -39.12 30.93
CA GLY O 222 -38.49 -38.77 29.52
C GLY O 222 -38.32 -40.01 28.68
N VAL O 223 -37.50 -39.89 27.63
CA VAL O 223 -37.20 -41.03 26.77
C VAL O 223 -35.69 -41.12 26.53
N TYR O 224 -35.15 -42.33 26.66
CA TYR O 224 -33.71 -42.55 26.58
C TYR O 224 -33.33 -43.35 25.34
N TYR O 225 -32.18 -43.00 24.76
CA TYR O 225 -31.70 -43.67 23.55
C TYR O 225 -30.27 -44.15 23.73
N CYS O 226 -30.00 -45.39 23.27
CA CYS O 226 -28.62 -45.89 23.20
C CYS O 226 -28.08 -45.64 21.80
N GLN O 227 -26.77 -45.43 21.69
CA GLN O 227 -26.18 -45.08 20.41
C GLN O 227 -24.81 -45.74 20.20
N GLN O 228 -24.60 -46.27 19.00
CA GLN O 228 -23.31 -46.75 18.57
C GLN O 228 -22.99 -46.16 17.19
N TYR O 229 -22.18 -45.11 17.18
CA TYR O 229 -21.90 -44.33 15.98
C TYR O 229 -23.18 -43.71 15.42
N GLU O 230 -23.56 -44.07 14.21
CA GLU O 230 -24.74 -43.47 13.57
C GLU O 230 -26.02 -44.25 13.84
N PHE O 231 -25.91 -45.40 14.49
CA PHE O 231 -27.07 -46.22 14.80
C PHE O 231 -27.63 -45.89 16.18
N PHE O 232 -28.96 -45.87 16.28
CA PHE O 232 -29.62 -45.63 17.56
C PHE O 232 -30.59 -46.76 17.91
N GLY O 233 -30.98 -46.81 19.18
CA GLY O 233 -31.99 -47.76 19.62
C GLY O 233 -33.40 -47.27 19.32
N GLN O 234 -34.38 -48.12 19.57
CA GLN O 234 -35.77 -47.76 19.36
C GLN O 234 -36.28 -46.81 20.44
N GLY O 235 -35.53 -46.74 21.54
CA GLY O 235 -35.85 -45.86 22.65
C GLY O 235 -36.59 -46.50 23.81
N THR O 236 -36.38 -45.95 25.02
CA THR O 236 -37.05 -46.42 26.23
C THR O 236 -37.66 -45.24 26.98
N LYS O 237 -38.99 -45.22 27.05
CA LYS O 237 -39.69 -44.14 27.73
C LYS O 237 -39.82 -44.42 29.23
N VAL O 238 -39.14 -43.61 30.03
CA VAL O 238 -39.23 -43.72 31.48
C VAL O 238 -40.14 -42.62 32.03
N GLN O 239 -41.27 -43.03 32.59
CA GLN O 239 -42.28 -42.08 33.08
C GLN O 239 -42.58 -42.24 34.57
N VAL O 240 -43.16 -41.21 35.17
CA VAL O 240 -43.43 -41.20 36.60
C VAL O 240 -44.73 -41.91 36.96
#